data_9N83
#
_entry.id   9N83
#
_cell.length_a   1.00
_cell.length_b   1.00
_cell.length_c   1.00
_cell.angle_alpha   90.00
_cell.angle_beta   90.00
_cell.angle_gamma   90.00
#
_symmetry.space_group_name_H-M   'P 1'
#
loop_
_entity.id
_entity.type
_entity.pdbx_description
1 polymer 'X-ray repair cross-complementing protein 6'
2 polymer 'X-ray repair cross-complementing protein 5'
3 polymer 'Non-homologous end-joining factor 1'
4 polymer 'DNA repair protein XRCC4'
5 polymer 'DNA ligase 4'
6 polymer 'Protein PAXX'
7 polymer 'DNA (39-MER)'
8 polymer 'DNA (38-MER)'
9 polymer 'DNA (35-MER)'
10 polymer 'DNA (34-MER)'
11 non-polymer 'ADENOSINE MONOPHOSPHATE'
12 non-polymer 'MAGNESIUM ION'
#
loop_
_entity_poly.entity_id
_entity_poly.type
_entity_poly.pdbx_seq_one_letter_code
_entity_poly.pdbx_strand_id
1 'polypeptide(L)'
;GPVMSGWESYYKTEGDEEAEEEQEENLEASGDYKYSGRDSLIFLVDASKAMFESQSEDELTPFDMSIQCIQSVYISKIIS
SDRDLLAVVFYGTEKDKNSVNFKNIYVLQELDNPGAKRILELDQFKGQQGQKRFQDMMGHGSDYSLSEVLWVCANLFSDV
QFKMSHKRIMLFTNEDNPHGNDSAKASRARTKAGDLRDTGIFLDLMHLKKPGGFDISLFYRDIISIAEDEDLRVHFEESS
KLEDLLRKVRAKETRKRALSRLKLKLNKDIVISVGIYNLVQKALKPPPIKLYRETNEPVKTKTRTFNTSTGGLLLPSDTK
RSQIYGSRQIILEKEETEELKRFDDPGLMLMGFKPLVLLKKHHYLRPSLFVYPEESLVIGSSTLFSALLIKCLEKEVAAL
CRYTPRRNIPPYFVALVPQEEELDDQKIQVTPPGFQLVFLPFADDKRKMPFTEKIMATPEQVGKMKAIVEKLRFTYRSDS
FENPVLQQHFRNLEALALDLMEPEQAVDLTLPKVEAMNKRLGSLVDEFKELVYPPDYNPEGKVTKRKHDNEGSGSKRPKV
EYSEEELKTHISKGTLGKFTVPMLKEACRAYGLKSGLKKQELLEALTKHFQD
;
A,a
2 'polypeptide(L)'
;MVRSGNKAAVVLCMDVGFTMSNSIPGIESPFEQAKKVITMFVQRQVFAENKDEIALVLFGTDGTDNPLSGGDQYQNITVH
RHLMLPDFDLLEDIESKIQPGSQQADFLDALIVSMDVIQHETIGKKFEKRHIEIFTDLSSRFSKSQLDIIIHSLKKCDIS
LQFFLPFSLGKEDGSGDRGDGPFRLGGHGPSFPLKGITEQQKEGLEIVKMVMISLEGEDGLDEIYSFSESLRKLCVFKKI
ERHSIHWPCRLTIGSNLSIRIAAYKSILQERVKKTWTVVDAKTLKKEDIQKETVYCLNDDDETEVLKEDIIQGFRYGSDI
VPFSKVDEEQMKYKSEGKCFSVLGFCKSSQVQRRFFMGNQVLKVFAARDDEAAAVALSSLIHALDDLDMVAIVRYAYDKR
ANPQVGVAFPHIKHNYECLVYVQLPFMEDLRQYMFSSLKNSKKYAPTEAQLNAVDALIDSMSLAKKDEKTDTLEDLFPTT
KIPNPRFQRLFQCLLHRALHPREPLPPIQQHIWNMLNPPAEVTTKSQIPLSKIKTLFPLIEAKKKDQVTAQEIFQDNHED
GPTAKKLKTEQGGAHFSVSSLAEGSVTSVGSVNPAENFRVLVKQKKASFEEASNQLINHIEQFLDTNETPYFMKSIDCIR
AFREEAIKFSEEQRFNNFLKALQEKVEIKQLNHFWEIVVQDGITLITKEEASGSSVTAEEAKKFLAPKDKPSGDTAAVFE
EGGDVDDLLDMI
;
B,b
3 'polypeptide(L)'
;GPVMEELEQGLLMQPWAWLQLAENSLLAKVFITKQGYALLVSDLQQVWHEQVDTSVVSQRAKELNKRLTAPPAAFLCHLD
NLLRPLLKDAAHPSEATFSCDCVADALILRVRSELSGLPFYWNFHCMLASPSLVSQHLIRPLMGMSLALQCQVRELATLL
HMKDLEIQDYQESGATLIRDRLKTEPFEENSFLEQFMIEKLPEACSIGDGKPFVMNLQDLYMAVTTQEVQVGQKHQGAGD
PHTSNSASLQGIDSQCVNQPEQLVSSAPTLSAPEKESTGTSGPLQRPQLSKVKRKKPRGLFS
;
C,c
4 'polypeptide(L)'
;MERKISRIHLVSEPSITHFLQVSWEKTLESGFVITLTDGHSAWTGTVSESEISQEADDMAMEKGKYVGELRKALLSGAGP
ADVYTFNFSKESCYFFFEKNLKDVSFRLGSFNLEKVENPAEVIRELICYCLDTIAENQAKNEHLQKENERLLRDWNDVQG
RFEKCVSAKEALETDLYKRFILVLNEKKTKIRSLHNKLLNAAQEREKDIKQEGETAICSEMTADRDPVYDESTDEESENQ
TDLSGLASAAVSKDDSIISSLDVTDIAPSRKRRQRMQRNLGTEPKMAPQENQLQEKENSRPDSSLPETSKKEHISAENMS
LETLRNSSPEDLFDEI
;
D,E,d,e
5 'polypeptide(L)'
;GPVMAASQTSQTVASHVPFADLCSTLERIQKSKGRAEKIRHFREFLDSWRKFHDALHKNHKDVTDSFYPAMRLILPQLER
ERMAYGIKETMLAKLYIELLNLPRDGKDALKLLNYRTPTGTHGDAGDFAMIAYFVLKPRCLQKGSLTIQQVNDLLDSIAS
NNSAKRKDLIKKSLLQLITQSSALEQKWLIRMIIKDLKLGVSQQTIFSVFHNDAAELHNVTTDLEKVCRQLHDPSVGLSD
ISITLFSAFKPMLAAIADIEHIEKDMKHQSFYIETKLDGERMQMHKDGDVYKYFSRNGYNYTDQFGASPTEGSLTPFIHN
AFKADIQICILDGEMMAYNPNTQTFMQKGTKFDIKRMVEDSDLQTCYCVFDVLMVNNKKLGHETLRKRYEILSSIFTPIP
GRIEIVQKTQAHTKNEVIDALNEAIDKREEGIMVKQPLSIYKPDKRGEGWLKIKPEYVSGLMDELDILIVGGYWGKGSRG
GMMSHFLCAVAEKPPPGEKPSVFHTLSRVGSGCTMKELYDLGLKLAKYWKPFHRKAPPSSILCGTEKPEVYIEPCNSVIV
QIKAAEIVPSDMYKTGCTLRFPRIEKIRDDKEWHECMTLDDLEQLRGKASGKLASKHLYIGGDDEPQEKKRKAAPKMKKV
IGIIEHLKAPNLTNVNKISNIFEDVEFCVMSGTDSQPKPDLENRIAEFGGYIVQNPGPDTYCVIAGSENIRVKNIILSNK
HDVVKPAWLLECFKTKSFVPWQPRFMIHMCPSTKEHFAREYDCYGDSYFIDTDLNQLKEVFSGIKNSNEQTPEEMASLIA
DLEYRYSWDCSPLSMFRRHTVYLDSYAVINDLSTKNEGTRLAIKALELRFHGAKVVSCLAEGVSHVIIGEDHSRVADFKA
FRRTFKRKFKILKESWVTDSIDKCELQEENQYLI
;
F,f
6 'polypeptide(L)'
;MGSSHHHHHHSQDPMDPLSPPLCTLPPGPEPPRFVCYCEGEESGEGDRGGFNLYVTDAAELWSTCFTPDSLAALKARFGL
SAAEDITPRFRAACEQQAVALTLQEDRASLTLSGGPSALAFDLSKVPGPEAAPRLRALTLGLAKRVWSLERRLAAAEETA
VSPRKSPRPAGPQLFLPDPDPQRGGPGPGVRRRCPGESLINPGFKSKKPAGGVDFDET
;
G,H
7 'polydeoxyribonucleotide'
;(DC)(DG)(DC)(DG)(DC)(DC)(DC)(DA)(DG)(DC)(DT)(DT)(DT)(DC)(DC)(DC)(DA)(DG)(DC)(DT)
(DA)(DA)(DT)(DA)(DA)(DA)(DC)(DT)(DA)(DA)(DA)(DA)(DA)(DC)(DT)(DA)(DT)(DG)(DC)(DA)
(DT)(DG)(DC)(DT)(DC)(DT)(DA)(DC)(DT)(DG)(DC)(DT)(DT)(DC)(DT)(DG)(DA)(DT)(DC)(DT)
(DA)(DG)(DT)(DC)(DG)(DA)(DC)(DC)
;
I
8 'polydeoxyribonucleotide'
;(DC)(DG)(DC)(DG)(DC)(DC)(DC)(DA)(DG)(DC)(DT)(DT)(DT)(DC)(DC)(DC)(DA)(DG)(DC)(DT)
(DA)(DA)(DT)(DA)(DA)(DA)(DC)(DT)(DA)(DA)(DA)(DA)(DA)(DC)(DA)(DT)(DT)(DC)(DG)(DT)
(DT)(DC)(DA)(DC)(DG)(DT)(DG)(DA)(DG)(DT)(DT)(DC)(DC)(DA)(DG)(DT)(DA)(DC)(DA)(DA)
(DG)(DT)(DC)(DT)(DG)(DG)(DT)(DC)
;
J
9 'polydeoxyribonucleotide'
;(DG)(DA)(DC)(DT)(DA)(DG)(DA)(DT)(DC)(DA)(DG)(DA)(DA)(DG)(DC)(DA)(DG)(DT)(DA)(DG)
(DA)(DG)(DC)(DA)(DT)(DG)(DC)(DA)(DT)(DA)(DG)(DT)(DT)(DT)(DT)(DT)(DA)(DG)(DT)(DT)
(DT)(DA)(DT)(DT)(DG)(DG)(DG)(DC)(DG)(DC)(DG)
;
K
10 'polydeoxyribonucleotide'
;(DA)(DG)(DA)(DC)(DT)(DT)(DG)(DT)(DA)(DC)(DT)(DG)(DG)(DA)(DA)(DC)(DT)(DC)(DA)(DC)
(DG)(DT)(DG)(DA)(DA)(DC)(DG)(DA)(DA)(DT)(DG)(DT)(DT)(DT)(DT)(DT)(DA)(DG)(DT)(DT)
(DT)(DA)(DT)(DT)(DG)(DG)(DG)(DC)(DG)(DC)(DG)
;
L
#
loop_
_chem_comp.id
_chem_comp.type
_chem_comp.name
_chem_comp.formula
AMP non-polymer 'ADENOSINE MONOPHOSPHATE' 'C10 H14 N5 O7 P'
DA DNA linking 2'-DEOXYADENOSINE-5'-MONOPHOSPHATE 'C10 H14 N5 O6 P'
DC DNA linking 2'-DEOXYCYTIDINE-5'-MONOPHOSPHATE 'C9 H14 N3 O7 P'
DG DNA linking 2'-DEOXYGUANOSINE-5'-MONOPHOSPHATE 'C10 H14 N5 O7 P'
DT DNA linking THYMIDINE-5'-MONOPHOSPHATE 'C10 H15 N2 O8 P'
MG non-polymer 'MAGNESIUM ION' 'Mg 2'
#
# COMPACT_ATOMS: atom_id res chain seq x y z
N MET A 4 9.38 -6.90 -47.49
CA MET A 4 8.52 -6.71 -46.29
C MET A 4 9.28 -6.05 -45.15
N SER A 5 8.64 -5.08 -44.50
CA SER A 5 9.21 -4.37 -43.36
C SER A 5 8.63 -4.83 -42.03
N GLY A 6 7.68 -5.74 -42.04
CA GLY A 6 7.07 -6.22 -40.83
C GLY A 6 5.99 -5.29 -40.31
N TRP A 7 5.16 -5.82 -39.41
CA TRP A 7 4.08 -5.04 -38.83
C TRP A 7 4.58 -4.04 -37.79
N GLU A 8 5.78 -4.23 -37.26
CA GLU A 8 6.28 -3.33 -36.23
C GLU A 8 6.50 -1.93 -36.80
N SER A 9 7.00 -1.84 -38.02
CA SER A 9 7.22 -0.53 -38.63
C SER A 9 5.90 0.18 -38.90
N TYR A 10 4.89 -0.54 -39.36
CA TYR A 10 3.66 0.10 -39.82
C TYR A 10 2.81 0.59 -38.66
N TYR A 11 2.81 -0.13 -37.54
CA TYR A 11 1.94 0.25 -36.44
C TYR A 11 2.57 1.35 -35.58
N LYS A 12 3.82 1.15 -35.17
CA LYS A 12 4.50 2.13 -34.30
C LYS A 12 3.68 2.39 -33.05
N THR A 13 3.09 1.33 -32.50
CA THR A 13 2.26 1.45 -31.31
C THR A 13 1.09 2.39 -31.57
N SER A 36 -17.56 29.00 -20.53
CA SER A 36 -18.94 28.70 -20.85
C SER A 36 -19.64 28.03 -19.67
N GLY A 37 -20.69 28.68 -19.17
CA GLY A 37 -21.45 28.18 -18.05
C GLY A 37 -21.66 29.28 -17.02
N ARG A 38 -22.03 28.86 -15.81
CA ARG A 38 -22.29 29.80 -14.73
C ARG A 38 -21.72 29.25 -13.43
N ASP A 39 -21.40 30.15 -12.52
CA ASP A 39 -20.71 29.80 -11.29
C ASP A 39 -21.71 29.35 -10.23
N SER A 40 -21.39 28.26 -9.53
CA SER A 40 -22.18 27.77 -8.42
C SER A 40 -21.36 27.86 -7.15
N LEU A 41 -21.95 28.43 -6.10
CA LEU A 41 -21.29 28.62 -4.81
C LEU A 41 -22.21 28.14 -3.70
N ILE A 42 -21.65 27.42 -2.73
CA ILE A 42 -22.39 26.87 -1.61
C ILE A 42 -21.66 27.29 -0.33
N PHE A 43 -22.18 28.29 0.35
CA PHE A 43 -21.66 28.65 1.66
C PHE A 43 -21.96 27.53 2.64
N LEU A 44 -21.05 27.34 3.60
CA LEU A 44 -21.15 26.25 4.58
C LEU A 44 -20.75 26.83 5.94
N VAL A 45 -21.74 27.31 6.66
CA VAL A 45 -21.50 27.92 7.96
C VAL A 45 -21.63 26.84 9.04
N ASP A 46 -20.97 27.08 10.17
CA ASP A 46 -20.93 26.11 11.27
C ASP A 46 -21.79 26.66 12.40
N ALA A 47 -22.78 25.88 12.81
CA ALA A 47 -23.76 26.29 13.81
C ALA A 47 -23.42 25.76 15.19
N SER A 48 -22.13 25.69 15.52
CA SER A 48 -21.70 25.16 16.80
C SER A 48 -21.83 26.23 17.88
N LYS A 49 -21.74 25.80 19.14
CA LYS A 49 -21.81 26.74 20.25
C LYS A 49 -20.64 27.69 20.24
N ALA A 50 -19.47 27.24 19.79
CA ALA A 50 -18.30 28.11 19.77
C ALA A 50 -18.50 29.30 18.83
N MET A 51 -19.08 29.05 17.65
CA MET A 51 -19.26 30.15 16.70
C MET A 51 -20.17 31.24 17.26
N PHE A 52 -21.08 30.90 18.16
CA PHE A 52 -22.05 31.86 18.68
C PHE A 52 -21.57 32.55 19.95
N GLU A 53 -20.36 32.27 20.41
CA GLU A 53 -19.84 32.83 21.65
C GLU A 53 -19.06 34.10 21.31
N SER A 54 -19.40 35.20 21.98
CA SER A 54 -18.79 36.49 21.74
C SER A 54 -17.71 36.75 22.78
N GLN A 55 -16.51 37.08 22.32
CA GLN A 55 -15.40 37.42 23.19
C GLN A 55 -15.33 38.93 23.33
N SER A 56 -15.44 39.42 24.57
CA SER A 56 -15.46 40.85 24.83
C SER A 56 -16.68 41.47 24.16
N GLU A 57 -16.72 42.80 24.11
CA GLU A 57 -17.79 43.54 23.46
C GLU A 57 -17.21 44.31 22.27
N ASP A 58 -18.11 44.99 21.54
CA ASP A 58 -17.75 45.75 20.34
C ASP A 58 -17.14 44.86 19.26
N GLU A 59 -17.32 43.54 19.37
CA GLU A 59 -16.84 42.59 18.39
C GLU A 59 -17.98 41.66 18.00
N LEU A 60 -18.26 41.57 16.70
CA LEU A 60 -19.31 40.67 16.23
C LEU A 60 -18.92 39.23 16.46
N THR A 61 -19.92 38.41 16.79
CA THR A 61 -19.67 36.99 16.91
C THR A 61 -19.28 36.42 15.54
N PRO A 62 -18.57 35.30 15.51
CA PRO A 62 -18.23 34.70 14.21
C PRO A 62 -19.43 34.47 13.32
N PHE A 63 -20.57 34.09 13.91
CA PHE A 63 -21.78 33.90 13.12
C PHE A 63 -22.21 35.19 12.45
N ASP A 64 -22.16 36.31 13.17
CA ASP A 64 -22.55 37.58 12.57
C ASP A 64 -21.66 37.92 11.38
N MET A 65 -20.35 37.68 11.53
CA MET A 65 -19.44 37.94 10.43
C MET A 65 -19.75 37.07 9.23
N SER A 66 -20.04 35.79 9.47
CA SER A 66 -20.38 34.90 8.36
C SER A 66 -21.64 35.37 7.64
N ILE A 67 -22.67 35.77 8.39
CA ILE A 67 -23.90 36.18 7.76
C ILE A 67 -23.72 37.49 7.01
N GLN A 68 -22.92 38.41 7.55
CA GLN A 68 -22.63 39.64 6.83
C GLN A 68 -21.89 39.36 5.54
N CYS A 69 -20.93 38.44 5.56
CA CYS A 69 -20.23 38.07 4.33
C CYS A 69 -21.19 37.49 3.31
N ILE A 70 -22.10 36.62 3.75
CA ILE A 70 -23.05 36.02 2.81
C ILE A 70 -23.94 37.09 2.20
N GLN A 71 -24.44 38.01 3.02
CA GLN A 71 -25.29 39.07 2.50
C GLN A 71 -24.54 39.96 1.52
N SER A 72 -23.29 40.29 1.83
CA SER A 72 -22.51 41.14 0.93
C SER A 72 -22.27 40.44 -0.39
N VAL A 73 -21.98 39.14 -0.36
CA VAL A 73 -21.80 38.39 -1.60
C VAL A 73 -23.10 38.38 -2.41
N TYR A 74 -24.23 38.21 -1.74
CA TYR A 74 -25.51 38.23 -2.43
C TYR A 74 -25.75 39.58 -3.11
N ILE A 75 -25.48 40.68 -2.40
CA ILE A 75 -25.70 42.00 -2.96
C ILE A 75 -24.77 42.24 -4.14
N SER A 76 -23.51 41.82 -4.01
CA SER A 76 -22.58 41.97 -5.13
C SER A 76 -23.03 41.17 -6.34
N LYS A 77 -23.53 39.96 -6.11
CA LYS A 77 -23.90 39.09 -7.23
C LYS A 77 -25.18 39.56 -7.91
N ILE A 78 -26.09 40.19 -7.17
CA ILE A 78 -27.34 40.63 -7.77
C ILE A 78 -27.06 41.60 -8.92
N ILE A 79 -26.05 42.45 -8.75
CA ILE A 79 -25.71 43.44 -9.76
C ILE A 79 -24.66 42.91 -10.73
N SER A 80 -23.55 42.38 -10.22
CA SER A 80 -22.45 41.99 -11.08
C SER A 80 -22.87 40.90 -12.06
N SER A 81 -23.43 39.82 -11.54
CA SER A 81 -23.84 38.69 -12.38
C SER A 81 -25.01 38.01 -11.69
N ASP A 82 -26.22 38.23 -12.20
CA ASP A 82 -27.43 37.75 -11.57
C ASP A 82 -27.88 36.41 -12.13
N ARG A 83 -27.12 35.82 -13.06
CA ARG A 83 -27.43 34.52 -13.61
C ARG A 83 -26.70 33.40 -12.89
N ASP A 84 -25.93 33.70 -11.85
CA ASP A 84 -25.19 32.70 -11.12
C ASP A 84 -26.07 32.06 -10.05
N LEU A 85 -25.58 30.95 -9.51
CA LEU A 85 -26.31 30.15 -8.55
C LEU A 85 -25.59 30.17 -7.21
N LEU A 86 -26.35 30.38 -6.15
CA LEU A 86 -25.82 30.44 -4.79
C LEU A 86 -26.70 29.62 -3.86
N ALA A 87 -26.11 29.12 -2.77
CA ALA A 87 -26.84 28.34 -1.79
C ALA A 87 -26.23 28.56 -0.43
N VAL A 88 -27.04 28.32 0.60
CA VAL A 88 -26.62 28.47 1.99
C VAL A 88 -27.08 27.25 2.76
N VAL A 89 -26.15 26.60 3.45
CA VAL A 89 -26.41 25.36 4.18
C VAL A 89 -25.59 25.34 5.46
N PHE A 90 -26.27 25.24 6.61
CA PHE A 90 -25.62 25.13 7.90
C PHE A 90 -25.42 23.68 8.28
N TYR A 91 -24.47 23.45 9.18
CA TYR A 91 -24.20 22.12 9.72
C TYR A 91 -23.91 22.23 11.20
N GLY A 92 -24.43 21.29 11.97
CA GLY A 92 -24.45 21.39 13.41
C GLY A 92 -25.80 21.74 14.00
N THR A 93 -26.85 21.77 13.19
CA THR A 93 -28.17 22.15 13.65
C THR A 93 -28.95 20.93 14.12
N GLU A 94 -29.94 21.18 14.98
CA GLU A 94 -30.77 20.10 15.48
C GLU A 94 -31.69 19.57 14.38
N LYS A 95 -32.36 20.47 13.66
CA LYS A 95 -33.26 20.08 12.59
C LYS A 95 -32.45 19.68 11.36
N ASP A 96 -33.15 19.43 10.26
CA ASP A 96 -32.49 19.10 9.00
C ASP A 96 -33.54 19.00 7.90
N LYS A 97 -33.11 19.27 6.67
CA LYS A 97 -33.95 18.98 5.52
C LYS A 97 -33.06 18.86 4.30
N ASN A 98 -33.13 17.75 3.59
CA ASN A 98 -32.40 17.59 2.34
C ASN A 98 -32.89 16.30 1.68
N SER A 99 -32.65 16.21 0.36
CA SER A 99 -33.16 15.09 -0.40
C SER A 99 -32.62 13.76 0.08
N VAL A 100 -31.49 13.76 0.79
CA VAL A 100 -30.87 12.52 1.26
C VAL A 100 -31.23 12.19 2.69
N ASN A 101 -31.85 13.10 3.43
CA ASN A 101 -32.32 12.86 4.79
C ASN A 101 -31.16 12.41 5.69
N PHE A 102 -30.21 13.31 5.86
CA PHE A 102 -29.06 13.12 6.74
C PHE A 102 -29.17 14.08 7.91
N LYS A 103 -28.94 13.57 9.12
CA LYS A 103 -29.21 14.34 10.32
C LYS A 103 -28.12 15.39 10.56
N ASN A 104 -28.53 16.48 11.21
CA ASN A 104 -27.62 17.57 11.60
C ASN A 104 -27.10 18.35 10.39
N ILE A 105 -27.98 18.60 9.42
CA ILE A 105 -27.65 19.41 8.26
C ILE A 105 -28.93 20.12 7.79
N TYR A 106 -28.91 21.45 7.71
CA TYR A 106 -30.05 22.20 7.22
C TYR A 106 -29.63 22.90 5.93
N VAL A 107 -30.42 22.74 4.87
CA VAL A 107 -30.20 23.47 3.62
C VAL A 107 -31.18 24.64 3.64
N LEU A 108 -30.71 25.79 4.16
CA LEU A 108 -31.57 26.96 4.24
C LEU A 108 -31.98 27.44 2.86
N GLN A 109 -31.04 27.51 1.93
CA GLN A 109 -31.32 27.98 0.58
C GLN A 109 -30.63 27.07 -0.42
N GLU A 110 -31.44 26.46 -1.29
CA GLU A 110 -30.92 25.60 -2.35
C GLU A 110 -30.25 26.45 -3.42
N LEU A 111 -29.83 25.82 -4.50
CA LEU A 111 -29.17 26.55 -5.59
C LEU A 111 -30.21 27.24 -6.45
N ASP A 112 -30.08 28.56 -6.57
CA ASP A 112 -30.97 29.35 -7.42
C ASP A 112 -30.36 30.72 -7.57
N ASN A 113 -30.91 31.50 -8.50
CA ASN A 113 -30.41 32.83 -8.75
C ASN A 113 -30.69 33.73 -7.54
N PRO A 114 -29.82 34.72 -7.29
CA PRO A 114 -30.04 35.59 -6.13
C PRO A 114 -31.24 36.50 -6.31
N GLY A 115 -31.77 36.96 -5.17
CA GLY A 115 -32.91 37.84 -5.17
C GLY A 115 -33.01 38.57 -3.84
N ALA A 116 -34.01 39.46 -3.76
CA ALA A 116 -34.19 40.25 -2.55
C ALA A 116 -34.79 39.42 -1.43
N LYS A 117 -35.64 38.46 -1.77
CA LYS A 117 -36.29 37.65 -0.74
C LYS A 117 -35.26 36.90 0.10
N ARG A 118 -34.23 36.34 -0.55
CA ARG A 118 -33.22 35.59 0.17
C ARG A 118 -32.40 36.49 1.10
N ILE A 119 -32.05 37.69 0.62
CA ILE A 119 -31.32 38.62 1.48
C ILE A 119 -32.15 39.00 2.69
N LEU A 120 -33.44 39.28 2.48
CA LEU A 120 -34.31 39.60 3.60
C LEU A 120 -34.41 38.44 4.57
N GLU A 121 -34.52 37.21 4.05
CA GLU A 121 -34.59 36.04 4.91
C GLU A 121 -33.33 35.91 5.76
N LEU A 122 -32.16 36.10 5.15
CA LEU A 122 -30.92 36.09 5.92
C LEU A 122 -30.86 37.24 6.92
N ASP A 123 -31.54 38.34 6.63
CA ASP A 123 -31.48 39.51 7.50
C ASP A 123 -32.03 39.22 8.89
N GLN A 124 -32.90 38.24 9.04
CA GLN A 124 -33.50 37.94 10.34
C GLN A 124 -32.56 37.20 11.27
N PHE A 125 -31.26 37.13 10.96
CA PHE A 125 -30.31 36.42 11.79
C PHE A 125 -29.10 37.29 12.14
N LYS A 126 -29.13 38.57 11.80
CA LYS A 126 -27.96 39.44 12.00
C LYS A 126 -27.82 39.84 13.47
N GLY A 127 -28.82 40.52 14.01
CA GLY A 127 -28.76 41.01 15.37
C GLY A 127 -28.94 39.92 16.40
N GLN A 128 -28.90 40.35 17.67
CA GLN A 128 -29.03 39.39 18.75
C GLN A 128 -30.40 38.71 18.71
N GLN A 129 -31.45 39.48 18.45
CA GLN A 129 -32.75 38.87 18.25
C GLN A 129 -32.72 37.88 17.10
N GLY A 130 -31.90 38.16 16.09
CA GLY A 130 -31.69 37.18 15.03
C GLY A 130 -31.05 35.91 15.54
N GLN A 131 -30.11 36.03 16.47
CA GLN A 131 -29.50 34.85 17.06
C GLN A 131 -30.53 34.05 17.85
N LYS A 132 -31.40 34.74 18.58
CA LYS A 132 -32.46 34.05 19.30
C LYS A 132 -33.39 33.34 18.34
N ARG A 133 -33.74 33.98 17.23
CA ARG A 133 -34.60 33.33 16.23
C ARG A 133 -33.92 32.10 15.65
N PHE A 134 -32.61 32.19 15.40
CA PHE A 134 -31.86 31.02 14.97
C PHE A 134 -31.95 29.90 15.99
N GLN A 135 -31.69 30.19 17.26
CA GLN A 135 -31.76 29.15 18.27
C GLN A 135 -33.17 28.55 18.33
N ASP A 136 -34.19 29.38 18.14
CA ASP A 136 -35.56 28.90 18.25
C ASP A 136 -35.92 27.97 17.10
N MET A 137 -35.73 28.43 15.85
CA MET A 137 -36.23 27.71 14.69
C MET A 137 -35.18 26.82 14.04
N MET A 138 -33.99 26.71 14.63
CA MET A 138 -32.90 25.92 14.06
C MET A 138 -32.40 24.84 15.01
N GLY A 139 -32.11 25.20 16.26
CA GLY A 139 -31.39 24.31 17.14
C GLY A 139 -29.91 24.35 16.84
N HIS A 140 -29.08 24.39 17.87
CA HIS A 140 -27.64 24.53 17.68
C HIS A 140 -26.92 23.78 18.77
N GLY A 141 -25.65 23.47 18.51
CA GLY A 141 -24.83 22.76 19.47
C GLY A 141 -25.11 21.27 19.50
N SER A 142 -24.83 20.59 18.39
CA SER A 142 -25.05 19.16 18.28
C SER A 142 -23.83 18.51 17.62
N ASP A 143 -23.91 17.20 17.44
CA ASP A 143 -22.88 16.47 16.73
C ASP A 143 -23.10 16.59 15.22
N TYR A 144 -22.15 16.08 14.45
CA TYR A 144 -22.22 16.15 12.99
C TYR A 144 -21.07 15.34 12.41
N SER A 145 -21.14 15.13 11.10
CA SER A 145 -20.11 14.42 10.36
C SER A 145 -19.80 15.18 9.08
N LEU A 146 -18.52 15.42 8.83
CA LEU A 146 -18.14 16.22 7.67
C LEU A 146 -18.45 15.48 6.36
N SER A 147 -18.37 14.15 6.37
CA SER A 147 -18.64 13.39 5.16
C SER A 147 -20.07 13.64 4.68
N GLU A 148 -21.03 13.65 5.61
CA GLU A 148 -22.41 13.92 5.24
C GLU A 148 -22.56 15.33 4.68
N VAL A 149 -21.83 16.29 5.25
CA VAL A 149 -21.90 17.66 4.76
C VAL A 149 -21.42 17.73 3.32
N LEU A 150 -20.27 17.13 3.05
CA LEU A 150 -19.76 17.14 1.68
C LEU A 150 -20.71 16.40 0.74
N TRP A 151 -21.32 15.32 1.20
CA TRP A 151 -22.24 14.57 0.37
C TRP A 151 -23.47 15.42 0.00
N VAL A 152 -24.02 16.15 0.98
CA VAL A 152 -25.19 16.97 0.68
C VAL A 152 -24.81 18.11 -0.26
N CYS A 153 -23.62 18.68 -0.09
CA CYS A 153 -23.19 19.72 -1.01
C CYS A 153 -23.06 19.19 -2.43
N ALA A 154 -22.47 17.99 -2.57
CA ALA A 154 -22.35 17.39 -3.90
C ALA A 154 -23.72 17.11 -4.50
N ASN A 155 -24.67 16.63 -3.68
CA ASN A 155 -26.01 16.39 -4.18
C ASN A 155 -26.67 17.67 -4.65
N LEU A 156 -26.49 18.76 -3.89
CA LEU A 156 -27.02 20.05 -4.31
C LEU A 156 -26.45 20.45 -5.66
N PHE A 157 -25.14 20.24 -5.84
CA PHE A 157 -24.53 20.56 -7.13
C PHE A 157 -25.14 19.71 -8.24
N SER A 158 -25.35 18.42 -7.98
CA SER A 158 -25.83 17.51 -9.02
C SER A 158 -27.27 17.81 -9.40
N ASP A 159 -28.09 18.27 -8.46
CA ASP A 159 -29.51 18.43 -8.74
C ASP A 159 -29.77 19.46 -9.84
N VAL A 160 -28.81 20.35 -10.10
CA VAL A 160 -29.07 21.45 -11.03
C VAL A 160 -29.03 20.95 -12.47
N GLN A 161 -29.79 21.62 -13.34
CA GLN A 161 -29.88 21.25 -14.75
C GLN A 161 -29.01 22.12 -15.65
N PHE A 162 -28.70 23.34 -15.24
CA PHE A 162 -27.91 24.24 -16.07
C PHE A 162 -26.48 23.71 -16.22
N LYS A 163 -25.68 24.43 -17.02
CA LYS A 163 -24.28 24.11 -17.22
C LYS A 163 -23.44 24.98 -16.30
N MET A 164 -22.56 24.35 -15.53
CA MET A 164 -21.75 25.04 -14.53
C MET A 164 -20.32 25.19 -15.04
N SER A 165 -19.84 26.44 -15.06
CA SER A 165 -18.44 26.68 -15.38
C SER A 165 -17.54 26.44 -14.17
N HIS A 166 -18.03 26.75 -12.96
CA HIS A 166 -17.28 26.57 -11.74
C HIS A 166 -18.18 25.93 -10.68
N LYS A 167 -17.54 25.21 -9.75
CA LYS A 167 -18.22 24.65 -8.59
C LYS A 167 -17.33 24.91 -7.38
N ARG A 168 -17.87 25.58 -6.37
CA ARG A 168 -17.08 26.00 -5.22
C ARG A 168 -17.87 25.84 -3.94
N ILE A 169 -17.15 25.52 -2.86
CA ILE A 169 -17.72 25.41 -1.51
C ILE A 169 -16.84 26.22 -0.58
N MET A 170 -17.44 27.23 0.06
CA MET A 170 -16.75 28.07 1.02
C MET A 170 -17.17 27.64 2.42
N LEU A 171 -16.19 27.30 3.26
CA LEU A 171 -16.44 26.76 4.59
C LEU A 171 -16.07 27.83 5.61
N PHE A 172 -17.08 28.49 6.17
CA PHE A 172 -16.88 29.48 7.22
C PHE A 172 -16.85 28.74 8.54
N THR A 173 -15.65 28.54 9.09
CA THR A 173 -15.52 27.72 10.28
C THR A 173 -14.58 28.37 11.27
N ASN A 174 -14.75 27.99 12.53
CA ASN A 174 -13.90 28.39 13.64
C ASN A 174 -13.17 27.21 14.26
N GLU A 175 -13.88 26.11 14.52
CA GLU A 175 -13.25 24.91 15.04
C GLU A 175 -12.22 24.40 14.05
N ASP A 176 -11.11 23.87 14.57
CA ASP A 176 -10.03 23.37 13.73
C ASP A 176 -9.91 21.85 13.74
N ASN A 177 -10.16 21.21 14.88
CA ASN A 177 -10.11 19.76 15.01
C ASN A 177 -11.53 19.24 15.24
N PRO A 178 -12.38 19.30 14.21
CA PRO A 178 -13.78 18.91 14.40
C PRO A 178 -13.95 17.47 14.83
N HIS A 179 -13.07 16.57 14.38
CA HIS A 179 -13.21 15.15 14.59
C HIS A 179 -11.95 14.59 15.25
N GLY A 180 -11.45 15.30 16.27
CA GLY A 180 -10.32 14.79 17.01
C GLY A 180 -10.67 13.54 17.81
N ASN A 181 -11.86 13.52 18.41
CA ASN A 181 -12.24 12.38 19.23
C ASN A 181 -12.32 11.10 18.41
N ASP A 182 -12.91 11.16 17.23
CA ASP A 182 -13.14 9.99 16.39
C ASP A 182 -12.24 10.04 15.17
N SER A 183 -11.64 8.90 14.83
CA SER A 183 -10.79 8.78 13.66
C SER A 183 -11.52 8.25 12.44
N ALA A 184 -12.53 7.39 12.63
CA ALA A 184 -13.28 6.87 11.50
C ALA A 184 -14.01 8.00 10.77
N LYS A 185 -14.59 8.94 11.52
CA LYS A 185 -15.23 10.08 10.90
C LYS A 185 -14.23 10.91 10.11
N ALA A 186 -13.03 11.10 10.66
CA ALA A 186 -12.00 11.85 9.94
C ALA A 186 -11.61 11.15 8.65
N SER A 187 -11.46 9.82 8.69
CA SER A 187 -11.09 9.10 7.48
C SER A 187 -12.19 9.19 6.43
N ARG A 188 -13.45 9.03 6.84
CA ARG A 188 -14.55 9.17 5.90
C ARG A 188 -14.60 10.58 5.32
N ALA A 189 -14.34 11.59 6.16
CA ALA A 189 -14.31 12.97 5.67
C ALA A 189 -13.22 13.16 4.64
N ARG A 190 -12.04 12.60 4.88
CA ARG A 190 -10.96 12.70 3.90
C ARG A 190 -11.33 12.00 2.60
N THR A 191 -11.96 10.82 2.70
CA THR A 191 -12.40 10.12 1.50
C THR A 191 -13.37 10.96 0.69
N LYS A 192 -14.37 11.55 1.36
CA LYS A 192 -15.35 12.34 0.65
C LYS A 192 -14.74 13.62 0.10
N ALA A 193 -13.79 14.22 0.82
CA ALA A 193 -13.11 15.41 0.30
C ALA A 193 -12.33 15.09 -0.96
N GLY A 194 -11.63 13.97 -0.97
CA GLY A 194 -10.95 13.55 -2.19
C GLY A 194 -11.90 13.29 -3.33
N ASP A 195 -13.03 12.63 -3.03
CA ASP A 195 -14.02 12.37 -4.07
C ASP A 195 -14.55 13.68 -4.65
N LEU A 196 -14.87 14.66 -3.80
CA LEU A 196 -15.35 15.94 -4.27
C LEU A 196 -14.29 16.65 -5.10
N ARG A 197 -13.04 16.61 -4.65
CA ARG A 197 -11.95 17.19 -5.42
C ARG A 197 -11.88 16.58 -6.81
N ASP A 198 -12.02 15.26 -6.89
CA ASP A 198 -12.01 14.58 -8.19
C ASP A 198 -13.18 15.02 -9.04
N THR A 199 -14.37 15.17 -8.44
CA THR A 199 -15.55 15.55 -9.19
C THR A 199 -15.41 16.94 -9.82
N GLY A 200 -14.54 17.78 -9.29
CA GLY A 200 -14.34 19.11 -9.83
C GLY A 200 -14.96 20.19 -8.98
N ILE A 201 -14.88 20.04 -7.67
CA ILE A 201 -15.44 21.01 -6.71
C ILE A 201 -14.28 21.60 -5.93
N PHE A 202 -14.17 22.93 -5.96
CA PHE A 202 -13.10 23.66 -5.31
C PHE A 202 -13.54 24.05 -3.91
N LEU A 203 -12.83 23.56 -2.90
CA LEU A 203 -13.17 23.84 -1.51
C LEU A 203 -12.21 24.87 -0.95
N ASP A 204 -12.76 25.96 -0.40
CA ASP A 204 -11.99 27.06 0.16
C ASP A 204 -12.45 27.27 1.60
N LEU A 205 -11.48 27.53 2.49
CA LEU A 205 -11.73 27.62 3.92
C LEU A 205 -11.57 29.06 4.38
N MET A 206 -12.61 29.58 5.04
CA MET A 206 -12.58 30.89 5.69
C MET A 206 -12.58 30.63 7.19
N HIS A 207 -11.44 30.85 7.83
CA HIS A 207 -11.25 30.56 9.23
C HIS A 207 -11.44 31.84 10.04
N LEU A 208 -12.25 31.76 11.08
CA LEU A 208 -12.57 32.91 11.91
C LEU A 208 -11.77 32.86 13.21
N LYS A 209 -11.81 33.97 13.94
CA LYS A 209 -11.02 34.08 15.15
C LYS A 209 -11.37 32.97 16.13
N LYS A 210 -10.35 32.42 16.78
CA LYS A 210 -10.52 31.39 17.78
C LYS A 210 -9.87 31.82 19.09
N PRO A 211 -10.41 31.42 20.24
CA PRO A 211 -9.71 31.71 21.50
C PRO A 211 -8.23 31.32 21.47
N GLY A 212 -7.93 30.08 21.09
CA GLY A 212 -6.55 29.64 21.02
C GLY A 212 -5.85 30.09 19.76
N GLY A 213 -6.33 29.64 18.61
CA GLY A 213 -5.73 29.95 17.34
C GLY A 213 -5.97 28.84 16.34
N PHE A 214 -5.94 29.21 15.07
CA PHE A 214 -6.25 28.28 13.99
C PHE A 214 -4.96 27.77 13.36
N ASP A 215 -4.73 26.47 13.45
CA ASP A 215 -3.59 25.79 12.83
C ASP A 215 -4.13 24.91 11.71
N ILE A 216 -4.05 25.41 10.47
CA ILE A 216 -4.67 24.73 9.35
C ILE A 216 -4.13 23.32 9.15
N SER A 217 -2.94 23.02 9.67
CA SER A 217 -2.31 21.74 9.39
C SER A 217 -2.99 20.58 10.11
N LEU A 218 -3.77 20.84 11.16
CA LEU A 218 -4.29 19.76 11.97
C LEU A 218 -5.24 18.86 11.17
N PHE A 219 -6.24 19.46 10.52
CA PHE A 219 -7.26 18.68 9.82
C PHE A 219 -7.47 19.10 8.38
N TYR A 220 -7.40 20.39 8.07
CA TYR A 220 -7.79 20.89 6.77
C TYR A 220 -6.63 20.94 5.78
N ARG A 221 -5.46 20.42 6.16
CA ARG A 221 -4.34 20.39 5.22
C ARG A 221 -4.68 19.56 4.00
N ASP A 222 -5.50 18.53 4.16
CA ASP A 222 -5.85 17.64 3.06
C ASP A 222 -7.18 17.98 2.41
N ILE A 223 -8.15 18.48 3.18
CA ILE A 223 -9.49 18.71 2.64
C ILE A 223 -9.46 19.81 1.58
N ILE A 224 -8.84 20.94 1.90
CA ILE A 224 -8.84 22.07 0.97
C ILE A 224 -8.10 21.69 -0.30
N SER A 225 -8.66 22.08 -1.44
CA SER A 225 -8.12 21.64 -2.74
C SER A 225 -6.71 22.18 -2.96
N ILE A 226 -6.52 23.48 -2.74
CA ILE A 226 -5.24 24.14 -3.00
C ILE A 226 -4.82 24.86 -1.72
N ALA A 227 -3.56 24.66 -1.33
CA ALA A 227 -2.99 25.31 -0.16
C ALA A 227 -2.07 26.43 -0.59
N GLU A 228 -2.25 27.61 0.00
CA GLU A 228 -1.44 28.76 -0.36
C GLU A 228 0.01 28.54 0.08
N ASP A 229 0.88 29.46 -0.36
CA ASP A 229 2.30 29.34 -0.03
C ASP A 229 2.51 29.40 1.48
N GLU A 230 1.82 30.31 2.16
CA GLU A 230 1.91 30.47 3.61
C GLU A 230 0.52 30.20 4.18
N ASP A 231 0.23 28.92 4.45
CA ASP A 231 -1.07 28.52 4.97
C ASP A 231 -0.98 27.49 6.08
N LEU A 232 0.21 27.10 6.51
CA LEU A 232 0.38 26.11 7.57
C LEU A 232 0.75 26.73 8.91
N ARG A 233 0.81 28.05 9.00
CA ARG A 233 1.14 28.72 10.25
C ARG A 233 -0.11 28.81 11.13
N VAL A 234 -0.01 29.56 12.23
CA VAL A 234 -1.12 29.78 13.14
C VAL A 234 -1.58 31.21 12.99
N HIS A 235 -2.84 31.40 12.60
CA HIS A 235 -3.41 32.73 12.41
C HIS A 235 -4.27 33.07 13.62
N PHE A 236 -4.05 34.26 14.18
CA PHE A 236 -4.83 34.74 15.31
C PHE A 236 -5.90 35.74 14.89
N GLU A 237 -6.10 35.93 13.59
CA GLU A 237 -7.08 36.87 13.08
C GLU A 237 -7.85 36.22 11.95
N GLU A 238 -9.04 36.76 11.67
CA GLU A 238 -9.86 36.25 10.59
C GLU A 238 -9.09 36.30 9.28
N SER A 239 -9.41 35.35 8.39
CA SER A 239 -8.70 35.25 7.13
C SER A 239 -8.82 36.54 6.33
N SER A 240 -7.78 36.82 5.54
CA SER A 240 -7.76 38.04 4.75
C SER A 240 -8.87 38.06 3.71
N LYS A 241 -9.36 36.90 3.30
CA LYS A 241 -10.39 36.84 2.27
C LYS A 241 -11.70 37.44 2.73
N LEU A 242 -11.95 37.48 4.04
CA LEU A 242 -13.20 38.04 4.54
C LEU A 242 -13.33 39.51 4.16
N GLU A 243 -12.21 40.26 4.23
CA GLU A 243 -12.26 41.66 3.82
C GLU A 243 -12.63 41.79 2.35
N ASP A 244 -12.10 40.90 1.51
CA ASP A 244 -12.47 40.93 0.10
C ASP A 244 -13.96 40.64 -0.08
N LEU A 245 -14.49 39.67 0.66
CA LEU A 245 -15.91 39.35 0.55
C LEU A 245 -16.77 40.52 0.99
N LEU A 246 -16.37 41.21 2.07
CA LEU A 246 -17.17 42.29 2.63
C LEU A 246 -17.10 43.56 1.79
N ARG A 247 -16.24 43.62 0.78
CA ARG A 247 -16.11 44.78 -0.09
C ARG A 247 -17.17 44.68 -1.18
N LYS A 248 -18.22 45.50 -1.08
CA LYS A 248 -19.31 45.46 -2.05
C LYS A 248 -18.85 46.05 -3.37
N VAL A 249 -19.11 45.34 -4.46
CA VAL A 249 -18.78 45.78 -5.81
C VAL A 249 -20.08 45.89 -6.59
N ARG A 250 -20.31 47.05 -7.20
CA ARG A 250 -21.49 47.30 -8.01
C ARG A 250 -21.01 47.66 -9.41
N ALA A 251 -20.81 46.64 -10.23
CA ALA A 251 -20.35 46.84 -11.61
C ALA A 251 -20.67 45.58 -12.39
N LYS A 252 -21.50 45.72 -13.42
CA LYS A 252 -21.89 44.57 -14.21
C LYS A 252 -20.67 43.94 -14.87
N GLU A 253 -20.58 42.62 -14.78
CA GLU A 253 -19.51 41.85 -15.40
C GLU A 253 -20.07 41.08 -16.57
N THR A 254 -19.54 41.34 -17.77
CA THR A 254 -20.01 40.72 -19.00
C THR A 254 -18.99 39.68 -19.46
N ARG A 255 -19.44 38.48 -19.76
CA ARG A 255 -18.55 37.41 -20.17
C ARG A 255 -17.99 37.68 -21.56
N LYS A 256 -16.80 37.14 -21.80
CA LYS A 256 -16.14 37.35 -23.08
C LYS A 256 -17.02 36.88 -24.23
N ARG A 257 -17.13 37.70 -25.26
CA ARG A 257 -17.98 37.40 -26.40
C ARG A 257 -17.54 38.26 -27.57
N ALA A 258 -17.46 37.64 -28.74
CA ALA A 258 -16.97 38.34 -29.92
C ALA A 258 -18.08 39.18 -30.54
N LEU A 259 -17.78 40.47 -30.75
CA LEU A 259 -18.72 41.32 -31.45
C LEU A 259 -19.03 40.76 -32.83
N SER A 260 -18.00 40.36 -33.55
CA SER A 260 -18.16 39.77 -34.88
C SER A 260 -16.92 38.97 -35.22
N ARG A 261 -17.11 38.02 -36.14
CA ARG A 261 -16.02 37.24 -36.72
C ARG A 261 -15.94 37.61 -38.18
N LEU A 262 -14.82 38.21 -38.60
CA LEU A 262 -14.64 38.74 -39.93
C LEU A 262 -13.47 38.06 -40.62
N LYS A 263 -13.26 38.44 -41.87
CA LYS A 263 -12.20 37.91 -42.72
C LYS A 263 -11.32 39.06 -43.17
N LEU A 264 -10.07 39.08 -42.71
CA LEU A 264 -9.08 40.03 -43.19
C LEU A 264 -8.49 39.51 -44.49
N LYS A 265 -8.59 40.31 -45.55
CA LYS A 265 -8.20 39.91 -46.90
C LYS A 265 -6.96 40.72 -47.30
N LEU A 266 -5.79 40.08 -47.24
CA LEU A 266 -4.60 40.72 -47.77
C LEU A 266 -4.72 40.90 -49.29
N ASN A 267 -5.30 39.92 -49.97
CA ASN A 267 -5.54 39.97 -51.40
C ASN A 267 -6.88 39.29 -51.66
N LYS A 268 -7.15 38.99 -52.94
CA LYS A 268 -8.35 38.25 -53.28
C LYS A 268 -8.24 36.78 -52.93
N ASP A 269 -7.04 36.28 -52.66
CA ASP A 269 -6.82 34.87 -52.36
C ASP A 269 -6.38 34.61 -50.94
N ILE A 270 -5.65 35.52 -50.31
CA ILE A 270 -5.17 35.34 -48.95
C ILE A 270 -6.21 35.93 -48.00
N VAL A 271 -6.80 35.08 -47.17
CA VAL A 271 -7.80 35.50 -46.20
C VAL A 271 -7.52 34.81 -44.88
N ILE A 272 -7.60 35.57 -43.79
CA ILE A 272 -7.42 35.04 -42.45
C ILE A 272 -8.58 35.47 -41.58
N SER A 273 -9.10 34.54 -40.78
CA SER A 273 -10.24 34.84 -39.92
C SER A 273 -9.78 35.56 -38.66
N VAL A 274 -10.53 36.60 -38.28
CA VAL A 274 -10.23 37.38 -37.09
C VAL A 274 -11.53 37.60 -36.33
N GLY A 275 -11.38 37.95 -35.06
CA GLY A 275 -12.52 38.29 -34.20
C GLY A 275 -12.32 39.66 -33.60
N ILE A 276 -13.41 40.41 -33.51
CA ILE A 276 -13.40 41.78 -33.03
C ILE A 276 -14.06 41.80 -31.65
N TYR A 277 -13.33 42.29 -30.66
CA TYR A 277 -13.82 42.45 -29.30
C TYR A 277 -13.76 43.92 -28.91
N ASN A 278 -14.48 44.28 -27.85
CA ASN A 278 -14.46 45.63 -27.32
C ASN A 278 -13.94 45.60 -25.89
N LEU A 279 -12.81 46.26 -25.67
CA LEU A 279 -12.20 46.31 -24.35
C LEU A 279 -12.64 47.50 -23.52
N VAL A 280 -13.40 48.43 -24.10
CA VAL A 280 -14.00 49.53 -23.36
C VAL A 280 -15.39 49.77 -23.92
N GLN A 281 -16.41 49.60 -23.09
CA GLN A 281 -17.79 49.77 -23.50
C GLN A 281 -18.51 50.62 -22.46
N LYS A 282 -19.24 51.63 -22.94
CA LYS A 282 -19.96 52.52 -22.04
C LYS A 282 -20.99 51.75 -21.24
N ALA A 283 -21.19 52.15 -19.99
CA ALA A 283 -22.12 51.49 -19.08
C ALA A 283 -23.38 52.32 -18.97
N LEU A 284 -24.52 51.67 -19.21
CA LEU A 284 -25.82 52.32 -19.18
C LEU A 284 -26.67 51.69 -18.08
N LYS A 285 -27.60 52.49 -17.55
CA LYS A 285 -28.54 51.94 -16.58
C LYS A 285 -29.35 50.84 -17.23
N PRO A 286 -29.70 49.78 -16.51
CA PRO A 286 -30.55 48.75 -17.11
C PRO A 286 -31.85 49.36 -17.60
N PRO A 287 -32.33 48.94 -18.76
CA PRO A 287 -33.52 49.58 -19.33
C PRO A 287 -34.72 49.43 -18.42
N PRO A 288 -35.54 50.47 -18.26
CA PRO A 288 -36.77 50.31 -17.49
C PRO A 288 -37.75 49.40 -18.21
N ILE A 289 -38.65 48.83 -17.42
CA ILE A 289 -39.71 47.97 -17.93
C ILE A 289 -41.04 48.49 -17.39
N LYS A 290 -42.03 48.60 -18.27
CA LYS A 290 -43.33 49.13 -17.88
C LYS A 290 -44.03 48.14 -16.95
N LEU A 291 -44.78 48.68 -15.99
CA LEU A 291 -45.48 47.87 -15.02
C LEU A 291 -46.89 48.41 -14.84
N TYR A 292 -47.83 47.49 -14.58
CA TYR A 292 -49.20 47.87 -14.30
C TYR A 292 -49.29 48.48 -12.91
N ARG A 293 -49.96 49.62 -12.81
CA ARG A 293 -50.09 50.29 -11.52
C ARG A 293 -50.88 49.45 -10.53
N GLU A 294 -51.96 48.82 -10.99
CA GLU A 294 -52.89 48.16 -10.07
C GLU A 294 -52.35 46.83 -9.58
N THR A 295 -52.15 45.86 -10.48
CA THR A 295 -51.73 44.53 -10.08
C THR A 295 -50.22 44.37 -10.05
N ASN A 296 -49.47 45.33 -10.60
CA ASN A 296 -48.01 45.30 -10.50
C ASN A 296 -47.42 44.11 -11.25
N GLU A 297 -47.84 43.94 -12.50
CA GLU A 297 -47.31 42.89 -13.35
C GLU A 297 -46.98 43.46 -14.72
N PRO A 298 -45.99 42.89 -15.42
CA PRO A 298 -45.53 43.50 -16.66
C PRO A 298 -46.63 43.59 -17.70
N VAL A 299 -46.53 44.61 -18.55
CA VAL A 299 -47.49 44.84 -19.62
C VAL A 299 -46.75 44.76 -20.95
N LYS A 300 -47.30 43.99 -21.89
CA LYS A 300 -46.71 43.85 -23.20
C LYS A 300 -47.08 45.04 -24.08
N THR A 301 -46.10 45.55 -24.82
CA THR A 301 -46.28 46.71 -25.67
C THR A 301 -46.16 46.32 -27.14
N LYS A 302 -46.92 47.02 -27.98
CA LYS A 302 -46.89 46.78 -29.42
C LYS A 302 -47.19 48.10 -30.13
N THR A 303 -46.73 48.19 -31.38
CA THR A 303 -46.90 49.38 -32.19
C THR A 303 -47.43 49.00 -33.57
N ARG A 304 -48.24 49.89 -34.14
CA ARG A 304 -48.81 49.67 -35.46
C ARG A 304 -49.11 51.01 -36.11
N THR A 305 -49.27 50.98 -37.42
CA THR A 305 -49.53 52.17 -38.21
C THR A 305 -50.79 51.95 -39.06
N PHE A 306 -51.50 53.04 -39.34
CA PHE A 306 -52.75 52.95 -40.08
C PHE A 306 -52.97 54.23 -40.87
N ASN A 307 -53.80 54.12 -41.91
CA ASN A 307 -54.24 55.29 -42.64
C ASN A 307 -55.18 56.11 -41.77
N THR A 308 -55.02 57.44 -41.82
CA THR A 308 -55.79 58.31 -40.93
C THR A 308 -57.29 58.19 -41.20
N SER A 309 -57.69 58.35 -42.46
CA SER A 309 -59.12 58.37 -42.77
C SER A 309 -59.73 56.97 -42.70
N THR A 310 -59.06 55.98 -43.31
CA THR A 310 -59.64 54.65 -43.44
C THR A 310 -59.29 53.73 -42.28
N GLY A 311 -58.39 54.12 -41.40
CA GLY A 311 -57.98 53.30 -40.28
C GLY A 311 -57.73 51.85 -40.65
N GLY A 312 -56.72 51.61 -41.49
CA GLY A 312 -56.43 50.29 -41.98
C GLY A 312 -55.20 49.66 -41.34
N LEU A 313 -55.15 48.33 -41.40
CA LEU A 313 -54.02 47.57 -40.87
C LEU A 313 -52.96 47.37 -41.95
N LEU A 314 -52.46 48.48 -42.47
CA LEU A 314 -51.55 48.43 -43.60
C LEU A 314 -50.28 47.67 -43.24
N LEU A 315 -49.79 46.87 -44.18
CA LEU A 315 -48.50 46.20 -44.01
C LEU A 315 -47.38 47.20 -44.23
N PRO A 316 -46.17 46.88 -43.77
CA PRO A 316 -45.03 47.79 -44.01
C PRO A 316 -44.72 48.01 -45.48
N SER A 317 -45.14 47.10 -46.36
CA SER A 317 -44.85 47.19 -47.78
C SER A 317 -45.81 48.10 -48.52
N ASP A 318 -46.81 48.66 -47.85
CA ASP A 318 -47.78 49.56 -48.47
C ASP A 318 -47.44 51.02 -48.21
N THR A 319 -46.15 51.36 -48.20
CA THR A 319 -45.72 52.71 -47.91
C THR A 319 -44.40 52.98 -48.64
N LYS A 320 -44.05 54.25 -48.73
CA LYS A 320 -42.84 54.70 -49.41
C LYS A 320 -42.12 55.71 -48.53
N ARG A 321 -40.98 56.19 -49.03
CA ARG A 321 -40.15 57.15 -48.32
C ARG A 321 -39.93 58.38 -49.19
N SER A 322 -39.91 59.55 -48.57
CA SER A 322 -39.86 60.81 -49.29
C SER A 322 -38.83 61.74 -48.68
N GLN A 323 -38.36 62.68 -49.50
CA GLN A 323 -37.33 63.64 -49.11
C GLN A 323 -37.36 64.79 -50.09
N ILE A 324 -37.48 66.01 -49.57
CA ILE A 324 -37.68 67.20 -50.40
C ILE A 324 -36.35 67.90 -50.58
N TYR A 325 -35.91 68.00 -51.84
CA TYR A 325 -34.68 68.69 -52.19
C TYR A 325 -34.93 69.50 -53.45
N GLY A 326 -34.40 70.72 -53.48
CA GLY A 326 -34.58 71.57 -54.64
C GLY A 326 -36.03 71.84 -54.98
N SER A 327 -36.87 72.06 -53.98
CA SER A 327 -38.28 72.36 -54.18
C SER A 327 -38.97 71.26 -54.99
N ARG A 328 -38.68 70.02 -54.64
CA ARG A 328 -39.24 68.87 -55.35
C ARG A 328 -39.25 67.68 -54.40
N GLN A 329 -40.06 66.69 -54.74
CA GLN A 329 -40.21 65.48 -53.92
C GLN A 329 -39.59 64.30 -54.63
N ILE A 330 -38.73 63.57 -53.92
CA ILE A 330 -38.07 62.38 -54.43
C ILE A 330 -38.56 61.19 -53.62
N ILE A 331 -39.09 60.17 -54.30
CA ILE A 331 -39.74 59.04 -53.65
C ILE A 331 -38.97 57.78 -53.97
N LEU A 332 -38.62 57.03 -52.93
CA LEU A 332 -37.87 55.78 -53.06
C LEU A 332 -38.58 54.70 -52.26
N GLU A 333 -38.49 53.47 -52.73
CA GLU A 333 -38.99 52.35 -51.96
C GLU A 333 -38.03 52.03 -50.82
N LYS A 334 -38.52 51.25 -49.85
CA LYS A 334 -37.69 50.92 -48.69
C LYS A 334 -36.47 50.10 -49.09
N GLU A 335 -36.65 49.13 -49.98
CA GLU A 335 -35.53 48.30 -50.42
C GLU A 335 -34.45 49.16 -51.06
N GLU A 336 -34.85 50.16 -51.85
CA GLU A 336 -33.86 51.05 -52.45
C GLU A 336 -33.18 51.91 -51.39
N THR A 337 -33.93 52.32 -50.36
CA THR A 337 -33.32 53.05 -49.26
C THR A 337 -32.21 52.24 -48.61
N GLU A 338 -32.45 50.94 -48.41
CA GLU A 338 -31.41 50.09 -47.84
C GLU A 338 -30.27 49.87 -48.83
N GLU A 339 -30.60 49.69 -50.11
CA GLU A 339 -29.58 49.42 -51.12
C GLU A 339 -28.67 50.62 -51.36
N LEU A 340 -29.11 51.82 -50.97
CA LEU A 340 -28.23 52.98 -51.08
C LEU A 340 -26.91 52.75 -50.36
N LYS A 341 -26.91 51.97 -49.28
CA LYS A 341 -25.78 51.87 -48.38
C LYS A 341 -24.94 50.62 -48.60
N ARG A 342 -25.20 49.85 -49.65
CA ARG A 342 -24.46 48.62 -49.90
C ARG A 342 -23.24 48.94 -50.74
N PHE A 343 -22.05 48.77 -50.15
CA PHE A 343 -20.80 49.06 -50.84
C PHE A 343 -19.95 47.81 -51.05
N ASP A 344 -19.63 47.08 -49.99
CA ASP A 344 -18.79 45.89 -50.11
C ASP A 344 -19.20 44.88 -49.04
N ASP A 345 -18.79 43.64 -49.25
CA ASP A 345 -19.16 42.58 -48.32
C ASP A 345 -18.49 42.79 -46.97
N PRO A 346 -19.09 42.28 -45.89
CA PRO A 346 -18.53 42.54 -44.56
C PRO A 346 -17.12 41.99 -44.42
N GLY A 347 -16.28 42.74 -43.73
CA GLY A 347 -14.94 42.31 -43.43
C GLY A 347 -13.96 43.46 -43.43
N LEU A 348 -12.69 43.09 -43.39
CA LEU A 348 -11.57 44.04 -43.46
C LEU A 348 -10.79 43.80 -44.73
N MET A 349 -10.49 44.87 -45.45
CA MET A 349 -9.70 44.81 -46.68
C MET A 349 -8.42 45.58 -46.47
N LEU A 350 -7.28 44.94 -46.69
CA LEU A 350 -6.00 45.60 -46.52
C LEU A 350 -5.79 46.65 -47.60
N MET A 351 -5.14 47.74 -47.23
CA MET A 351 -4.93 48.87 -48.13
C MET A 351 -3.45 49.21 -48.24
N GLY A 352 -2.72 48.99 -47.15
CA GLY A 352 -1.31 49.34 -47.12
C GLY A 352 -0.80 49.34 -45.69
N PHE A 353 0.32 50.02 -45.49
CA PHE A 353 0.95 50.13 -44.19
C PHE A 353 1.45 51.54 -44.01
N LYS A 354 1.17 52.14 -42.85
CA LYS A 354 1.49 53.54 -42.60
C LYS A 354 2.37 53.68 -41.36
N PRO A 355 3.37 54.54 -41.39
CA PRO A 355 4.13 54.81 -40.17
C PRO A 355 3.21 55.34 -39.07
N LEU A 356 3.49 54.92 -37.83
CA LEU A 356 2.66 55.32 -36.72
C LEU A 356 2.75 56.81 -36.44
N VAL A 357 3.82 57.48 -36.90
CA VAL A 357 3.96 58.91 -36.68
C VAL A 357 2.95 59.73 -37.46
N LEU A 358 2.26 59.12 -38.41
CA LEU A 358 1.25 59.82 -39.21
C LEU A 358 -0.15 59.68 -38.65
N LEU A 359 -0.31 59.02 -37.50
CA LEU A 359 -1.61 58.90 -36.83
C LEU A 359 -1.68 59.94 -35.72
N LYS A 360 -2.72 60.77 -35.76
CA LYS A 360 -2.86 61.91 -34.85
C LYS A 360 -3.69 61.51 -33.65
N LYS A 361 -3.24 61.90 -32.46
CA LYS A 361 -3.94 61.55 -31.24
C LYS A 361 -5.23 62.32 -31.08
N HIS A 362 -5.33 63.51 -31.68
CA HIS A 362 -6.55 64.31 -31.62
C HIS A 362 -7.52 63.99 -32.75
N HIS A 363 -7.20 63.00 -33.58
CA HIS A 363 -8.13 62.52 -34.60
C HIS A 363 -8.96 61.35 -34.09
N TYR A 364 -9.61 61.54 -32.94
CA TYR A 364 -10.43 60.51 -32.32
C TYR A 364 -11.87 60.68 -32.77
N LEU A 365 -12.48 59.59 -33.17
CA LEU A 365 -13.85 59.61 -33.66
C LEU A 365 -14.75 58.59 -32.97
N ARG A 366 -14.23 57.40 -32.65
CA ARG A 366 -15.02 56.32 -32.09
C ARG A 366 -14.13 55.53 -31.15
N PRO A 367 -14.70 54.85 -30.16
CA PRO A 367 -13.88 53.98 -29.31
C PRO A 367 -13.21 52.88 -30.13
N SER A 368 -11.99 52.53 -29.72
CA SER A 368 -11.22 51.53 -30.45
C SER A 368 -11.72 50.13 -30.16
N LEU A 369 -11.31 49.18 -30.99
CA LEU A 369 -11.65 47.78 -30.85
C LEU A 369 -10.39 46.93 -30.81
N PHE A 370 -10.55 45.63 -30.63
CA PHE A 370 -9.44 44.69 -30.51
C PHE A 370 -9.63 43.58 -31.52
N VAL A 371 -8.58 43.28 -32.29
CA VAL A 371 -8.59 42.25 -33.32
C VAL A 371 -7.67 41.13 -32.88
N TYR A 372 -8.22 39.91 -32.80
CA TYR A 372 -7.49 38.73 -32.35
C TYR A 372 -7.78 37.57 -33.29
N PRO A 373 -6.77 36.78 -33.66
CA PRO A 373 -7.05 35.64 -34.55
C PRO A 373 -8.03 34.66 -33.92
N GLU A 374 -8.84 34.03 -34.77
CA GLU A 374 -9.87 33.10 -34.35
C GLU A 374 -9.41 31.64 -34.42
N GLU A 375 -8.94 31.20 -35.58
CA GLU A 375 -8.39 29.87 -35.81
C GLU A 375 -9.48 28.81 -35.89
N SER A 376 -10.74 29.15 -35.62
CA SER A 376 -11.83 28.19 -35.70
C SER A 376 -12.49 28.15 -37.07
N LEU A 377 -12.31 29.18 -37.89
CA LEU A 377 -12.92 29.25 -39.21
C LEU A 377 -11.93 28.98 -40.33
N VAL A 378 -10.72 29.52 -40.24
CA VAL A 378 -9.68 29.29 -41.23
C VAL A 378 -8.42 28.85 -40.50
N ILE A 379 -7.92 27.68 -40.85
CA ILE A 379 -6.73 27.11 -40.20
C ILE A 379 -5.49 27.72 -40.83
N GLY A 380 -4.54 28.11 -39.98
CA GLY A 380 -3.33 28.77 -40.42
C GLY A 380 -3.36 30.28 -40.33
N SER A 381 -4.45 30.85 -39.81
CA SER A 381 -4.52 32.30 -39.67
C SER A 381 -3.67 32.79 -38.52
N SER A 382 -3.51 31.99 -37.47
CA SER A 382 -2.75 32.43 -36.31
C SER A 382 -1.29 32.70 -36.66
N THR A 383 -0.69 31.84 -37.50
CA THR A 383 0.71 32.02 -37.85
C THR A 383 0.93 33.32 -38.62
N LEU A 384 0.08 33.58 -39.62
CA LEU A 384 0.22 34.80 -40.40
C LEU A 384 -0.06 36.03 -39.54
N PHE A 385 -1.06 35.94 -38.65
CA PHE A 385 -1.33 37.06 -37.75
C PHE A 385 -0.14 37.35 -36.86
N SER A 386 0.49 36.31 -36.31
CA SER A 386 1.65 36.51 -35.45
C SER A 386 2.81 37.12 -36.23
N ALA A 387 3.04 36.65 -37.45
CA ALA A 387 4.12 37.21 -38.26
C ALA A 387 3.85 38.68 -38.55
N LEU A 388 2.61 39.02 -38.90
CA LEU A 388 2.26 40.42 -39.13
C LEU A 388 2.49 41.25 -37.88
N LEU A 389 2.08 40.73 -36.72
CA LEU A 389 2.28 41.46 -35.48
C LEU A 389 3.76 41.74 -35.24
N ILE A 390 4.60 40.72 -35.38
CA ILE A 390 6.02 40.87 -35.07
C ILE A 390 6.64 41.88 -36.02
N LYS A 391 6.37 41.75 -37.32
CA LYS A 391 7.01 42.66 -38.27
C LYS A 391 6.47 44.08 -38.14
N CYS A 392 5.18 44.25 -37.86
CA CYS A 392 4.63 45.58 -37.65
C CYS A 392 5.26 46.25 -36.44
N LEU A 393 5.44 45.51 -35.35
CA LEU A 393 6.11 46.08 -34.19
C LEU A 393 7.55 46.43 -34.52
N GLU A 394 8.24 45.57 -35.27
CA GLU A 394 9.64 45.84 -35.61
C GLU A 394 9.77 47.10 -36.44
N LYS A 395 8.90 47.29 -37.43
CA LYS A 395 9.01 48.42 -38.34
C LYS A 395 8.19 49.63 -37.90
N GLU A 396 7.47 49.53 -36.79
CA GLU A 396 6.66 50.64 -36.28
C GLU A 396 5.72 51.17 -37.36
N VAL A 397 4.84 50.27 -37.83
CA VAL A 397 3.84 50.61 -38.82
C VAL A 397 2.50 50.02 -38.40
N ALA A 398 1.44 50.59 -38.94
CA ALA A 398 0.07 50.16 -38.67
C ALA A 398 -0.61 49.84 -39.99
N ALA A 399 -1.45 48.82 -39.99
CA ALA A 399 -2.10 48.34 -41.21
C ALA A 399 -3.35 49.17 -41.46
N LEU A 400 -3.34 49.96 -42.52
CA LEU A 400 -4.52 50.70 -42.93
C LEU A 400 -5.46 49.76 -43.67
N CYS A 401 -6.75 49.79 -43.31
CA CYS A 401 -7.70 48.86 -43.89
C CYS A 401 -9.06 49.53 -44.01
N ARG A 402 -9.90 48.91 -44.84
CA ARG A 402 -11.28 49.32 -45.04
C ARG A 402 -12.18 48.33 -44.32
N TYR A 403 -13.07 48.84 -43.48
CA TYR A 403 -13.82 48.06 -42.51
C TYR A 403 -15.31 48.18 -42.80
N THR A 404 -15.98 47.03 -42.88
CA THR A 404 -17.43 46.98 -43.05
C THR A 404 -17.98 45.94 -42.08
N PRO A 405 -18.49 46.36 -40.92
CA PRO A 405 -18.86 45.38 -39.89
C PRO A 405 -20.00 44.47 -40.28
N ARG A 406 -21.10 45.06 -40.76
CA ARG A 406 -22.30 44.31 -41.11
C ARG A 406 -22.70 44.63 -42.54
N ARG A 407 -23.48 43.73 -43.12
CA ARG A 407 -23.94 43.92 -44.50
C ARG A 407 -24.78 45.19 -44.60
N ASN A 408 -24.60 45.91 -45.69
CA ASN A 408 -25.30 47.18 -45.93
C ASN A 408 -24.89 48.22 -44.88
N ILE A 409 -23.58 48.46 -44.81
CA ILE A 409 -23.04 49.54 -43.99
C ILE A 409 -21.92 50.20 -44.78
N PRO A 410 -21.91 51.52 -44.93
CA PRO A 410 -20.84 52.14 -45.71
C PRO A 410 -19.49 51.86 -45.09
N PRO A 411 -18.45 51.74 -45.90
CA PRO A 411 -17.13 51.41 -45.36
C PRO A 411 -16.56 52.55 -44.55
N TYR A 412 -15.73 52.18 -43.56
CA TYR A 412 -14.98 53.16 -42.78
C TYR A 412 -13.51 52.77 -42.81
N PHE A 413 -12.65 53.76 -42.99
CA PHE A 413 -11.22 53.50 -42.98
C PHE A 413 -10.73 53.39 -41.54
N VAL A 414 -9.96 52.36 -41.24
CA VAL A 414 -9.47 52.10 -39.90
C VAL A 414 -8.00 51.75 -39.97
N ALA A 415 -7.34 51.82 -38.82
CA ALA A 415 -5.93 51.47 -38.71
C ALA A 415 -5.77 50.42 -37.62
N LEU A 416 -4.95 49.41 -37.91
CA LEU A 416 -4.61 48.37 -36.96
C LEU A 416 -3.22 48.64 -36.41
N VAL A 417 -3.15 49.01 -35.14
CA VAL A 417 -1.90 49.30 -34.45
C VAL A 417 -1.51 48.08 -33.63
N PRO A 418 -0.33 47.51 -33.82
CA PRO A 418 0.03 46.31 -33.06
C PRO A 418 0.15 46.59 -31.58
N GLN A 419 -0.18 45.57 -30.78
CA GLN A 419 -0.05 45.64 -29.33
C GLN A 419 0.90 44.55 -28.85
N GLU A 420 1.76 44.90 -27.91
CA GLU A 420 2.72 43.96 -27.34
C GLU A 420 2.26 43.55 -25.96
N GLU A 421 2.27 42.24 -25.69
CA GLU A 421 1.85 41.74 -24.39
C GLU A 421 2.70 42.37 -23.30
N GLU A 422 2.05 42.82 -22.24
CA GLU A 422 2.72 43.38 -21.08
C GLU A 422 2.10 42.77 -19.83
N LEU A 423 2.96 42.25 -18.94
CA LEU A 423 2.53 41.59 -17.72
C LEU A 423 3.05 42.35 -16.51
N ASP A 424 2.26 42.34 -15.44
CA ASP A 424 2.61 43.04 -14.21
C ASP A 424 3.65 42.23 -13.45
N ASP A 425 3.99 42.69 -12.25
CA ASP A 425 4.97 41.98 -11.43
C ASP A 425 4.44 40.59 -11.05
N GLN A 426 3.16 40.49 -10.72
CA GLN A 426 2.55 39.22 -10.35
C GLN A 426 2.28 38.31 -11.53
N LYS A 427 2.77 38.65 -12.72
CA LYS A 427 2.58 37.85 -13.92
C LYS A 427 1.09 37.72 -14.26
N ILE A 428 0.39 38.86 -14.28
CA ILE A 428 -1.00 38.93 -14.68
C ILE A 428 -1.09 39.84 -15.90
N GLN A 429 -1.70 39.35 -16.97
CA GLN A 429 -1.82 40.12 -18.19
C GLN A 429 -2.61 41.41 -17.94
N VAL A 430 -2.11 42.52 -18.50
CA VAL A 430 -2.79 43.80 -18.39
C VAL A 430 -2.91 44.45 -19.76
N THR A 431 -2.37 43.80 -20.78
CA THR A 431 -2.45 44.30 -22.16
C THR A 431 -2.35 43.10 -23.08
N PRO A 432 -3.47 42.58 -23.58
CA PRO A 432 -3.44 41.35 -24.38
C PRO A 432 -2.74 41.59 -25.71
N PRO A 433 -2.23 40.54 -26.34
CA PRO A 433 -1.58 40.70 -27.64
C PRO A 433 -2.60 40.66 -28.77
N GLY A 434 -2.36 41.48 -29.78
CA GLY A 434 -3.28 41.56 -30.91
C GLY A 434 -3.13 42.89 -31.62
N PHE A 435 -4.22 43.31 -32.24
CA PHE A 435 -4.25 44.58 -32.96
C PHE A 435 -5.31 45.49 -32.37
N GLN A 436 -5.02 46.79 -32.36
CA GLN A 436 -5.96 47.80 -31.89
C GLN A 436 -6.54 48.50 -33.12
N LEU A 437 -7.85 48.42 -33.26
CA LEU A 437 -8.56 48.99 -34.39
C LEU A 437 -9.00 50.40 -34.02
N VAL A 438 -8.43 51.40 -34.69
CA VAL A 438 -8.71 52.80 -34.42
C VAL A 438 -9.32 53.41 -35.66
N PHE A 439 -10.48 54.05 -35.49
CA PHE A 439 -11.21 54.61 -36.61
C PHE A 439 -10.58 55.92 -37.07
N LEU A 440 -10.59 56.14 -38.38
CA LEU A 440 -9.97 57.30 -38.99
C LEU A 440 -11.04 58.23 -39.54
N PRO A 441 -11.10 59.49 -39.10
CA PRO A 441 -12.18 60.36 -39.56
C PRO A 441 -12.10 60.65 -41.04
N PHE A 442 -13.28 60.85 -41.64
CA PHE A 442 -13.39 61.26 -43.03
C PHE A 442 -13.22 62.77 -43.13
N ALA A 443 -13.31 63.29 -44.34
CA ALA A 443 -13.15 64.72 -44.55
C ALA A 443 -14.27 65.51 -43.90
N ASP A 444 -15.50 64.99 -43.94
CA ASP A 444 -16.64 65.74 -43.44
C ASP A 444 -16.85 65.59 -41.95
N ASP A 445 -16.10 64.72 -41.27
CA ASP A 445 -16.23 64.56 -39.84
C ASP A 445 -15.46 65.61 -39.05
N LYS A 446 -14.72 66.48 -39.70
CA LYS A 446 -14.04 67.59 -39.06
C LYS A 446 -14.88 68.85 -39.15
N ARG A 447 -14.53 69.84 -38.33
CA ARG A 447 -15.22 71.12 -38.31
C ARG A 447 -14.19 72.24 -38.27
N LYS A 448 -14.57 73.38 -38.83
CA LYS A 448 -13.69 74.53 -38.88
C LYS A 448 -13.83 75.36 -37.62
N MET A 449 -12.72 75.94 -37.17
CA MET A 449 -12.66 76.69 -35.93
C MET A 449 -12.51 78.19 -36.22
N PRO A 450 -12.98 79.05 -35.31
CA PRO A 450 -12.74 80.49 -35.48
C PRO A 450 -11.27 80.82 -35.34
N PHE A 451 -10.87 81.92 -35.96
CA PHE A 451 -9.50 82.38 -35.89
C PHE A 451 -9.30 83.18 -34.60
N THR A 452 -8.29 82.80 -33.82
CA THR A 452 -7.95 83.49 -32.58
C THR A 452 -6.49 83.88 -32.63
N GLU A 453 -6.20 85.14 -32.31
CA GLU A 453 -4.83 85.62 -32.30
C GLU A 453 -4.04 84.90 -31.21
N LYS A 454 -2.81 84.54 -31.52
CA LYS A 454 -1.96 83.85 -30.57
C LYS A 454 -1.25 84.85 -29.68
N ILE A 455 -1.42 84.70 -28.36
CA ILE A 455 -0.78 85.54 -27.37
C ILE A 455 0.20 84.67 -26.59
N MET A 456 1.47 85.06 -26.59
CA MET A 456 2.48 84.31 -25.89
C MET A 456 2.50 84.67 -24.41
N ALA A 457 3.13 83.81 -23.62
CA ALA A 457 3.28 84.02 -22.19
C ALA A 457 4.76 84.15 -21.86
N THR A 458 5.07 85.10 -20.98
CA THR A 458 6.45 85.30 -20.58
C THR A 458 6.97 84.06 -19.85
N PRO A 459 8.28 83.79 -19.94
CA PRO A 459 8.80 82.61 -19.23
C PRO A 459 8.50 82.58 -17.75
N GLU A 460 8.42 83.73 -17.09
CA GLU A 460 8.10 83.75 -15.66
C GLU A 460 6.72 83.18 -15.40
N GLN A 461 5.74 83.53 -16.25
CA GLN A 461 4.40 82.99 -16.10
C GLN A 461 4.39 81.49 -16.29
N VAL A 462 5.13 81.00 -17.29
CA VAL A 462 5.26 79.57 -17.51
C VAL A 462 5.85 78.90 -16.28
N GLY A 463 6.86 79.52 -15.67
CA GLY A 463 7.47 78.93 -14.49
C GLY A 463 6.52 78.84 -13.31
N LYS A 464 5.74 79.90 -13.09
CA LYS A 464 4.76 79.85 -11.99
C LYS A 464 3.71 78.78 -12.25
N MET A 465 3.24 78.67 -13.49
CA MET A 465 2.30 77.59 -13.80
C MET A 465 2.94 76.23 -13.62
N LYS A 466 4.24 76.11 -13.91
CA LYS A 466 4.95 74.86 -13.67
C LYS A 466 4.94 74.51 -12.19
N ALA A 467 5.17 75.51 -11.34
CA ALA A 467 5.11 75.28 -9.91
C ALA A 467 3.76 74.75 -9.50
N ILE A 468 2.69 75.36 -10.00
CA ILE A 468 1.34 74.91 -9.66
C ILE A 468 1.14 73.46 -10.14
N VAL A 469 1.56 73.17 -11.37
CA VAL A 469 1.36 71.84 -11.92
C VAL A 469 2.08 70.79 -11.08
N GLU A 470 3.33 71.06 -10.72
CA GLU A 470 4.06 70.13 -9.85
C GLU A 470 3.35 69.97 -8.51
N LYS A 471 2.80 71.05 -7.96
CA LYS A 471 2.11 70.94 -6.68
C LYS A 471 0.91 70.01 -6.79
N LEU A 472 0.19 70.05 -7.91
CA LEU A 472 -1.03 69.25 -8.07
C LEU A 472 -0.78 67.97 -8.86
N ARG A 473 0.38 67.34 -8.67
CA ARG A 473 0.68 66.10 -9.37
C ARG A 473 -0.05 64.93 -8.73
N PHE A 474 -0.40 63.94 -9.55
CA PHE A 474 -0.95 62.69 -9.05
C PHE A 474 -0.82 61.62 -10.14
N THR A 475 -0.92 60.36 -9.73
CA THR A 475 -0.77 59.23 -10.62
C THR A 475 -2.14 58.71 -11.04
N TYR A 476 -2.31 58.49 -12.35
CA TYR A 476 -3.59 58.14 -12.92
C TYR A 476 -3.64 56.67 -13.29
N ARG A 477 -4.72 55.99 -12.89
CA ARG A 477 -4.99 54.62 -13.28
C ARG A 477 -6.33 54.57 -14.00
N SER A 478 -6.47 53.60 -14.90
CA SER A 478 -7.68 53.49 -15.69
C SER A 478 -8.92 53.26 -14.83
N ASP A 479 -8.75 52.70 -13.64
CA ASP A 479 -9.86 52.33 -12.77
C ASP A 479 -9.87 53.14 -11.48
N SER A 480 -9.63 54.44 -11.60
CA SER A 480 -9.54 55.32 -10.44
C SER A 480 -10.81 56.11 -10.18
N PHE A 481 -11.85 55.91 -10.99
CA PHE A 481 -13.08 56.69 -10.85
C PHE A 481 -14.29 55.77 -11.04
N GLU A 482 -15.42 56.21 -10.48
CA GLU A 482 -16.67 55.48 -10.57
C GLU A 482 -17.77 56.41 -11.04
N ASN A 483 -18.68 55.88 -11.82
CA ASN A 483 -19.79 56.66 -12.36
C ASN A 483 -20.74 57.05 -11.25
N PRO A 484 -20.82 58.32 -10.84
CA PRO A 484 -21.75 58.65 -9.75
C PRO A 484 -23.19 58.29 -10.05
N VAL A 485 -23.62 58.48 -11.30
CA VAL A 485 -25.03 58.24 -11.64
C VAL A 485 -25.38 56.77 -11.46
N LEU A 486 -24.55 55.88 -12.02
CA LEU A 486 -24.84 54.45 -11.93
C LEU A 486 -24.79 53.97 -10.49
N GLN A 487 -23.80 54.43 -9.73
CA GLN A 487 -23.69 54.01 -8.34
C GLN A 487 -24.89 54.46 -7.54
N GLN A 488 -25.33 55.69 -7.73
CA GLN A 488 -26.51 56.17 -7.02
C GLN A 488 -27.74 55.38 -7.44
N HIS A 489 -27.85 55.06 -8.72
CA HIS A 489 -28.98 54.25 -9.18
C HIS A 489 -29.00 52.90 -8.49
N PHE A 490 -27.84 52.25 -8.40
CA PHE A 490 -27.77 50.94 -7.76
C PHE A 490 -28.13 51.04 -6.28
N ARG A 491 -27.61 52.05 -5.58
CA ARG A 491 -27.92 52.19 -4.17
C ARG A 491 -29.41 52.44 -3.96
N ASN A 492 -30.01 53.30 -4.78
CA ASN A 492 -31.44 53.55 -4.66
C ASN A 492 -32.25 52.30 -4.93
N LEU A 493 -31.87 51.53 -5.97
CA LEU A 493 -32.59 50.31 -6.28
C LEU A 493 -32.51 49.31 -5.15
N GLU A 494 -31.32 49.15 -4.56
CA GLU A 494 -31.19 48.23 -3.44
C GLU A 494 -32.02 48.70 -2.25
N ALA A 495 -32.02 50.00 -1.98
CA ALA A 495 -32.81 50.51 -0.88
C ALA A 495 -34.29 50.22 -1.10
N LEU A 496 -34.79 50.42 -2.32
CA LEU A 496 -36.19 50.15 -2.59
C LEU A 496 -36.48 48.65 -2.52
N ALA A 497 -35.54 47.82 -2.93
CA ALA A 497 -35.77 46.37 -2.95
C ALA A 497 -35.81 45.81 -1.54
N LEU A 498 -34.85 46.18 -0.70
CA LEU A 498 -34.72 45.61 0.63
C LEU A 498 -35.45 46.42 1.70
N ASP A 499 -36.18 47.46 1.32
CA ASP A 499 -36.96 48.27 2.25
C ASP A 499 -36.06 48.79 3.38
N LEU A 500 -35.07 49.58 2.98
CA LEU A 500 -34.19 50.23 3.92
C LEU A 500 -34.78 51.56 4.39
N MET A 501 -34.23 52.08 5.49
CA MET A 501 -34.73 53.33 6.04
C MET A 501 -34.28 54.54 5.21
N GLU A 502 -33.12 54.43 4.55
CA GLU A 502 -32.59 55.54 3.77
C GLU A 502 -31.61 55.00 2.76
N PRO A 503 -31.50 55.62 1.58
CA PRO A 503 -30.57 55.12 0.56
C PRO A 503 -29.16 55.63 0.81
N GLU A 504 -28.22 54.70 0.91
CA GLU A 504 -26.83 55.06 1.13
C GLU A 504 -26.36 55.98 0.01
N GLN A 505 -25.63 57.04 0.39
CA GLN A 505 -25.16 58.05 -0.55
C GLN A 505 -23.71 57.76 -0.91
N ALA A 506 -23.45 57.60 -2.20
CA ALA A 506 -22.11 57.33 -2.67
C ALA A 506 -21.25 58.59 -2.57
N VAL A 507 -19.97 58.40 -2.26
CA VAL A 507 -19.02 59.51 -2.25
C VAL A 507 -18.53 59.74 -3.68
N ASP A 508 -18.66 60.97 -4.14
CA ASP A 508 -18.30 61.31 -5.52
C ASP A 508 -16.80 61.55 -5.60
N LEU A 509 -16.09 60.64 -6.27
CA LEU A 509 -14.65 60.79 -6.45
C LEU A 509 -14.29 61.72 -7.60
N THR A 510 -15.24 62.07 -8.45
CA THR A 510 -14.96 62.94 -9.59
C THR A 510 -14.98 64.41 -9.21
N LEU A 511 -15.53 64.77 -8.05
CA LEU A 511 -15.53 66.15 -7.62
C LEU A 511 -14.14 66.55 -7.13
N PRO A 512 -13.69 67.76 -7.43
CA PRO A 512 -12.35 68.18 -7.00
C PRO A 512 -12.28 68.39 -5.49
N LYS A 513 -11.08 68.21 -4.95
CA LYS A 513 -10.81 68.43 -3.53
C LYS A 513 -10.39 69.88 -3.35
N VAL A 514 -11.37 70.77 -3.23
CA VAL A 514 -11.07 72.20 -3.18
C VAL A 514 -10.14 72.50 -2.00
N GLU A 515 -10.45 71.94 -0.83
CA GLU A 515 -9.69 72.27 0.37
C GLU A 515 -8.23 71.82 0.25
N ALA A 516 -8.02 70.59 -0.23
CA ALA A 516 -6.66 70.08 -0.34
C ALA A 516 -5.83 70.91 -1.31
N MET A 517 -6.40 71.24 -2.48
CA MET A 517 -5.66 72.04 -3.45
C MET A 517 -5.39 73.44 -2.90
N ASN A 518 -6.36 74.04 -2.21
CA ASN A 518 -6.13 75.36 -1.64
C ASN A 518 -4.99 75.30 -0.62
N LYS A 519 -4.97 74.27 0.22
CA LYS A 519 -3.88 74.13 1.18
C LYS A 519 -2.54 73.96 0.48
N ARG A 520 -2.50 73.12 -0.56
CA ARG A 520 -1.22 72.84 -1.22
C ARG A 520 -0.68 74.07 -1.93
N LEU A 521 -1.55 74.94 -2.44
CA LEU A 521 -1.14 76.15 -3.15
C LEU A 521 -1.18 77.32 -2.19
N GLY A 522 -0.15 77.41 -1.35
CA GLY A 522 -0.08 78.44 -0.33
C GLY A 522 -0.36 79.83 -0.88
N SER A 523 0.54 80.32 -1.73
CA SER A 523 0.37 81.64 -2.33
C SER A 523 0.68 81.65 -3.82
N LEU A 524 0.85 80.48 -4.45
CA LEU A 524 1.19 80.45 -5.87
C LEU A 524 0.10 81.10 -6.71
N VAL A 525 -1.16 80.83 -6.39
CA VAL A 525 -2.26 81.36 -7.19
C VAL A 525 -2.27 82.88 -7.14
N ASP A 526 -2.04 83.46 -5.97
CA ASP A 526 -2.06 84.92 -5.85
C ASP A 526 -0.96 85.56 -6.71
N GLU A 527 0.26 85.01 -6.65
CA GLU A 527 1.33 85.56 -7.48
C GLU A 527 1.05 85.38 -8.96
N PHE A 528 0.48 84.23 -9.35
CA PHE A 528 0.16 84.02 -10.75
C PHE A 528 -0.86 85.04 -11.23
N LYS A 529 -1.90 85.28 -10.43
CA LYS A 529 -2.88 86.30 -10.77
C LYS A 529 -2.23 87.67 -10.86
N GLU A 530 -1.36 87.99 -9.92
CA GLU A 530 -0.65 89.28 -9.98
C GLU A 530 0.11 89.40 -11.29
N LEU A 531 0.74 88.32 -11.73
CA LEU A 531 1.51 88.36 -12.97
C LEU A 531 0.61 88.55 -14.18
N VAL A 532 -0.52 87.86 -14.23
CA VAL A 532 -1.32 87.80 -15.45
C VAL A 532 -2.48 88.80 -15.41
N TYR A 533 -3.39 88.62 -14.46
CA TYR A 533 -4.60 89.44 -14.42
C TYR A 533 -4.31 90.82 -13.86
N PRO A 534 -4.63 91.90 -14.58
CA PRO A 534 -4.50 93.24 -14.01
C PRO A 534 -5.52 93.46 -12.91
N PRO A 535 -5.31 94.45 -12.03
CA PRO A 535 -6.23 94.61 -10.90
C PRO A 535 -7.68 94.84 -11.30
N ASP A 536 -7.91 95.57 -12.40
CA ASP A 536 -9.29 95.88 -12.78
C ASP A 536 -10.01 94.67 -13.36
N TYR A 537 -9.27 93.75 -13.99
CA TYR A 537 -9.90 92.60 -14.61
C TYR A 537 -10.69 91.81 -13.58
N ASN A 538 -11.93 91.47 -13.92
CA ASN A 538 -12.82 90.73 -13.03
C ASN A 538 -13.22 89.40 -13.65
N PRO A 539 -12.65 88.29 -13.20
CA PRO A 539 -13.10 86.98 -13.70
C PRO A 539 -14.47 86.63 -13.14
N GLU A 540 -15.11 85.67 -13.80
CA GLU A 540 -16.43 85.18 -13.40
C GLU A 540 -17.39 86.33 -13.15
N GLY A 541 -17.38 87.30 -14.05
CA GLY A 541 -18.26 88.46 -13.95
C GLY A 541 -18.55 89.09 -15.30
N ASN B 6 -22.94 85.36 -45.63
CA ASN B 6 -23.96 84.35 -45.43
C ASN B 6 -24.48 83.82 -46.75
N LYS B 7 -24.55 84.68 -47.75
CA LYS B 7 -25.05 84.31 -49.07
C LYS B 7 -24.17 84.95 -50.14
N ALA B 8 -24.15 84.33 -51.31
CA ALA B 8 -23.35 84.79 -52.44
C ALA B 8 -24.21 84.81 -53.69
N ALA B 9 -24.05 85.87 -54.48
CA ALA B 9 -24.71 86.00 -55.77
C ALA B 9 -23.69 85.70 -56.86
N VAL B 10 -23.95 84.66 -57.66
CA VAL B 10 -23.04 84.23 -58.71
C VAL B 10 -23.75 84.36 -60.04
N VAL B 11 -23.12 85.06 -60.98
CA VAL B 11 -23.68 85.30 -62.30
C VAL B 11 -22.86 84.47 -63.29
N LEU B 12 -23.48 83.45 -63.86
CA LEU B 12 -22.82 82.55 -64.80
C LEU B 12 -22.98 83.13 -66.19
N CYS B 13 -21.94 83.77 -66.69
CA CYS B 13 -21.91 84.26 -68.07
C CYS B 13 -21.36 83.16 -68.96
N MET B 14 -22.11 82.81 -69.98
CA MET B 14 -21.78 81.69 -70.86
C MET B 14 -21.77 82.15 -72.31
N ASP B 15 -20.77 81.71 -73.06
CA ASP B 15 -20.70 82.00 -74.49
C ASP B 15 -21.39 80.89 -75.26
N VAL B 16 -22.21 81.27 -76.23
CA VAL B 16 -22.92 80.31 -77.07
C VAL B 16 -22.61 80.64 -78.53
N GLY B 17 -21.43 81.21 -78.77
CA GLY B 17 -21.06 81.59 -80.11
C GLY B 17 -20.79 80.38 -80.99
N PHE B 18 -20.82 80.63 -82.31
CA PHE B 18 -20.60 79.57 -83.28
C PHE B 18 -19.17 79.04 -83.25
N THR B 19 -18.22 79.81 -82.73
CA THR B 19 -16.83 79.36 -82.70
C THR B 19 -16.68 78.11 -81.83
N MET B 20 -17.40 78.07 -80.71
CA MET B 20 -17.29 76.91 -79.82
C MET B 20 -17.78 75.64 -80.51
N SER B 21 -18.85 75.74 -81.30
CA SER B 21 -19.39 74.55 -81.96
C SER B 21 -18.36 73.94 -82.91
N ASN B 22 -17.65 74.78 -83.65
CA ASN B 22 -16.64 74.31 -84.61
C ASN B 22 -15.37 73.96 -83.85
N SER B 23 -15.19 72.67 -83.55
CA SER B 23 -14.00 72.22 -82.86
C SER B 23 -13.79 70.75 -83.16
N ILE B 24 -12.58 70.27 -82.90
CA ILE B 24 -12.26 68.86 -83.15
C ILE B 24 -13.11 67.99 -82.23
N PRO B 25 -13.75 66.92 -82.72
CA PRO B 25 -14.59 66.11 -81.83
C PRO B 25 -13.82 65.51 -80.66
N GLY B 26 -12.56 65.12 -80.88
CA GLY B 26 -11.77 64.58 -79.79
C GLY B 26 -11.52 65.58 -78.67
N ILE B 27 -11.42 66.86 -79.02
CA ILE B 27 -11.15 67.90 -78.04
C ILE B 27 -12.34 68.15 -77.12
N GLU B 28 -13.49 67.54 -77.39
CA GLU B 28 -14.69 67.76 -76.58
C GLU B 28 -15.08 69.24 -76.60
N SER B 29 -15.52 69.67 -77.79
CA SER B 29 -15.78 71.07 -78.11
C SER B 29 -16.37 71.83 -76.93
N PRO B 30 -15.99 73.10 -76.74
CA PRO B 30 -16.30 73.79 -75.47
C PRO B 30 -17.75 73.74 -75.04
N PHE B 31 -18.69 73.53 -75.95
CA PHE B 31 -20.09 73.57 -75.58
C PHE B 31 -20.43 72.51 -74.55
N GLU B 32 -20.09 71.25 -74.84
CA GLU B 32 -20.40 70.17 -73.92
C GLU B 32 -19.68 70.33 -72.60
N GLN B 33 -18.40 70.72 -72.63
CA GLN B 33 -17.65 70.90 -71.41
C GLN B 33 -18.27 71.98 -70.53
N ALA B 34 -18.63 73.11 -71.15
CA ALA B 34 -19.21 74.22 -70.38
C ALA B 34 -20.56 73.82 -69.81
N LYS B 35 -21.39 73.13 -70.60
CA LYS B 35 -22.67 72.67 -70.10
C LYS B 35 -22.49 71.74 -68.91
N LYS B 36 -21.56 70.79 -69.02
CA LYS B 36 -21.32 69.87 -67.92
C LYS B 36 -20.85 70.62 -66.68
N VAL B 37 -19.95 71.59 -66.86
CA VAL B 37 -19.42 72.33 -65.72
C VAL B 37 -20.53 73.08 -65.00
N ILE B 38 -21.37 73.78 -65.76
CA ILE B 38 -22.44 74.55 -65.14
C ILE B 38 -23.45 73.62 -64.48
N THR B 39 -23.74 72.48 -65.12
CA THR B 39 -24.65 71.51 -64.52
C THR B 39 -24.12 71.01 -63.19
N MET B 40 -22.83 70.65 -63.14
CA MET B 40 -22.25 70.13 -61.92
C MET B 40 -22.25 71.18 -60.82
N PHE B 41 -21.94 72.43 -61.19
CA PHE B 41 -22.02 73.51 -60.21
C PHE B 41 -23.44 73.62 -59.64
N VAL B 42 -24.45 73.55 -60.50
CA VAL B 42 -25.83 73.68 -60.05
C VAL B 42 -26.21 72.53 -59.13
N GLN B 43 -25.79 71.31 -59.46
CA GLN B 43 -26.05 70.18 -58.57
C GLN B 43 -25.41 70.43 -57.21
N ARG B 44 -24.14 70.80 -57.18
CA ARG B 44 -23.47 71.01 -55.91
C ARG B 44 -24.21 72.05 -55.07
N GLN B 45 -24.68 73.12 -55.70
CA GLN B 45 -25.36 74.15 -54.94
C GLN B 45 -26.76 73.71 -54.51
N VAL B 46 -27.43 72.90 -55.33
CA VAL B 46 -28.78 72.47 -55.01
C VAL B 46 -28.77 71.51 -53.83
N PHE B 47 -27.83 70.56 -53.82
CA PHE B 47 -27.76 69.57 -52.76
C PHE B 47 -26.93 70.04 -51.57
N ALA B 48 -26.35 71.23 -51.64
CA ALA B 48 -25.73 71.88 -50.49
C ALA B 48 -26.47 73.19 -50.29
N GLU B 49 -27.47 73.18 -49.41
CA GLU B 49 -28.38 74.31 -49.24
C GLU B 49 -27.69 75.38 -48.41
N ASN B 50 -26.89 76.19 -49.10
CA ASN B 50 -26.21 77.33 -48.48
C ASN B 50 -26.92 78.65 -48.77
N LYS B 51 -28.12 78.59 -49.35
CA LYS B 51 -28.89 79.80 -49.64
C LYS B 51 -28.11 80.77 -50.53
N ASP B 52 -27.41 80.21 -51.52
CA ASP B 52 -26.66 81.01 -52.48
C ASP B 52 -27.50 81.23 -53.73
N GLU B 53 -27.50 82.46 -54.22
CA GLU B 53 -28.31 82.83 -55.38
C GLU B 53 -27.44 82.80 -56.64
N ILE B 54 -28.01 82.26 -57.72
CA ILE B 54 -27.31 82.06 -58.97
C ILE B 54 -28.19 82.53 -60.12
N ALA B 55 -27.59 83.26 -61.05
CA ALA B 55 -28.28 83.73 -62.25
C ALA B 55 -27.48 83.30 -63.48
N LEU B 56 -28.15 83.24 -64.62
CA LEU B 56 -27.56 82.74 -65.85
C LEU B 56 -27.74 83.78 -66.97
N VAL B 57 -26.62 84.15 -67.59
CA VAL B 57 -26.63 85.08 -68.72
C VAL B 57 -25.83 84.45 -69.85
N LEU B 58 -26.30 84.61 -71.08
CA LEU B 58 -25.65 84.03 -72.24
C LEU B 58 -25.40 85.11 -73.26
N PHE B 59 -24.21 85.08 -73.87
CA PHE B 59 -23.85 85.99 -74.94
C PHE B 59 -23.40 85.17 -76.14
N GLY B 60 -23.84 85.59 -77.33
CA GLY B 60 -23.63 84.83 -78.55
C GLY B 60 -24.87 84.18 -79.11
N THR B 61 -26.04 84.45 -78.54
CA THR B 61 -27.29 83.86 -79.00
C THR B 61 -27.97 84.78 -80.01
N ASP B 62 -28.90 84.19 -80.78
CA ASP B 62 -29.60 84.96 -81.80
C ASP B 62 -30.47 86.04 -81.18
N GLY B 63 -31.18 85.73 -80.10
CA GLY B 63 -32.09 86.69 -79.49
C GLY B 63 -31.37 87.73 -78.65
N THR B 64 -32.13 88.75 -78.28
CA THR B 64 -31.62 89.85 -77.46
C THR B 64 -32.66 90.21 -76.42
N ASP B 65 -32.27 90.14 -75.14
CA ASP B 65 -33.16 90.53 -74.05
C ASP B 65 -32.28 90.96 -72.88
N ASN B 66 -32.09 92.27 -72.73
CA ASN B 66 -31.28 92.84 -71.67
C ASN B 66 -31.95 94.10 -71.17
N PRO B 67 -31.67 94.51 -69.93
CA PRO B 67 -32.24 95.77 -69.44
C PRO B 67 -31.85 96.97 -70.30
N LEU B 68 -30.64 96.97 -70.84
CA LEU B 68 -30.15 98.06 -71.67
C LEU B 68 -30.10 97.62 -73.12
N SER B 69 -30.66 98.44 -74.01
CA SER B 69 -30.65 98.18 -75.45
C SER B 69 -29.76 99.14 -76.19
N GLY B 70 -29.98 100.44 -76.04
CA GLY B 70 -29.12 101.42 -76.70
C GLY B 70 -29.09 101.21 -78.20
N GLY B 71 -27.89 101.23 -78.76
CA GLY B 71 -27.67 101.05 -80.18
C GLY B 71 -27.30 99.62 -80.52
N ASP B 72 -26.42 99.47 -81.51
CA ASP B 72 -25.98 98.14 -81.93
C ASP B 72 -25.29 97.38 -80.80
N GLN B 73 -24.78 98.09 -79.80
CA GLN B 73 -24.13 97.44 -78.67
C GLN B 73 -25.18 96.77 -77.78
N TYR B 74 -24.71 95.93 -76.86
CA TYR B 74 -25.58 95.21 -75.94
C TYR B 74 -26.61 94.37 -76.70
N GLN B 75 -26.14 93.69 -77.75
CA GLN B 75 -26.99 92.87 -78.59
C GLN B 75 -26.48 91.43 -78.61
N ASN B 76 -27.38 90.52 -78.96
CA ASN B 76 -27.12 89.08 -78.99
C ASN B 76 -26.83 88.52 -77.60
N ILE B 77 -27.36 89.15 -76.55
CA ILE B 77 -27.16 88.71 -75.17
C ILE B 77 -28.52 88.56 -74.51
N THR B 78 -28.72 87.45 -73.80
CA THR B 78 -29.99 87.15 -73.16
C THR B 78 -29.77 86.71 -71.73
N VAL B 79 -30.57 87.25 -70.81
CA VAL B 79 -30.53 86.87 -69.41
C VAL B 79 -31.53 85.73 -69.22
N HIS B 80 -31.03 84.50 -69.18
CA HIS B 80 -31.93 83.35 -69.13
C HIS B 80 -32.52 83.20 -67.73
N ARG B 81 -31.72 83.43 -66.70
CA ARG B 81 -32.14 83.27 -65.32
C ARG B 81 -31.71 84.48 -64.51
N HIS B 82 -32.53 84.83 -63.52
CA HIS B 82 -32.24 85.91 -62.61
C HIS B 82 -31.79 85.36 -61.26
N LEU B 83 -31.34 86.26 -60.38
CA LEU B 83 -30.90 85.86 -59.06
C LEU B 83 -32.03 85.17 -58.32
N MET B 84 -31.76 83.99 -57.77
CA MET B 84 -32.72 83.24 -56.98
C MET B 84 -32.05 81.97 -56.49
N LEU B 85 -32.76 81.25 -55.64
CA LEU B 85 -32.24 79.99 -55.10
C LEU B 85 -32.23 78.93 -56.21
N PRO B 86 -31.13 78.22 -56.42
CA PRO B 86 -31.11 77.21 -57.49
C PRO B 86 -32.09 76.08 -57.22
N ASP B 87 -32.58 75.48 -58.31
CA ASP B 87 -33.57 74.41 -58.20
C ASP B 87 -33.44 73.49 -59.39
N PHE B 88 -34.25 72.43 -59.40
CA PHE B 88 -34.14 71.40 -60.43
C PHE B 88 -34.46 71.97 -61.81
N ASP B 89 -35.33 72.98 -61.88
CA ASP B 89 -35.67 73.58 -63.16
C ASP B 89 -34.42 74.07 -63.87
N LEU B 90 -33.47 74.60 -63.12
CA LEU B 90 -32.22 75.05 -63.73
C LEU B 90 -31.46 73.89 -64.35
N LEU B 91 -31.42 72.75 -63.66
CA LEU B 91 -30.75 71.57 -64.22
C LEU B 91 -31.42 71.15 -65.52
N GLU B 92 -32.75 71.07 -65.51
CA GLU B 92 -33.46 70.67 -66.72
C GLU B 92 -33.19 71.64 -67.86
N ASP B 93 -33.23 72.95 -67.59
CA ASP B 93 -32.99 73.93 -68.63
C ASP B 93 -31.57 73.83 -69.17
N ILE B 94 -30.60 73.63 -68.29
CA ILE B 94 -29.21 73.50 -68.72
C ILE B 94 -29.06 72.29 -69.63
N GLU B 95 -29.68 71.18 -69.28
CA GLU B 95 -29.49 69.95 -70.05
C GLU B 95 -29.93 70.12 -71.50
N SER B 96 -31.13 70.67 -71.71
CA SER B 96 -31.74 70.70 -73.04
C SER B 96 -32.11 72.09 -73.52
N LYS B 97 -32.64 72.95 -72.63
CA LYS B 97 -33.13 74.26 -73.08
C LYS B 97 -32.02 75.08 -73.72
N ILE B 98 -30.81 75.02 -73.19
CA ILE B 98 -29.69 75.80 -73.72
C ILE B 98 -29.13 75.10 -74.95
N GLN B 99 -29.09 75.83 -76.07
CA GLN B 99 -28.58 75.32 -77.32
C GLN B 99 -27.67 76.37 -77.95
N PRO B 100 -26.71 75.95 -78.78
CA PRO B 100 -25.79 76.92 -79.37
C PRO B 100 -26.48 77.83 -80.38
N GLY B 101 -25.94 79.03 -80.54
CA GLY B 101 -26.41 79.99 -81.49
C GLY B 101 -25.60 80.00 -82.77
N SER B 102 -25.74 81.08 -83.54
CA SER B 102 -25.02 81.22 -84.80
C SER B 102 -24.52 82.66 -84.99
N GLN B 103 -24.33 83.39 -83.89
CA GLN B 103 -23.88 84.77 -83.94
C GLN B 103 -22.60 84.91 -83.11
N GLN B 104 -22.15 86.16 -82.98
CA GLN B 104 -20.97 86.48 -82.19
C GLN B 104 -21.27 87.70 -81.32
N ALA B 105 -20.66 87.73 -80.14
CA ALA B 105 -20.90 88.79 -79.18
C ALA B 105 -19.59 89.15 -78.50
N ASP B 106 -19.56 90.34 -77.90
CA ASP B 106 -18.38 90.86 -77.22
C ASP B 106 -18.47 90.48 -75.74
N PHE B 107 -17.51 89.67 -75.29
CA PHE B 107 -17.50 89.27 -73.88
C PHE B 107 -17.35 90.47 -72.95
N LEU B 108 -16.78 91.57 -73.42
CA LEU B 108 -16.79 92.80 -72.63
C LEU B 108 -18.21 93.25 -72.37
N ASP B 109 -19.06 93.22 -73.40
CA ASP B 109 -20.46 93.57 -73.21
C ASP B 109 -21.15 92.57 -72.28
N ALA B 110 -20.72 91.30 -72.33
CA ALA B 110 -21.24 90.32 -71.38
C ALA B 110 -20.89 90.72 -69.96
N LEU B 111 -19.67 91.18 -69.74
CA LEU B 111 -19.28 91.65 -68.41
C LEU B 111 -20.11 92.86 -68.01
N ILE B 112 -20.35 93.78 -68.94
CA ILE B 112 -21.13 94.97 -68.61
C ILE B 112 -22.53 94.57 -68.17
N VAL B 113 -23.17 93.67 -68.93
CA VAL B 113 -24.53 93.27 -68.59
C VAL B 113 -24.54 92.51 -67.28
N SER B 114 -23.52 91.69 -67.02
CA SER B 114 -23.45 90.98 -65.75
C SER B 114 -23.33 91.96 -64.59
N MET B 115 -22.48 92.98 -64.73
CA MET B 115 -22.37 94.01 -63.70
C MET B 115 -23.71 94.68 -63.46
N ASP B 116 -24.39 95.07 -64.55
CA ASP B 116 -25.68 95.74 -64.42
C ASP B 116 -26.68 94.84 -63.68
N VAL B 117 -26.73 93.57 -64.06
CA VAL B 117 -27.72 92.66 -63.48
C VAL B 117 -27.43 92.46 -61.99
N ILE B 118 -26.17 92.20 -61.65
CA ILE B 118 -25.85 91.96 -60.25
C ILE B 118 -26.14 93.19 -59.41
N GLN B 119 -25.74 94.37 -59.91
CA GLN B 119 -25.97 95.60 -59.16
C GLN B 119 -27.47 95.86 -58.99
N HIS B 120 -28.26 95.58 -60.03
CA HIS B 120 -29.69 95.90 -59.97
C HIS B 120 -30.44 94.92 -59.07
N GLU B 121 -30.04 93.64 -59.09
CA GLU B 121 -30.80 92.63 -58.36
C GLU B 121 -30.29 92.40 -56.94
N THR B 122 -29.08 92.83 -56.61
CA THR B 122 -28.55 92.64 -55.26
C THR B 122 -29.17 93.58 -54.24
N ILE B 123 -29.93 94.60 -54.68
CA ILE B 123 -30.49 95.56 -53.75
C ILE B 123 -31.46 94.86 -52.81
N GLY B 124 -31.42 95.25 -51.54
CA GLY B 124 -32.33 94.72 -50.55
C GLY B 124 -31.92 93.41 -49.92
N LYS B 125 -30.83 92.80 -50.39
CA LYS B 125 -30.34 91.53 -49.85
C LYS B 125 -28.89 91.71 -49.45
N LYS B 126 -28.51 91.05 -48.34
CA LYS B 126 -27.16 91.17 -47.80
C LYS B 126 -26.30 90.05 -48.38
N PHE B 127 -25.95 90.20 -49.65
CA PHE B 127 -25.00 89.32 -50.32
C PHE B 127 -23.61 89.84 -50.01
N GLU B 128 -22.85 89.11 -49.19
CA GLU B 128 -21.52 89.57 -48.82
C GLU B 128 -20.57 89.41 -49.99
N LYS B 129 -20.67 88.30 -50.72
CA LYS B 129 -19.82 88.04 -51.86
C LYS B 129 -20.57 88.37 -53.15
N ARG B 130 -19.81 88.61 -54.21
CA ARG B 130 -20.38 88.89 -55.53
C ARG B 130 -19.38 88.40 -56.58
N HIS B 131 -19.61 87.21 -57.11
CA HIS B 131 -18.73 86.58 -58.07
C HIS B 131 -19.35 86.60 -59.46
N ILE B 132 -18.53 86.85 -60.47
CA ILE B 132 -18.94 86.80 -61.88
C ILE B 132 -18.00 85.87 -62.61
N GLU B 133 -18.55 84.88 -63.30
CA GLU B 133 -17.78 83.87 -64.00
C GLU B 133 -17.97 84.03 -65.50
N ILE B 134 -16.90 83.81 -66.26
CA ILE B 134 -16.89 84.00 -67.70
C ILE B 134 -16.51 82.68 -68.36
N PHE B 135 -17.26 82.29 -69.38
CA PHE B 135 -17.00 81.07 -70.15
C PHE B 135 -16.97 81.46 -71.62
N THR B 136 -15.77 81.73 -72.14
CA THR B 136 -15.62 82.18 -73.52
C THR B 136 -14.39 81.52 -74.13
N ASP B 137 -14.39 81.45 -75.47
CA ASP B 137 -13.24 80.92 -76.19
C ASP B 137 -12.21 81.98 -76.53
N LEU B 138 -12.51 83.25 -76.30
CA LEU B 138 -11.60 84.34 -76.63
C LEU B 138 -11.18 84.29 -78.11
N SER B 139 -12.12 83.90 -78.96
CA SER B 139 -11.87 83.77 -80.39
C SER B 139 -12.81 84.64 -81.22
N SER B 140 -13.42 85.65 -80.61
CA SER B 140 -14.35 86.54 -81.28
C SER B 140 -13.73 87.93 -81.40
N ARG B 141 -13.78 88.50 -82.61
CA ARG B 141 -13.25 89.84 -82.81
C ARG B 141 -13.97 90.84 -81.93
N PHE B 142 -13.21 91.72 -81.29
CA PHE B 142 -13.78 92.69 -80.38
C PHE B 142 -12.85 93.90 -80.29
N SER B 143 -13.38 94.99 -79.74
CA SER B 143 -12.64 96.23 -79.58
C SER B 143 -12.66 96.65 -78.12
N LYS B 144 -11.49 97.04 -77.61
CA LYS B 144 -11.34 97.47 -76.23
C LYS B 144 -11.35 99.00 -76.19
N SER B 145 -12.41 99.57 -75.62
CA SER B 145 -12.53 101.02 -75.54
C SER B 145 -13.09 101.51 -74.20
N GLN B 146 -13.32 100.62 -73.23
CA GLN B 146 -13.89 101.04 -71.97
C GLN B 146 -13.25 100.34 -70.76
N LEU B 147 -12.15 99.62 -70.95
CA LEU B 147 -11.60 98.81 -69.87
C LEU B 147 -11.35 99.63 -68.61
N ASP B 148 -11.00 100.90 -68.76
CA ASP B 148 -10.73 101.74 -67.59
C ASP B 148 -11.95 101.83 -66.68
N ILE B 149 -13.11 102.17 -67.26
CA ILE B 149 -14.31 102.30 -66.44
C ILE B 149 -14.75 100.94 -65.92
N ILE B 150 -14.55 99.88 -66.70
CA ILE B 150 -14.87 98.53 -66.22
C ILE B 150 -14.09 98.23 -64.95
N ILE B 151 -12.78 98.45 -64.99
CA ILE B 151 -11.95 98.16 -63.82
C ILE B 151 -12.32 99.07 -62.67
N HIS B 152 -12.63 100.33 -62.95
CA HIS B 152 -13.02 101.26 -61.88
C HIS B 152 -14.29 100.77 -61.19
N SER B 153 -15.28 100.34 -61.97
CA SER B 153 -16.51 99.83 -61.38
C SER B 153 -16.25 98.56 -60.60
N LEU B 154 -15.42 97.65 -61.13
CA LEU B 154 -15.11 96.43 -60.40
C LEU B 154 -14.47 96.73 -59.06
N LYS B 155 -13.51 97.66 -59.04
CA LYS B 155 -12.85 98.01 -57.79
C LYS B 155 -13.83 98.68 -56.82
N LYS B 156 -14.67 99.59 -57.31
CA LYS B 156 -15.59 100.29 -56.43
C LYS B 156 -16.61 99.33 -55.81
N CYS B 157 -17.15 98.41 -56.62
CA CYS B 157 -18.17 97.48 -56.15
C CYS B 157 -17.59 96.24 -55.49
N ASP B 158 -16.28 96.03 -55.58
CA ASP B 158 -15.63 94.87 -54.99
C ASP B 158 -16.29 93.58 -55.47
N ILE B 159 -16.23 93.36 -56.78
CA ILE B 159 -16.83 92.20 -57.44
C ILE B 159 -15.70 91.31 -57.91
N SER B 160 -15.72 90.04 -57.49
CA SER B 160 -14.72 89.08 -57.92
C SER B 160 -15.07 88.54 -59.29
N LEU B 161 -14.04 88.21 -60.07
CA LEU B 161 -14.22 87.76 -61.45
C LEU B 161 -13.35 86.55 -61.71
N GLN B 162 -13.91 85.56 -62.40
CA GLN B 162 -13.19 84.34 -62.74
C GLN B 162 -13.41 84.02 -64.22
N PHE B 163 -12.41 83.36 -64.81
CA PHE B 163 -12.43 83.00 -66.23
C PHE B 163 -12.21 81.51 -66.41
N PHE B 164 -12.89 80.95 -67.42
CA PHE B 164 -12.70 79.56 -67.83
C PHE B 164 -12.54 79.50 -69.33
N LEU B 165 -11.47 78.86 -69.79
CA LEU B 165 -11.13 78.72 -71.20
C LEU B 165 -10.89 77.26 -71.51
N PRO B 166 -11.02 76.87 -72.78
CA PRO B 166 -10.74 75.46 -73.14
C PRO B 166 -9.28 75.05 -72.97
N PHE B 167 -8.35 76.00 -72.89
CA PHE B 167 -6.93 75.70 -72.87
C PHE B 167 -6.37 75.85 -71.46
N SER B 168 -5.10 75.45 -71.31
CA SER B 168 -4.44 75.40 -70.01
C SER B 168 -3.52 76.59 -69.74
N LEU B 169 -2.70 76.97 -70.72
CA LEU B 169 -1.73 78.04 -70.50
C LEU B 169 -2.43 79.31 -70.04
N GLY B 170 -1.91 79.92 -68.99
CA GLY B 170 -2.47 81.15 -68.46
C GLY B 170 -2.09 81.38 -67.00
N GLY B 196 -0.35 76.70 -79.42
CA GLY B 196 -1.08 76.43 -80.65
C GLY B 196 -2.43 77.13 -80.69
N ILE B 197 -2.41 78.46 -80.71
CA ILE B 197 -3.61 79.27 -80.73
C ILE B 197 -3.45 80.38 -81.77
N THR B 198 -4.58 80.94 -82.19
CA THR B 198 -4.58 81.97 -83.21
C THR B 198 -4.25 83.33 -82.60
N GLU B 199 -4.08 84.32 -83.48
CA GLU B 199 -3.77 85.67 -83.01
C GLU B 199 -4.91 86.25 -82.18
N GLN B 200 -6.15 86.00 -82.60
CA GLN B 200 -7.29 86.46 -81.82
C GLN B 200 -7.29 85.86 -80.42
N GLN B 201 -6.94 84.57 -80.33
CA GLN B 201 -6.85 83.94 -79.01
C GLN B 201 -5.75 84.59 -78.17
N LYS B 202 -4.62 84.92 -78.79
CA LYS B 202 -3.56 85.58 -78.05
C LYS B 202 -4.01 86.95 -77.54
N GLU B 203 -4.72 87.70 -78.38
CA GLU B 203 -5.22 89.00 -77.94
C GLU B 203 -6.21 88.85 -76.79
N GLY B 204 -7.10 87.87 -76.89
CA GLY B 204 -8.05 87.64 -75.80
C GLY B 204 -7.35 87.24 -74.52
N LEU B 205 -6.33 86.39 -74.62
CA LEU B 205 -5.55 86.03 -73.44
C LEU B 205 -4.90 87.25 -72.81
N GLU B 206 -4.33 88.12 -73.65
CA GLU B 206 -3.72 89.35 -73.13
C GLU B 206 -4.76 90.22 -72.43
N ILE B 207 -5.95 90.34 -73.02
CA ILE B 207 -6.97 91.20 -72.43
C ILE B 207 -7.42 90.65 -71.08
N VAL B 208 -7.69 89.33 -71.02
CA VAL B 208 -8.11 88.74 -69.75
C VAL B 208 -7.02 88.88 -68.71
N LYS B 209 -5.76 88.70 -69.12
CA LYS B 209 -4.65 88.85 -68.19
C LYS B 209 -4.59 90.28 -67.65
N MET B 210 -4.77 91.27 -68.52
CA MET B 210 -4.71 92.65 -68.05
C MET B 210 -5.86 92.95 -67.10
N VAL B 211 -7.06 92.44 -67.41
CA VAL B 211 -8.20 92.67 -66.52
C VAL B 211 -7.93 92.05 -65.15
N MET B 212 -7.46 90.80 -65.14
CA MET B 212 -7.22 90.14 -63.86
C MET B 212 -6.12 90.82 -63.07
N ILE B 213 -5.05 91.24 -63.75
CA ILE B 213 -3.97 91.93 -63.08
C ILE B 213 -4.48 93.23 -62.45
N SER B 214 -5.25 94.00 -63.22
CA SER B 214 -5.75 95.27 -62.70
C SER B 214 -6.67 95.06 -61.51
N LEU B 215 -7.52 94.03 -61.57
CA LEU B 215 -8.51 93.83 -60.52
C LEU B 215 -7.87 93.34 -59.22
N GLU B 216 -6.96 92.37 -59.32
CA GLU B 216 -6.32 91.77 -58.16
C GLU B 216 -4.82 92.00 -58.13
N GLY B 217 -4.12 91.65 -59.20
CA GLY B 217 -2.66 91.78 -59.23
C GLY B 217 -1.97 90.50 -59.63
N GLU B 218 -0.77 90.27 -59.09
CA GLU B 218 -0.01 89.07 -59.44
C GLU B 218 -0.78 87.81 -59.02
N ASP B 219 -1.40 87.84 -57.85
CA ASP B 219 -2.16 86.68 -57.38
C ASP B 219 -3.28 86.30 -58.34
N GLY B 220 -3.77 87.26 -59.13
CA GLY B 220 -4.87 87.00 -60.04
C GLY B 220 -4.50 86.22 -61.28
N LEU B 221 -3.21 86.00 -61.53
CA LEU B 221 -2.81 85.29 -62.74
C LEU B 221 -3.30 83.85 -62.72
N ASP B 222 -3.24 83.20 -61.55
CA ASP B 222 -3.59 81.79 -61.43
C ASP B 222 -5.08 81.55 -61.27
N GLU B 223 -5.90 82.60 -61.20
CA GLU B 223 -7.34 82.45 -60.98
C GLU B 223 -8.11 82.15 -62.25
N ILE B 224 -7.44 81.74 -63.32
CA ILE B 224 -8.10 81.36 -64.56
C ILE B 224 -8.04 79.84 -64.67
N TYR B 225 -9.20 79.19 -64.72
CA TYR B 225 -9.30 77.75 -64.65
C TYR B 225 -9.80 77.20 -65.97
N SER B 226 -9.04 76.29 -66.58
CA SER B 226 -9.51 75.62 -67.78
C SER B 226 -10.75 74.77 -67.44
N PHE B 227 -11.37 74.22 -68.48
CA PHE B 227 -12.56 73.43 -68.28
C PHE B 227 -12.25 72.10 -67.61
N SER B 228 -11.22 71.40 -68.09
CA SER B 228 -10.85 70.12 -67.49
C SER B 228 -10.42 70.29 -66.04
N GLU B 229 -9.61 71.33 -65.78
CA GLU B 229 -9.18 71.60 -64.42
C GLU B 229 -10.38 71.86 -63.51
N SER B 230 -11.37 72.60 -64.01
CA SER B 230 -12.58 72.84 -63.24
C SER B 230 -13.34 71.54 -62.98
N LEU B 231 -13.42 70.67 -64.00
CA LEU B 231 -14.12 69.41 -63.83
C LEU B 231 -13.45 68.53 -62.78
N ARG B 232 -12.12 68.53 -62.74
CA ARG B 232 -11.40 67.71 -61.79
C ARG B 232 -11.77 68.05 -60.35
N LYS B 233 -12.29 69.26 -60.10
CA LYS B 233 -12.65 69.68 -58.76
C LYS B 233 -14.15 69.69 -58.49
N LEU B 234 -14.98 69.67 -59.53
CA LEU B 234 -16.43 69.71 -59.38
C LEU B 234 -17.08 68.35 -59.62
N CYS B 235 -16.32 67.26 -59.49
CA CYS B 235 -16.84 65.91 -59.67
C CYS B 235 -17.31 65.30 -58.36
N VAL B 236 -17.24 66.03 -57.25
CA VAL B 236 -17.62 65.52 -55.94
C VAL B 236 -18.62 66.48 -55.31
N PHE B 237 -19.68 65.92 -54.74
CA PHE B 237 -20.65 66.73 -54.03
C PHE B 237 -20.01 67.38 -52.80
N LYS B 238 -20.48 68.58 -52.47
CA LYS B 238 -19.88 69.34 -51.38
C LYS B 238 -20.15 68.67 -50.04
N LYS B 239 -19.17 68.78 -49.15
CA LYS B 239 -19.25 68.13 -47.85
C LYS B 239 -20.31 68.77 -46.98
N ILE B 240 -20.71 68.05 -45.93
CA ILE B 240 -21.67 68.55 -44.96
C ILE B 240 -20.91 69.46 -44.00
N GLU B 241 -21.17 70.76 -44.06
CA GLU B 241 -20.48 71.76 -43.25
C GLU B 241 -21.45 72.30 -42.22
N ARG B 242 -21.48 71.67 -41.05
CA ARG B 242 -22.23 72.20 -39.92
C ARG B 242 -21.37 73.18 -39.14
N HIS B 243 -22.03 74.09 -38.43
CA HIS B 243 -21.35 75.11 -37.64
C HIS B 243 -21.46 74.78 -36.16
N SER B 244 -20.31 74.79 -35.48
CA SER B 244 -20.26 74.48 -34.06
C SER B 244 -20.47 75.75 -33.24
N ILE B 245 -21.34 75.67 -32.25
CA ILE B 245 -21.67 76.81 -31.41
C ILE B 245 -20.73 76.82 -30.22
N HIS B 246 -20.16 77.99 -29.92
CA HIS B 246 -19.17 78.08 -28.86
C HIS B 246 -19.82 77.80 -27.51
N TRP B 247 -19.09 77.09 -26.65
CA TRP B 247 -19.55 76.71 -25.33
C TRP B 247 -18.70 77.44 -24.30
N PRO B 248 -19.22 78.46 -23.62
CA PRO B 248 -18.40 79.20 -22.65
C PRO B 248 -18.42 78.57 -21.27
N CYS B 249 -17.28 78.63 -20.59
CA CYS B 249 -17.17 78.09 -19.24
C CYS B 249 -15.90 78.63 -18.60
N ARG B 250 -15.59 78.12 -17.41
CA ARG B 250 -14.43 78.54 -16.64
C ARG B 250 -13.61 77.31 -16.27
N LEU B 251 -12.34 77.31 -16.67
CA LEU B 251 -11.38 76.32 -16.22
C LEU B 251 -10.96 76.70 -14.80
N THR B 252 -11.14 75.79 -13.86
CA THR B 252 -10.95 76.06 -12.44
C THR B 252 -9.88 75.14 -11.88
N ILE B 253 -8.88 75.73 -11.23
CA ILE B 253 -7.89 74.99 -10.45
C ILE B 253 -8.06 75.41 -9.00
N GLY B 254 -8.86 74.66 -8.25
CA GLY B 254 -9.23 75.08 -6.93
C GLY B 254 -10.34 76.13 -6.98
N SER B 255 -10.55 76.78 -5.84
CA SER B 255 -11.59 77.79 -5.71
C SER B 255 -11.06 79.21 -5.90
N ASN B 256 -9.79 79.37 -6.24
CA ASN B 256 -9.19 80.69 -6.40
C ASN B 256 -8.83 81.03 -7.84
N LEU B 257 -8.45 80.05 -8.64
CA LEU B 257 -7.98 80.29 -10.00
C LEU B 257 -9.09 79.96 -10.99
N SER B 258 -9.29 80.84 -11.97
CA SER B 258 -10.37 80.70 -12.93
C SER B 258 -9.96 81.35 -14.24
N ILE B 259 -10.06 80.60 -15.34
CA ILE B 259 -9.69 81.08 -16.67
C ILE B 259 -10.91 80.93 -17.58
N ARG B 260 -11.29 82.02 -18.24
CA ARG B 260 -12.48 82.00 -19.09
C ARG B 260 -12.14 81.30 -20.41
N ILE B 261 -12.88 80.25 -20.74
CA ILE B 261 -12.58 79.44 -21.92
C ILE B 261 -13.84 79.26 -22.76
N ALA B 262 -13.61 79.00 -24.05
CA ALA B 262 -14.66 78.67 -25.01
C ALA B 262 -14.30 77.38 -25.70
N ALA B 263 -15.24 76.44 -25.75
CA ALA B 263 -15.02 75.13 -26.31
C ALA B 263 -15.82 74.95 -27.59
N TYR B 264 -15.20 74.27 -28.56
CA TYR B 264 -15.86 73.92 -29.82
C TYR B 264 -15.68 72.43 -30.07
N LYS B 265 -16.57 71.87 -30.87
CA LYS B 265 -16.50 70.46 -31.24
C LYS B 265 -15.68 70.34 -32.52
N SER B 266 -14.51 69.70 -32.42
CA SER B 266 -13.59 69.62 -33.54
C SER B 266 -13.90 68.45 -34.46
N ILE B 267 -13.98 67.24 -33.90
CA ILE B 267 -14.21 66.03 -34.67
C ILE B 267 -15.41 65.31 -34.10
N LEU B 268 -16.33 64.93 -34.97
CA LEU B 268 -17.47 64.11 -34.58
C LEU B 268 -18.00 63.40 -35.82
N GLN B 269 -18.64 62.26 -35.60
CA GLN B 269 -19.26 61.53 -36.69
C GLN B 269 -20.44 62.34 -37.22
N GLU B 270 -20.47 62.56 -38.53
CA GLU B 270 -21.48 63.39 -39.16
C GLU B 270 -22.56 62.54 -39.78
N ARG B 271 -23.81 62.91 -39.56
CA ARG B 271 -24.97 62.21 -40.07
C ARG B 271 -25.73 63.15 -41.01
N VAL B 272 -26.75 62.61 -41.66
CA VAL B 272 -27.52 63.37 -42.64
C VAL B 272 -28.43 64.35 -41.91
N LYS B 273 -28.42 65.61 -42.36
CA LYS B 273 -29.24 66.63 -41.72
C LYS B 273 -30.72 66.30 -41.83
N LYS B 274 -31.13 65.66 -42.91
CA LYS B 274 -32.52 65.30 -43.15
C LYS B 274 -32.70 63.79 -43.02
N THR B 275 -33.96 63.39 -42.82
CA THR B 275 -34.31 62.00 -42.62
C THR B 275 -35.45 61.62 -43.57
N TRP B 276 -35.53 60.33 -43.87
CA TRP B 276 -36.62 59.84 -44.71
C TRP B 276 -37.95 59.98 -43.97
N THR B 277 -38.94 60.54 -44.65
CA THR B 277 -40.28 60.72 -44.10
C THR B 277 -41.22 59.73 -44.76
N VAL B 278 -41.90 58.94 -43.95
CA VAL B 278 -42.77 57.89 -44.45
C VAL B 278 -44.05 58.53 -44.99
N VAL B 279 -44.43 58.17 -46.21
CA VAL B 279 -45.57 58.77 -46.90
C VAL B 279 -46.44 57.67 -47.48
N ASP B 280 -47.74 57.98 -47.63
CA ASP B 280 -48.72 56.98 -48.05
C ASP B 280 -48.42 56.49 -49.46
N ALA B 281 -48.74 55.23 -49.70
CA ALA B 281 -48.34 54.57 -50.95
C ALA B 281 -48.98 55.24 -52.16
N LYS B 282 -50.25 55.61 -52.07
CA LYS B 282 -51.00 56.14 -53.21
C LYS B 282 -51.13 57.65 -53.17
N THR B 283 -51.49 58.23 -52.02
CA THR B 283 -51.64 59.68 -51.93
C THR B 283 -50.30 60.40 -51.91
N LEU B 284 -49.23 59.73 -51.49
CA LEU B 284 -47.91 60.35 -51.41
C LEU B 284 -47.94 61.63 -50.57
N LYS B 285 -48.70 61.58 -49.47
CA LYS B 285 -48.79 62.69 -48.54
C LYS B 285 -48.38 62.22 -47.14
N LYS B 286 -47.68 63.10 -46.41
CA LYS B 286 -47.23 62.75 -45.07
C LYS B 286 -48.37 62.82 -44.07
N GLU B 287 -49.38 63.65 -44.35
CA GLU B 287 -50.51 63.82 -43.44
C GLU B 287 -51.41 62.60 -43.37
N ASP B 288 -51.31 61.67 -44.32
CA ASP B 288 -52.27 60.59 -44.46
C ASP B 288 -51.90 59.37 -43.64
N ILE B 289 -50.83 59.42 -42.85
CA ILE B 289 -50.40 58.28 -42.04
C ILE B 289 -50.21 58.75 -40.60
N GLN B 290 -50.30 57.79 -39.68
CA GLN B 290 -50.20 58.09 -38.25
C GLN B 290 -49.63 56.89 -37.53
N LYS B 291 -48.72 57.15 -36.59
CA LYS B 291 -48.06 56.13 -35.80
C LYS B 291 -48.46 56.29 -34.35
N GLU B 292 -48.78 55.17 -33.70
CA GLU B 292 -49.16 55.19 -32.28
C GLU B 292 -48.86 53.84 -31.66
N THR B 293 -48.70 53.85 -30.33
CA THR B 293 -48.35 52.66 -29.57
C THR B 293 -49.39 52.41 -28.48
N VAL B 294 -49.69 51.13 -28.27
CA VAL B 294 -50.69 50.71 -27.30
C VAL B 294 -50.11 49.59 -26.44
N TYR B 295 -50.42 49.61 -25.16
CA TYR B 295 -49.99 48.60 -24.21
C TYR B 295 -51.19 47.78 -23.76
N CYS B 296 -51.04 46.46 -23.77
CA CYS B 296 -52.08 45.54 -23.33
C CYS B 296 -51.48 44.55 -22.34
N LEU B 297 -52.27 44.16 -21.36
CA LEU B 297 -51.81 43.25 -20.33
C LEU B 297 -51.48 41.88 -20.95
N ASN B 298 -50.87 41.02 -20.15
CA ASN B 298 -50.50 39.68 -20.58
C ASN B 298 -51.59 38.65 -20.32
N ASP B 299 -52.75 39.08 -19.82
CA ASP B 299 -53.84 38.14 -19.56
C ASP B 299 -54.44 37.64 -20.87
N ASP B 300 -55.17 36.52 -20.77
CA ASP B 300 -55.78 35.94 -21.96
C ASP B 300 -56.78 36.88 -22.60
N ASP B 301 -57.58 37.58 -21.79
CA ASP B 301 -58.58 38.50 -22.33
C ASP B 301 -57.95 39.67 -23.07
N GLU B 302 -56.66 39.92 -22.88
CA GLU B 302 -55.96 41.01 -23.55
C GLU B 302 -56.62 42.35 -23.23
N THR B 303 -56.58 42.70 -21.95
CA THR B 303 -57.15 43.97 -21.50
C THR B 303 -56.37 45.14 -22.10
N GLU B 304 -56.94 46.33 -21.96
CA GLU B 304 -56.31 47.57 -22.43
C GLU B 304 -56.00 48.45 -21.24
N VAL B 305 -54.75 48.91 -21.16
CA VAL B 305 -54.29 49.78 -20.09
C VAL B 305 -53.83 51.10 -20.69
N LEU B 306 -54.36 52.21 -20.17
CA LEU B 306 -54.05 53.51 -20.74
C LEU B 306 -52.62 53.91 -20.39
N LYS B 307 -52.16 55.00 -21.03
CA LYS B 307 -50.78 55.43 -20.81
C LYS B 307 -50.56 55.92 -19.39
N GLU B 308 -51.57 56.52 -18.76
CA GLU B 308 -51.45 56.97 -17.38
C GLU B 308 -51.44 55.82 -16.39
N ASP B 309 -51.73 54.60 -16.82
CA ASP B 309 -51.85 53.45 -15.94
C ASP B 309 -50.54 52.68 -15.79
N ILE B 310 -49.45 53.13 -16.39
CA ILE B 310 -48.19 52.40 -16.38
C ILE B 310 -47.17 53.18 -15.56
N ILE B 311 -46.45 52.46 -14.71
CA ILE B 311 -45.35 53.01 -13.92
C ILE B 311 -44.10 52.22 -14.24
N GLN B 312 -42.97 52.91 -14.33
CA GLN B 312 -41.73 52.25 -14.72
C GLN B 312 -41.12 51.53 -13.52
N GLY B 313 -40.68 50.30 -13.76
CA GLY B 313 -39.99 49.53 -12.74
C GLY B 313 -38.74 48.90 -13.31
N PHE B 314 -37.86 48.47 -12.42
CA PHE B 314 -36.58 47.90 -12.79
C PHE B 314 -36.52 46.45 -12.33
N ARG B 315 -35.40 45.80 -12.63
N ARG B 315 -35.41 45.80 -12.64
CA ARG B 315 -35.18 44.40 -12.31
CA ARG B 315 -35.19 44.40 -12.30
C ARG B 315 -34.05 44.28 -11.30
C ARG B 315 -34.05 44.28 -11.30
N TYR B 316 -34.31 43.60 -10.20
CA TYR B 316 -33.32 43.37 -9.15
C TYR B 316 -33.19 41.87 -8.97
N GLY B 317 -32.33 41.26 -9.78
CA GLY B 317 -32.17 39.82 -9.74
C GLY B 317 -33.35 39.07 -10.32
N SER B 318 -34.08 38.36 -9.47
CA SER B 318 -35.20 37.54 -9.88
C SER B 318 -36.55 38.22 -9.63
N ASP B 319 -36.56 39.46 -9.19
CA ASP B 319 -37.79 40.19 -8.89
C ASP B 319 -37.84 41.48 -9.71
N ILE B 320 -38.90 42.24 -9.50
CA ILE B 320 -39.10 43.53 -10.17
C ILE B 320 -39.45 44.55 -9.10
N VAL B 321 -38.72 45.67 -9.09
CA VAL B 321 -38.85 46.71 -8.08
C VAL B 321 -39.54 47.92 -8.73
N PRO B 322 -40.78 48.23 -8.37
CA PRO B 322 -41.40 49.45 -8.89
C PRO B 322 -40.61 50.68 -8.51
N PHE B 323 -40.51 51.62 -9.45
CA PHE B 323 -39.73 52.83 -9.24
C PHE B 323 -40.34 53.92 -10.12
N SER B 324 -41.22 54.73 -9.55
CA SER B 324 -41.92 55.74 -10.32
C SER B 324 -40.93 56.79 -10.84
N LYS B 325 -41.33 57.46 -11.92
CA LYS B 325 -40.49 58.52 -12.49
C LYS B 325 -40.33 59.66 -11.50
N VAL B 326 -41.39 60.03 -10.79
CA VAL B 326 -41.31 61.14 -9.84
C VAL B 326 -40.36 60.80 -8.70
N ASP B 327 -40.45 59.57 -8.18
CA ASP B 327 -39.54 59.16 -7.12
C ASP B 327 -38.10 59.14 -7.63
N GLU B 328 -37.89 58.69 -8.87
CA GLU B 328 -36.55 58.69 -9.43
C GLU B 328 -36.01 60.10 -9.55
N GLU B 329 -36.85 61.04 -9.97
CA GLU B 329 -36.42 62.44 -10.05
C GLU B 329 -36.06 62.96 -8.67
N GLN B 330 -36.83 62.58 -7.66
CA GLN B 330 -36.50 63.00 -6.29
C GLN B 330 -35.16 62.43 -5.84
N MET B 331 -34.90 61.16 -6.15
CA MET B 331 -33.68 60.49 -5.71
C MET B 331 -32.54 60.58 -6.72
N LYS B 332 -32.75 61.24 -7.85
CA LYS B 332 -31.73 61.24 -8.90
C LYS B 332 -30.47 61.96 -8.43
N TYR B 333 -29.35 61.57 -9.02
CA TYR B 333 -28.10 62.27 -8.75
C TYR B 333 -28.17 63.68 -9.29
N LYS B 334 -28.09 64.66 -8.39
CA LYS B 334 -28.16 66.07 -8.75
C LYS B 334 -26.76 66.67 -8.77
N SER B 335 -26.50 67.48 -9.79
CA SER B 335 -25.18 68.08 -9.97
C SER B 335 -25.32 69.54 -10.35
N GLU B 336 -24.25 70.29 -10.13
CA GLU B 336 -24.16 71.68 -10.57
C GLU B 336 -23.51 71.70 -11.94
N GLY B 337 -24.24 72.19 -12.93
CA GLY B 337 -23.83 72.05 -14.31
C GLY B 337 -22.73 73.01 -14.72
N LYS B 338 -22.29 72.85 -15.96
CA LYS B 338 -21.27 73.70 -16.58
C LYS B 338 -20.02 73.77 -15.72
N CYS B 339 -19.38 72.61 -15.59
CA CYS B 339 -18.13 72.48 -14.87
C CYS B 339 -17.02 72.07 -15.83
N PHE B 340 -15.91 72.80 -15.80
CA PHE B 340 -14.66 72.40 -16.43
C PHE B 340 -13.59 72.56 -15.35
N SER B 341 -13.44 71.53 -14.53
CA SER B 341 -12.61 71.57 -13.34
C SER B 341 -11.42 70.64 -13.51
N VAL B 342 -10.27 71.05 -12.94
CA VAL B 342 -9.03 70.30 -13.07
C VAL B 342 -8.88 69.43 -11.82
N LEU B 343 -9.28 68.17 -11.94
CA LEU B 343 -9.06 67.24 -10.83
C LEU B 343 -7.57 67.06 -10.57
N GLY B 344 -6.76 67.00 -11.61
CA GLY B 344 -5.34 66.84 -11.35
C GLY B 344 -4.51 66.92 -12.60
N PHE B 345 -3.20 66.71 -12.41
CA PHE B 345 -2.23 66.71 -13.49
C PHE B 345 -1.46 65.40 -13.45
N CYS B 346 -1.28 64.77 -14.60
CA CYS B 346 -0.67 63.45 -14.67
C CYS B 346 0.21 63.32 -15.90
N LYS B 347 1.21 62.45 -15.80
CA LYS B 347 2.16 62.27 -16.89
C LYS B 347 1.46 61.72 -18.13
N SER B 348 1.92 62.15 -19.30
CA SER B 348 1.27 61.76 -20.54
C SER B 348 1.32 60.25 -20.76
N SER B 349 2.38 59.59 -20.28
CA SER B 349 2.52 58.17 -20.51
C SER B 349 1.40 57.38 -19.84
N GLN B 350 0.82 57.90 -18.77
CA GLN B 350 -0.18 57.18 -18.02
C GLN B 350 -1.56 57.18 -18.68
N VAL B 351 -1.81 58.11 -19.60
CA VAL B 351 -3.09 58.21 -20.29
C VAL B 351 -2.89 57.62 -21.68
N GLN B 352 -3.32 56.38 -21.86
CA GLN B 352 -3.13 55.67 -23.13
C GLN B 352 -4.23 56.05 -24.11
N ARG B 353 -3.95 55.83 -25.40
CA ARG B 353 -4.88 56.20 -26.45
C ARG B 353 -5.97 55.16 -26.66
N ARG B 354 -5.79 53.94 -26.17
CA ARG B 354 -6.79 52.90 -26.37
C ARG B 354 -7.92 52.97 -25.34
N PHE B 355 -7.83 53.88 -24.38
CA PHE B 355 -8.87 54.04 -23.37
C PHE B 355 -9.80 55.22 -23.65
N PHE B 356 -9.53 55.99 -24.69
CA PHE B 356 -10.41 57.11 -25.02
C PHE B 356 -11.81 56.61 -25.27
N MET B 357 -12.79 57.35 -24.76
CA MET B 357 -14.20 57.02 -24.91
C MET B 357 -14.93 58.25 -25.45
N GLY B 358 -16.23 58.11 -25.64
CA GLY B 358 -17.05 59.21 -26.11
C GLY B 358 -17.19 59.23 -27.61
N ASN B 359 -17.91 60.24 -28.09
CA ASN B 359 -18.20 60.41 -29.51
C ASN B 359 -17.87 61.83 -29.97
N GLN B 360 -16.90 62.47 -29.33
CA GLN B 360 -16.54 63.83 -29.70
C GLN B 360 -15.13 64.13 -29.23
N VAL B 361 -14.53 65.14 -29.86
CA VAL B 361 -13.28 65.74 -29.42
C VAL B 361 -13.51 67.23 -29.30
N LEU B 362 -13.11 67.84 -28.19
CA LEU B 362 -13.33 69.26 -27.95
C LEU B 362 -12.02 70.01 -28.07
N LYS B 363 -12.09 71.22 -28.62
CA LYS B 363 -10.98 72.14 -28.66
C LYS B 363 -11.33 73.33 -27.76
N VAL B 364 -10.47 73.60 -26.78
CA VAL B 364 -10.68 74.62 -25.77
C VAL B 364 -9.73 75.76 -26.06
N PHE B 365 -10.28 76.94 -26.33
CA PHE B 365 -9.56 78.17 -26.57
C PHE B 365 -9.84 79.16 -25.44
N ALA B 366 -9.06 80.23 -25.41
CA ALA B 366 -9.35 81.32 -24.50
C ALA B 366 -10.60 82.07 -24.97
N ALA B 367 -11.26 82.72 -24.02
CA ALA B 367 -12.50 83.42 -24.33
C ALA B 367 -12.26 84.53 -25.33
N ARG B 368 -13.27 84.79 -26.14
CA ARG B 368 -13.15 85.81 -27.19
C ARG B 368 -12.95 87.19 -26.58
N ASP B 369 -12.07 87.97 -27.18
CA ASP B 369 -11.78 89.33 -26.76
C ASP B 369 -11.42 89.38 -25.26
N ASP B 370 -10.36 88.63 -24.92
CA ASP B 370 -9.89 88.59 -23.54
C ASP B 370 -8.39 88.27 -23.58
N GLU B 371 -7.56 89.30 -23.43
CA GLU B 371 -6.12 89.10 -23.44
C GLU B 371 -5.67 88.31 -22.21
N ALA B 372 -6.24 88.61 -21.05
CA ALA B 372 -5.81 87.96 -19.82
C ALA B 372 -6.06 86.45 -19.88
N ALA B 373 -7.23 86.05 -20.36
CA ALA B 373 -7.53 84.63 -20.48
C ALA B 373 -6.59 83.96 -21.47
N ALA B 374 -6.26 84.65 -22.56
CA ALA B 374 -5.33 84.11 -23.53
C ALA B 374 -3.97 83.86 -22.89
N VAL B 375 -3.48 84.83 -22.11
CA VAL B 375 -2.18 84.67 -21.45
C VAL B 375 -2.22 83.50 -20.47
N ALA B 376 -3.29 83.41 -19.68
CA ALA B 376 -3.39 82.34 -18.69
C ALA B 376 -3.39 80.97 -19.37
N LEU B 377 -4.21 80.81 -20.40
CA LEU B 377 -4.29 79.53 -21.08
C LEU B 377 -2.97 79.20 -21.77
N SER B 378 -2.31 80.19 -22.35
CA SER B 378 -1.01 79.95 -22.97
C SER B 378 -0.01 79.49 -21.94
N SER B 379 -0.02 80.11 -20.76
CA SER B 379 0.87 79.68 -19.69
C SER B 379 0.63 78.22 -19.33
N LEU B 380 -0.64 77.85 -19.15
CA LEU B 380 -0.94 76.48 -18.78
C LEU B 380 -0.51 75.50 -19.87
N ILE B 381 -0.78 75.83 -21.13
CA ILE B 381 -0.44 74.94 -22.24
C ILE B 381 1.08 74.75 -22.31
N HIS B 382 1.82 75.85 -22.23
CA HIS B 382 3.27 75.74 -22.31
C HIS B 382 3.85 74.97 -21.13
N ALA B 383 3.30 75.19 -19.93
CA ALA B 383 3.77 74.44 -18.77
C ALA B 383 3.54 72.95 -18.96
N LEU B 384 2.34 72.57 -19.39
CA LEU B 384 2.05 71.16 -19.60
C LEU B 384 2.96 70.56 -20.66
N ASP B 385 3.18 71.29 -21.76
CA ASP B 385 4.04 70.77 -22.82
C ASP B 385 5.47 70.59 -22.33
N ASP B 386 6.01 71.57 -21.61
CA ASP B 386 7.37 71.46 -21.11
C ASP B 386 7.51 70.31 -20.13
N LEU B 387 6.54 70.14 -19.24
CA LEU B 387 6.58 69.06 -18.27
C LEU B 387 6.15 67.72 -18.84
N ASP B 388 5.60 67.68 -20.06
CA ASP B 388 5.06 66.45 -20.63
C ASP B 388 3.95 65.89 -19.73
N MET B 389 2.88 66.66 -19.62
CA MET B 389 1.80 66.38 -18.70
C MET B 389 0.46 66.66 -19.36
N VAL B 390 -0.59 66.11 -18.75
CA VAL B 390 -1.96 66.34 -19.18
C VAL B 390 -2.79 66.62 -17.94
N ALA B 391 -3.96 67.22 -18.15
CA ALA B 391 -4.85 67.61 -17.06
C ALA B 391 -6.07 66.71 -17.07
N ILE B 392 -6.30 66.01 -15.97
CA ILE B 392 -7.50 65.19 -15.80
C ILE B 392 -8.58 66.09 -15.22
N VAL B 393 -9.69 66.21 -15.95
CA VAL B 393 -10.71 67.21 -15.72
C VAL B 393 -12.08 66.56 -15.64
N ARG B 394 -13.01 67.27 -14.99
CA ARG B 394 -14.42 66.89 -14.92
C ARG B 394 -15.20 67.82 -15.82
N TYR B 395 -16.09 67.25 -16.63
CA TYR B 395 -16.79 67.97 -17.68
C TYR B 395 -18.28 67.68 -17.60
N ALA B 396 -19.10 68.73 -17.56
CA ALA B 396 -20.55 68.61 -17.62
C ALA B 396 -21.08 69.67 -18.56
N TYR B 397 -21.77 69.24 -19.61
CA TYR B 397 -22.27 70.20 -20.60
C TYR B 397 -23.29 71.13 -20.00
N ASP B 398 -24.22 70.60 -19.20
CA ASP B 398 -25.27 71.41 -18.60
C ASP B 398 -25.73 70.72 -17.32
N LYS B 399 -26.84 71.19 -16.76
CA LYS B 399 -27.32 70.66 -15.48
C LYS B 399 -27.73 69.20 -15.61
N ARG B 400 -28.40 68.84 -16.69
CA ARG B 400 -28.96 67.50 -16.84
C ARG B 400 -28.04 66.55 -17.59
N ALA B 401 -26.82 66.96 -17.92
CA ALA B 401 -25.86 66.09 -18.57
C ALA B 401 -25.04 65.33 -17.53
N ASN B 402 -24.85 64.05 -17.78
CA ASN B 402 -24.12 63.21 -16.83
C ASN B 402 -22.66 63.66 -16.76
N PRO B 403 -22.11 63.82 -15.56
CA PRO B 403 -20.71 64.27 -15.48
C PRO B 403 -19.75 63.26 -16.09
N GLN B 404 -18.66 63.78 -16.64
CA GLN B 404 -17.66 62.97 -17.32
C GLN B 404 -16.29 63.29 -16.76
N VAL B 405 -15.39 62.31 -16.85
CA VAL B 405 -13.98 62.49 -16.50
C VAL B 405 -13.18 62.28 -17.76
N GLY B 406 -12.38 63.29 -18.14
CA GLY B 406 -11.64 63.25 -19.37
C GLY B 406 -10.27 63.85 -19.22
N VAL B 407 -9.54 63.86 -20.33
CA VAL B 407 -8.16 64.36 -20.38
C VAL B 407 -8.11 65.55 -21.32
N ALA B 408 -7.48 66.63 -20.86
CA ALA B 408 -7.14 67.78 -21.69
C ALA B 408 -5.63 67.80 -21.85
N PHE B 409 -5.17 67.74 -23.09
CA PHE B 409 -3.74 67.79 -23.34
C PHE B 409 -3.40 68.94 -24.28
N PRO B 410 -2.19 69.46 -24.21
CA PRO B 410 -1.83 70.63 -25.02
C PRO B 410 -1.75 70.31 -26.49
N HIS B 411 -1.95 71.34 -27.31
CA HIS B 411 -1.79 71.23 -28.75
C HIS B 411 -1.27 72.58 -29.23
N ILE B 412 0.03 72.65 -29.49
CA ILE B 412 0.71 73.89 -29.86
C ILE B 412 1.05 73.81 -31.34
N LYS B 413 0.63 74.83 -32.09
CA LYS B 413 0.96 74.96 -33.50
C LYS B 413 1.48 76.36 -33.74
N HIS B 414 2.09 76.55 -34.91
CA HIS B 414 2.70 77.85 -35.22
C HIS B 414 1.67 78.96 -35.19
N ASN B 415 0.47 78.70 -35.71
CA ASN B 415 -0.55 79.74 -35.77
C ASN B 415 -1.27 79.90 -34.44
N TYR B 416 -1.76 78.79 -33.87
CA TYR B 416 -2.59 78.86 -32.68
C TYR B 416 -2.24 77.70 -31.74
N GLU B 417 -2.59 77.88 -30.47
CA GLU B 417 -2.40 76.86 -29.44
C GLU B 417 -3.68 76.70 -28.65
N CYS B 418 -4.04 75.45 -28.35
CA CYS B 418 -5.31 75.16 -27.70
C CYS B 418 -5.20 73.87 -26.92
N LEU B 419 -6.14 73.68 -25.98
CA LEU B 419 -6.23 72.40 -25.28
C LEU B 419 -7.17 71.49 -26.04
N VAL B 420 -6.88 70.19 -26.03
CA VAL B 420 -7.72 69.20 -26.69
C VAL B 420 -8.25 68.26 -25.63
N TYR B 421 -9.57 68.13 -25.57
CA TYR B 421 -10.25 67.36 -24.54
C TYR B 421 -10.91 66.13 -25.16
N VAL B 422 -10.63 64.97 -24.56
CA VAL B 422 -11.23 63.71 -24.97
C VAL B 422 -11.60 62.91 -23.73
N GLN B 423 -12.75 62.24 -23.77
CA GLN B 423 -13.27 61.57 -22.60
C GLN B 423 -12.42 60.35 -22.23
N LEU B 424 -12.52 59.95 -20.97
CA LEU B 424 -11.77 58.84 -20.41
C LEU B 424 -12.74 57.90 -19.72
N PRO B 425 -12.36 56.64 -19.51
CA PRO B 425 -13.30 55.65 -19.01
C PRO B 425 -13.46 55.67 -17.51
N PHE B 426 -14.65 55.34 -17.06
CA PHE B 426 -14.91 55.04 -15.66
C PHE B 426 -14.52 53.59 -15.39
N MET B 427 -14.65 53.18 -14.12
CA MET B 427 -14.33 51.82 -13.75
C MET B 427 -15.30 50.83 -14.38
N GLU B 428 -16.56 51.22 -14.56
CA GLU B 428 -17.58 50.30 -15.05
C GLU B 428 -17.41 49.96 -16.52
N ASP B 429 -16.76 50.82 -17.30
CA ASP B 429 -16.65 50.63 -18.73
C ASP B 429 -15.44 49.79 -19.15
N LEU B 430 -14.62 49.37 -18.20
CA LEU B 430 -13.43 48.57 -18.51
C LEU B 430 -13.81 47.10 -18.53
N ARG B 431 -13.35 46.40 -19.56
CA ARG B 431 -13.59 44.97 -19.72
C ARG B 431 -12.31 44.21 -19.44
N GLN B 432 -12.42 43.20 -18.58
CA GLN B 432 -11.26 42.39 -18.18
C GLN B 432 -11.37 41.04 -18.90
N TYR B 433 -10.77 40.96 -20.07
CA TYR B 433 -10.68 39.73 -20.84
C TYR B 433 -9.23 39.27 -20.89
N MET B 434 -9.03 37.95 -20.81
CA MET B 434 -7.70 37.35 -20.89
C MET B 434 -7.58 36.61 -22.22
N PHE B 435 -6.49 36.88 -22.94
CA PHE B 435 -6.24 36.28 -24.23
C PHE B 435 -4.94 35.48 -24.19
N SER B 436 -4.90 34.37 -24.90
CA SER B 436 -3.71 33.54 -24.93
C SER B 436 -2.57 34.28 -25.60
N SER B 437 -1.35 34.06 -25.11
CA SER B 437 -0.18 34.71 -25.68
C SER B 437 0.14 34.09 -27.04
N LEU B 438 0.82 34.88 -27.87
CA LEU B 438 1.24 34.44 -29.19
C LEU B 438 2.74 34.23 -29.30
N LYS B 439 3.54 34.97 -28.53
CA LYS B 439 4.98 34.76 -28.57
C LYS B 439 5.37 33.39 -28.01
N ASN B 440 4.71 32.96 -26.94
CA ASN B 440 5.06 31.71 -26.27
C ASN B 440 4.34 30.50 -26.82
N SER B 441 3.37 30.69 -27.73
CA SER B 441 2.67 29.56 -28.30
C SER B 441 3.61 28.74 -29.16
N LYS B 442 3.62 27.42 -28.94
CA LYS B 442 4.55 26.55 -29.65
C LYS B 442 4.10 26.24 -31.07
N LYS B 443 2.80 26.12 -31.31
CA LYS B 443 2.30 25.66 -32.59
C LYS B 443 2.04 26.78 -33.58
N TYR B 444 2.16 28.04 -33.16
CA TYR B 444 1.89 29.19 -34.02
C TYR B 444 3.12 30.04 -34.29
N ALA B 445 4.29 29.57 -33.91
CA ALA B 445 5.50 30.35 -34.11
C ALA B 445 5.88 30.37 -35.59
N PRO B 446 5.96 31.53 -36.23
CA PRO B 446 6.39 31.56 -37.64
C PRO B 446 7.87 31.25 -37.77
N THR B 447 8.24 30.75 -38.95
CA THR B 447 9.62 30.44 -39.26
C THR B 447 10.31 31.67 -39.85
N GLU B 448 11.62 31.57 -40.09
CA GLU B 448 12.38 32.71 -40.57
C GLU B 448 11.96 33.09 -41.98
N ALA B 449 11.71 32.10 -42.85
CA ALA B 449 11.28 32.42 -44.21
C ALA B 449 9.96 33.16 -44.20
N GLN B 450 9.04 32.75 -43.34
CA GLN B 450 7.76 33.44 -43.23
C GLN B 450 7.97 34.89 -42.78
N LEU B 451 8.86 35.10 -41.81
CA LEU B 451 9.12 36.46 -41.34
C LEU B 451 9.71 37.31 -42.45
N ASN B 452 10.62 36.75 -43.24
CA ASN B 452 11.19 37.49 -44.36
C ASN B 452 10.11 37.84 -45.39
N ALA B 453 9.21 36.89 -45.67
CA ALA B 453 8.13 37.17 -46.61
C ALA B 453 7.23 38.30 -46.12
N VAL B 454 6.89 38.28 -44.83
CA VAL B 454 6.03 39.33 -44.30
C VAL B 454 6.76 40.67 -44.30
N ASP B 455 8.07 40.65 -44.04
CA ASP B 455 8.86 41.87 -44.14
C ASP B 455 8.83 42.43 -45.55
N ALA B 456 8.97 41.56 -46.55
CA ALA B 456 8.89 42.02 -47.93
C ALA B 456 7.52 42.60 -48.23
N LEU B 457 6.46 41.96 -47.73
CA LEU B 457 5.11 42.47 -47.95
C LEU B 457 4.94 43.85 -47.35
N ILE B 458 5.40 44.04 -46.12
CA ILE B 458 5.28 45.34 -45.47
C ILE B 458 6.07 46.39 -46.24
N ASP B 459 7.27 46.05 -46.68
CA ASP B 459 8.08 47.01 -47.42
C ASP B 459 7.41 47.40 -48.72
N SER B 460 6.83 46.44 -49.43
CA SER B 460 6.25 46.72 -50.74
C SER B 460 5.02 47.61 -50.63
N MET B 461 4.20 47.42 -49.59
CA MET B 461 2.92 48.10 -49.47
C MET B 461 3.00 49.35 -48.59
N SER B 462 4.12 50.06 -48.64
CA SER B 462 4.26 51.28 -47.84
C SER B 462 3.44 52.40 -48.46
N LEU B 463 2.71 53.13 -47.60
CA LEU B 463 1.86 54.23 -48.02
C LEU B 463 2.45 55.58 -47.63
N ALA B 464 3.76 55.66 -47.42
CA ALA B 464 4.43 56.91 -47.14
C ALA B 464 5.80 56.89 -47.78
N LYS B 465 6.29 58.08 -48.15
CA LYS B 465 7.56 58.20 -48.85
C LYS B 465 8.37 59.34 -48.24
N LYS B 466 9.66 59.10 -48.07
CA LYS B 466 10.57 60.13 -47.57
C LYS B 466 10.94 61.07 -48.71
N ASP B 467 11.10 62.35 -48.39
CA ASP B 467 11.40 63.37 -49.40
C ASP B 467 12.90 63.36 -49.66
N GLU B 468 13.33 62.38 -50.44
CA GLU B 468 14.74 62.22 -50.82
C GLU B 468 15.64 62.15 -49.59
N LYS B 469 15.12 61.62 -48.48
CA LYS B 469 15.87 61.52 -47.24
C LYS B 469 16.44 62.87 -46.84
N THR B 470 15.62 63.92 -46.98
CA THR B 470 16.08 65.28 -46.77
C THR B 470 15.42 65.94 -45.56
N ASP B 471 14.09 66.08 -45.55
CA ASP B 471 13.42 66.84 -44.50
C ASP B 471 12.43 66.01 -43.70
N THR B 472 11.45 65.37 -44.33
CA THR B 472 10.33 64.78 -43.60
C THR B 472 9.65 63.74 -44.49
N LEU B 473 8.49 63.28 -44.03
CA LEU B 473 7.71 62.23 -44.68
C LEU B 473 6.55 62.84 -45.46
N GLU B 474 6.03 62.06 -46.40
CA GLU B 474 4.88 62.48 -47.19
C GLU B 474 3.92 61.31 -47.30
N ASP B 475 2.63 61.60 -47.15
CA ASP B 475 1.59 60.57 -47.15
C ASP B 475 1.05 60.39 -48.56
N LEU B 476 0.96 59.13 -48.99
CA LEU B 476 0.53 58.81 -50.35
C LEU B 476 -0.96 58.57 -50.46
N PHE B 477 -1.62 58.19 -49.37
CA PHE B 477 -3.05 57.90 -49.35
C PHE B 477 -3.68 58.58 -48.15
N PRO B 478 -3.82 59.91 -48.17
CA PRO B 478 -4.38 60.63 -47.02
C PRO B 478 -5.87 60.43 -46.90
N THR B 479 -6.30 59.64 -45.92
CA THR B 479 -7.71 59.31 -45.77
C THR B 479 -8.51 60.43 -45.14
N THR B 480 -7.87 61.35 -44.43
CA THR B 480 -8.60 62.43 -43.78
C THR B 480 -9.23 63.38 -44.80
N LYS B 481 -8.69 63.44 -46.01
CA LYS B 481 -9.17 64.35 -47.04
C LYS B 481 -10.15 63.70 -48.01
N ILE B 482 -10.49 62.43 -47.81
CA ILE B 482 -11.42 61.73 -48.69
C ILE B 482 -12.83 61.98 -48.18
N PRO B 483 -13.74 62.50 -49.02
CA PRO B 483 -15.13 62.68 -48.56
C PRO B 483 -15.80 61.35 -48.25
N ASN B 484 -16.86 61.42 -47.48
CA ASN B 484 -17.56 60.21 -47.06
C ASN B 484 -18.37 59.66 -48.23
N PRO B 485 -18.12 58.43 -48.68
CA PRO B 485 -18.84 57.92 -49.85
C PRO B 485 -20.34 57.81 -49.67
N ARG B 486 -20.82 57.66 -48.43
CA ARG B 486 -22.25 57.48 -48.20
C ARG B 486 -23.04 58.65 -48.77
N PHE B 487 -22.62 59.88 -48.46
CA PHE B 487 -23.38 61.04 -48.90
C PHE B 487 -23.31 61.19 -50.42
N GLN B 488 -22.16 60.90 -51.01
CA GLN B 488 -22.05 60.96 -52.46
C GLN B 488 -23.02 60.00 -53.12
N ARG B 489 -23.07 58.77 -52.63
CA ARG B 489 -24.00 57.78 -53.17
C ARG B 489 -25.44 58.24 -53.02
N LEU B 490 -25.78 58.74 -51.83
CA LEU B 490 -27.16 59.16 -51.58
C LEU B 490 -27.55 60.29 -52.51
N PHE B 491 -26.68 61.28 -52.68
CA PHE B 491 -27.02 62.42 -53.53
C PHE B 491 -27.12 61.99 -54.99
N GLN B 492 -26.22 61.12 -55.44
CA GLN B 492 -26.33 60.61 -56.81
C GLN B 492 -27.68 59.96 -57.03
N CYS B 493 -28.08 59.08 -56.12
CA CYS B 493 -29.34 58.36 -56.31
C CYS B 493 -30.53 59.30 -56.24
N LEU B 494 -30.50 60.28 -55.34
CA LEU B 494 -31.60 61.25 -55.26
C LEU B 494 -31.72 62.04 -56.55
N LEU B 495 -30.59 62.53 -57.08
CA LEU B 495 -30.64 63.28 -58.32
C LEU B 495 -31.16 62.42 -59.46
N HIS B 496 -30.70 61.18 -59.55
CA HIS B 496 -31.14 60.30 -60.64
C HIS B 496 -32.62 59.98 -60.52
N ARG B 497 -33.16 59.87 -59.30
CA ARG B 497 -34.58 59.61 -59.15
C ARG B 497 -35.42 60.85 -59.42
N ALA B 498 -34.90 62.03 -59.12
CA ALA B 498 -35.63 63.25 -59.44
C ALA B 498 -35.70 63.48 -60.94
N LEU B 499 -34.56 63.38 -61.63
CA LEU B 499 -34.53 63.71 -63.05
C LEU B 499 -35.07 62.60 -63.93
N HIS B 500 -34.89 61.34 -63.54
CA HIS B 500 -35.35 60.17 -64.29
C HIS B 500 -36.24 59.36 -63.37
N PRO B 501 -37.52 59.73 -63.24
CA PRO B 501 -38.36 59.15 -62.18
C PRO B 501 -38.84 57.74 -62.45
N ARG B 502 -38.27 57.05 -63.42
CA ARG B 502 -38.69 55.70 -63.77
C ARG B 502 -37.58 54.66 -63.70
N GLU B 503 -36.35 55.02 -64.01
CA GLU B 503 -35.27 54.05 -64.10
C GLU B 503 -34.85 53.57 -62.71
N PRO B 504 -34.12 52.46 -62.65
CA PRO B 504 -33.56 52.02 -61.37
C PRO B 504 -32.40 52.91 -60.96
N LEU B 505 -31.98 52.74 -59.70
CA LEU B 505 -30.85 53.51 -59.20
C LEU B 505 -29.57 53.05 -59.92
N PRO B 506 -28.70 53.97 -60.30
CA PRO B 506 -27.51 53.58 -61.07
C PRO B 506 -26.56 52.74 -60.25
N PRO B 507 -25.43 52.33 -60.83
CA PRO B 507 -24.38 51.69 -60.03
C PRO B 507 -23.59 52.72 -59.24
N ILE B 508 -22.53 52.30 -58.57
CA ILE B 508 -21.66 53.23 -57.88
C ILE B 508 -20.64 53.77 -58.88
N GLN B 509 -20.55 55.10 -58.97
CA GLN B 509 -19.64 55.72 -59.92
C GLN B 509 -18.24 55.18 -59.72
N GLN B 510 -17.44 55.25 -60.79
CA GLN B 510 -16.10 54.67 -60.74
C GLN B 510 -15.14 55.53 -59.91
N HIS B 511 -15.32 56.85 -59.92
CA HIS B 511 -14.38 57.69 -59.21
C HIS B 511 -14.51 57.54 -57.69
N ILE B 512 -15.69 57.17 -57.21
CA ILE B 512 -15.83 56.86 -55.78
C ILE B 512 -14.95 55.67 -55.42
N TRP B 513 -15.03 54.60 -56.21
CA TRP B 513 -14.20 53.45 -55.95
C TRP B 513 -12.73 53.79 -56.09
N ASN B 514 -12.38 54.64 -57.05
CA ASN B 514 -10.98 55.04 -57.21
C ASN B 514 -10.49 55.78 -55.97
N MET B 515 -11.29 56.69 -55.42
CA MET B 515 -10.86 57.41 -54.23
C MET B 515 -10.88 56.54 -52.99
N LEU B 516 -11.60 55.42 -53.03
CA LEU B 516 -11.61 54.48 -51.90
C LEU B 516 -10.57 53.38 -52.04
N ASN B 517 -9.72 53.44 -53.05
CA ASN B 517 -8.66 52.46 -53.27
C ASN B 517 -7.33 53.20 -53.40
N PRO B 518 -6.22 52.51 -53.13
CA PRO B 518 -4.93 53.19 -53.11
C PRO B 518 -4.37 53.34 -54.51
N PRO B 519 -3.28 54.09 -54.67
CA PRO B 519 -2.70 54.25 -56.00
C PRO B 519 -2.28 52.91 -56.60
N ALA B 520 -2.38 52.81 -57.92
CA ALA B 520 -2.06 51.56 -58.60
C ALA B 520 -0.60 51.14 -58.38
N GLU B 521 0.28 52.09 -58.05
CA GLU B 521 1.67 51.74 -57.81
C GLU B 521 1.79 50.75 -56.65
N VAL B 522 1.00 50.95 -55.59
CA VAL B 522 1.09 50.07 -54.43
C VAL B 522 0.76 48.63 -54.84
N THR B 523 -0.32 48.46 -55.60
CA THR B 523 -0.70 47.11 -56.04
C THR B 523 0.36 46.52 -56.98
N THR B 524 0.89 47.35 -57.89
CA THR B 524 1.92 46.85 -58.80
C THR B 524 3.13 46.34 -58.02
N LYS B 525 3.56 47.07 -56.99
CA LYS B 525 4.69 46.63 -56.19
C LYS B 525 4.32 45.42 -55.32
N SER B 526 3.07 45.33 -54.88
CA SER B 526 2.66 44.26 -53.97
C SER B 526 2.28 42.96 -54.67
N GLN B 527 2.22 42.97 -56.00
CA GLN B 527 1.81 41.76 -56.71
C GLN B 527 2.62 40.53 -56.29
N ILE B 528 3.95 40.64 -56.28
CA ILE B 528 4.82 39.48 -56.10
C ILE B 528 4.92 39.07 -54.62
N PRO B 529 5.11 40.01 -53.69
CA PRO B 529 5.16 39.62 -52.27
C PRO B 529 3.95 38.83 -51.83
N LEU B 530 2.76 39.17 -52.34
CA LEU B 530 1.57 38.41 -51.98
C LEU B 530 1.65 36.99 -52.52
N SER B 531 2.22 36.81 -53.71
CA SER B 531 2.43 35.46 -54.23
C SER B 531 3.35 34.66 -53.31
N LYS B 532 4.45 35.29 -52.85
CA LYS B 532 5.32 34.60 -51.91
C LYS B 532 4.58 34.24 -50.64
N ILE B 533 3.76 35.18 -50.13
CA ILE B 533 3.02 34.93 -48.91
C ILE B 533 2.08 33.75 -49.09
N LYS B 534 1.41 33.67 -50.25
CA LYS B 534 0.53 32.55 -50.53
C LYS B 534 1.30 31.24 -50.57
N THR B 535 2.51 31.27 -51.13
CA THR B 535 3.30 30.05 -51.24
C THR B 535 3.79 29.58 -49.88
N LEU B 536 4.14 30.51 -48.99
CA LEU B 536 4.76 30.12 -47.72
C LEU B 536 3.73 29.70 -46.67
N PHE B 537 2.76 30.56 -46.40
CA PHE B 537 1.77 30.29 -45.35
C PHE B 537 0.72 29.32 -45.87
N PRO B 538 0.55 28.14 -45.25
CA PRO B 538 -0.48 27.19 -45.70
C PRO B 538 -1.88 27.50 -45.17
N LEU B 539 -2.57 28.40 -45.87
CA LEU B 539 -3.91 28.82 -45.49
C LEU B 539 -4.93 27.83 -46.05
N ILE B 540 -5.78 27.29 -45.19
CA ILE B 540 -6.82 26.36 -45.58
C ILE B 540 -8.08 26.70 -44.82
N GLU B 541 -9.22 26.63 -45.50
CA GLU B 541 -10.51 27.03 -44.94
C GLU B 541 -11.23 25.80 -44.42
N ALA B 542 -11.78 25.90 -43.22
CA ALA B 542 -12.51 24.81 -42.61
C ALA B 542 -14.00 25.14 -42.54
N PRO C 2 32.37 8.27 54.49
CA PRO C 2 31.05 7.96 53.94
C PRO C 2 30.33 9.19 53.38
N VAL C 3 30.46 10.31 54.08
CA VAL C 3 29.82 11.55 53.61
C VAL C 3 30.35 11.94 52.24
N MET C 4 31.68 11.90 52.08
CA MET C 4 32.27 12.29 50.81
C MET C 4 31.82 11.35 49.69
N GLU C 5 31.82 10.04 49.96
CA GLU C 5 31.40 9.09 48.93
C GLU C 5 29.95 9.30 48.54
N GLU C 6 29.09 9.55 49.53
CA GLU C 6 27.69 9.83 49.23
C GLU C 6 27.56 11.08 48.36
N LEU C 7 28.35 12.11 48.67
CA LEU C 7 28.29 13.33 47.85
C LEU C 7 28.71 13.04 46.42
N GLU C 8 29.80 12.30 46.23
CA GLU C 8 30.26 12.02 44.86
C GLU C 8 29.20 11.24 44.10
N GLN C 9 28.66 10.18 44.70
CA GLN C 9 27.66 9.38 44.01
C GLN C 9 26.41 10.22 43.70
N GLY C 10 25.93 10.99 44.67
CA GLY C 10 24.76 11.81 44.43
C GLY C 10 24.96 12.80 43.31
N LEU C 11 26.12 13.46 43.28
CA LEU C 11 26.39 14.38 42.17
C LEU C 11 26.44 13.64 40.85
N LEU C 12 27.03 12.44 40.84
CA LEU C 12 27.12 11.69 39.59
C LEU C 12 25.76 11.25 39.10
N MET C 13 24.78 11.10 39.99
CA MET C 13 23.46 10.62 39.61
C MET C 13 22.47 11.76 39.36
N GLN C 14 22.95 12.96 39.03
CA GLN C 14 22.12 14.13 38.85
C GLN C 14 22.18 14.62 37.41
N PRO C 15 21.17 15.38 36.96
CA PRO C 15 21.19 15.92 35.60
C PRO C 15 21.92 17.25 35.52
N TRP C 16 21.95 17.84 34.33
CA TRP C 16 22.59 19.13 34.10
C TRP C 16 21.52 20.20 33.97
N ALA C 17 21.69 21.29 34.70
CA ALA C 17 20.76 22.41 34.66
C ALA C 17 21.44 23.62 34.01
N TRP C 18 20.62 24.53 33.52
CA TRP C 18 21.09 25.74 32.86
C TRP C 18 20.82 26.94 33.76
N LEU C 19 21.87 27.69 34.06
CA LEU C 19 21.78 28.89 34.88
C LEU C 19 22.07 30.11 34.02
N GLN C 20 21.34 31.19 34.26
CA GLN C 20 21.50 32.44 33.54
C GLN C 20 22.08 33.49 34.47
N LEU C 21 23.36 33.80 34.31
CA LEU C 21 23.98 34.90 35.01
C LEU C 21 23.89 36.16 34.16
N ALA C 22 24.20 37.29 34.78
CA ALA C 22 24.11 38.58 34.09
C ALA C 22 24.93 38.55 32.81
N GLU C 23 24.25 38.57 31.67
CA GLU C 23 24.90 38.53 30.37
C GLU C 23 25.84 37.34 30.25
N ASN C 24 25.35 36.17 30.65
CA ASN C 24 26.13 34.94 30.50
C ASN C 24 25.28 33.75 30.95
N SER C 25 25.78 32.56 30.67
CA SER C 25 25.09 31.32 31.03
C SER C 25 26.11 30.29 31.50
N LEU C 26 25.62 29.33 32.27
CA LEU C 26 26.45 28.25 32.79
C LEU C 26 25.64 26.97 32.85
N LEU C 27 26.34 25.84 32.87
CA LEU C 27 25.75 24.54 33.08
C LEU C 27 26.15 24.06 34.46
N ALA C 28 25.18 23.91 35.34
CA ALA C 28 25.43 23.63 36.75
C ALA C 28 24.85 22.28 37.14
N LYS C 29 25.50 21.63 38.10
CA LYS C 29 25.07 20.34 38.61
C LYS C 29 25.43 20.32 40.08
N VAL C 30 24.42 20.36 40.94
CA VAL C 30 24.62 20.56 42.37
C VAL C 30 23.90 19.49 43.16
N PHE C 31 24.46 19.17 44.34
CA PHE C 31 23.87 18.20 45.26
C PHE C 31 24.17 18.68 46.66
N ILE C 32 23.13 19.07 47.40
CA ILE C 32 23.25 19.62 48.74
C ILE C 32 22.55 18.67 49.71
N THR C 33 23.28 18.23 50.74
CA THR C 33 22.72 17.39 51.77
C THR C 33 23.18 17.93 53.12
N LYS C 34 22.56 17.42 54.19
CA LYS C 34 22.76 18.01 55.50
C LYS C 34 24.22 17.98 55.94
N GLN C 35 25.03 17.11 55.37
CA GLN C 35 26.43 17.02 55.76
C GLN C 35 27.35 17.92 54.94
N GLY C 36 26.90 18.40 53.80
CA GLY C 36 27.76 19.23 52.94
C GLY C 36 27.12 19.39 51.57
N TYR C 37 27.97 19.63 50.58
CA TYR C 37 27.46 19.71 49.22
C TYR C 37 28.58 19.60 48.21
N ALA C 38 28.19 19.24 46.99
CA ALA C 38 29.10 19.11 45.86
C ALA C 38 28.52 19.84 44.66
N LEU C 39 29.35 20.62 43.99
CA LEU C 39 28.93 21.46 42.88
C LEU C 39 29.90 21.29 41.72
N LEU C 40 29.35 21.27 40.51
CA LEU C 40 30.14 21.16 39.29
C LEU C 40 29.54 22.10 38.26
N VAL C 41 30.32 23.06 37.80
CA VAL C 41 29.85 24.06 36.84
C VAL C 41 30.72 24.02 35.61
N SER C 42 30.16 24.42 34.48
CA SER C 42 30.87 24.40 33.21
C SER C 42 30.32 25.48 32.31
N ASP C 43 31.14 25.86 31.33
CA ASP C 43 30.75 26.82 30.30
C ASP C 43 31.18 26.33 28.92
N LEU C 44 31.29 25.02 28.74
CA LEU C 44 31.67 24.38 27.49
C LEU C 44 33.13 24.62 27.13
N GLN C 45 33.91 25.22 28.02
CA GLN C 45 35.34 25.42 27.79
C GLN C 45 36.13 24.91 28.98
N GLN C 46 35.60 25.09 30.18
CA GLN C 46 36.25 24.66 31.41
C GLN C 46 35.22 24.07 32.35
N VAL C 47 35.70 23.29 33.31
CA VAL C 47 34.85 22.67 34.33
C VAL C 47 35.44 22.98 35.70
N TRP C 48 34.60 23.41 36.63
CA TRP C 48 34.99 23.74 37.98
C TRP C 48 34.21 22.89 38.97
N HIS C 49 34.86 22.50 40.07
CA HIS C 49 34.31 21.59 41.04
C HIS C 49 34.51 22.14 42.44
N GLU C 50 33.58 21.82 43.34
CA GLU C 50 33.63 22.34 44.71
C GLU C 50 32.88 21.40 45.62
N GLN C 51 33.61 20.67 46.47
CA GLN C 51 33.00 19.80 47.46
C GLN C 51 33.36 20.32 48.85
N VAL C 52 32.36 20.45 49.70
CA VAL C 52 32.52 21.06 51.01
C VAL C 52 31.77 20.24 52.04
N ASP C 53 32.42 20.00 53.18
CA ASP C 53 31.80 19.40 54.34
C ASP C 53 31.39 20.51 55.32
N THR C 54 30.79 20.12 56.43
CA THR C 54 30.23 21.09 57.37
C THR C 54 31.26 21.53 58.40
N SER C 55 32.41 21.97 57.92
CA SER C 55 33.44 22.55 58.78
C SER C 55 33.82 23.92 58.25
N VAL C 56 33.75 24.09 56.93
CA VAL C 56 33.93 25.40 56.31
C VAL C 56 32.62 26.10 56.04
N VAL C 57 31.50 25.38 56.04
CA VAL C 57 30.21 26.00 55.80
C VAL C 57 29.93 27.04 56.87
N SER C 58 30.14 26.69 58.14
CA SER C 58 29.87 27.63 59.22
C SER C 58 30.78 28.84 59.15
N GLN C 59 32.07 28.60 58.89
CA GLN C 59 33.03 29.70 58.79
C GLN C 59 32.62 30.67 57.69
N ARG C 60 32.37 30.15 56.48
CA ARG C 60 32.04 31.01 55.35
C ARG C 60 30.71 31.72 55.59
N ALA C 61 29.73 31.02 56.14
CA ALA C 61 28.43 31.64 56.41
C ALA C 61 28.57 32.77 57.40
N LYS C 62 29.38 32.58 58.45
CA LYS C 62 29.59 33.67 59.41
C LYS C 62 30.30 34.84 58.76
N GLU C 63 31.33 34.58 57.96
CA GLU C 63 32.06 35.68 57.34
C GLU C 63 31.16 36.49 56.42
N LEU C 64 30.39 35.82 55.57
CA LEU C 64 29.54 36.52 54.62
C LEU C 64 28.23 37.00 55.22
N ASN C 65 27.89 36.56 56.44
CA ASN C 65 26.64 36.94 57.10
C ASN C 65 26.99 37.13 58.57
N LYS C 66 27.32 38.37 58.95
CA LYS C 66 27.81 38.61 60.30
C LYS C 66 26.73 38.43 61.35
N ARG C 67 25.48 38.74 61.01
CA ARG C 67 24.39 38.75 61.97
C ARG C 67 23.46 37.56 61.75
N LEU C 68 24.01 36.45 61.26
CA LEU C 68 23.24 35.27 60.89
C LEU C 68 23.79 34.08 61.67
N THR C 69 23.24 33.83 62.85
CA THR C 69 23.63 32.68 63.66
C THR C 69 22.69 31.53 63.30
N ALA C 70 23.25 30.46 62.73
CA ALA C 70 22.46 29.33 62.29
C ALA C 70 23.33 28.09 62.20
N PRO C 71 22.80 26.92 62.53
CA PRO C 71 23.59 25.69 62.38
C PRO C 71 23.80 25.37 60.91
N PRO C 72 24.84 24.61 60.57
CA PRO C 72 25.10 24.32 59.15
C PRO C 72 23.91 23.68 58.44
N ALA C 73 23.18 22.81 59.13
CA ALA C 73 22.09 22.09 58.48
C ALA C 73 21.03 23.05 57.96
N ALA C 74 20.66 24.04 58.78
CA ALA C 74 19.64 24.99 58.36
C ALA C 74 20.11 25.81 57.16
N PHE C 75 21.36 26.25 57.18
CA PHE C 75 21.89 27.04 56.07
C PHE C 75 21.88 26.23 54.78
N LEU C 76 22.33 24.98 54.86
CA LEU C 76 22.36 24.15 53.66
C LEU C 76 20.96 23.85 53.15
N CYS C 77 20.01 23.61 54.06
CA CYS C 77 18.64 23.36 53.64
C CYS C 77 18.05 24.59 52.94
N HIS C 78 18.29 25.77 53.50
CA HIS C 78 17.80 26.99 52.85
C HIS C 78 18.44 27.17 51.49
N LEU C 79 19.74 26.91 51.38
CA LEU C 79 20.42 27.03 50.09
C LEU C 79 19.83 26.06 49.08
N ASP C 80 19.52 24.84 49.50
CA ASP C 80 18.95 23.86 48.59
C ASP C 80 17.56 24.31 48.13
N ASN C 81 16.73 24.76 49.07
CA ASN C 81 15.42 25.26 48.69
C ASN C 81 15.53 26.43 47.73
N LEU C 82 16.59 27.22 47.88
CA LEU C 82 16.80 28.36 46.98
C LEU C 82 17.18 27.89 45.58
N LEU C 83 18.15 26.98 45.48
CA LEU C 83 18.73 26.64 44.20
C LEU C 83 17.87 25.66 43.40
N ARG C 84 17.17 24.75 44.06
CA ARG C 84 16.45 23.71 43.32
C ARG C 84 15.43 24.29 42.34
N PRO C 85 14.57 25.22 42.73
CA PRO C 85 13.60 25.75 41.76
C PRO C 85 14.23 26.33 40.52
N LEU C 86 15.35 27.04 40.66
CA LEU C 86 15.98 27.63 39.48
C LEU C 86 16.56 26.57 38.56
N LEU C 87 17.21 25.56 39.13
CA LEU C 87 17.78 24.49 38.32
C LEU C 87 16.69 23.70 37.60
N LYS C 88 15.58 23.43 38.29
CA LYS C 88 14.51 22.66 37.68
C LYS C 88 13.82 23.45 36.57
N ASP C 89 13.22 24.58 36.92
CA ASP C 89 12.58 25.47 35.96
C ASP C 89 13.45 26.71 35.76
N ALA C 90 13.60 27.12 34.50
CA ALA C 90 14.51 28.20 34.16
C ALA C 90 13.95 29.54 34.63
N ALA C 91 14.52 30.08 35.71
CA ALA C 91 14.19 31.43 36.17
C ALA C 91 12.69 31.61 36.37
N HIS C 92 12.05 30.60 36.95
CA HIS C 92 10.62 30.71 37.24
C HIS C 92 10.40 31.58 38.47
N PRO C 93 11.06 31.28 39.61
CA PRO C 93 10.90 32.18 40.77
C PRO C 93 11.49 33.55 40.53
N SER C 94 12.75 33.63 40.10
CA SER C 94 13.47 34.87 39.81
C SER C 94 13.86 35.62 41.07
N GLU C 95 13.73 35.02 42.25
CA GLU C 95 14.09 35.71 43.49
C GLU C 95 15.60 35.81 43.64
N ALA C 96 16.32 34.72 43.35
CA ALA C 96 17.76 34.69 43.52
C ALA C 96 18.46 35.49 42.42
N THR C 97 19.65 35.99 42.74
CA THR C 97 20.50 36.70 41.80
C THR C 97 21.87 36.08 41.82
N PHE C 98 22.44 35.87 40.64
CA PHE C 98 23.69 35.15 40.49
C PHE C 98 24.73 36.03 39.81
N SER C 99 25.99 35.80 40.15
CA SER C 99 27.11 36.49 39.51
C SER C 99 28.30 35.54 39.49
N CYS C 100 29.21 35.77 38.55
CA CYS C 100 30.40 34.94 38.41
C CYS C 100 31.62 35.83 38.29
N ASP C 101 32.67 35.48 39.02
CA ASP C 101 33.95 36.18 38.93
C ASP C 101 35.06 35.17 38.73
N CYS C 102 35.89 35.40 37.72
CA CYS C 102 36.99 34.49 37.38
C CYS C 102 38.30 35.20 37.70
N VAL C 103 38.98 34.73 38.75
CA VAL C 103 40.28 35.26 39.15
C VAL C 103 41.25 34.08 39.27
N ALA C 104 42.40 34.21 38.63
CA ALA C 104 43.40 33.13 38.61
C ALA C 104 42.73 31.90 37.99
N ASP C 105 42.89 30.72 38.57
CA ASP C 105 42.26 29.50 38.07
C ASP C 105 40.96 29.17 38.81
N ALA C 106 40.52 30.02 39.72
CA ALA C 106 39.33 29.78 40.52
C ALA C 106 38.11 30.47 39.90
N LEU C 107 36.96 30.18 40.49
CA LEU C 107 35.71 30.82 40.10
C LEU C 107 34.88 31.06 41.35
N ILE C 108 34.46 32.31 41.55
CA ILE C 108 33.62 32.69 42.67
C ILE C 108 32.22 32.89 42.11
N LEU C 109 31.30 32.01 42.51
CA LEU C 109 29.90 32.10 42.12
C LEU C 109 29.14 32.71 43.28
N ARG C 110 28.69 33.95 43.10
CA ARG C 110 28.03 34.71 44.16
C ARG C 110 26.53 34.60 44.00
N VAL C 111 25.84 34.22 45.06
CA VAL C 111 24.40 34.07 45.08
C VAL C 111 23.85 34.99 46.15
N ARG C 112 22.98 35.90 45.75
CA ARG C 112 22.28 36.80 46.66
C ARG C 112 20.80 36.48 46.60
N SER C 113 20.12 36.64 47.74
CA SER C 113 18.69 36.34 47.78
C SER C 113 18.09 36.94 49.04
N GLU C 114 16.79 36.75 49.19
CA GLU C 114 16.03 37.27 50.32
C GLU C 114 15.39 36.08 51.03
N LEU C 115 15.92 35.76 52.21
CA LEU C 115 15.35 34.73 53.08
C LEU C 115 14.38 35.43 54.04
N SER C 116 13.09 35.30 53.77
CA SER C 116 12.06 35.98 54.55
C SER C 116 12.20 37.50 54.46
N GLY C 117 12.64 37.99 53.31
CA GLY C 117 12.79 39.42 53.10
C GLY C 117 14.09 40.01 53.59
N LEU C 118 14.97 39.21 54.18
CA LEU C 118 16.23 39.68 54.71
C LEU C 118 17.39 39.10 53.91
N PRO C 119 18.54 39.77 53.90
CA PRO C 119 19.62 39.36 53.00
C PRO C 119 20.10 37.93 53.27
N PHE C 120 20.50 37.26 52.20
CA PHE C 120 21.02 35.90 52.29
C PHE C 120 22.09 35.77 51.19
N TYR C 121 23.35 35.62 51.60
CA TYR C 121 24.47 35.59 50.68
C TYR C 121 25.17 34.23 50.74
N TRP C 122 25.70 33.82 49.59
CA TRP C 122 26.58 32.65 49.54
C TRP C 122 27.58 32.83 48.43
N ASN C 123 28.73 32.18 48.57
CA ASN C 123 29.84 32.31 47.62
C ASN C 123 30.46 30.94 47.42
N PHE C 124 30.22 30.33 46.27
CA PHE C 124 30.88 29.08 45.92
C PHE C 124 32.29 29.38 45.40
N HIS C 125 33.29 28.71 45.97
CA HIS C 125 34.69 28.90 45.61
C HIS C 125 35.16 27.64 44.87
N CYS C 126 34.96 27.63 43.55
CA CYS C 126 35.24 26.45 42.75
C CYS C 126 36.66 26.52 42.17
N MET C 127 37.33 25.37 42.12
CA MET C 127 38.62 25.23 41.49
C MET C 127 38.53 24.22 40.36
N LEU C 128 39.43 24.35 39.38
CA LEU C 128 39.33 23.54 38.18
C LEU C 128 39.29 22.06 38.54
N ALA C 129 38.35 21.34 37.92
CA ALA C 129 38.14 19.93 38.23
C ALA C 129 39.27 19.09 37.67
N SER C 130 39.58 18.01 38.39
CA SER C 130 40.62 17.10 37.96
C SER C 130 40.18 16.36 36.69
N PRO C 131 41.13 15.85 35.92
CA PRO C 131 40.75 15.14 34.69
C PRO C 131 39.82 13.97 34.93
N SER C 132 39.88 13.35 36.11
CA SER C 132 39.02 12.19 36.37
C SER C 132 37.57 12.61 36.52
N LEU C 133 37.31 13.67 37.28
CA LEU C 133 35.93 14.13 37.45
C LEU C 133 35.33 14.56 36.12
N VAL C 134 36.09 15.34 35.35
CA VAL C 134 35.60 15.79 34.05
C VAL C 134 35.27 14.61 33.17
N SER C 135 36.18 13.64 33.11
CA SER C 135 35.94 12.44 32.31
C SER C 135 34.65 11.76 32.75
N GLN C 136 34.61 11.32 34.01
CA GLN C 136 33.50 10.51 34.49
C GLN C 136 32.17 11.24 34.46
N HIS C 137 32.18 12.57 34.42
CA HIS C 137 30.92 13.32 34.43
C HIS C 137 30.48 13.79 33.05
N LEU C 138 31.40 13.96 32.10
CA LEU C 138 31.03 14.46 30.78
C LEU C 138 31.39 13.50 29.65
N ILE C 139 32.61 12.98 29.61
CA ILE C 139 33.09 12.31 28.40
C ILE C 139 32.45 10.94 28.26
N ARG C 140 32.69 10.05 29.21
CA ARG C 140 32.16 8.69 29.08
C ARG C 140 30.65 8.67 28.92
N PRO C 141 29.87 9.39 29.71
CA PRO C 141 28.42 9.41 29.45
C PRO C 141 28.06 9.88 28.06
N LEU C 142 28.78 10.85 27.51
CA LEU C 142 28.45 11.33 26.17
C LEU C 142 28.74 10.27 25.11
N MET C 143 29.84 9.53 25.28
CA MET C 143 30.11 8.41 24.37
C MET C 143 29.01 7.37 24.47
N GLY C 144 28.58 7.05 25.69
CA GLY C 144 27.48 6.12 25.86
C GLY C 144 26.22 6.60 25.18
N MET C 145 25.92 7.89 25.30
CA MET C 145 24.73 8.45 24.64
C MET C 145 24.84 8.33 23.13
N SER C 146 26.01 8.63 22.57
CA SER C 146 26.19 8.53 21.13
C SER C 146 25.97 7.10 20.65
N LEU C 147 26.56 6.13 21.36
CA LEU C 147 26.39 4.73 20.95
C LEU C 147 24.94 4.29 21.08
N ALA C 148 24.26 4.69 22.16
CA ALA C 148 22.86 4.31 22.33
C ALA C 148 22.00 4.89 21.22
N LEU C 149 22.22 6.14 20.85
CA LEU C 149 21.43 6.75 19.80
C LEU C 149 21.73 6.11 18.44
N GLN C 150 22.98 5.69 18.22
CA GLN C 150 23.29 4.97 16.99
C GLN C 150 22.53 3.64 16.93
N CYS C 151 22.47 2.94 18.06
CA CYS C 151 21.69 1.69 18.09
C CYS C 151 20.21 1.97 17.83
N GLN C 152 19.68 3.06 18.38
CA GLN C 152 18.30 3.42 18.11
C GLN C 152 18.08 3.66 16.61
N VAL C 153 19.02 4.37 15.98
CA VAL C 153 18.91 4.62 14.54
C VAL C 153 18.90 3.31 13.77
N ARG C 154 19.77 2.38 14.14
CA ARG C 154 19.81 1.09 13.45
C ARG C 154 18.48 0.35 13.60
N GLU C 155 17.93 0.33 14.81
CA GLU C 155 16.66 -0.36 15.02
C GLU C 155 15.55 0.25 14.17
N LEU C 156 15.50 1.59 14.12
CA LEU C 156 14.47 2.24 13.32
C LEU C 156 14.66 1.94 11.84
N ALA C 157 15.92 1.87 11.39
CA ALA C 157 16.17 1.52 9.99
C ALA C 157 15.66 0.12 9.68
N THR C 158 15.90 -0.83 10.59
CA THR C 158 15.39 -2.19 10.37
C THR C 158 13.87 -2.20 10.32
N LEU C 159 13.22 -1.44 11.20
CA LEU C 159 11.76 -1.37 11.17
C LEU C 159 11.27 -0.80 9.84
N LEU C 160 11.95 0.23 9.33
CA LEU C 160 11.57 0.78 8.03
C LEU C 160 11.74 -0.26 6.93
N HIS C 161 12.80 -1.05 6.98
CA HIS C 161 12.98 -2.09 5.97
C HIS C 161 11.83 -3.09 6.03
N MET C 162 11.42 -3.49 7.23
CA MET C 162 10.31 -4.41 7.36
C MET C 162 9.03 -3.82 6.79
N LYS C 163 8.79 -2.53 7.04
CA LYS C 163 7.58 -1.91 6.49
C LYS C 163 7.66 -1.81 4.97
N ASP C 164 8.87 -1.63 4.42
CA ASP C 164 9.03 -1.69 2.99
C ASP C 164 8.64 -3.07 2.46
N LEU C 165 9.05 -4.12 3.17
CA LEU C 165 8.67 -5.47 2.76
C LEU C 165 7.16 -5.65 2.77
N GLU C 166 6.51 -5.17 3.83
CA GLU C 166 5.06 -5.29 3.90
C GLU C 166 4.38 -4.53 2.76
N ILE C 167 4.87 -3.33 2.46
CA ILE C 167 4.28 -2.54 1.38
C ILE C 167 4.47 -3.24 0.05
N GLN C 168 5.65 -3.82 -0.17
CA GLN C 168 5.89 -4.55 -1.40
C GLN C 168 4.95 -5.73 -1.53
N ASP C 169 4.72 -6.46 -0.43
CA ASP C 169 3.78 -7.57 -0.48
C ASP C 169 2.38 -7.10 -0.84
N TYR C 170 1.93 -6.01 -0.21
CA TYR C 170 0.59 -5.51 -0.49
C TYR C 170 0.47 -5.05 -1.94
N GLN C 171 1.49 -4.39 -2.46
CA GLN C 171 1.47 -3.94 -3.85
C GLN C 171 1.44 -5.14 -4.79
N GLU C 172 2.25 -6.17 -4.51
CA GLU C 172 2.26 -7.34 -5.37
C GLU C 172 0.91 -8.05 -5.36
N SER C 173 0.23 -8.04 -4.21
CA SER C 173 -1.06 -8.71 -4.09
C SER C 173 -2.16 -8.07 -4.92
N GLY C 174 -1.85 -7.04 -5.71
CA GLY C 174 -2.84 -6.37 -6.54
C GLY C 174 -3.59 -5.26 -5.84
N ALA C 175 -3.23 -4.93 -4.60
CA ALA C 175 -3.90 -3.86 -3.88
C ALA C 175 -3.62 -2.51 -4.54
N THR C 176 -4.66 -1.68 -4.62
CA THR C 176 -4.56 -0.34 -5.17
C THR C 176 -4.97 0.65 -4.09
N LEU C 177 -4.10 1.63 -3.84
CA LEU C 177 -4.36 2.61 -2.79
C LEU C 177 -5.35 3.66 -3.27
N ILE C 178 -6.33 3.98 -2.42
CA ILE C 178 -7.35 4.95 -2.80
C ILE C 178 -6.73 6.33 -3.00
N ARG C 179 -5.84 6.73 -2.09
CA ARG C 179 -5.13 8.00 -2.21
C ARG C 179 -3.74 7.73 -2.77
N ASP C 180 -3.43 8.33 -3.91
CA ASP C 180 -2.13 8.14 -4.54
C ASP C 180 -1.06 9.04 -3.95
N ARG C 181 -1.43 10.01 -3.12
CA ARG C 181 -0.46 10.91 -2.52
C ARG C 181 0.30 10.28 -1.36
N LEU C 182 -0.20 9.18 -0.80
CA LEU C 182 0.43 8.56 0.36
C LEU C 182 1.67 7.77 0.00
N LYS C 183 1.96 7.56 -1.29
CA LYS C 183 3.09 6.75 -1.67
C LYS C 183 4.38 7.32 -1.10
N THR C 184 5.16 6.46 -0.47
CA THR C 184 6.42 6.84 0.17
C THR C 184 7.56 6.11 -0.51
N GLU C 185 8.60 6.85 -0.88
CA GLU C 185 9.69 6.25 -1.63
C GLU C 185 10.41 5.20 -0.77
N PRO C 186 10.96 4.17 -1.39
CA PRO C 186 11.71 3.17 -0.61
C PRO C 186 12.86 3.81 0.16
N PHE C 187 13.14 3.27 1.34
CA PHE C 187 14.18 3.80 2.21
C PHE C 187 15.52 3.16 1.87
N GLU C 188 16.50 3.99 1.54
CA GLU C 188 17.88 3.57 1.38
C GLU C 188 18.71 4.31 2.42
N GLU C 189 19.41 3.56 3.28
CA GLU C 189 20.12 4.19 4.38
C GLU C 189 21.18 5.16 3.89
N ASN C 190 21.92 4.78 2.84
CA ASN C 190 22.98 5.65 2.34
C ASN C 190 22.43 6.98 1.88
N SER C 191 21.34 6.95 1.11
CA SER C 191 20.77 8.19 0.59
C SER C 191 20.26 9.07 1.72
N PHE C 192 19.58 8.48 2.69
CA PHE C 192 19.07 9.27 3.82
C PHE C 192 20.21 9.91 4.60
N LEU C 193 21.27 9.15 4.86
CA LEU C 193 22.40 9.70 5.60
C LEU C 193 23.08 10.81 4.82
N GLU C 194 23.27 10.62 3.51
CA GLU C 194 23.92 11.65 2.71
C GLU C 194 23.09 12.92 2.70
N GLN C 195 21.79 12.80 2.47
CA GLN C 195 20.93 13.98 2.45
C GLN C 195 20.94 14.68 3.81
N PHE C 196 20.89 13.92 4.89
CA PHE C 196 20.91 14.52 6.22
C PHE C 196 22.21 15.29 6.44
N MET C 197 23.35 14.64 6.21
CA MET C 197 24.63 15.29 6.43
C MET C 197 24.83 16.48 5.51
N ILE C 198 24.15 16.51 4.36
CA ILE C 198 24.32 17.64 3.46
C ILE C 198 23.43 18.82 3.89
N GLU C 199 22.20 18.54 4.32
CA GLU C 199 21.22 19.58 4.55
C GLU C 199 21.08 19.97 6.02
N LYS C 200 20.77 19.01 6.89
CA LYS C 200 20.30 19.32 8.23
C LYS C 200 21.37 19.19 9.31
N LEU C 201 22.58 18.78 8.96
CA LEU C 201 23.63 18.66 9.97
C LEU C 201 23.95 19.99 10.63
N PRO C 202 24.10 21.11 9.90
CA PRO C 202 24.53 22.35 10.55
C PRO C 202 23.64 22.76 11.71
N GLU C 203 22.34 22.88 11.46
CA GLU C 203 21.43 23.34 12.52
C GLU C 203 21.38 22.35 13.67
N ALA C 204 21.35 21.05 13.36
CA ALA C 204 21.23 20.04 14.41
C ALA C 204 22.45 20.04 15.32
N CYS C 205 23.65 20.20 14.74
CA CYS C 205 24.88 20.06 15.50
C CYS C 205 25.22 21.30 16.33
N SER C 206 24.46 22.37 16.22
CA SER C 206 24.77 23.61 16.92
C SER C 206 24.64 23.41 18.43
N ILE C 207 25.78 23.38 19.12
CA ILE C 207 25.76 23.23 20.57
C ILE C 207 25.18 24.48 21.22
N GLY C 208 25.48 25.65 20.66
CA GLY C 208 24.98 26.88 21.25
C GLY C 208 25.64 27.15 22.59
N ASP C 209 24.84 27.62 23.55
CA ASP C 209 25.30 27.91 24.89
C ASP C 209 25.03 26.77 25.85
N GLY C 210 24.62 25.61 25.35
CA GLY C 210 24.33 24.45 26.17
C GLY C 210 22.86 24.20 26.40
N LYS C 211 22.00 25.13 26.00
CA LYS C 211 20.56 24.93 26.20
C LYS C 211 20.03 23.68 25.52
N PRO C 212 20.34 23.42 24.24
CA PRO C 212 19.79 22.21 23.61
C PRO C 212 20.15 20.93 24.34
N PHE C 213 21.38 20.84 24.86
CA PHE C 213 21.78 19.66 25.60
C PHE C 213 20.90 19.46 26.82
N VAL C 214 20.63 20.53 27.57
CA VAL C 214 19.78 20.41 28.74
C VAL C 214 18.36 20.06 28.35
N MET C 215 17.86 20.64 27.26
CA MET C 215 16.46 20.44 26.89
C MET C 215 16.21 19.02 26.39
N ASN C 216 17.06 18.52 25.50
CA ASN C 216 16.77 17.27 24.81
C ASN C 216 17.37 16.05 25.52
N LEU C 217 18.70 16.01 25.67
CA LEU C 217 19.39 14.83 26.16
C LEU C 217 19.63 14.99 27.65
N GLN C 218 18.67 14.55 28.45
CA GLN C 218 18.89 14.49 29.89
C GLN C 218 18.41 13.16 30.47
N ASP C 219 17.42 12.54 29.84
CA ASP C 219 17.02 11.20 30.27
C ASP C 219 18.06 10.17 29.89
N LEU C 220 18.60 10.27 28.67
CA LEU C 220 19.65 9.36 28.25
C LEU C 220 20.91 9.54 29.09
N TYR C 221 21.23 10.80 29.41
CA TYR C 221 22.38 11.08 30.26
C TYR C 221 22.24 10.39 31.62
N MET C 222 21.06 10.55 32.24
CA MET C 222 20.84 9.93 33.54
C MET C 222 20.88 8.42 33.45
N ALA C 223 20.30 7.85 32.39
CA ALA C 223 20.32 6.40 32.24
C ALA C 223 21.74 5.88 32.09
N VAL C 224 22.56 6.54 31.27
CA VAL C 224 23.93 6.09 31.08
C VAL C 224 24.73 6.22 32.37
N THR C 225 24.58 7.35 33.08
CA THR C 225 25.30 7.52 34.33
C THR C 225 24.88 6.48 35.36
N THR C 226 23.58 6.19 35.44
CA THR C 226 23.12 5.18 36.38
C THR C 226 23.68 3.81 36.04
N GLN C 227 23.72 3.46 34.75
CA GLN C 227 24.34 2.20 34.37
C GLN C 227 25.81 2.16 34.76
N GLU C 228 26.52 3.27 34.55
CA GLU C 228 27.93 3.32 34.94
C GLU C 228 28.08 3.12 36.44
N VAL C 229 27.23 3.75 37.23
CA VAL C 229 27.29 3.58 38.68
C VAL C 229 27.02 2.14 39.07
N GLN C 230 26.00 1.53 38.46
CA GLN C 230 25.66 0.15 38.79
C GLN C 230 26.80 -0.80 38.44
N VAL C 231 27.44 -0.59 37.29
CA VAL C 231 28.55 -1.44 36.89
C VAL C 231 29.68 -1.36 37.91
N GLY C 232 30.02 -0.14 38.34
CA GLY C 232 31.08 0.05 39.31
C GLY C 232 31.68 1.44 39.25
N LYS C 296 -12.52 -93.53 37.01
CA LYS C 296 -11.96 -94.63 36.24
C LYS C 296 -13.04 -95.33 35.44
N PRO C 297 -13.46 -94.75 34.31
CA PRO C 297 -14.49 -95.38 33.48
C PRO C 297 -13.91 -96.50 32.64
N ARG C 298 -14.44 -97.71 32.84
CA ARG C 298 -14.02 -98.86 32.06
C ARG C 298 -15.19 -99.82 31.92
N GLY C 299 -15.10 -100.69 30.94
CA GLY C 299 -16.17 -101.64 30.66
C GLY C 299 -17.16 -101.07 29.64
N LEU C 300 -18.42 -100.98 30.04
CA LEU C 300 -19.44 -100.44 29.14
C LEU C 300 -19.23 -98.96 28.85
N PHE C 301 -18.45 -98.26 29.67
CA PHE C 301 -18.25 -96.83 29.54
C PHE C 301 -16.93 -96.47 28.88
N SER C 302 -16.24 -97.44 28.30
CA SER C 302 -14.97 -97.18 27.62
C SER C 302 -14.88 -97.98 26.32
N MET D 1 -17.37 42.74 86.90
CA MET D 1 -16.06 43.23 87.41
C MET D 1 -15.61 44.42 86.58
N GLU D 2 -15.50 45.58 87.25
CA GLU D 2 -14.97 46.78 86.64
C GLU D 2 -13.98 47.42 87.60
N ARG D 3 -13.10 48.23 87.05
CA ARG D 3 -12.04 48.87 87.82
C ARG D 3 -11.66 50.18 87.16
N LYS D 4 -11.39 51.19 87.98
CA LYS D 4 -11.11 52.53 87.50
C LYS D 4 -9.82 53.06 88.13
N ILE D 5 -9.15 53.93 87.40
CA ILE D 5 -7.91 54.56 87.81
C ILE D 5 -8.17 56.05 88.03
N SER D 6 -7.42 56.65 88.95
CA SER D 6 -7.52 58.08 89.18
C SER D 6 -6.21 58.60 89.76
N ARG D 7 -5.99 59.90 89.58
CA ARG D 7 -4.80 60.58 90.05
C ARG D 7 -5.18 61.50 91.20
N ILE D 8 -4.45 61.42 92.31
CA ILE D 8 -4.69 62.29 93.45
C ILE D 8 -3.38 62.87 93.95
N HIS D 9 -3.47 64.05 94.54
CA HIS D 9 -2.34 64.71 95.18
C HIS D 9 -2.45 64.53 96.69
N LEU D 10 -1.33 64.72 97.37
CA LEU D 10 -1.27 64.60 98.81
C LEU D 10 -0.71 65.87 99.42
N VAL D 11 -1.26 66.28 100.56
CA VAL D 11 -0.77 67.46 101.25
C VAL D 11 0.72 67.32 101.52
N SER D 12 1.14 66.14 102.00
CA SER D 12 2.54 65.92 102.33
C SER D 12 3.42 66.02 101.09
N GLU D 13 2.89 65.64 99.93
CA GLU D 13 3.65 65.57 98.68
C GLU D 13 2.93 66.37 97.62
N PRO D 14 3.06 67.70 97.65
CA PRO D 14 2.37 68.53 96.65
C PRO D 14 2.94 68.40 95.24
N SER D 15 4.17 67.91 95.09
CA SER D 15 4.81 67.80 93.79
C SER D 15 4.81 66.38 93.23
N ILE D 16 4.36 65.39 94.01
CA ILE D 16 4.40 63.99 93.61
C ILE D 16 3.00 63.40 93.75
N THR D 17 2.51 62.79 92.68
CA THR D 17 1.14 62.31 92.63
C THR D 17 1.07 60.84 93.03
N HIS D 18 -0.14 60.40 93.34
CA HIS D 18 -0.43 59.00 93.66
C HIS D 18 -1.55 58.51 92.76
N PHE D 19 -1.52 57.22 92.44
CA PHE D 19 -2.54 56.60 91.60
C PHE D 19 -3.41 55.72 92.48
N LEU D 20 -4.71 55.98 92.45
CA LEU D 20 -5.69 55.21 93.19
C LEU D 20 -6.50 54.37 92.21
N GLN D 21 -6.57 53.07 92.46
CA GLN D 21 -7.36 52.14 91.68
C GLN D 21 -8.49 51.62 92.55
N VAL D 22 -9.72 51.79 92.08
CA VAL D 22 -10.90 51.31 92.79
C VAL D 22 -11.59 50.29 91.90
N SER D 23 -11.79 49.08 92.43
CA SER D 23 -12.36 48.00 91.64
C SER D 23 -13.55 47.42 92.38
N TRP D 24 -14.68 47.31 91.67
CA TRP D 24 -15.90 46.75 92.22
C TRP D 24 -16.47 45.74 91.22
N GLU D 25 -17.30 44.84 91.72
CA GLU D 25 -17.83 43.75 90.89
C GLU D 25 -19.12 44.15 90.18
N LYS D 26 -20.15 44.48 90.95
CA LYS D 26 -21.46 44.84 90.40
C LYS D 26 -21.82 46.28 90.71
N THR D 27 -21.82 46.66 91.99
CA THR D 27 -22.13 48.02 92.40
C THR D 27 -21.36 48.32 93.67
N LEU D 28 -21.12 49.61 93.91
CA LEU D 28 -20.37 50.00 95.09
C LEU D 28 -21.06 49.57 96.38
N GLU D 29 -22.37 49.30 96.34
CA GLU D 29 -23.09 48.93 97.56
C GLU D 29 -22.53 47.63 98.13
N SER D 30 -22.25 46.64 97.28
CA SER D 30 -21.74 45.37 97.77
C SER D 30 -20.39 45.55 98.44
N GLY D 31 -19.54 46.40 97.85
CA GLY D 31 -18.19 46.60 98.35
C GLY D 31 -17.22 46.70 97.21
N PHE D 32 -15.94 46.91 97.50
CA PHE D 32 -14.92 47.02 96.46
C PHE D 32 -13.56 46.95 97.11
N VAL D 33 -12.52 47.11 96.30
CA VAL D 33 -11.14 47.09 96.77
C VAL D 33 -10.46 48.34 96.27
N ILE D 34 -9.72 49.01 97.15
CA ILE D 34 -8.97 50.20 96.83
C ILE D 34 -7.49 49.87 96.90
N THR D 35 -6.71 50.48 96.02
CA THR D 35 -5.26 50.29 96.03
C THR D 35 -4.61 51.63 95.72
N LEU D 36 -3.63 51.99 96.53
CA LEU D 36 -2.89 53.25 96.38
C LEU D 36 -1.45 52.93 96.04
N THR D 37 -0.94 53.53 94.97
CA THR D 37 0.42 53.24 94.51
C THR D 37 1.07 54.53 94.06
N ASP D 38 2.41 54.52 94.03
CA ASP D 38 3.15 55.70 93.60
C ASP D 38 4.36 55.36 92.73
N GLY D 39 4.47 54.13 92.27
CA GLY D 39 5.58 53.71 91.44
C GLY D 39 6.65 52.90 92.17
N HIS D 40 6.66 52.94 93.50
CA HIS D 40 7.61 52.16 94.28
C HIS D 40 6.93 51.16 95.20
N SER D 41 6.01 51.61 96.04
CA SER D 41 5.35 50.75 97.00
C SER D 41 3.86 51.04 97.00
N ALA D 42 3.06 49.98 97.16
CA ALA D 42 1.61 50.07 97.03
C ALA D 42 0.93 49.42 98.22
N TRP D 43 -0.21 50.00 98.61
CA TRP D 43 -1.06 49.48 99.66
C TRP D 43 -2.42 49.13 99.08
N THR D 44 -3.13 48.25 99.78
CA THR D 44 -4.43 47.76 99.34
C THR D 44 -5.39 47.81 100.51
N GLY D 45 -6.67 47.60 100.19
CA GLY D 45 -7.71 47.56 101.21
C GLY D 45 -8.95 46.89 100.67
N THR D 46 -9.94 46.75 101.55
CA THR D 46 -11.20 46.11 101.21
C THR D 46 -12.34 46.85 101.91
N VAL D 47 -13.49 46.88 101.25
CA VAL D 47 -14.72 47.40 101.86
C VAL D 47 -15.86 46.48 101.46
N SER D 48 -16.71 46.17 102.44
CA SER D 48 -17.87 45.32 102.26
C SER D 48 -19.11 46.05 102.77
N GLU D 49 -20.27 45.42 102.54
CA GLU D 49 -21.52 46.02 102.98
C GLU D 49 -21.50 46.33 104.47
N SER D 50 -20.78 45.53 105.26
CA SER D 50 -20.71 45.81 106.69
C SER D 50 -20.02 47.15 106.95
N GLU D 51 -18.92 47.42 106.26
CA GLU D 51 -18.19 48.66 106.51
C GLU D 51 -19.02 49.88 106.11
N ILE D 52 -19.69 49.80 104.95
CA ILE D 52 -20.51 50.93 104.53
C ILE D 52 -21.70 51.09 105.47
N SER D 53 -22.26 49.99 105.97
CA SER D 53 -23.34 50.10 106.95
C SER D 53 -22.87 50.79 108.21
N GLN D 54 -21.69 50.42 108.71
CA GLN D 54 -21.16 51.07 109.90
C GLN D 54 -20.90 52.55 109.64
N GLU D 55 -20.35 52.89 108.48
CA GLU D 55 -20.10 54.29 108.16
C GLU D 55 -21.41 55.07 108.09
N ALA D 56 -22.44 54.49 107.46
CA ALA D 56 -23.72 55.16 107.38
C ALA D 56 -24.37 55.29 108.75
N ASP D 57 -24.08 54.36 109.66
CA ASP D 57 -24.49 54.54 111.05
C ASP D 57 -23.77 55.73 111.68
N ASP D 58 -22.48 55.88 111.37
CA ASP D 58 -21.69 56.96 111.97
C ASP D 58 -22.21 58.33 111.52
N MET D 59 -22.56 58.47 110.25
CA MET D 59 -22.88 59.78 109.68
C MET D 59 -24.38 60.00 109.47
N ALA D 60 -25.19 58.95 109.55
CA ALA D 60 -26.65 59.08 109.63
C ALA D 60 -27.23 59.85 108.45
N MET D 61 -27.10 59.25 107.27
CA MET D 61 -27.72 59.84 106.08
C MET D 61 -27.83 58.76 105.01
N GLU D 62 -28.70 59.01 104.03
CA GLU D 62 -29.08 58.01 103.04
C GLU D 62 -27.86 57.32 102.44
N LYS D 63 -27.92 55.99 102.37
CA LYS D 63 -26.76 55.20 101.96
C LYS D 63 -26.39 55.46 100.51
N GLY D 64 -27.39 55.52 99.63
CA GLY D 64 -27.10 55.67 98.21
C GLY D 64 -26.32 56.93 97.91
N LYS D 65 -26.62 58.01 98.62
CA LYS D 65 -25.88 59.25 98.43
C LYS D 65 -24.43 59.12 98.90
N TYR D 66 -24.21 58.38 99.99
CA TYR D 66 -22.84 58.08 100.39
C TYR D 66 -22.12 57.31 99.30
N VAL D 67 -22.79 56.32 98.71
CA VAL D 67 -22.18 55.54 97.64
C VAL D 67 -21.84 56.46 96.47
N GLY D 68 -22.76 57.35 96.11
CA GLY D 68 -22.51 58.25 94.99
C GLY D 68 -21.39 59.22 95.27
N GLU D 69 -21.32 59.76 96.49
CA GLU D 69 -20.24 60.67 96.85
C GLU D 69 -18.91 59.95 96.80
N LEU D 70 -18.85 58.72 97.30
CA LEU D 70 -17.63 57.94 97.18
C LEU D 70 -17.29 57.71 95.72
N ARG D 71 -18.30 57.42 94.91
CA ARG D 71 -18.08 57.21 93.47
C ARG D 71 -17.44 58.44 92.84
N LYS D 72 -17.98 59.61 93.14
CA LYS D 72 -17.44 60.83 92.56
C LYS D 72 -16.03 61.11 93.07
N ALA D 73 -15.82 60.95 94.37
CA ALA D 73 -14.51 61.27 94.95
C ALA D 73 -13.43 60.34 94.42
N LEU D 74 -13.75 59.05 94.27
CA LEU D 74 -12.74 58.06 93.93
C LEU D 74 -12.65 57.78 92.44
N LEU D 75 -13.69 58.07 91.67
CA LEU D 75 -13.70 57.79 90.24
C LEU D 75 -13.83 59.05 89.40
N SER D 76 -14.86 59.87 89.66
CA SER D 76 -15.11 61.02 88.79
C SER D 76 -13.94 62.00 88.83
N GLY D 77 -13.44 62.30 90.02
CA GLY D 77 -12.38 63.28 90.15
C GLY D 77 -12.76 64.64 89.59
N ALA D 78 -14.01 65.06 89.81
CA ALA D 78 -14.51 66.32 89.26
C ALA D 78 -14.07 67.46 90.18
N GLY D 79 -13.08 68.22 89.73
CA GLY D 79 -12.57 69.34 90.50
C GLY D 79 -13.58 70.45 90.69
N PRO D 80 -14.27 70.84 89.62
CA PRO D 80 -15.20 71.97 89.77
C PRO D 80 -16.26 71.76 90.83
N ALA D 81 -16.63 70.50 91.11
CA ALA D 81 -17.68 70.20 92.08
C ALA D 81 -17.05 70.01 93.46
N ASP D 82 -16.74 71.13 94.11
CA ASP D 82 -16.37 71.15 95.52
C ASP D 82 -15.15 70.26 95.78
N VAL D 83 -14.03 70.68 95.19
CA VAL D 83 -12.77 69.99 95.40
C VAL D 83 -12.64 69.57 96.86
N TYR D 84 -12.21 68.32 97.07
CA TYR D 84 -11.90 67.81 98.39
C TYR D 84 -10.51 67.16 98.36
N THR D 85 -9.86 67.13 99.50
CA THR D 85 -8.44 66.82 99.58
C THR D 85 -8.22 65.47 100.27
N PHE D 86 -7.45 64.60 99.62
CA PHE D 86 -7.14 63.28 100.14
C PHE D 86 -5.73 63.34 100.73
N ASN D 87 -5.64 63.34 102.05
CA ASN D 87 -4.36 63.32 102.73
C ASN D 87 -4.11 61.93 103.31
N PHE D 88 -2.85 61.67 103.68
CA PHE D 88 -2.46 60.34 104.12
C PHE D 88 -1.31 60.45 105.10
N SER D 89 -1.49 59.89 106.29
CA SER D 89 -0.40 59.67 107.25
C SER D 89 0.21 58.31 106.94
N LYS D 90 1.41 58.33 106.36
CA LYS D 90 2.03 57.10 105.88
C LYS D 90 2.32 56.14 107.02
N GLU D 91 3.03 56.62 108.05
CA GLU D 91 3.44 55.73 109.12
C GLU D 91 2.24 55.20 109.89
N SER D 92 1.34 56.10 110.31
CA SER D 92 0.12 55.67 110.96
C SER D 92 -0.79 54.90 110.01
N CYS D 93 -0.53 54.96 108.70
CA CYS D 93 -1.36 54.29 107.70
C CYS D 93 -2.82 54.75 107.85
N TYR D 94 -3.02 56.06 107.70
CA TYR D 94 -4.34 56.67 107.81
C TYR D 94 -4.55 57.56 106.58
N PHE D 95 -5.21 57.02 105.57
CA PHE D 95 -5.53 57.74 104.34
C PHE D 95 -6.99 58.18 104.41
N PHE D 96 -7.21 59.50 104.50
CA PHE D 96 -8.56 60.02 104.62
C PHE D 96 -8.75 61.18 103.66
N PHE D 97 -10.00 61.38 103.25
CA PHE D 97 -10.36 62.40 102.26
C PHE D 97 -11.30 63.40 102.94
N GLU D 98 -10.77 64.58 103.25
CA GLU D 98 -11.54 65.63 103.89
C GLU D 98 -12.26 66.46 102.84
N LYS D 99 -13.51 66.81 103.15
CA LYS D 99 -14.32 67.68 102.30
C LYS D 99 -14.20 69.10 102.81
N ASN D 100 -13.91 70.04 101.90
CA ASN D 100 -13.68 71.43 102.24
C ASN D 100 -14.72 72.29 101.53
N LEU D 101 -15.87 72.48 102.17
CA LEU D 101 -16.85 73.44 101.70
C LEU D 101 -16.43 74.84 102.15
N LYS D 102 -17.04 75.86 101.54
CA LYS D 102 -16.70 77.23 101.89
C LYS D 102 -16.89 77.48 103.37
N ASP D 103 -15.78 77.68 104.10
CA ASP D 103 -15.78 77.94 105.53
C ASP D 103 -16.34 76.77 106.34
N VAL D 104 -16.27 75.55 105.80
CA VAL D 104 -16.76 74.36 106.49
C VAL D 104 -15.90 73.17 106.08
N SER D 105 -15.73 72.23 107.00
CA SER D 105 -14.95 71.03 106.75
C SER D 105 -15.70 69.80 107.27
N PHE D 106 -15.55 68.69 106.56
CA PHE D 106 -16.13 67.41 106.97
C PHE D 106 -15.07 66.32 106.86
N ARG D 107 -15.08 65.41 107.83
CA ARG D 107 -14.24 64.21 107.78
C ARG D 107 -15.07 63.11 107.12
N LEU D 108 -14.99 63.04 105.79
CA LEU D 108 -15.88 62.16 105.05
C LEU D 108 -15.69 60.70 105.44
N GLY D 109 -14.44 60.25 105.55
CA GLY D 109 -14.22 58.85 105.87
C GLY D 109 -12.80 58.50 106.27
N SER D 110 -12.68 57.48 107.11
CA SER D 110 -11.39 56.94 107.54
C SER D 110 -11.14 55.62 106.84
N PHE D 111 -9.86 55.29 106.68
CA PHE D 111 -9.47 54.08 105.97
C PHE D 111 -8.16 53.57 106.53
N ASN D 112 -7.91 52.28 106.30
CA ASN D 112 -6.68 51.63 106.74
C ASN D 112 -5.97 51.03 105.54
N LEU D 113 -4.64 51.06 105.58
CA LEU D 113 -3.81 50.59 104.49
C LEU D 113 -2.67 49.74 105.03
N GLU D 114 -2.21 48.81 104.19
CA GLU D 114 -1.13 47.90 104.53
C GLU D 114 -0.14 47.84 103.37
N LYS D 115 1.10 47.47 103.69
CA LYS D 115 2.15 47.38 102.69
C LYS D 115 2.13 46.00 102.04
N VAL D 116 1.81 45.97 100.74
CA VAL D 116 1.86 44.71 100.01
C VAL D 116 3.31 44.26 99.90
N GLU D 117 3.52 42.95 100.03
CA GLU D 117 4.88 42.42 100.01
C GLU D 117 5.56 42.71 98.68
N ASN D 118 4.87 42.49 97.57
CA ASN D 118 5.43 42.71 96.24
C ASN D 118 4.74 43.89 95.57
N PRO D 119 5.40 45.04 95.42
CA PRO D 119 4.75 46.15 94.73
C PRO D 119 4.81 46.00 93.22
N ALA D 120 5.92 45.45 92.73
CA ALA D 120 6.14 45.37 91.29
C ALA D 120 5.00 44.67 90.59
N GLU D 121 4.43 43.64 91.22
CA GLU D 121 3.32 42.91 90.61
C GLU D 121 2.14 43.84 90.36
N VAL D 122 1.72 44.59 91.38
CA VAL D 122 0.55 45.44 91.21
C VAL D 122 0.85 46.60 90.27
N ILE D 123 2.06 47.15 90.34
CA ILE D 123 2.42 48.20 89.39
C ILE D 123 2.30 47.68 87.98
N ARG D 124 2.74 46.44 87.74
CA ARG D 124 2.59 45.84 86.41
C ARG D 124 1.12 45.68 86.04
N GLU D 125 0.32 45.24 87.00
CA GLU D 125 -1.10 45.02 86.72
C GLU D 125 -1.75 46.30 86.24
N LEU D 126 -1.48 47.40 86.92
CA LEU D 126 -2.10 48.67 86.57
C LEU D 126 -1.81 49.03 85.11
N ILE D 127 -0.54 49.00 84.73
CA ILE D 127 -0.21 49.49 83.41
C ILE D 127 -0.63 48.51 82.34
N CYS D 128 -0.66 47.20 82.62
CA CYS D 128 -1.15 46.30 81.60
C CYS D 128 -2.64 46.51 81.37
N TYR D 129 -3.40 46.78 82.43
CA TYR D 129 -4.79 47.13 82.23
C TYR D 129 -4.91 48.40 81.39
N CYS D 130 -4.06 49.39 81.67
CA CYS D 130 -4.11 50.62 80.89
C CYS D 130 -3.86 50.35 79.41
N LEU D 131 -2.87 49.52 79.10
CA LEU D 131 -2.56 49.24 77.70
C LEU D 131 -3.69 48.47 77.02
N ASP D 132 -4.30 47.51 77.73
CA ASP D 132 -5.43 46.80 77.16
C ASP D 132 -6.57 47.77 76.86
N THR D 133 -6.83 48.71 77.77
CA THR D 133 -7.84 49.72 77.50
C THR D 133 -7.48 50.54 76.28
N ILE D 134 -6.20 50.88 76.12
CA ILE D 134 -5.77 51.61 74.94
C ILE D 134 -6.15 50.85 73.68
N ALA D 135 -5.84 49.55 73.66
CA ALA D 135 -6.11 48.75 72.48
C ALA D 135 -7.60 48.69 72.17
N GLU D 136 -8.42 48.44 73.20
CA GLU D 136 -9.85 48.34 72.96
C GLU D 136 -10.42 49.65 72.44
N ASN D 137 -9.99 50.77 73.03
CA ASN D 137 -10.47 52.06 72.57
C ASN D 137 -10.07 52.33 71.14
N GLN D 138 -8.83 51.97 70.76
CA GLN D 138 -8.41 52.17 69.39
C GLN D 138 -9.27 51.37 68.42
N ALA D 139 -9.55 50.11 68.77
CA ALA D 139 -10.39 49.29 67.90
C ALA D 139 -11.77 49.90 67.75
N LYS D 140 -12.35 50.35 68.86
CA LYS D 140 -13.68 50.95 68.80
C LYS D 140 -13.66 52.20 67.94
N ASN D 141 -12.61 53.02 68.06
CA ASN D 141 -12.53 54.22 67.26
C ASN D 141 -12.47 53.88 65.78
N GLU D 142 -11.68 52.85 65.43
CA GLU D 142 -11.60 52.48 64.01
C GLU D 142 -12.96 52.05 63.48
N HIS D 143 -13.65 51.19 64.22
CA HIS D 143 -14.97 50.75 63.76
C HIS D 143 -15.93 51.92 63.63
N LEU D 144 -15.95 52.81 64.61
CA LEU D 144 -16.87 53.94 64.57
C LEU D 144 -16.55 54.87 63.41
N GLN D 145 -15.28 55.09 63.13
CA GLN D 145 -14.91 55.92 61.99
C GLN D 145 -15.39 55.32 60.69
N LYS D 146 -15.25 53.99 60.55
CA LYS D 146 -15.76 53.36 59.33
C LYS D 146 -17.27 53.54 59.21
N GLU D 147 -17.98 53.37 60.33
CA GLU D 147 -19.44 53.54 60.30
C GLU D 147 -19.82 54.96 59.91
N ASN D 148 -19.12 55.95 60.47
CA ASN D 148 -19.41 57.34 60.15
C ASN D 148 -19.15 57.64 58.68
N GLU D 149 -18.07 57.08 58.12
CA GLU D 149 -17.81 57.27 56.70
C GLU D 149 -18.94 56.68 55.85
N ARG D 150 -19.39 55.48 56.20
CA ARG D 150 -20.52 54.90 55.50
C ARG D 150 -21.74 55.81 55.58
N LEU D 151 -22.01 56.38 56.76
CA LEU D 151 -23.16 57.26 56.90
C LEU D 151 -23.01 58.50 56.05
N LEU D 152 -21.81 59.07 55.99
CA LEU D 152 -21.63 60.26 55.14
C LEU D 152 -21.87 59.92 53.68
N ARG D 153 -21.41 58.74 53.25
CA ARG D 153 -21.69 58.29 51.90
C ARG D 153 -23.20 58.26 51.65
N ASP D 154 -23.93 57.63 52.56
CA ASP D 154 -25.38 57.49 52.36
C ASP D 154 -26.05 58.86 52.34
N TRP D 155 -25.63 59.77 53.23
CA TRP D 155 -26.19 61.11 53.22
C TRP D 155 -26.00 61.78 51.88
N ASN D 156 -24.78 61.73 51.35
CA ASN D 156 -24.52 62.39 50.08
C ASN D 156 -25.37 61.78 48.97
N ASP D 157 -25.48 60.45 48.95
CA ASP D 157 -26.27 59.80 47.92
C ASP D 157 -27.73 60.24 47.98
N VAL D 158 -28.29 60.28 49.20
CA VAL D 158 -29.69 60.67 49.35
C VAL D 158 -29.88 62.11 48.89
N GLN D 159 -28.97 63.00 49.28
CA GLN D 159 -29.10 64.40 48.87
C GLN D 159 -29.08 64.53 47.35
N GLY D 160 -28.15 63.82 46.70
CA GLY D 160 -28.07 63.89 45.25
C GLY D 160 -29.34 63.39 44.57
N ARG D 161 -29.86 62.26 45.04
CA ARG D 161 -31.09 61.72 44.45
C ARG D 161 -32.25 62.70 44.61
N PHE D 162 -32.36 63.30 45.81
CA PHE D 162 -33.44 64.24 46.04
C PHE D 162 -33.32 65.44 45.11
N GLU D 163 -32.10 65.95 44.92
CA GLU D 163 -31.90 67.06 44.01
C GLU D 163 -32.29 66.67 42.59
N LYS D 164 -31.92 65.46 42.17
CA LYS D 164 -32.31 65.02 40.83
C LYS D 164 -33.83 65.01 40.69
N CYS D 165 -34.53 64.52 41.71
CA CYS D 165 -35.98 64.46 41.63
C CYS D 165 -36.58 65.85 41.51
N VAL D 166 -36.08 66.81 42.30
CA VAL D 166 -36.66 68.15 42.23
C VAL D 166 -36.39 68.79 40.88
N SER D 167 -35.19 68.58 40.33
CA SER D 167 -34.92 69.11 39.00
C SER D 167 -35.86 68.52 37.96
N ALA D 168 -36.10 67.21 38.04
CA ALA D 168 -37.01 66.58 37.09
C ALA D 168 -38.42 67.16 37.22
N LYS D 169 -38.88 67.37 38.45
CA LYS D 169 -40.21 67.92 38.64
C LYS D 169 -40.32 69.29 38.01
N GLU D 170 -39.32 70.14 38.24
CA GLU D 170 -39.37 71.47 37.67
C GLU D 170 -39.37 71.42 36.14
N ALA D 171 -38.55 70.53 35.56
CA ALA D 171 -38.49 70.43 34.11
C ALA D 171 -39.83 70.02 33.53
N LEU D 172 -40.45 68.99 34.10
CA LEU D 172 -41.75 68.57 33.59
C LEU D 172 -42.77 69.69 33.71
N GLU D 173 -42.75 70.41 34.84
CA GLU D 173 -43.68 71.51 35.01
C GLU D 173 -43.52 72.54 33.90
N THR D 174 -42.29 72.98 33.66
CA THR D 174 -42.10 74.02 32.66
C THR D 174 -42.53 73.54 31.28
N ASP D 175 -42.20 72.29 30.95
CA ASP D 175 -42.57 71.78 29.63
C ASP D 175 -44.09 71.81 29.45
N LEU D 176 -44.81 71.23 30.40
CA LEU D 176 -46.26 71.16 30.26
C LEU D 176 -46.88 72.55 30.18
N TYR D 177 -46.42 73.47 31.03
CA TYR D 177 -47.03 74.78 31.04
C TYR D 177 -46.76 75.52 29.74
N LYS D 178 -45.55 75.38 29.19
CA LYS D 178 -45.26 76.02 27.90
C LYS D 178 -46.18 75.45 26.82
N ARG D 179 -46.37 74.13 26.82
CA ARG D 179 -47.23 73.54 25.79
C ARG D 179 -48.64 74.09 25.89
N PHE D 180 -49.17 74.19 27.10
CA PHE D 180 -50.54 74.69 27.23
C PHE D 180 -50.62 76.17 26.86
N ILE D 181 -49.57 76.94 27.16
CA ILE D 181 -49.57 78.34 26.75
C ILE D 181 -49.68 78.42 25.24
N LEU D 182 -48.91 77.59 24.53
CA LEU D 182 -48.97 77.61 23.07
C LEU D 182 -50.37 77.25 22.56
N VAL D 183 -50.95 76.19 23.13
CA VAL D 183 -52.26 75.74 22.67
C VAL D 183 -53.29 76.85 22.88
N LEU D 184 -53.29 77.45 24.07
CA LEU D 184 -54.24 78.51 24.34
C LEU D 184 -54.01 79.70 23.42
N ASN D 185 -52.75 79.99 23.10
CA ASN D 185 -52.47 81.11 22.21
C ASN D 185 -53.07 80.87 20.84
N GLU D 186 -52.92 79.66 20.31
CA GLU D 186 -53.49 79.37 19.00
C GLU D 186 -55.02 79.44 19.03
N LYS D 187 -55.63 78.87 20.07
CA LYS D 187 -57.08 78.95 20.19
C LYS D 187 -57.54 80.40 20.27
N LYS D 188 -56.79 81.23 21.00
CA LYS D 188 -57.12 82.64 21.11
C LYS D 188 -57.01 83.34 19.77
N THR D 189 -55.99 83.00 18.98
CA THR D 189 -55.87 83.58 17.65
C THR D 189 -57.09 83.24 16.82
N LYS D 190 -57.51 81.97 16.85
CA LYS D 190 -58.67 81.57 16.06
C LYS D 190 -59.93 82.31 16.51
N ILE D 191 -60.15 82.39 17.82
CA ILE D 191 -61.37 83.04 18.30
C ILE D 191 -61.35 84.52 17.99
N ARG D 192 -60.17 85.16 18.08
CA ARG D 192 -60.09 86.57 17.72
C ARG D 192 -60.43 86.77 16.24
N SER D 193 -59.91 85.91 15.37
CA SER D 193 -60.23 86.02 13.95
C SER D 193 -61.73 85.84 13.73
N LEU D 194 -62.34 84.89 14.43
CA LEU D 194 -63.78 84.68 14.30
C LEU D 194 -64.56 85.90 14.77
N HIS D 195 -64.14 86.49 15.90
CA HIS D 195 -64.86 87.64 16.45
C HIS D 195 -64.69 88.87 15.57
N ASN D 196 -63.60 88.95 14.80
CA ASN D 196 -63.41 90.08 13.90
C ASN D 196 -64.55 90.14 12.87
N LYS D 197 -64.98 88.99 12.37
CA LYS D 197 -66.11 88.97 11.44
C LYS D 197 -67.36 89.57 12.07
N LEU D 198 -67.48 89.55 13.40
CA LEU D 198 -68.64 90.16 14.03
C LEU D 198 -68.72 91.65 13.70
N LEU D 199 -67.63 92.38 13.92
CA LEU D 199 -67.60 93.78 13.53
C LEU D 199 -67.63 93.92 12.01
N ASN D 200 -67.09 92.93 11.29
CA ASN D 200 -67.13 93.00 9.84
C ASN D 200 -68.57 93.05 9.33
N ALA D 201 -69.44 92.24 9.90
CA ALA D 201 -70.85 92.19 9.48
C ALA D 201 -71.76 92.51 10.65
N MET E 1 6.27 65.15 69.03
CA MET E 1 6.66 63.89 69.70
C MET E 1 5.60 62.82 69.50
N GLU E 2 6.05 61.61 69.16
CA GLU E 2 5.17 60.46 69.03
C GLU E 2 5.72 59.32 69.87
N ARG E 3 4.82 58.57 70.51
CA ARG E 3 5.17 57.61 71.56
C ARG E 3 4.44 56.30 71.32
N LYS E 4 5.09 55.20 71.72
CA LYS E 4 4.47 53.88 71.63
C LYS E 4 4.98 53.02 72.77
N ILE E 5 4.05 52.40 73.49
CA ILE E 5 4.36 51.52 74.61
C ILE E 5 4.02 50.10 74.18
N SER E 6 4.90 49.15 74.51
CA SER E 6 4.74 47.78 74.08
C SER E 6 5.13 46.83 75.20
N ARG E 7 4.58 45.62 75.13
CA ARG E 7 4.81 44.58 76.12
C ARG E 7 5.71 43.51 75.52
N ILE E 8 6.87 43.31 76.14
CA ILE E 8 7.85 42.34 75.67
C ILE E 8 8.16 41.37 76.79
N HIS E 9 8.29 40.09 76.44
CA HIS E 9 8.72 39.05 77.37
C HIS E 9 10.20 38.79 77.14
N LEU E 10 11.04 39.32 78.03
CA LEU E 10 12.46 39.03 77.96
C LEU E 10 12.69 37.54 78.17
N VAL E 11 13.66 36.99 77.44
CA VAL E 11 13.88 35.55 77.45
C VAL E 11 14.67 35.06 78.65
N SER E 12 15.15 35.97 79.50
CA SER E 12 15.79 35.54 80.74
C SER E 12 14.76 35.08 81.76
N GLU E 13 13.65 35.79 81.90
CA GLU E 13 12.58 35.45 82.83
C GLU E 13 11.27 35.32 82.06
N PRO E 14 10.69 34.13 81.93
CA PRO E 14 9.57 33.98 81.00
C PRO E 14 8.26 34.56 81.52
N SER E 15 7.93 34.34 82.79
CA SER E 15 6.59 34.69 83.26
C SER E 15 6.40 36.20 83.35
N ILE E 16 7.36 36.90 83.97
CA ILE E 16 7.19 38.33 84.18
C ILE E 16 7.21 39.06 82.84
N THR E 17 6.41 40.13 82.76
CA THR E 17 6.36 40.98 81.59
C THR E 17 7.28 42.18 81.79
N HIS E 18 7.78 42.72 80.70
CA HIS E 18 8.57 43.94 80.72
C HIS E 18 8.01 44.92 79.70
N PHE E 19 8.24 46.21 79.92
CA PHE E 19 7.58 47.24 79.15
C PHE E 19 8.60 48.13 78.46
N LEU E 20 8.37 48.37 77.17
CA LEU E 20 9.27 49.11 76.30
C LEU E 20 8.57 50.37 75.83
N GLN E 21 9.21 51.52 76.01
CA GLN E 21 8.65 52.82 75.65
C GLN E 21 9.55 53.45 74.59
N VAL E 22 9.01 53.65 73.39
CA VAL E 22 9.80 54.15 72.26
C VAL E 22 9.18 55.47 71.81
N SER E 23 10.02 56.50 71.70
CA SER E 23 9.57 57.83 71.32
C SER E 23 10.42 58.36 70.17
N TRP E 24 9.76 59.01 69.22
CA TRP E 24 10.43 59.62 68.08
C TRP E 24 9.74 60.92 67.72
N GLU E 25 10.53 61.91 67.32
CA GLU E 25 10.01 63.27 67.12
C GLU E 25 9.29 63.41 65.79
N LYS E 26 10.01 63.27 64.68
CA LYS E 26 9.46 63.46 63.35
C LYS E 26 9.24 62.13 62.63
N THR E 27 10.30 61.33 62.49
CA THR E 27 10.20 60.00 61.94
C THR E 27 11.23 59.13 62.62
N LEU E 28 10.95 57.83 62.67
CA LEU E 28 11.82 56.91 63.41
C LEU E 28 13.26 57.00 62.93
N GLU E 29 13.47 57.35 61.66
CA GLU E 29 14.81 57.37 61.11
C GLU E 29 15.73 58.30 61.89
N SER E 30 15.21 59.45 62.31
CA SER E 30 16.05 60.49 62.90
C SER E 30 16.68 60.08 64.23
N GLY E 31 16.21 59.00 64.84
CA GLY E 31 16.70 58.59 66.14
C GLY E 31 15.56 58.56 67.14
N PHE E 32 15.67 57.72 68.17
CA PHE E 32 14.55 57.54 69.09
C PHE E 32 15.08 57.31 70.50
N VAL E 33 14.19 57.57 71.46
CA VAL E 33 14.48 57.38 72.87
C VAL E 33 13.74 56.13 73.33
N ILE E 34 14.48 55.21 73.96
CA ILE E 34 13.95 53.93 74.41
C ILE E 34 14.12 53.83 75.92
N THR E 35 13.03 53.51 76.61
CA THR E 35 13.06 53.32 78.06
C THR E 35 12.43 51.98 78.39
N LEU E 36 13.15 51.16 79.15
CA LEU E 36 12.69 49.84 79.56
C LEU E 36 12.37 49.87 81.04
N THR E 37 11.19 49.38 81.41
CA THR E 37 10.76 49.36 82.80
C THR E 37 10.14 48.01 83.13
N ASP E 38 10.15 47.69 84.42
CA ASP E 38 9.58 46.44 84.89
C ASP E 38 8.82 46.60 86.20
N GLY E 39 8.58 47.82 86.65
CA GLY E 39 7.84 48.08 87.86
C GLY E 39 8.67 48.42 89.07
N HIS E 40 9.98 48.13 89.04
CA HIS E 40 10.86 48.45 90.15
C HIS E 40 12.19 49.05 89.72
N SER E 41 12.53 49.02 88.43
CA SER E 41 13.78 49.57 87.95
C SER E 41 13.64 49.85 86.46
N ALA E 42 14.27 50.94 86.03
CA ALA E 42 14.14 51.41 84.66
C ALA E 42 15.51 51.76 84.10
N TRP E 43 15.60 51.67 82.77
CA TRP E 43 16.82 52.04 82.05
C TRP E 43 16.42 52.90 80.85
N THR E 44 17.16 53.98 80.62
CA THR E 44 16.85 54.92 79.56
C THR E 44 18.01 54.99 78.58
N GLY E 45 17.70 55.31 77.32
CA GLY E 45 18.75 55.51 76.33
C GLY E 45 18.21 56.13 75.07
N THR E 46 19.13 56.45 74.18
CA THR E 46 18.81 57.07 72.90
C THR E 46 19.64 56.45 71.80
N VAL E 47 19.10 56.45 70.59
CA VAL E 47 19.81 56.04 69.39
C VAL E 47 19.69 57.17 68.38
N SER E 48 20.83 57.70 67.96
CA SER E 48 20.87 58.84 67.06
C SER E 48 20.90 58.38 65.59
N GLU E 49 20.72 59.35 64.70
CA GLU E 49 20.62 59.03 63.27
C GLU E 49 21.88 58.35 62.77
N SER E 50 23.05 58.86 63.18
CA SER E 50 24.29 58.25 62.74
C SER E 50 24.37 56.78 63.14
N GLU E 51 23.89 56.46 64.35
CA GLU E 51 23.95 55.08 64.81
C GLU E 51 23.07 54.17 63.95
N ILE E 52 21.84 54.60 63.67
CA ILE E 52 20.96 53.77 62.85
C ILE E 52 21.54 53.61 61.46
N SER E 53 22.11 54.70 60.92
CA SER E 53 22.73 54.61 59.60
C SER E 53 23.88 53.61 59.59
N GLN E 54 24.73 53.66 60.61
CA GLN E 54 25.83 52.70 60.70
C GLN E 54 25.30 51.28 60.82
N GLU E 55 24.24 51.09 61.60
CA GLU E 55 23.66 49.76 61.74
C GLU E 55 23.14 49.24 60.41
N ALA E 56 22.42 50.08 59.67
CA ALA E 56 21.89 49.66 58.38
C ALA E 56 23.00 49.34 57.40
N ASP E 57 24.01 50.22 57.31
CA ASP E 57 25.10 49.99 56.38
C ASP E 57 25.87 48.73 56.74
N ASP E 58 26.05 48.48 58.04
CA ASP E 58 26.77 47.29 58.47
C ASP E 58 25.96 46.03 58.22
N MET E 59 24.65 46.15 58.04
CA MET E 59 23.81 45.03 57.66
C MET E 59 23.74 44.83 56.16
N ALA E 60 24.32 45.73 55.37
CA ALA E 60 24.32 45.61 53.91
C ALA E 60 22.90 45.40 53.39
N MET E 61 21.97 46.16 53.93
CA MET E 61 20.56 46.04 53.60
C MET E 61 19.97 47.42 53.40
N GLU E 62 18.92 47.49 52.58
CA GLU E 62 18.29 48.76 52.26
C GLU E 62 17.83 49.46 53.53
N LYS E 63 18.06 50.77 53.60
CA LYS E 63 17.67 51.53 54.78
C LYS E 63 16.16 51.48 55.01
N GLY E 64 15.38 51.59 53.93
CA GLY E 64 13.93 51.58 54.08
C GLY E 64 13.43 50.28 54.68
N LYS E 65 13.92 49.15 54.18
CA LYS E 65 13.48 47.86 54.70
C LYS E 65 13.92 47.67 56.15
N TYR E 66 15.13 48.12 56.48
CA TYR E 66 15.59 48.01 57.86
C TYR E 66 14.71 48.84 58.79
N VAL E 67 14.35 50.05 58.37
CA VAL E 67 13.46 50.88 59.18
C VAL E 67 12.11 50.19 59.33
N GLY E 68 11.61 49.59 58.25
CA GLY E 68 10.35 48.88 58.33
C GLY E 68 10.40 47.74 59.34
N GLU E 69 11.49 46.95 59.30
CA GLU E 69 11.63 45.87 60.25
C GLU E 69 11.73 46.39 61.68
N LEU E 70 12.49 47.47 61.88
CA LEU E 70 12.64 48.02 63.21
C LEU E 70 11.31 48.48 63.76
N ARG E 71 10.51 49.17 62.94
CA ARG E 71 9.19 49.59 63.40
C ARG E 71 8.29 48.38 63.67
N LYS E 72 8.32 47.39 62.79
CA LYS E 72 7.51 46.21 63.00
C LYS E 72 7.86 45.51 64.30
N ALA E 73 9.12 45.59 64.71
CA ALA E 73 9.57 44.87 65.90
C ALA E 73 9.30 45.67 67.16
N LEU E 74 9.88 46.87 67.27
CA LEU E 74 9.80 47.61 68.52
C LEU E 74 8.42 48.22 68.75
N LEU E 75 7.77 48.69 67.69
CA LEU E 75 6.44 49.26 67.83
C LEU E 75 5.34 48.21 67.84
N SER E 76 5.69 46.93 67.72
CA SER E 76 4.74 45.84 67.88
C SER E 76 3.74 45.78 66.72
N GLY E 77 4.20 46.15 65.52
CA GLY E 77 3.37 46.05 64.33
C GLY E 77 3.53 44.71 63.64
N ALA E 78 4.11 43.74 64.34
CA ALA E 78 4.35 42.43 63.75
C ALA E 78 3.04 41.68 63.54
N GLY E 79 2.94 41.01 62.40
CA GLY E 79 1.83 40.15 62.10
C GLY E 79 2.22 38.70 62.23
N PRO E 80 1.55 37.81 61.49
CA PRO E 80 1.91 36.39 61.50
C PRO E 80 3.16 36.07 60.68
N ALA E 81 3.87 37.07 60.18
CA ALA E 81 5.00 36.82 59.31
C ALA E 81 6.08 36.01 60.01
N ASP E 82 6.44 36.38 61.23
CA ASP E 82 7.53 35.73 61.95
C ASP E 82 7.44 36.16 63.42
N VAL E 83 8.48 35.82 64.19
CA VAL E 83 8.53 36.12 65.61
C VAL E 83 9.88 36.75 65.94
N TYR E 84 9.89 37.56 66.99
CA TYR E 84 11.10 38.21 67.48
C TYR E 84 11.32 37.82 68.93
N THR E 85 12.58 37.83 69.35
CA THR E 85 12.96 37.57 70.73
C THR E 85 13.90 38.67 71.20
N PHE E 86 13.75 39.05 72.47
CA PHE E 86 14.50 40.13 73.08
C PHE E 86 15.36 39.59 74.20
N ASN E 87 16.53 40.19 74.39
CA ASN E 87 17.48 39.76 75.39
C ASN E 87 18.05 40.96 76.14
N PHE E 88 18.20 40.79 77.45
CA PHE E 88 18.67 41.86 78.32
C PHE E 88 19.24 41.23 79.58
N SER E 89 20.47 41.59 79.92
CA SER E 89 21.10 41.17 81.16
C SER E 89 21.15 42.35 82.11
N LYS E 90 20.79 42.11 83.37
CA LYS E 90 20.69 43.20 84.32
C LYS E 90 22.04 43.72 84.79
N GLU E 91 23.13 43.05 84.40
CA GLU E 91 24.46 43.47 84.82
C GLU E 91 25.26 44.15 83.72
N SER E 92 25.01 43.83 82.46
CA SER E 92 25.77 44.40 81.35
C SER E 92 25.09 45.61 80.72
N CYS E 93 23.77 45.70 80.80
CA CYS E 93 23.03 46.80 80.18
C CYS E 93 23.22 46.77 78.66
N TYR E 94 23.06 45.58 78.08
CA TYR E 94 23.29 45.36 76.65
C TYR E 94 22.03 44.69 76.09
N PHE E 95 21.09 45.52 75.62
CA PHE E 95 19.84 45.02 75.09
C PHE E 95 20.02 44.63 73.63
N PHE E 96 19.39 43.51 73.22
CA PHE E 96 19.50 43.16 71.81
C PHE E 96 18.32 42.27 71.41
N PHE E 97 17.79 42.54 70.23
CA PHE E 97 16.60 41.87 69.72
C PHE E 97 16.90 41.24 68.37
N GLU E 98 16.37 40.05 68.15
CA GLU E 98 16.61 39.28 66.95
C GLU E 98 15.29 38.72 66.42
N LYS E 99 15.27 38.40 65.13
CA LYS E 99 14.14 37.78 64.47
C LYS E 99 14.43 36.30 64.28
N ASN E 100 13.55 35.44 64.78
CA ASN E 100 13.78 34.00 64.80
C ASN E 100 12.93 33.31 63.76
N LEU E 101 13.55 32.46 62.93
CA LEU E 101 12.83 31.73 61.90
C LEU E 101 13.61 30.47 61.57
N LYS E 102 12.94 29.32 61.63
CA LYS E 102 13.52 28.05 61.21
C LYS E 102 14.87 27.80 61.89
N ASP E 103 14.91 27.98 63.20
CA ASP E 103 16.13 27.77 63.99
C ASP E 103 17.28 28.60 63.44
N VAL E 104 16.98 29.81 63.00
CA VAL E 104 17.97 30.75 62.49
C VAL E 104 17.66 32.12 63.06
N SER E 105 18.66 32.78 63.63
CA SER E 105 18.48 34.04 64.33
C SER E 105 19.24 35.16 63.62
N PHE E 106 18.54 36.28 63.40
CA PHE E 106 19.12 37.49 62.86
C PHE E 106 19.18 38.53 63.96
N ARG E 107 20.39 38.99 64.28
CA ARG E 107 20.61 39.98 65.34
C ARG E 107 20.12 41.32 64.82
N LEU E 108 18.80 41.48 64.81
CA LEU E 108 18.22 42.61 64.12
C LEU E 108 18.73 43.94 64.68
N GLY E 109 18.99 43.99 65.97
CA GLY E 109 19.58 45.21 66.50
C GLY E 109 20.00 45.07 67.95
N SER E 110 20.77 46.06 68.39
CA SER E 110 21.31 46.08 69.74
C SER E 110 21.45 47.52 70.20
N PHE E 111 21.25 47.74 71.50
CA PHE E 111 21.40 49.03 72.13
C PHE E 111 22.16 48.87 73.45
N ASN E 112 22.80 49.95 73.87
CA ASN E 112 23.59 49.99 75.09
C ASN E 112 22.89 50.91 76.07
N LEU E 113 21.96 50.34 76.84
CA LEU E 113 21.13 51.11 77.75
C LEU E 113 21.93 51.43 79.02
N GLU E 114 21.31 52.17 79.93
CA GLU E 114 21.94 52.54 81.19
C GLU E 114 20.87 52.72 82.25
N LYS E 115 21.27 52.58 83.51
CA LYS E 115 20.34 52.74 84.62
C LYS E 115 19.96 54.21 84.78
N VAL E 116 18.78 54.43 85.37
CA VAL E 116 18.34 55.76 85.76
C VAL E 116 18.16 55.77 87.28
N GLU E 117 18.67 56.81 87.91
CA GLU E 117 18.77 56.81 89.37
C GLU E 117 17.41 56.71 90.02
N ASN E 118 16.43 57.44 89.50
CA ASN E 118 15.11 57.51 90.12
C ASN E 118 14.08 56.80 89.24
N PRO E 119 13.62 55.60 89.60
CA PRO E 119 12.57 54.95 88.79
C PRO E 119 11.18 55.50 89.03
N ALA E 120 10.93 56.13 90.18
CA ALA E 120 9.60 56.63 90.49
C ALA E 120 9.13 57.61 89.43
N GLU E 121 10.01 58.55 89.05
CA GLU E 121 9.61 59.58 88.10
C GLU E 121 9.21 58.97 86.75
N VAL E 122 10.01 58.02 86.25
CA VAL E 122 9.73 57.46 84.94
C VAL E 122 8.45 56.62 84.97
N ILE E 123 8.28 55.82 86.03
CA ILE E 123 7.07 55.01 86.12
C ILE E 123 5.84 55.92 86.17
N ARG E 124 5.91 56.98 86.97
CA ARG E 124 4.78 57.88 87.10
C ARG E 124 4.47 58.56 85.78
N GLU E 125 5.50 59.00 85.06
CA GLU E 125 5.28 59.62 83.76
C GLU E 125 4.59 58.64 82.82
N LEU E 126 5.02 57.38 82.84
CA LEU E 126 4.41 56.39 81.97
C LEU E 126 2.92 56.26 82.25
N ILE E 127 2.57 56.05 83.52
CA ILE E 127 1.16 55.86 83.85
C ILE E 127 0.36 57.11 83.48
N CYS E 128 0.94 58.29 83.71
CA CYS E 128 0.23 59.53 83.37
C CYS E 128 -0.07 59.59 81.88
N TYR E 129 0.90 59.23 81.05
CA TYR E 129 0.67 59.27 79.61
C TYR E 129 -0.42 58.29 79.22
N CYS E 130 -0.39 57.08 79.78
CA CYS E 130 -1.44 56.12 79.46
C CYS E 130 -2.81 56.71 79.76
N LEU E 131 -2.98 57.26 80.97
CA LEU E 131 -4.27 57.80 81.34
C LEU E 131 -4.69 58.92 80.41
N ASP E 132 -3.73 59.76 80.00
CA ASP E 132 -4.08 60.86 79.10
C ASP E 132 -4.63 60.33 77.78
N THR E 133 -3.99 59.31 77.21
CA THR E 133 -4.52 58.73 75.98
C THR E 133 -5.91 58.15 76.20
N ILE E 134 -6.11 57.45 77.32
CA ILE E 134 -7.44 56.88 77.57
C ILE E 134 -8.49 57.98 77.56
N ALA E 135 -8.22 59.07 78.27
CA ALA E 135 -9.22 60.14 78.37
C ALA E 135 -9.50 60.76 77.00
N GLU E 136 -8.44 61.07 76.25
CA GLU E 136 -8.65 61.71 74.95
C GLU E 136 -9.46 60.81 74.03
N ASN E 137 -9.12 59.52 73.99
CA ASN E 137 -9.85 58.60 73.13
C ASN E 137 -11.30 58.49 73.56
N GLN E 138 -11.55 58.44 74.87
CA GLN E 138 -12.94 58.34 75.33
C GLN E 138 -13.76 59.55 74.87
N ALA E 139 -13.20 60.75 75.04
CA ALA E 139 -13.94 61.94 74.64
C ALA E 139 -14.20 61.94 73.15
N LYS E 140 -13.19 61.64 72.34
CA LYS E 140 -13.38 61.67 70.89
C LYS E 140 -14.40 60.62 70.46
N ASN E 141 -14.38 59.44 71.09
CA ASN E 141 -15.36 58.42 70.76
C ASN E 141 -16.77 58.89 71.09
N GLU E 142 -16.95 59.54 72.23
CA GLU E 142 -18.27 60.02 72.59
C GLU E 142 -18.78 61.03 71.56
N HIS E 143 -17.91 61.96 71.16
CA HIS E 143 -18.33 62.97 70.19
C HIS E 143 -18.69 62.31 68.86
N LEU E 144 -17.91 61.33 68.42
CA LEU E 144 -18.23 60.64 67.19
C LEU E 144 -19.55 59.89 67.29
N GLN E 145 -19.84 59.31 68.45
CA GLN E 145 -21.12 58.65 68.64
C GLN E 145 -22.27 59.65 68.46
N LYS E 146 -22.13 60.83 69.06
CA LYS E 146 -23.17 61.84 68.89
C LYS E 146 -23.36 62.19 67.43
N GLU E 147 -22.25 62.37 66.70
CA GLU E 147 -22.36 62.71 65.29
C GLU E 147 -23.08 61.60 64.52
N ASN E 148 -22.77 60.35 64.84
CA ASN E 148 -23.45 59.24 64.17
C ASN E 148 -24.95 59.29 64.42
N GLU E 149 -25.34 59.56 65.67
CA GLU E 149 -26.78 59.65 65.96
C GLU E 149 -27.43 60.73 65.12
N ARG E 150 -26.81 61.91 65.05
CA ARG E 150 -27.38 62.99 64.26
C ARG E 150 -27.51 62.57 62.79
N LEU E 151 -26.49 61.91 62.26
CA LEU E 151 -26.54 61.48 60.87
C LEU E 151 -27.69 60.52 60.61
N LEU E 152 -27.86 59.53 61.49
CA LEU E 152 -28.98 58.60 61.34
C LEU E 152 -30.30 59.33 61.33
N ARG E 153 -30.51 60.23 62.32
CA ARG E 153 -31.79 60.91 62.41
C ARG E 153 -32.08 61.71 61.13
N ASP E 154 -31.10 62.48 60.67
CA ASP E 154 -31.35 63.32 59.51
C ASP E 154 -31.54 62.48 58.25
N TRP E 155 -30.81 61.37 58.12
CA TRP E 155 -31.01 60.51 56.96
C TRP E 155 -32.42 59.96 56.94
N ASN E 156 -32.92 59.51 58.09
CA ASN E 156 -34.30 59.04 58.14
C ASN E 156 -35.28 60.13 57.74
N ASP E 157 -35.08 61.34 58.27
CA ASP E 157 -36.00 62.43 57.94
C ASP E 157 -35.99 62.73 56.44
N VAL E 158 -34.81 62.79 55.84
CA VAL E 158 -34.72 63.09 54.43
C VAL E 158 -35.35 61.99 53.60
N GLN E 159 -35.18 60.73 54.01
CA GLN E 159 -35.85 59.65 53.30
C GLN E 159 -37.36 59.77 53.37
N GLY E 160 -37.88 60.15 54.54
CA GLY E 160 -39.32 60.35 54.64
C GLY E 160 -39.81 61.45 53.71
N ARG E 161 -39.09 62.58 53.70
CA ARG E 161 -39.47 63.68 52.82
C ARG E 161 -39.40 63.24 51.35
N PHE E 162 -38.39 62.46 50.98
CA PHE E 162 -38.29 61.97 49.62
C PHE E 162 -39.46 61.08 49.27
N GLU E 163 -39.88 60.22 50.20
CA GLU E 163 -41.04 59.39 49.95
C GLU E 163 -42.28 60.24 49.70
N LYS E 164 -42.47 61.27 50.52
CA LYS E 164 -43.59 62.19 50.30
C LYS E 164 -43.50 62.80 48.91
N CYS E 165 -42.31 63.29 48.54
CA CYS E 165 -42.14 63.96 47.26
C CYS E 165 -42.48 63.04 46.10
N VAL E 166 -41.96 61.80 46.14
CA VAL E 166 -42.20 60.88 45.03
C VAL E 166 -43.67 60.51 44.96
N SER E 167 -44.31 60.33 46.11
CA SER E 167 -45.73 60.01 46.10
C SER E 167 -46.54 61.14 45.49
N ALA E 168 -46.15 62.39 45.77
CA ALA E 168 -46.94 63.52 45.27
C ALA E 168 -46.69 63.79 43.79
N LYS E 169 -45.44 63.63 43.34
CA LYS E 169 -45.06 64.11 42.02
C LYS E 169 -45.86 63.39 40.94
N GLU E 170 -45.70 62.08 40.82
CA GLU E 170 -46.39 61.33 39.78
C GLU E 170 -47.88 61.61 39.79
N ALA E 171 -48.46 61.78 40.98
CA ALA E 171 -49.89 62.04 41.06
C ALA E 171 -50.25 63.40 40.48
N LEU E 172 -49.42 64.41 40.74
CA LEU E 172 -49.81 65.78 40.42
C LEU E 172 -50.07 66.00 38.92
N GLU E 173 -49.56 65.11 38.07
CA GLU E 173 -49.68 65.33 36.63
C GLU E 173 -51.13 65.42 36.21
N THR E 174 -51.95 64.44 36.61
CA THR E 174 -53.35 64.44 36.22
C THR E 174 -54.10 65.61 36.84
N ASP E 175 -53.78 65.95 38.09
CA ASP E 175 -54.41 67.10 38.73
C ASP E 175 -54.16 68.36 37.93
N LEU E 176 -52.94 68.51 37.39
CA LEU E 176 -52.66 69.62 36.49
C LEU E 176 -53.46 69.49 35.20
N TYR E 177 -53.52 68.28 34.64
CA TYR E 177 -54.10 68.10 33.31
C TYR E 177 -55.59 68.43 33.29
N LYS E 178 -56.31 68.01 34.33
CA LYS E 178 -57.76 68.12 34.26
C LYS E 178 -58.22 69.55 34.11
N ARG E 179 -57.50 70.51 34.72
CA ARG E 179 -58.00 71.87 34.66
C ARG E 179 -57.53 72.57 33.38
N PHE E 180 -56.40 72.14 32.80
CA PHE E 180 -56.12 72.45 31.40
C PHE E 180 -57.31 72.05 30.53
N ILE E 181 -57.80 70.83 30.74
CA ILE E 181 -58.97 70.34 30.00
C ILE E 181 -60.15 71.28 30.21
N LEU E 182 -60.39 71.65 31.48
CA LEU E 182 -61.55 72.48 31.79
C LEU E 182 -61.48 73.82 31.08
N VAL E 183 -60.34 74.51 31.17
CA VAL E 183 -60.24 75.83 30.55
C VAL E 183 -60.35 75.72 29.04
N LEU E 184 -59.69 74.72 28.46
CA LEU E 184 -59.77 74.55 27.02
C LEU E 184 -61.21 74.29 26.59
N ASN E 185 -61.94 73.48 27.35
CA ASN E 185 -63.33 73.21 27.01
C ASN E 185 -64.19 74.45 27.15
N GLU E 186 -63.91 75.29 28.15
CA GLU E 186 -64.67 76.52 28.31
C GLU E 186 -64.49 77.42 27.09
N LYS E 187 -63.23 77.66 26.71
CA LYS E 187 -62.99 78.44 25.51
C LYS E 187 -63.57 77.75 24.28
N LYS E 188 -63.65 76.42 24.32
CA LYS E 188 -64.26 75.68 23.22
C LYS E 188 -65.74 76.00 23.10
N THR E 189 -66.44 76.01 24.24
CA THR E 189 -67.85 76.38 24.23
C THR E 189 -68.01 77.80 23.73
N LYS E 190 -67.13 78.70 24.15
CA LYS E 190 -67.21 80.09 23.69
C LYS E 190 -67.07 80.17 22.18
N ILE E 191 -66.07 79.48 21.61
CA ILE E 191 -65.87 79.54 20.17
C ILE E 191 -67.05 78.93 19.43
N ARG E 192 -67.57 77.80 19.92
CA ARG E 192 -68.70 77.18 19.24
C ARG E 192 -69.91 78.09 19.26
N SER E 193 -70.19 78.72 20.40
CA SER E 193 -71.32 79.64 20.47
C SER E 193 -71.12 80.81 19.54
N LEU E 194 -69.90 81.35 19.47
CA LEU E 194 -69.64 82.47 18.58
C LEU E 194 -69.87 82.08 17.13
N HIS E 195 -69.40 80.89 16.74
CA HIS E 195 -69.59 80.46 15.37
C HIS E 195 -71.07 80.25 15.07
N ASN E 196 -71.81 79.68 16.02
CA ASN E 196 -73.25 79.49 15.80
C ASN E 196 -73.96 80.82 15.62
N LYS E 197 -73.63 81.80 16.46
CA LYS E 197 -74.21 83.13 16.30
C LYS E 197 -73.85 83.71 14.93
N LEU E 198 -72.59 83.56 14.53
CA LEU E 198 -72.16 84.10 13.23
C LEU E 198 -72.95 83.46 12.09
N LEU E 199 -73.13 82.13 12.15
CA LEU E 199 -73.85 81.45 11.09
C LEU E 199 -75.34 81.77 11.12
N ASN E 200 -75.86 82.16 12.30
CA ASN E 200 -77.27 82.54 12.38
C ASN E 200 -77.58 83.72 11.47
N ALA E 201 -76.59 84.55 11.17
CA ALA E 201 -76.79 85.72 10.31
C ALA E 201 -77.34 85.30 8.95
N SER F 10 -0.84 -18.37 -49.54
CA SER F 10 -2.03 -17.70 -49.04
C SER F 10 -1.71 -16.89 -47.79
N GLN F 11 -0.89 -15.85 -47.95
CA GLN F 11 -0.51 -14.99 -46.86
C GLN F 11 -1.69 -14.15 -46.41
N THR F 12 -1.75 -13.86 -45.10
CA THR F 12 -2.79 -13.05 -44.52
C THR F 12 -2.18 -12.06 -43.55
N VAL F 13 -2.71 -10.84 -43.53
CA VAL F 13 -2.22 -9.83 -42.62
C VAL F 13 -2.51 -10.21 -41.18
N ALA F 14 -3.62 -10.90 -40.93
CA ALA F 14 -3.97 -11.30 -39.57
C ALA F 14 -2.96 -12.27 -38.99
N SER F 15 -2.20 -12.97 -39.83
CA SER F 15 -1.15 -13.85 -39.34
C SER F 15 0.09 -13.08 -38.92
N HIS F 16 0.13 -11.77 -39.17
CA HIS F 16 1.25 -10.92 -38.80
C HIS F 16 0.92 -9.93 -37.70
N VAL F 17 -0.34 -9.80 -37.31
CA VAL F 17 -0.78 -8.77 -36.38
C VAL F 17 -0.97 -9.42 -35.01
N PRO F 18 -0.19 -9.06 -34.00
CA PRO F 18 -0.47 -9.53 -32.64
C PRO F 18 -1.84 -9.08 -32.15
N PHE F 19 -2.47 -9.93 -31.35
CA PHE F 19 -3.73 -9.58 -30.71
C PHE F 19 -3.56 -8.47 -29.68
N ALA F 20 -2.35 -8.32 -29.14
CA ALA F 20 -2.12 -7.27 -28.16
C ALA F 20 -2.32 -5.89 -28.76
N ASP F 21 -1.98 -5.71 -30.05
CA ASP F 21 -2.18 -4.42 -30.69
C ASP F 21 -3.66 -4.07 -30.75
N LEU F 22 -4.50 -5.02 -31.16
CA LEU F 22 -5.93 -4.78 -31.19
C LEU F 22 -6.48 -4.51 -29.79
N CYS F 23 -6.02 -5.28 -28.80
CA CYS F 23 -6.50 -5.08 -27.44
C CYS F 23 -6.11 -3.70 -26.91
N SER F 24 -4.88 -3.26 -27.19
CA SER F 24 -4.46 -1.94 -26.75
C SER F 24 -5.25 -0.84 -27.44
N THR F 25 -5.52 -1.00 -28.74
CA THR F 25 -6.34 -0.03 -29.43
C THR F 25 -7.73 0.05 -28.82
N LEU F 26 -8.32 -1.10 -28.49
CA LEU F 26 -9.64 -1.10 -27.88
C LEU F 26 -9.61 -0.45 -26.50
N GLU F 27 -8.55 -0.70 -25.73
CA GLU F 27 -8.43 -0.08 -24.42
C GLU F 27 -8.33 1.44 -24.53
N ARG F 28 -7.54 1.93 -25.49
CA ARG F 28 -7.44 3.36 -25.71
C ARG F 28 -8.78 3.95 -26.13
N ILE F 29 -9.51 3.25 -26.99
CA ILE F 29 -10.83 3.73 -27.40
C ILE F 29 -11.74 3.84 -26.20
N GLN F 30 -11.75 2.81 -25.35
CA GLN F 30 -12.63 2.82 -24.19
C GLN F 30 -12.27 3.93 -23.22
N LYS F 31 -10.98 4.11 -22.95
CA LYS F 31 -10.52 5.15 -22.02
C LYS F 31 -10.19 6.44 -22.77
N SER F 32 -11.22 6.98 -23.43
CA SER F 32 -11.13 8.26 -24.10
C SER F 32 -12.40 9.05 -23.84
N LYS F 33 -12.29 10.37 -23.92
CA LYS F 33 -13.39 11.24 -23.55
C LYS F 33 -14.37 11.45 -24.70
N GLY F 34 -13.89 11.97 -25.82
CA GLY F 34 -14.75 12.38 -26.91
C GLY F 34 -14.73 11.41 -28.09
N ARG F 35 -15.63 11.68 -29.04
CA ARG F 35 -15.72 10.86 -30.24
C ARG F 35 -14.48 11.03 -31.11
N ALA F 36 -13.89 12.23 -31.13
CA ALA F 36 -12.75 12.49 -32.00
C ALA F 36 -11.59 11.56 -31.69
N GLU F 37 -11.25 11.41 -30.40
CA GLU F 37 -10.11 10.57 -30.03
C GLU F 37 -10.35 9.11 -30.36
N LYS F 38 -11.57 8.61 -30.08
CA LYS F 38 -11.88 7.22 -30.37
C LYS F 38 -11.77 6.95 -31.86
N ILE F 39 -12.37 7.82 -32.67
CA ILE F 39 -12.29 7.67 -34.11
C ILE F 39 -10.84 7.76 -34.56
N ARG F 40 -10.04 8.60 -33.92
CA ARG F 40 -8.65 8.77 -34.32
C ARG F 40 -7.87 7.48 -34.09
N HIS F 41 -8.05 6.85 -32.93
CA HIS F 41 -7.34 5.60 -32.65
C HIS F 41 -7.76 4.51 -33.61
N PHE F 42 -9.07 4.37 -33.83
CA PHE F 42 -9.54 3.35 -34.77
C PHE F 42 -8.99 3.61 -36.16
N ARG F 43 -8.96 4.88 -36.58
CA ARG F 43 -8.47 5.21 -37.91
C ARG F 43 -6.98 4.92 -38.03
N GLU F 44 -6.20 5.18 -36.98
CA GLU F 44 -4.79 4.86 -37.03
C GLU F 44 -4.59 3.36 -37.23
N PHE F 45 -5.33 2.55 -36.48
CA PHE F 45 -5.22 1.10 -36.64
C PHE F 45 -5.60 0.69 -38.06
N LEU F 46 -6.71 1.24 -38.58
CA LEU F 46 -7.18 0.87 -39.90
C LEU F 46 -6.18 1.26 -40.98
N ASP F 47 -5.60 2.45 -40.89
CA ASP F 47 -4.64 2.90 -41.88
C ASP F 47 -3.38 2.04 -41.85
N SER F 48 -2.89 1.71 -40.66
CA SER F 48 -1.75 0.82 -40.58
C SER F 48 -2.05 -0.53 -41.23
N TRP F 49 -3.23 -1.08 -40.94
CA TRP F 49 -3.62 -2.35 -41.53
C TRP F 49 -3.65 -2.26 -43.04
N ARG F 50 -4.23 -1.20 -43.58
CA ARG F 50 -4.37 -1.08 -45.03
C ARG F 50 -3.02 -0.90 -45.70
N LYS F 51 -2.12 -0.10 -45.11
CA LYS F 51 -0.80 0.05 -45.68
C LYS F 51 -0.04 -1.27 -45.68
N PHE F 52 -0.13 -2.03 -44.59
CA PHE F 52 0.53 -3.32 -44.56
C PHE F 52 -0.07 -4.26 -45.58
N HIS F 53 -1.39 -4.23 -45.76
CA HIS F 53 -2.03 -5.04 -46.78
C HIS F 53 -1.49 -4.70 -48.16
N ASP F 54 -1.36 -3.41 -48.46
CA ASP F 54 -0.85 -3.01 -49.76
C ASP F 54 0.59 -3.50 -49.95
N ALA F 55 1.40 -3.40 -48.90
CA ALA F 55 2.79 -3.87 -49.00
C ALA F 55 2.84 -5.37 -49.23
N LEU F 56 2.00 -6.13 -48.54
CA LEU F 56 2.13 -7.59 -48.53
C LEU F 56 1.69 -8.21 -49.85
N HIS F 57 0.59 -7.74 -50.43
CA HIS F 57 0.00 -8.33 -51.62
C HIS F 57 0.41 -7.60 -52.90
N LYS F 58 1.65 -7.10 -52.95
CA LYS F 58 2.06 -6.28 -54.08
C LYS F 58 2.00 -7.06 -55.39
N ASN F 59 2.46 -8.31 -55.38
CA ASN F 59 2.55 -9.08 -56.61
C ASN F 59 1.28 -9.89 -56.90
N HIS F 60 0.55 -10.30 -55.86
CA HIS F 60 -0.60 -11.17 -56.05
C HIS F 60 -1.71 -10.45 -56.80
N LYS F 61 -2.51 -11.23 -57.53
CA LYS F 61 -3.57 -10.70 -58.38
C LYS F 61 -4.94 -10.81 -57.72
N ASP F 62 -5.34 -12.02 -57.35
CA ASP F 62 -6.63 -12.27 -56.71
C ASP F 62 -6.39 -12.42 -55.21
N VAL F 63 -7.00 -11.54 -54.42
CA VAL F 63 -6.83 -11.53 -52.98
C VAL F 63 -8.19 -11.55 -52.32
N THR F 64 -8.40 -12.50 -51.42
CA THR F 64 -9.58 -12.56 -50.57
C THR F 64 -9.33 -11.96 -49.19
N ASP F 65 -8.12 -11.47 -48.93
CA ASP F 65 -7.83 -10.87 -47.64
C ASP F 65 -8.62 -9.59 -47.46
N SER F 66 -8.86 -9.24 -46.20
CA SER F 66 -9.67 -8.08 -45.87
C SER F 66 -9.46 -7.76 -44.39
N PHE F 67 -10.25 -6.83 -43.88
CA PHE F 67 -10.22 -6.45 -42.47
C PHE F 67 -11.13 -7.33 -41.62
N TYR F 68 -11.75 -8.36 -42.22
CA TYR F 68 -12.74 -9.15 -41.50
C TYR F 68 -12.20 -9.76 -40.21
N PRO F 69 -11.00 -10.31 -40.16
CA PRO F 69 -10.53 -10.91 -38.90
C PRO F 69 -10.54 -9.94 -37.72
N ALA F 70 -10.28 -8.66 -37.97
CA ALA F 70 -10.31 -7.68 -36.88
C ALA F 70 -11.72 -7.17 -36.64
N MET F 71 -12.51 -7.02 -37.69
CA MET F 71 -13.86 -6.48 -37.54
C MET F 71 -14.75 -7.43 -36.78
N ARG F 72 -14.62 -8.73 -37.02
CA ARG F 72 -15.46 -9.69 -36.32
C ARG F 72 -15.17 -9.72 -34.83
N LEU F 73 -14.04 -9.18 -34.40
CA LEU F 73 -13.73 -9.04 -32.99
C LEU F 73 -14.06 -7.65 -32.43
N ILE F 74 -13.99 -6.62 -33.27
CA ILE F 74 -14.40 -5.28 -32.82
C ILE F 74 -15.92 -5.22 -32.67
N LEU F 75 -16.66 -5.97 -33.48
CA LEU F 75 -18.13 -5.96 -33.48
C LEU F 75 -18.62 -7.39 -33.38
N PRO F 76 -18.43 -8.05 -32.24
CA PRO F 76 -18.84 -9.46 -32.12
C PRO F 76 -20.33 -9.67 -32.30
N GLN F 77 -21.15 -8.66 -32.02
CA GLN F 77 -22.60 -8.84 -32.09
C GLN F 77 -23.09 -9.07 -33.50
N LEU F 78 -22.34 -8.64 -34.51
CA LEU F 78 -22.74 -8.81 -35.90
C LEU F 78 -22.19 -10.09 -36.53
N GLU F 79 -21.53 -10.94 -35.75
CA GLU F 79 -20.98 -12.17 -36.29
C GLU F 79 -22.10 -13.16 -36.60
N ARG F 80 -22.06 -13.74 -37.80
CA ARG F 80 -23.06 -14.72 -38.21
C ARG F 80 -22.47 -16.01 -38.75
N GLU F 81 -21.20 -16.02 -39.16
CA GLU F 81 -20.57 -17.27 -39.59
C GLU F 81 -20.40 -18.23 -38.41
N ARG F 82 -19.86 -17.73 -37.30
CA ARG F 82 -19.69 -18.54 -36.11
C ARG F 82 -21.03 -18.86 -35.48
N MET F 83 -21.17 -20.08 -34.98
CA MET F 83 -22.37 -20.47 -34.26
C MET F 83 -22.32 -19.89 -32.85
N ALA F 84 -23.31 -20.25 -32.05
CA ALA F 84 -23.33 -19.80 -30.66
C ALA F 84 -22.25 -20.53 -29.86
N TYR F 85 -21.55 -19.77 -29.02
CA TYR F 85 -20.51 -20.36 -28.20
C TYR F 85 -21.09 -21.36 -27.20
N GLY F 86 -22.28 -21.06 -26.69
CA GLY F 86 -22.89 -21.86 -25.66
C GLY F 86 -22.39 -21.56 -24.26
N ILE F 87 -21.54 -20.55 -24.10
CA ILE F 87 -20.98 -20.20 -22.80
C ILE F 87 -21.25 -18.74 -22.52
N LYS F 88 -21.78 -18.45 -21.33
CA LYS F 88 -22.00 -17.09 -20.85
C LYS F 88 -21.32 -16.95 -19.49
N GLU F 89 -21.64 -15.90 -18.75
CA GLU F 89 -20.90 -15.59 -17.53
C GLU F 89 -20.74 -16.80 -16.63
N THR F 90 -21.82 -17.55 -16.40
CA THR F 90 -21.76 -18.65 -15.43
C THR F 90 -20.88 -19.79 -15.92
N MET F 91 -21.09 -20.24 -17.16
CA MET F 91 -20.28 -21.33 -17.69
C MET F 91 -18.82 -20.92 -17.81
N LEU F 92 -18.57 -19.67 -18.19
CA LEU F 92 -17.20 -19.17 -18.28
C LEU F 92 -16.55 -19.16 -16.91
N ALA F 93 -17.29 -18.75 -15.87
CA ALA F 93 -16.74 -18.77 -14.52
C ALA F 93 -16.41 -20.19 -14.09
N LYS F 94 -17.30 -21.14 -14.37
CA LYS F 94 -17.04 -22.52 -14.00
C LYS F 94 -15.81 -23.05 -14.74
N LEU F 95 -15.69 -22.74 -16.03
CA LEU F 95 -14.54 -23.20 -16.80
C LEU F 95 -13.23 -22.57 -16.31
N TYR F 96 -13.28 -21.29 -15.92
CA TYR F 96 -12.09 -20.66 -15.37
C TYR F 96 -11.69 -21.30 -14.05
N ILE F 97 -12.67 -21.63 -13.21
CA ILE F 97 -12.37 -22.31 -11.96
C ILE F 97 -11.74 -23.66 -12.23
N GLU F 98 -12.27 -24.39 -13.20
CA GLU F 98 -11.74 -25.73 -13.49
C GLU F 98 -10.33 -25.65 -14.05
N LEU F 99 -10.10 -24.80 -15.05
CA LEU F 99 -8.82 -24.80 -15.74
C LEU F 99 -7.70 -24.22 -14.88
N LEU F 100 -7.98 -23.11 -14.20
CA LEU F 100 -6.97 -22.49 -13.34
C LEU F 100 -6.73 -23.29 -12.07
N ASN F 101 -7.52 -24.33 -11.81
CA ASN F 101 -7.36 -25.15 -10.61
C ASN F 101 -7.51 -24.32 -9.34
N LEU F 102 -8.48 -23.41 -9.34
CA LEU F 102 -8.78 -22.64 -8.15
C LEU F 102 -9.60 -23.47 -7.17
N PRO F 103 -9.50 -23.19 -5.87
CA PRO F 103 -10.35 -23.89 -4.91
C PRO F 103 -11.83 -23.63 -5.19
N ARG F 104 -12.64 -24.68 -5.02
CA ARG F 104 -14.06 -24.56 -5.33
C ARG F 104 -14.75 -23.60 -4.35
N ASP F 105 -14.37 -23.64 -3.08
CA ASP F 105 -14.99 -22.83 -2.04
C ASP F 105 -14.15 -21.62 -1.67
N GLY F 106 -13.12 -21.29 -2.45
CA GLY F 106 -12.28 -20.17 -2.14
C GLY F 106 -12.94 -18.84 -2.47
N LYS F 107 -12.24 -17.76 -2.09
CA LYS F 107 -12.78 -16.42 -2.32
C LYS F 107 -12.91 -16.12 -3.80
N ASP F 108 -11.90 -16.48 -4.60
CA ASP F 108 -11.92 -16.14 -6.01
C ASP F 108 -13.05 -16.84 -6.75
N ALA F 109 -13.26 -18.12 -6.46
CA ALA F 109 -14.34 -18.85 -7.12
C ALA F 109 -15.69 -18.26 -6.77
N LEU F 110 -15.90 -17.93 -5.49
CA LEU F 110 -17.18 -17.34 -5.09
C LEU F 110 -17.38 -15.97 -5.71
N LYS F 111 -16.30 -15.19 -5.84
CA LYS F 111 -16.41 -13.89 -6.49
C LYS F 111 -16.78 -14.04 -7.95
N LEU F 112 -16.16 -14.99 -8.65
CA LEU F 112 -16.46 -15.18 -10.07
C LEU F 112 -17.88 -15.68 -10.26
N LEU F 113 -18.32 -16.65 -9.45
CA LEU F 113 -19.66 -17.19 -9.61
C LEU F 113 -20.72 -16.14 -9.27
N ASN F 114 -20.60 -15.53 -8.10
CA ASN F 114 -21.52 -14.46 -7.67
C ASN F 114 -20.85 -13.10 -7.92
N TYR F 115 -20.69 -12.79 -9.19
CA TYR F 115 -19.95 -11.58 -9.57
C TYR F 115 -20.78 -10.31 -9.45
N ARG F 116 -22.08 -10.42 -9.17
CA ARG F 116 -22.93 -9.25 -9.03
C ARG F 116 -23.08 -8.81 -7.58
N THR F 117 -22.84 -9.68 -6.62
CA THR F 117 -22.93 -9.29 -5.22
C THR F 117 -21.78 -8.35 -4.88
N PRO F 118 -22.05 -7.16 -4.33
CA PRO F 118 -20.95 -6.22 -4.08
C PRO F 118 -20.22 -6.49 -2.78
N THR F 119 -20.38 -7.69 -2.21
CA THR F 119 -19.74 -8.00 -0.94
C THR F 119 -18.23 -7.83 -1.01
N GLY F 120 -17.65 -7.96 -2.21
CA GLY F 120 -16.22 -7.77 -2.33
C GLY F 120 -15.77 -6.37 -1.94
N THR F 121 -16.55 -5.36 -2.32
CA THR F 121 -16.25 -3.97 -2.03
C THR F 121 -14.99 -3.47 -2.73
N HIS F 122 -14.52 -4.21 -3.72
CA HIS F 122 -13.33 -3.85 -4.48
C HIS F 122 -13.60 -4.03 -5.97
N GLY F 123 -12.87 -3.26 -6.78
CA GLY F 123 -13.07 -3.34 -8.21
C GLY F 123 -14.47 -2.91 -8.60
N ASP F 124 -15.14 -3.76 -9.39
CA ASP F 124 -16.48 -3.49 -9.87
C ASP F 124 -17.41 -4.62 -9.44
N ALA F 125 -18.62 -4.25 -9.05
CA ALA F 125 -19.60 -5.21 -8.57
C ALA F 125 -20.56 -5.67 -9.66
N GLY F 126 -20.40 -5.21 -10.89
CA GLY F 126 -21.28 -5.60 -11.97
C GLY F 126 -20.56 -6.13 -13.20
N ASP F 127 -19.28 -5.84 -13.32
CA ASP F 127 -18.50 -6.21 -14.51
C ASP F 127 -17.78 -7.53 -14.26
N PHE F 128 -18.11 -8.53 -15.07
CA PHE F 128 -17.44 -9.82 -14.97
C PHE F 128 -16.04 -9.79 -15.57
N ALA F 129 -15.85 -9.02 -16.64
CA ALA F 129 -14.55 -8.94 -17.27
C ALA F 129 -13.51 -8.36 -16.33
N MET F 130 -13.87 -7.31 -15.59
CA MET F 130 -12.92 -6.70 -14.66
C MET F 130 -12.60 -7.65 -13.51
N ILE F 131 -13.60 -8.38 -13.00
CA ILE F 131 -13.33 -9.34 -11.94
C ILE F 131 -12.40 -10.43 -12.42
N ALA F 132 -12.65 -10.95 -13.62
CA ALA F 132 -11.75 -11.95 -14.18
C ALA F 132 -10.35 -11.39 -14.37
N TYR F 133 -10.25 -10.13 -14.80
CA TYR F 133 -8.95 -9.50 -14.99
C TYR F 133 -8.19 -9.41 -13.68
N PHE F 134 -8.88 -9.00 -12.61
CA PHE F 134 -8.22 -8.94 -11.30
C PHE F 134 -7.78 -10.32 -10.84
N VAL F 135 -8.62 -11.33 -11.07
CA VAL F 135 -8.25 -12.69 -10.68
C VAL F 135 -7.01 -13.15 -11.44
N LEU F 136 -6.97 -12.87 -12.74
CA LEU F 136 -5.89 -13.36 -13.60
C LEU F 136 -4.62 -12.52 -13.51
N LYS F 137 -4.68 -11.33 -12.92
CA LYS F 137 -3.50 -10.47 -12.90
C LYS F 137 -2.29 -11.15 -12.28
N PRO F 138 -2.38 -11.79 -11.11
CA PRO F 138 -1.21 -12.44 -10.52
C PRO F 138 -0.90 -13.82 -11.08
N ARG F 139 -1.71 -14.35 -12.00
CA ARG F 139 -1.53 -15.70 -12.51
C ARG F 139 -1.20 -15.75 -14.00
N CYS F 140 -0.96 -14.59 -14.64
CA CYS F 140 -0.81 -14.53 -16.08
C CYS F 140 0.46 -13.78 -16.44
N LEU F 141 1.02 -14.11 -17.60
CA LEU F 141 2.22 -13.46 -18.09
C LEU F 141 1.92 -12.01 -18.46
N GLN F 142 2.98 -11.21 -18.56
CA GLN F 142 2.87 -9.82 -18.96
C GLN F 142 2.90 -9.63 -20.47
N LYS F 143 3.21 -10.66 -21.24
CA LYS F 143 3.25 -10.58 -22.69
C LYS F 143 2.60 -11.81 -23.29
N GLY F 144 1.87 -11.62 -24.40
CA GLY F 144 1.23 -12.71 -25.10
C GLY F 144 2.01 -13.12 -26.33
N SER F 145 1.53 -14.20 -26.96
CA SER F 145 2.17 -14.74 -28.15
C SER F 145 1.14 -15.20 -29.19
N LEU F 146 -0.01 -14.54 -29.25
CA LEU F 146 -1.10 -14.94 -30.12
C LEU F 146 -1.35 -13.87 -31.18
N THR F 147 -1.67 -14.30 -32.38
CA THR F 147 -2.08 -13.44 -33.47
C THR F 147 -3.60 -13.50 -33.63
N ILE F 148 -4.14 -12.57 -34.43
CA ILE F 148 -5.58 -12.51 -34.62
C ILE F 148 -6.09 -13.79 -35.25
N GLN F 149 -5.36 -14.32 -36.23
CA GLN F 149 -5.78 -15.54 -36.90
C GLN F 149 -5.86 -16.70 -35.91
N GLN F 150 -4.88 -16.81 -35.01
CA GLN F 150 -4.90 -17.88 -34.02
C GLN F 150 -6.12 -17.77 -33.11
N VAL F 151 -6.43 -16.56 -32.67
CA VAL F 151 -7.59 -16.37 -31.80
C VAL F 151 -8.87 -16.73 -32.54
N ASN F 152 -8.99 -16.32 -33.80
CA ASN F 152 -10.17 -16.67 -34.57
C ASN F 152 -10.29 -18.18 -34.73
N ASP F 153 -9.16 -18.86 -34.97
CA ASP F 153 -9.19 -20.30 -35.11
C ASP F 153 -9.63 -20.98 -33.82
N LEU F 154 -9.13 -20.51 -32.67
CA LEU F 154 -9.51 -21.10 -31.40
C LEU F 154 -10.99 -20.87 -31.11
N LEU F 155 -11.49 -19.67 -31.39
CA LEU F 155 -12.91 -19.40 -31.18
C LEU F 155 -13.77 -20.24 -32.11
N ASP F 156 -13.33 -20.43 -33.35
CA ASP F 156 -14.04 -21.30 -34.27
C ASP F 156 -14.08 -22.72 -33.74
N SER F 157 -12.97 -23.20 -33.19
CA SER F 157 -12.95 -24.54 -32.60
C SER F 157 -13.95 -24.62 -31.45
N ILE F 158 -13.98 -23.61 -30.60
CA ILE F 158 -14.92 -23.61 -29.48
C ILE F 158 -16.36 -23.73 -29.99
N ALA F 159 -16.72 -22.89 -30.97
CA ALA F 159 -18.08 -22.90 -31.48
C ALA F 159 -18.42 -24.24 -32.12
N SER F 160 -17.55 -24.73 -32.99
CA SER F 160 -17.83 -25.99 -33.68
C SER F 160 -17.96 -27.14 -32.70
N ASN F 161 -17.08 -27.21 -31.70
CA ASN F 161 -17.15 -28.29 -30.74
C ASN F 161 -18.37 -28.17 -29.85
N ASN F 162 -18.84 -26.96 -29.60
CA ASN F 162 -20.13 -26.82 -28.93
C ASN F 162 -21.25 -27.37 -29.79
N SER F 163 -21.18 -27.14 -31.10
CA SER F 163 -22.20 -27.69 -32.00
C SER F 163 -22.16 -29.22 -32.02
N ALA F 164 -20.99 -29.81 -31.84
CA ALA F 164 -20.82 -31.26 -31.91
C ALA F 164 -20.91 -31.95 -30.55
N LYS F 165 -21.18 -31.21 -29.48
CA LYS F 165 -21.34 -31.78 -28.15
C LYS F 165 -20.06 -32.48 -27.68
N ARG F 166 -18.96 -31.73 -27.72
CA ARG F 166 -17.66 -32.19 -27.22
C ARG F 166 -17.09 -31.09 -26.35
N LYS F 167 -17.11 -31.29 -25.03
CA LYS F 167 -16.65 -30.27 -24.09
C LYS F 167 -15.16 -30.36 -23.82
N ASP F 168 -14.54 -31.52 -24.04
CA ASP F 168 -13.10 -31.62 -23.85
C ASP F 168 -12.35 -30.70 -24.78
N LEU F 169 -12.79 -30.60 -26.03
CA LEU F 169 -12.12 -29.73 -26.99
C LEU F 169 -12.33 -28.25 -26.61
N ILE F 170 -13.51 -27.90 -26.11
CA ILE F 170 -13.72 -26.55 -25.61
C ILE F 170 -12.74 -26.24 -24.48
N LYS F 171 -12.59 -27.19 -23.55
CA LYS F 171 -11.66 -27.00 -22.45
C LYS F 171 -10.23 -26.82 -22.97
N LYS F 172 -9.83 -27.63 -23.95
CA LYS F 172 -8.48 -27.53 -24.48
C LYS F 172 -8.23 -26.18 -25.14
N SER F 173 -9.19 -25.72 -25.95
CA SER F 173 -9.04 -24.43 -26.62
C SER F 173 -8.96 -23.29 -25.61
N LEU F 174 -9.84 -23.30 -24.62
CA LEU F 174 -9.82 -22.26 -23.60
C LEU F 174 -8.52 -22.30 -22.81
N LEU F 175 -8.00 -23.50 -22.54
CA LEU F 175 -6.75 -23.61 -21.82
C LEU F 175 -5.60 -23.02 -22.63
N GLN F 176 -5.57 -23.27 -23.94
CA GLN F 176 -4.54 -22.67 -24.77
C GLN F 176 -4.65 -21.15 -24.75
N LEU F 177 -5.87 -20.62 -24.87
CA LEU F 177 -6.04 -19.17 -24.82
C LEU F 177 -5.56 -18.61 -23.49
N ILE F 178 -5.89 -19.27 -22.39
CA ILE F 178 -5.49 -18.78 -21.07
C ILE F 178 -3.97 -18.81 -20.95
N THR F 179 -3.34 -19.90 -21.39
CA THR F 179 -1.91 -20.07 -21.17
C THR F 179 -1.09 -19.14 -22.06
N GLN F 180 -1.62 -18.75 -23.22
CA GLN F 180 -0.88 -17.94 -24.18
C GLN F 180 -1.48 -16.53 -24.32
N SER F 181 -1.86 -15.91 -23.21
CA SER F 181 -2.42 -14.58 -23.25
C SER F 181 -2.17 -13.86 -21.92
N SER F 182 -2.21 -12.54 -21.99
CA SER F 182 -2.05 -11.69 -20.82
C SER F 182 -3.41 -11.39 -20.20
N ALA F 183 -3.41 -10.69 -19.06
CA ALA F 183 -4.66 -10.40 -18.37
C ALA F 183 -5.55 -9.48 -19.20
N LEU F 184 -4.96 -8.45 -19.80
CA LEU F 184 -5.75 -7.53 -20.63
C LEU F 184 -6.36 -8.25 -21.83
N GLU F 185 -5.55 -9.07 -22.50
CA GLU F 185 -6.07 -9.84 -23.63
C GLU F 185 -7.20 -10.75 -23.19
N GLN F 186 -7.09 -11.35 -21.99
CA GLN F 186 -8.12 -12.26 -21.53
C GLN F 186 -9.39 -11.51 -21.17
N LYS F 187 -9.26 -10.30 -20.61
CA LYS F 187 -10.44 -9.47 -20.35
C LYS F 187 -11.18 -9.17 -21.65
N TRP F 188 -10.43 -8.78 -22.69
CA TRP F 188 -11.08 -8.48 -23.96
C TRP F 188 -11.63 -9.74 -24.61
N LEU F 189 -10.98 -10.88 -24.43
CA LEU F 189 -11.52 -12.14 -24.95
C LEU F 189 -12.82 -12.50 -24.27
N ILE F 190 -12.90 -12.30 -22.94
CA ILE F 190 -14.15 -12.55 -22.23
C ILE F 190 -15.24 -11.64 -22.77
N ARG F 191 -14.92 -10.37 -22.98
CA ARG F 191 -15.92 -9.45 -23.52
C ARG F 191 -16.38 -9.89 -24.90
N MET F 192 -15.45 -10.34 -25.75
CA MET F 192 -15.82 -10.79 -27.09
C MET F 192 -16.67 -12.05 -27.04
N ILE F 193 -16.34 -12.98 -26.14
CA ILE F 193 -17.13 -14.20 -26.01
C ILE F 193 -18.55 -13.89 -25.57
N ILE F 194 -18.69 -13.00 -24.58
CA ILE F 194 -20.02 -12.59 -24.14
C ILE F 194 -20.70 -11.69 -25.17
N LYS F 195 -19.95 -11.15 -26.13
CA LYS F 195 -20.48 -10.34 -27.21
C LYS F 195 -20.95 -8.97 -26.72
N ASP F 196 -20.19 -8.40 -25.78
CA ASP F 196 -20.43 -7.04 -25.31
C ASP F 196 -19.09 -6.39 -25.01
N LEU F 197 -18.74 -5.36 -25.77
CA LEU F 197 -17.46 -4.68 -25.62
C LEU F 197 -17.56 -3.35 -24.89
N LYS F 198 -18.67 -2.64 -25.02
CA LYS F 198 -18.88 -1.36 -24.34
C LYS F 198 -17.77 -0.37 -24.67
N LEU F 199 -17.52 -0.19 -25.98
CA LEU F 199 -16.49 0.74 -26.42
C LEU F 199 -16.95 2.19 -26.32
N GLY F 200 -18.26 2.44 -26.26
CA GLY F 200 -18.78 3.78 -26.24
C GLY F 200 -18.92 4.45 -27.58
N VAL F 201 -18.52 3.79 -28.66
CA VAL F 201 -18.61 4.32 -30.01
C VAL F 201 -19.59 3.46 -30.79
N SER F 202 -20.51 4.12 -31.50
CA SER F 202 -21.57 3.40 -32.18
C SER F 202 -21.03 2.56 -33.33
N GLN F 203 -21.71 1.44 -33.58
CA GLN F 203 -21.40 0.63 -34.75
C GLN F 203 -21.47 1.47 -36.02
N GLN F 204 -22.41 2.40 -36.08
CA GLN F 204 -22.52 3.27 -37.24
C GLN F 204 -21.27 4.14 -37.40
N THR F 205 -20.70 4.61 -36.28
CA THR F 205 -19.47 5.38 -36.36
C THR F 205 -18.33 4.54 -36.90
N ILE F 206 -18.21 3.28 -36.44
CA ILE F 206 -17.16 2.41 -36.94
C ILE F 206 -17.32 2.19 -38.44
N PHE F 207 -18.55 1.93 -38.88
CA PHE F 207 -18.78 1.72 -40.30
C PHE F 207 -18.47 2.98 -41.11
N SER F 208 -18.85 4.15 -40.59
CA SER F 208 -18.58 5.40 -41.29
C SER F 208 -17.09 5.64 -41.42
N VAL F 209 -16.33 5.32 -40.37
CA VAL F 209 -14.88 5.45 -40.45
C VAL F 209 -14.32 4.47 -41.48
N PHE F 210 -14.86 3.25 -41.52
CA PHE F 210 -14.33 2.25 -42.43
C PHE F 210 -14.51 2.67 -43.89
N HIS F 211 -15.73 3.03 -44.28
CA HIS F 211 -16.01 3.43 -45.65
C HIS F 211 -17.23 4.33 -45.64
N ASN F 212 -17.32 5.19 -46.67
CA ASN F 212 -18.43 6.13 -46.75
C ASN F 212 -19.77 5.40 -46.83
N ASP F 213 -19.83 4.34 -47.63
CA ASP F 213 -21.06 3.54 -47.78
C ASP F 213 -20.77 2.13 -47.31
N ALA F 214 -20.87 1.93 -46.00
CA ALA F 214 -20.72 0.62 -45.38
C ALA F 214 -21.95 0.22 -44.58
N ALA F 215 -22.56 1.17 -43.87
CA ALA F 215 -23.82 0.88 -43.21
C ALA F 215 -24.90 0.55 -44.23
N GLU F 216 -24.90 1.24 -45.36
CA GLU F 216 -25.86 0.94 -46.42
C GLU F 216 -25.68 -0.47 -46.93
N LEU F 217 -24.44 -0.90 -47.15
CA LEU F 217 -24.18 -2.25 -47.64
C LEU F 217 -24.54 -3.29 -46.59
N HIS F 218 -24.29 -2.99 -45.31
CA HIS F 218 -24.61 -3.96 -44.27
C HIS F 218 -26.12 -4.08 -44.06
N ASN F 219 -26.87 -2.99 -44.26
CA ASN F 219 -28.32 -3.06 -44.18
C ASN F 219 -28.92 -3.96 -45.24
N VAL F 220 -28.15 -4.30 -46.28
CA VAL F 220 -28.64 -5.12 -47.37
C VAL F 220 -28.05 -6.52 -47.36
N THR F 221 -26.81 -6.70 -46.92
CA THR F 221 -26.16 -8.00 -46.89
C THR F 221 -26.15 -8.64 -45.52
N THR F 222 -26.00 -7.85 -44.46
CA THR F 222 -25.93 -8.38 -43.10
C THR F 222 -24.81 -9.41 -42.98
N ASP F 223 -23.69 -9.14 -43.64
CA ASP F 223 -22.52 -10.02 -43.62
C ASP F 223 -21.28 -9.15 -43.59
N LEU F 224 -20.53 -9.21 -42.51
CA LEU F 224 -19.34 -8.37 -42.38
C LEU F 224 -18.28 -8.72 -43.42
N GLU F 225 -18.24 -9.98 -43.85
CA GLU F 225 -17.22 -10.39 -44.81
C GLU F 225 -17.36 -9.62 -46.11
N LYS F 226 -18.59 -9.55 -46.64
CA LYS F 226 -18.80 -8.83 -47.89
C LYS F 226 -18.51 -7.35 -47.73
N VAL F 227 -18.92 -6.76 -46.62
CA VAL F 227 -18.65 -5.35 -46.38
C VAL F 227 -17.15 -5.07 -46.39
N CYS F 228 -16.38 -5.94 -45.75
CA CYS F 228 -14.95 -5.71 -45.61
C CYS F 228 -14.19 -6.05 -46.88
N ARG F 229 -14.70 -6.96 -47.70
CA ARG F 229 -13.99 -7.33 -48.93
C ARG F 229 -14.32 -6.37 -50.07
N GLN F 230 -15.61 -6.10 -50.29
CA GLN F 230 -15.99 -5.22 -51.38
C GLN F 230 -15.50 -3.79 -51.14
N LEU F 231 -15.65 -3.30 -49.92
CA LEU F 231 -15.27 -1.93 -49.56
C LEU F 231 -13.89 -1.90 -48.91
N HIS F 232 -12.90 -2.37 -49.65
CA HIS F 232 -11.52 -2.37 -49.16
C HIS F 232 -10.79 -1.08 -49.48
N ASP F 233 -10.97 -0.55 -50.68
CA ASP F 233 -10.36 0.72 -51.07
C ASP F 233 -11.34 1.86 -50.81
N PRO F 234 -11.02 2.82 -49.94
CA PRO F 234 -12.01 3.88 -49.67
C PRO F 234 -12.42 4.65 -50.91
N SER F 235 -11.49 4.87 -51.84
CA SER F 235 -11.81 5.63 -53.05
C SER F 235 -12.85 4.90 -53.89
N VAL F 236 -12.70 3.59 -54.05
CA VAL F 236 -13.59 2.81 -54.90
C VAL F 236 -14.87 2.50 -54.13
N GLY F 237 -16.00 3.01 -54.63
CA GLY F 237 -17.29 2.77 -54.02
C GLY F 237 -18.10 1.73 -54.76
N LEU F 238 -19.35 1.59 -54.33
CA LEU F 238 -20.30 0.66 -54.94
C LEU F 238 -21.32 1.46 -55.75
N SER F 239 -21.48 1.09 -57.02
CA SER F 239 -22.34 1.86 -57.91
C SER F 239 -23.78 1.87 -57.43
N ASP F 240 -24.34 0.69 -57.17
CA ASP F 240 -25.72 0.58 -56.70
C ASP F 240 -25.82 -0.61 -55.77
N ILE F 241 -26.47 -0.41 -54.63
CA ILE F 241 -26.62 -1.43 -53.60
C ILE F 241 -28.11 -1.65 -53.37
N SER F 242 -28.53 -2.91 -53.47
CA SER F 242 -29.94 -3.25 -53.36
C SER F 242 -30.06 -4.69 -52.89
N ILE F 243 -31.28 -5.05 -52.47
CA ILE F 243 -31.53 -6.39 -51.97
C ILE F 243 -31.15 -7.41 -53.03
N THR F 244 -30.43 -8.44 -52.61
CA THR F 244 -29.97 -9.51 -53.49
C THR F 244 -30.42 -10.85 -52.96
N LEU F 245 -30.59 -11.81 -53.87
CA LEU F 245 -31.07 -13.12 -53.49
C LEU F 245 -30.09 -13.81 -52.54
N PHE F 246 -30.64 -14.50 -51.54
CA PHE F 246 -29.84 -15.27 -50.59
C PHE F 246 -28.94 -14.38 -49.75
N SER F 247 -29.33 -13.11 -49.59
CA SER F 247 -28.63 -12.17 -48.72
C SER F 247 -29.65 -11.52 -47.81
N ALA F 248 -29.49 -11.72 -46.50
CA ALA F 248 -30.42 -11.17 -45.53
C ALA F 248 -30.37 -9.65 -45.55
N PHE F 249 -31.55 -9.04 -45.46
CA PHE F 249 -31.67 -7.59 -45.38
C PHE F 249 -32.42 -7.22 -44.11
N LYS F 250 -31.96 -6.16 -43.45
CA LYS F 250 -32.58 -5.74 -42.21
C LYS F 250 -34.03 -5.33 -42.48
N PRO F 251 -35.00 -5.94 -41.80
CA PRO F 251 -36.39 -5.65 -42.12
C PRO F 251 -36.79 -4.22 -41.78
N MET F 252 -37.77 -3.71 -42.52
CA MET F 252 -38.37 -2.41 -42.23
C MET F 252 -39.26 -2.53 -41.01
N LEU F 253 -39.12 -1.59 -40.09
CA LEU F 253 -39.84 -1.62 -38.82
C LEU F 253 -40.90 -0.54 -38.79
N ALA F 254 -41.59 -0.44 -37.66
CA ALA F 254 -42.73 0.46 -37.50
C ALA F 254 -42.56 1.29 -36.24
N ALA F 255 -43.12 2.50 -36.26
CA ALA F 255 -43.01 3.46 -35.18
C ALA F 255 -44.37 3.67 -34.52
N ILE F 256 -44.32 4.03 -33.23
CA ILE F 256 -45.55 4.26 -32.48
C ILE F 256 -46.31 5.44 -33.09
N ALA F 257 -47.63 5.40 -32.98
CA ALA F 257 -48.50 6.42 -33.56
C ALA F 257 -49.41 6.99 -32.48
N ASP F 258 -49.62 8.30 -32.53
CA ASP F 258 -50.58 8.97 -31.67
C ASP F 258 -51.84 9.18 -32.49
N ILE F 259 -52.95 8.60 -32.03
CA ILE F 259 -54.12 8.45 -32.90
C ILE F 259 -54.62 9.80 -33.38
N GLU F 260 -54.38 10.87 -32.62
CA GLU F 260 -54.93 12.17 -32.98
C GLU F 260 -54.36 12.68 -34.29
N HIS F 261 -53.05 12.54 -34.50
CA HIS F 261 -52.40 13.07 -35.70
C HIS F 261 -52.21 12.01 -36.78
N ILE F 262 -52.94 10.91 -36.72
CA ILE F 262 -52.72 9.82 -37.66
C ILE F 262 -52.83 10.32 -39.08
N GLU F 263 -53.86 11.12 -39.37
CA GLU F 263 -54.02 11.65 -40.72
C GLU F 263 -52.80 12.45 -41.14
N LYS F 264 -52.30 13.30 -40.25
CA LYS F 264 -51.11 14.09 -40.59
C LYS F 264 -49.91 13.19 -40.87
N ASP F 265 -49.86 12.01 -40.26
CA ASP F 265 -48.76 11.09 -40.52
C ASP F 265 -48.91 10.42 -41.87
N MET F 266 -50.11 10.38 -42.44
CA MET F 266 -50.36 9.79 -43.74
C MET F 266 -50.46 10.83 -44.85
N LYS F 267 -50.05 12.06 -44.57
CA LYS F 267 -50.05 13.13 -45.58
C LYS F 267 -51.45 13.36 -46.14
N HIS F 268 -52.45 13.26 -45.28
CA HIS F 268 -53.84 13.54 -45.66
C HIS F 268 -54.22 12.80 -46.92
N GLN F 269 -54.04 11.49 -46.91
CA GLN F 269 -54.40 10.62 -48.02
C GLN F 269 -54.98 9.33 -47.46
N SER F 270 -55.38 8.44 -48.36
CA SER F 270 -55.84 7.13 -47.95
C SER F 270 -54.68 6.34 -47.37
N PHE F 271 -55.00 5.42 -46.47
CA PHE F 271 -54.00 4.56 -45.87
C PHE F 271 -54.58 3.16 -45.67
N TYR F 272 -53.69 2.21 -45.38
CA TYR F 272 -54.06 0.82 -45.16
C TYR F 272 -54.06 0.53 -43.67
N ILE F 273 -55.10 -0.14 -43.20
CA ILE F 273 -55.17 -0.65 -41.83
C ILE F 273 -55.13 -2.18 -41.92
N GLU F 274 -54.30 -2.79 -41.08
CA GLU F 274 -54.22 -4.23 -40.99
C GLU F 274 -54.03 -4.66 -39.54
N THR F 275 -54.22 -5.95 -39.29
CA THR F 275 -54.06 -6.52 -37.97
C THR F 275 -52.60 -6.88 -37.72
N LYS F 276 -52.20 -6.78 -36.45
CA LYS F 276 -50.84 -7.13 -36.04
C LYS F 276 -50.83 -8.55 -35.52
N LEU F 277 -49.90 -9.36 -36.04
CA LEU F 277 -49.85 -10.78 -35.73
C LEU F 277 -48.78 -11.05 -34.68
N ASP F 278 -49.05 -12.03 -33.81
CA ASP F 278 -48.18 -12.35 -32.68
C ASP F 278 -47.38 -13.60 -33.05
N GLY F 279 -46.19 -13.38 -33.61
CA GLY F 279 -45.35 -14.48 -33.99
C GLY F 279 -43.96 -14.01 -34.33
N GLU F 280 -43.22 -14.83 -35.05
CA GLU F 280 -41.88 -14.47 -35.44
C GLU F 280 -41.90 -13.72 -36.78
N ARG F 281 -40.82 -13.02 -37.06
CA ARG F 281 -40.64 -12.34 -38.34
C ARG F 281 -39.69 -13.15 -39.19
N MET F 282 -40.08 -13.44 -40.42
CA MET F 282 -39.24 -14.23 -41.31
C MET F 282 -39.23 -13.59 -42.69
N GLN F 283 -38.14 -13.84 -43.41
CA GLN F 283 -38.05 -13.49 -44.82
C GLN F 283 -37.54 -14.71 -45.57
N MET F 284 -38.14 -14.96 -46.72
CA MET F 284 -37.90 -16.16 -47.50
C MET F 284 -37.33 -15.79 -48.85
N HIS F 285 -36.28 -16.50 -49.27
CA HIS F 285 -35.67 -16.37 -50.57
C HIS F 285 -35.86 -17.68 -51.33
N LYS F 286 -36.34 -17.60 -52.56
CA LYS F 286 -36.63 -18.76 -53.37
C LYS F 286 -35.94 -18.61 -54.72
N ASP F 287 -35.19 -19.64 -55.11
CA ASP F 287 -34.62 -19.73 -56.45
C ASP F 287 -34.85 -21.16 -56.93
N GLY F 288 -35.82 -21.32 -57.83
CA GLY F 288 -36.14 -22.66 -58.30
C GLY F 288 -36.57 -23.54 -57.14
N ASP F 289 -35.85 -24.64 -56.96
CA ASP F 289 -36.14 -25.59 -55.91
C ASP F 289 -35.40 -25.30 -54.61
N VAL F 290 -34.67 -24.18 -54.54
CA VAL F 290 -33.85 -23.85 -53.38
C VAL F 290 -34.55 -22.77 -52.57
N TYR F 291 -34.61 -22.97 -51.26
CA TYR F 291 -35.24 -22.04 -50.33
C TYR F 291 -34.25 -21.65 -49.24
N LYS F 292 -34.42 -20.43 -48.72
CA LYS F 292 -33.62 -19.96 -47.61
C LYS F 292 -34.49 -19.04 -46.75
N TYR F 293 -34.27 -19.08 -45.45
CA TYR F 293 -35.06 -18.31 -44.49
C TYR F 293 -34.14 -17.53 -43.58
N PHE F 294 -34.54 -16.30 -43.27
CA PHE F 294 -33.77 -15.44 -42.38
C PHE F 294 -34.70 -14.78 -41.38
N SER F 295 -34.18 -14.55 -40.17
CA SER F 295 -34.94 -14.00 -39.07
C SER F 295 -34.81 -12.47 -39.06
N ARG F 296 -35.27 -11.85 -37.99
CA ARG F 296 -35.26 -10.38 -37.92
C ARG F 296 -33.85 -9.83 -37.91
N ASN F 297 -32.95 -10.44 -37.14
CA ASN F 297 -31.58 -9.96 -36.99
C ASN F 297 -30.62 -10.61 -37.97
N GLY F 298 -31.08 -11.52 -38.82
CA GLY F 298 -30.25 -12.12 -39.84
C GLY F 298 -29.83 -13.54 -39.60
N TYR F 299 -30.36 -14.20 -38.58
CA TYR F 299 -29.97 -15.57 -38.28
C TYR F 299 -30.68 -16.54 -39.22
N ASN F 300 -29.93 -17.53 -39.68
CA ASN F 300 -30.47 -18.52 -40.60
C ASN F 300 -31.40 -19.48 -39.86
N TYR F 301 -32.56 -19.74 -40.47
CA TYR F 301 -33.54 -20.67 -39.91
C TYR F 301 -33.94 -21.73 -40.92
N THR F 302 -33.16 -21.90 -42.00
CA THR F 302 -33.55 -22.84 -43.04
C THR F 302 -33.58 -24.28 -42.53
N ASP F 303 -32.83 -24.59 -41.48
CA ASP F 303 -32.87 -25.95 -40.94
C ASP F 303 -34.27 -26.30 -40.45
N GLN F 304 -34.94 -25.35 -39.81
CA GLN F 304 -36.25 -25.62 -39.24
C GLN F 304 -37.33 -25.72 -40.32
N PHE F 305 -37.33 -24.79 -41.27
CA PHE F 305 -38.42 -24.68 -42.23
C PHE F 305 -38.15 -25.38 -43.56
N GLY F 306 -36.96 -25.94 -43.74
CA GLY F 306 -36.67 -26.72 -44.94
C GLY F 306 -36.05 -25.93 -46.06
N ALA F 307 -34.94 -26.44 -46.59
CA ALA F 307 -34.25 -25.84 -47.73
C ALA F 307 -34.66 -26.47 -49.06
N SER F 308 -35.54 -27.46 -49.05
CA SER F 308 -35.97 -28.14 -50.26
C SER F 308 -37.30 -28.81 -49.98
N PRO F 309 -38.10 -29.07 -51.00
CA PRO F 309 -39.41 -29.70 -50.77
C PRO F 309 -39.33 -31.06 -50.12
N THR F 310 -38.17 -31.72 -50.14
CA THR F 310 -38.06 -33.03 -49.53
C THR F 310 -38.14 -32.97 -48.01
N GLU F 311 -37.66 -31.90 -47.40
CA GLU F 311 -37.60 -31.80 -45.95
C GLU F 311 -38.12 -30.45 -45.49
N GLY F 312 -38.43 -30.36 -44.21
CA GLY F 312 -38.82 -29.12 -43.57
C GLY F 312 -40.18 -29.21 -42.91
N SER F 313 -40.59 -28.08 -42.33
CA SER F 313 -41.88 -27.96 -41.68
C SER F 313 -42.87 -27.09 -42.45
N LEU F 314 -42.42 -26.32 -43.43
CA LEU F 314 -43.29 -25.49 -44.24
C LEU F 314 -43.08 -25.67 -45.74
N THR F 315 -41.84 -25.86 -46.18
CA THR F 315 -41.56 -25.88 -47.60
C THR F 315 -42.25 -27.02 -48.33
N PRO F 316 -42.26 -28.25 -47.81
CA PRO F 316 -42.91 -29.34 -48.57
C PRO F 316 -44.37 -29.06 -48.85
N PHE F 317 -45.01 -28.21 -48.05
CA PHE F 317 -46.42 -27.90 -48.22
C PHE F 317 -46.66 -26.61 -48.99
N ILE F 318 -45.74 -25.64 -48.95
CA ILE F 318 -45.94 -24.38 -49.66
C ILE F 318 -45.24 -24.35 -51.01
N HIS F 319 -44.49 -25.40 -51.37
CA HIS F 319 -43.77 -25.36 -52.65
C HIS F 319 -44.73 -25.24 -53.83
N ASN F 320 -45.85 -25.96 -53.78
CA ASN F 320 -46.77 -25.99 -54.91
C ASN F 320 -47.74 -24.82 -54.92
N ALA F 321 -47.67 -23.92 -53.93
CA ALA F 321 -48.58 -22.78 -53.89
C ALA F 321 -48.22 -21.75 -54.96
N PHE F 322 -46.96 -21.67 -55.36
CA PHE F 322 -46.51 -20.63 -56.26
C PHE F 322 -46.96 -20.93 -57.68
N LYS F 323 -47.08 -19.88 -58.47
CA LYS F 323 -47.60 -19.98 -59.82
C LYS F 323 -46.50 -20.43 -60.79
N ALA F 324 -46.92 -20.73 -62.02
CA ALA F 324 -46.01 -21.34 -62.97
C ALA F 324 -44.83 -20.43 -63.30
N ASP F 325 -45.09 -19.14 -63.48
CA ASP F 325 -44.09 -18.23 -64.02
C ASP F 325 -43.12 -17.70 -62.97
N ILE F 326 -43.29 -18.06 -61.70
CA ILE F 326 -42.47 -17.52 -60.62
C ILE F 326 -41.45 -18.56 -60.22
N GLN F 327 -40.17 -18.23 -60.36
CA GLN F 327 -39.06 -19.07 -59.93
C GLN F 327 -38.16 -18.38 -58.92
N ILE F 328 -37.89 -17.09 -59.10
CA ILE F 328 -37.13 -16.29 -58.15
C ILE F 328 -38.11 -15.43 -57.37
N CYS F 329 -37.95 -15.40 -56.06
CA CYS F 329 -38.88 -14.65 -55.22
C CYS F 329 -38.21 -14.29 -53.90
N ILE F 330 -38.56 -13.12 -53.39
CA ILE F 330 -38.22 -12.72 -52.02
C ILE F 330 -39.49 -12.25 -51.35
N LEU F 331 -39.78 -12.79 -50.17
CA LEU F 331 -40.99 -12.45 -49.43
C LEU F 331 -40.62 -12.12 -47.99
N ASP F 332 -41.47 -11.30 -47.38
CA ASP F 332 -41.31 -10.90 -45.98
C ASP F 332 -42.64 -11.09 -45.29
N GLY F 333 -42.64 -11.71 -44.11
CA GLY F 333 -43.88 -11.96 -43.43
C GLY F 333 -43.67 -12.43 -42.02
N GLU F 334 -44.76 -12.94 -41.45
CA GLU F 334 -44.79 -13.43 -40.08
C GLU F 334 -44.97 -14.95 -40.09
N MET F 335 -44.32 -15.61 -39.14
CA MET F 335 -44.48 -17.03 -38.90
C MET F 335 -45.30 -17.24 -37.63
N MET F 336 -46.35 -18.06 -37.76
CA MET F 336 -47.35 -18.23 -36.72
C MET F 336 -47.61 -19.71 -36.51
N ALA F 337 -48.35 -20.02 -35.44
CA ALA F 337 -48.83 -21.36 -35.18
C ALA F 337 -50.33 -21.41 -35.42
N TYR F 338 -50.79 -22.47 -36.09
CA TYR F 338 -52.17 -22.61 -36.51
C TYR F 338 -52.74 -23.90 -35.97
N ASN F 339 -53.91 -23.82 -35.32
CA ASN F 339 -54.62 -24.99 -34.86
C ASN F 339 -55.66 -25.36 -35.90
N PRO F 340 -55.55 -26.52 -36.55
CA PRO F 340 -56.56 -26.89 -37.55
C PRO F 340 -57.90 -27.28 -36.93
N ASN F 341 -57.90 -27.87 -35.73
CA ASN F 341 -59.15 -28.30 -35.13
C ASN F 341 -60.12 -27.13 -35.00
N THR F 342 -59.66 -26.03 -34.42
CA THR F 342 -60.43 -24.81 -34.35
C THR F 342 -60.19 -23.89 -35.53
N GLN F 343 -59.25 -24.23 -36.40
CA GLN F 343 -58.92 -23.41 -37.57
C GLN F 343 -58.58 -21.98 -37.15
N THR F 344 -57.78 -21.84 -36.09
CA THR F 344 -57.50 -20.53 -35.52
C THR F 344 -56.01 -20.36 -35.27
N PHE F 345 -55.56 -19.12 -35.37
CA PHE F 345 -54.17 -18.80 -35.05
C PHE F 345 -53.99 -18.79 -33.54
N MET F 346 -52.97 -19.50 -33.07
CA MET F 346 -52.59 -19.48 -31.66
C MET F 346 -51.54 -18.39 -31.48
N GLN F 347 -51.89 -17.35 -30.73
CA GLN F 347 -50.96 -16.26 -30.51
C GLN F 347 -49.79 -16.74 -29.68
N LYS F 348 -48.58 -16.53 -30.20
CA LYS F 348 -47.35 -16.92 -29.49
C LYS F 348 -47.00 -15.81 -28.48
N GLY F 349 -47.78 -15.77 -27.41
CA GLY F 349 -47.43 -14.91 -26.31
C GLY F 349 -46.05 -15.29 -25.83
N THR F 350 -45.93 -16.48 -25.23
CA THR F 350 -44.63 -17.02 -24.88
C THR F 350 -44.54 -18.54 -25.04
N LYS F 351 -45.56 -19.20 -25.58
CA LYS F 351 -45.69 -20.65 -25.44
C LYS F 351 -45.92 -21.32 -26.79
N PHE F 352 -45.98 -22.66 -26.72
CA PHE F 352 -46.18 -23.61 -27.83
C PHE F 352 -45.13 -23.49 -28.93
N ASP F 353 -44.09 -22.69 -28.73
CA ASP F 353 -42.84 -22.76 -29.48
C ASP F 353 -43.08 -22.87 -30.99
N ILE F 354 -43.64 -21.80 -31.56
CA ILE F 354 -43.49 -21.60 -33.00
C ILE F 354 -42.02 -21.47 -33.34
N LYS F 355 -41.21 -21.03 -32.37
CA LYS F 355 -39.77 -20.92 -32.59
C LYS F 355 -39.16 -22.29 -32.88
N ARG F 356 -39.74 -23.35 -32.31
CA ARG F 356 -39.29 -24.72 -32.58
C ARG F 356 -40.51 -25.63 -32.46
N MET F 357 -41.11 -25.96 -33.61
CA MET F 357 -42.32 -26.76 -33.62
C MET F 357 -42.05 -28.16 -33.09
N VAL F 358 -42.99 -28.67 -32.31
CA VAL F 358 -42.91 -30.02 -31.75
C VAL F 358 -43.67 -30.96 -32.67
N GLU F 359 -43.09 -32.13 -32.95
CA GLU F 359 -43.69 -33.06 -33.89
C GLU F 359 -45.05 -33.55 -33.40
N ASP F 360 -45.16 -33.85 -32.10
CA ASP F 360 -46.40 -34.41 -31.57
C ASP F 360 -47.52 -33.38 -31.51
N SER F 361 -47.19 -32.09 -31.51
CA SER F 361 -48.23 -31.06 -31.40
C SER F 361 -49.12 -31.08 -32.64
N ASP F 362 -50.40 -30.75 -32.41
CA ASP F 362 -51.35 -30.73 -33.51
C ASP F 362 -51.21 -29.47 -34.36
N LEU F 363 -50.88 -28.34 -33.75
CA LEU F 363 -50.77 -27.10 -34.49
C LEU F 363 -49.55 -27.13 -35.41
N GLN F 364 -49.63 -26.38 -36.50
CA GLN F 364 -48.63 -26.37 -37.55
C GLN F 364 -48.13 -24.94 -37.77
N THR F 365 -47.21 -24.79 -38.72
CA THR F 365 -46.59 -23.50 -39.00
C THR F 365 -47.27 -22.82 -40.17
N CYS F 366 -47.55 -21.53 -40.03
CA CYS F 366 -48.20 -20.73 -41.06
C CYS F 366 -47.38 -19.49 -41.36
N TYR F 367 -47.44 -19.04 -42.61
CA TYR F 367 -46.65 -17.92 -43.08
C TYR F 367 -47.61 -16.88 -43.65
N CYS F 368 -47.75 -15.76 -42.95
CA CYS F 368 -48.59 -14.66 -43.38
C CYS F 368 -47.71 -13.60 -44.03
N VAL F 369 -47.82 -13.45 -45.34
CA VAL F 369 -46.94 -12.60 -46.12
C VAL F 369 -47.56 -11.22 -46.24
N PHE F 370 -46.74 -10.19 -46.04
CA PHE F 370 -47.22 -8.81 -46.19
C PHE F 370 -46.24 -7.94 -46.98
N ASP F 371 -45.42 -8.52 -47.84
CA ASP F 371 -44.51 -7.73 -48.67
C ASP F 371 -43.81 -8.65 -49.66
N VAL F 372 -43.46 -8.08 -50.80
CA VAL F 372 -42.64 -8.75 -51.81
C VAL F 372 -41.58 -7.77 -52.27
N LEU F 373 -40.34 -8.24 -52.35
CA LEU F 373 -39.21 -7.37 -52.68
C LEU F 373 -38.44 -7.79 -53.91
N MET F 374 -38.77 -8.91 -54.54
CA MET F 374 -38.10 -9.33 -55.76
C MET F 374 -38.85 -10.49 -56.40
N VAL F 375 -39.14 -10.39 -57.70
CA VAL F 375 -39.82 -11.45 -58.43
C VAL F 375 -39.25 -11.49 -59.84
N ASN F 376 -38.58 -12.59 -60.19
CA ASN F 376 -38.10 -12.85 -61.54
C ASN F 376 -37.25 -11.68 -62.06
N ASN F 377 -36.11 -11.51 -61.41
CA ASN F 377 -35.12 -10.50 -61.80
C ASN F 377 -35.78 -9.14 -61.99
N LYS F 378 -36.72 -8.82 -61.12
CA LYS F 378 -37.36 -7.51 -61.07
C LYS F 378 -37.37 -7.06 -59.61
N LYS F 379 -36.69 -5.95 -59.33
CA LYS F 379 -36.53 -5.49 -57.95
C LYS F 379 -37.66 -4.54 -57.60
N LEU F 380 -38.44 -4.91 -56.59
CA LEU F 380 -39.63 -4.18 -56.20
C LEU F 380 -39.43 -3.29 -54.98
N GLY F 381 -38.20 -3.20 -54.46
CA GLY F 381 -37.97 -2.43 -53.25
C GLY F 381 -38.08 -0.94 -53.45
N HIS F 382 -37.93 -0.47 -54.68
CA HIS F 382 -38.05 0.95 -54.99
C HIS F 382 -39.44 1.32 -55.48
N GLU F 383 -40.38 0.37 -55.47
CA GLU F 383 -41.75 0.63 -55.91
C GLU F 383 -42.63 0.98 -54.72
N THR F 384 -43.82 1.48 -55.03
CA THR F 384 -44.78 1.87 -54.01
C THR F 384 -45.41 0.64 -53.36
N LEU F 385 -45.95 0.83 -52.16
CA LEU F 385 -46.62 -0.27 -51.47
C LEU F 385 -47.82 -0.76 -52.25
N ARG F 386 -48.49 0.12 -53.00
CA ARG F 386 -49.62 -0.31 -53.82
C ARG F 386 -49.20 -1.35 -54.84
N LYS F 387 -48.13 -1.07 -55.59
CA LYS F 387 -47.70 -1.98 -56.63
C LYS F 387 -47.24 -3.30 -56.05
N ARG F 388 -46.52 -3.27 -54.91
CA ARG F 388 -46.07 -4.51 -54.30
C ARG F 388 -47.26 -5.33 -53.80
N TYR F 389 -48.24 -4.68 -53.19
CA TYR F 389 -49.44 -5.39 -52.76
C TYR F 389 -50.17 -6.00 -53.94
N GLU F 390 -50.23 -5.28 -55.06
CA GLU F 390 -50.86 -5.82 -56.27
C GLU F 390 -50.10 -7.03 -56.78
N ILE F 391 -48.76 -6.94 -56.83
CA ILE F 391 -47.96 -8.03 -57.34
C ILE F 391 -48.03 -9.24 -56.42
N LEU F 392 -48.27 -9.02 -55.13
CA LEU F 392 -48.27 -10.13 -54.19
C LEU F 392 -49.36 -11.15 -54.48
N SER F 393 -50.41 -10.75 -55.19
CA SER F 393 -51.50 -11.66 -55.52
C SER F 393 -51.24 -12.46 -56.79
N SER F 394 -50.12 -12.22 -57.47
CA SER F 394 -49.75 -12.92 -58.68
C SER F 394 -48.51 -13.80 -58.50
N ILE F 395 -48.21 -14.18 -57.27
CA ILE F 395 -47.06 -15.02 -56.95
C ILE F 395 -47.50 -16.39 -56.47
N PHE F 396 -48.45 -16.44 -55.55
CA PHE F 396 -48.94 -17.71 -55.03
C PHE F 396 -50.42 -17.61 -54.74
N THR F 397 -51.11 -18.75 -54.89
CA THR F 397 -52.54 -18.84 -54.60
C THR F 397 -52.70 -19.39 -53.20
N PRO F 398 -53.13 -18.59 -52.22
CA PRO F 398 -53.02 -19.02 -50.83
C PRO F 398 -53.80 -20.30 -50.55
N ILE F 399 -53.22 -21.14 -49.69
CA ILE F 399 -53.88 -22.33 -49.17
C ILE F 399 -54.03 -22.15 -47.66
N PRO F 400 -55.24 -22.01 -47.13
CA PRO F 400 -55.37 -21.66 -45.71
C PRO F 400 -54.67 -22.66 -44.81
N GLY F 401 -54.05 -22.14 -43.77
CA GLY F 401 -53.38 -22.94 -42.77
C GLY F 401 -51.87 -23.03 -42.94
N ARG F 402 -51.35 -22.73 -44.12
CA ARG F 402 -49.93 -22.86 -44.37
C ARG F 402 -49.29 -21.60 -44.96
N ILE F 403 -49.99 -20.90 -45.85
CA ILE F 403 -49.50 -19.65 -46.42
C ILE F 403 -50.68 -18.76 -46.72
N GLU F 404 -50.56 -17.48 -46.39
CA GLU F 404 -51.67 -16.55 -46.52
C GLU F 404 -51.15 -15.16 -46.83
N ILE F 405 -52.06 -14.30 -47.27
CA ILE F 405 -51.80 -12.88 -47.51
C ILE F 405 -52.59 -12.08 -46.50
N VAL F 406 -51.92 -11.17 -45.80
CA VAL F 406 -52.60 -10.34 -44.82
C VAL F 406 -53.52 -9.35 -45.52
N GLN F 407 -54.73 -9.19 -45.00
CA GLN F 407 -55.71 -8.30 -45.60
C GLN F 407 -55.44 -6.87 -45.17
N LYS F 408 -55.44 -5.96 -46.14
CA LYS F 408 -55.31 -4.53 -45.90
C LYS F 408 -56.61 -3.85 -46.27
N THR F 409 -57.09 -2.97 -45.39
CA THR F 409 -58.35 -2.26 -45.61
C THR F 409 -58.09 -0.78 -45.81
N GLN F 410 -58.71 -0.20 -46.83
CA GLN F 410 -58.58 1.23 -47.08
C GLN F 410 -59.30 2.03 -46.01
N ALA F 411 -58.69 3.14 -45.60
CA ALA F 411 -59.31 4.02 -44.61
C ALA F 411 -58.72 5.40 -44.74
N HIS F 412 -59.54 6.44 -44.52
CA HIS F 412 -59.08 7.81 -44.63
C HIS F 412 -59.63 8.71 -43.54
N THR F 413 -59.87 8.16 -42.34
CA THR F 413 -60.33 8.97 -41.21
C THR F 413 -59.78 8.37 -39.92
N LYS F 414 -59.75 9.19 -38.87
CA LYS F 414 -59.32 8.72 -37.56
C LYS F 414 -60.32 7.77 -36.95
N ASN F 415 -61.61 8.01 -37.19
CA ASN F 415 -62.65 7.14 -36.61
C ASN F 415 -62.50 5.71 -37.11
N GLU F 416 -62.10 5.53 -38.37
CA GLU F 416 -61.86 4.18 -38.87
C GLU F 416 -60.74 3.50 -38.07
N VAL F 417 -59.67 4.23 -37.79
CA VAL F 417 -58.58 3.66 -37.00
C VAL F 417 -59.08 3.26 -35.61
N ILE F 418 -59.87 4.14 -34.98
CA ILE F 418 -60.35 3.83 -33.64
C ILE F 418 -61.26 2.61 -33.66
N ASP F 419 -62.12 2.51 -34.68
CA ASP F 419 -63.00 1.37 -34.79
C ASP F 419 -62.21 0.08 -34.97
N ALA F 420 -61.16 0.13 -35.80
CA ALA F 420 -60.34 -1.07 -35.99
C ALA F 420 -59.65 -1.46 -34.69
N LEU F 421 -59.16 -0.48 -33.93
CA LEU F 421 -58.51 -0.79 -32.66
C LEU F 421 -59.50 -1.43 -31.69
N ASN F 422 -60.72 -0.89 -31.63
CA ASN F 422 -61.73 -1.46 -30.74
C ASN F 422 -62.11 -2.87 -31.16
N GLU F 423 -62.21 -3.12 -32.47
CA GLU F 423 -62.50 -4.47 -32.94
C GLU F 423 -61.37 -5.42 -32.56
N ALA F 424 -60.12 -4.98 -32.69
CA ALA F 424 -59.00 -5.81 -32.28
C ALA F 424 -59.07 -6.13 -30.80
N ILE F 425 -59.40 -5.13 -29.97
CA ILE F 425 -59.55 -5.40 -28.54
C ILE F 425 -60.67 -6.40 -28.29
N ASP F 426 -61.75 -6.31 -29.07
CA ASP F 426 -62.84 -7.27 -28.94
C ASP F 426 -62.37 -8.68 -29.26
N LYS F 427 -61.58 -8.84 -30.31
CA LYS F 427 -61.08 -10.15 -30.71
C LYS F 427 -59.84 -10.57 -29.93
N ARG F 428 -59.41 -9.80 -28.95
CA ARG F 428 -58.24 -10.12 -28.12
C ARG F 428 -56.99 -10.25 -29.00
N GLU F 429 -56.62 -9.14 -29.62
CA GLU F 429 -55.48 -9.08 -30.52
C GLU F 429 -54.50 -8.02 -30.06
N GLU F 430 -53.27 -8.11 -30.58
CA GLU F 430 -52.20 -7.23 -30.13
C GLU F 430 -52.49 -5.77 -30.47
N GLY F 431 -52.94 -5.51 -31.69
CA GLY F 431 -53.15 -4.14 -32.11
C GLY F 431 -53.33 -4.06 -33.61
N ILE F 432 -53.08 -2.87 -34.16
CA ILE F 432 -53.24 -2.64 -35.59
C ILE F 432 -52.01 -1.93 -36.13
N MET F 433 -51.84 -2.03 -37.45
CA MET F 433 -50.79 -1.36 -38.18
C MET F 433 -51.42 -0.47 -39.25
N VAL F 434 -50.84 0.71 -39.43
CA VAL F 434 -51.27 1.67 -40.45
C VAL F 434 -50.11 1.91 -41.39
N LYS F 435 -50.38 1.82 -42.69
CA LYS F 435 -49.34 1.90 -43.71
C LYS F 435 -49.73 2.89 -44.79
N GLN F 436 -48.70 3.55 -45.34
CA GLN F 436 -48.88 4.56 -46.38
C GLN F 436 -48.75 3.92 -47.75
N PRO F 437 -49.75 4.03 -48.63
CA PRO F 437 -49.67 3.30 -49.92
C PRO F 437 -48.49 3.69 -50.79
N LEU F 438 -48.02 4.94 -50.71
CA LEU F 438 -46.95 5.42 -51.58
C LEU F 438 -45.59 5.41 -50.89
N SER F 439 -45.36 4.45 -50.01
CA SER F 439 -44.11 4.36 -49.26
C SER F 439 -43.25 3.24 -49.81
N ILE F 440 -41.97 3.54 -50.07
CA ILE F 440 -41.03 2.56 -50.58
C ILE F 440 -40.41 1.80 -49.41
N TYR F 441 -39.77 0.68 -49.72
CA TYR F 441 -39.15 -0.14 -48.69
C TYR F 441 -37.76 0.41 -48.35
N LYS F 442 -37.49 0.58 -47.06
CA LYS F 442 -36.24 1.14 -46.56
C LYS F 442 -35.71 0.27 -45.44
N PRO F 443 -34.73 -0.59 -45.70
CA PRO F 443 -34.27 -1.51 -44.67
C PRO F 443 -33.76 -0.79 -43.43
N ASP F 444 -34.03 -1.40 -42.26
CA ASP F 444 -33.50 -0.97 -40.98
C ASP F 444 -33.95 0.43 -40.59
N LYS F 445 -34.99 0.94 -41.23
CA LYS F 445 -35.49 2.28 -40.97
C LYS F 445 -36.86 2.18 -40.31
N ARG F 446 -37.05 2.94 -39.24
CA ARG F 446 -38.27 2.94 -38.46
C ARG F 446 -38.97 4.28 -38.59
N GLY F 447 -40.30 4.25 -38.60
CA GLY F 447 -41.07 5.47 -38.68
C GLY F 447 -40.93 6.22 -39.98
N GLU F 448 -40.98 5.52 -41.11
CA GLU F 448 -40.99 6.15 -42.43
C GLU F 448 -42.36 6.09 -43.08
N GLY F 449 -42.94 4.90 -43.19
CA GLY F 449 -44.27 4.77 -43.74
C GLY F 449 -45.17 3.85 -42.93
N TRP F 450 -44.60 3.12 -41.97
CA TRP F 450 -45.33 2.14 -41.19
C TRP F 450 -45.51 2.64 -39.76
N LEU F 451 -46.70 2.42 -39.21
CA LEU F 451 -47.05 2.84 -37.87
C LEU F 451 -47.79 1.70 -37.17
N LYS F 452 -47.70 1.67 -35.85
CA LYS F 452 -48.40 0.67 -35.06
C LYS F 452 -49.17 1.33 -33.92
N ILE F 453 -50.33 0.77 -33.60
CA ILE F 453 -51.13 1.20 -32.47
C ILE F 453 -51.48 -0.02 -31.63
N LYS F 454 -51.21 0.07 -30.34
CA LYS F 454 -51.54 -0.96 -29.36
C LYS F 454 -52.37 -0.34 -28.25
N PRO F 455 -53.18 -1.14 -27.55
CA PRO F 455 -53.94 -0.58 -26.43
C PRO F 455 -53.06 0.05 -25.37
N GLU F 456 -51.83 -0.45 -25.20
CA GLU F 456 -50.95 0.09 -24.16
C GLU F 456 -50.58 1.54 -24.44
N TYR F 457 -50.38 1.89 -25.71
CA TYR F 457 -49.93 3.24 -26.05
C TYR F 457 -50.99 4.30 -25.73
N VAL F 458 -52.26 3.93 -25.66
CA VAL F 458 -53.33 4.86 -25.33
C VAL F 458 -53.50 4.89 -23.82
N SER F 459 -53.52 6.10 -23.26
CA SER F 459 -53.59 6.25 -21.81
C SER F 459 -54.96 5.86 -21.30
N GLY F 460 -54.99 5.08 -20.22
CA GLY F 460 -56.22 4.73 -19.53
C GLY F 460 -56.86 3.43 -19.98
N LEU F 461 -56.46 2.88 -21.11
CA LEU F 461 -57.13 1.72 -21.68
C LEU F 461 -56.72 0.41 -21.03
N MET F 462 -55.81 0.42 -20.07
CA MET F 462 -55.27 -0.79 -19.48
C MET F 462 -55.55 -0.83 -17.99
N ASP F 463 -55.57 -2.04 -17.44
CA ASP F 463 -55.71 -2.27 -16.01
C ASP F 463 -54.32 -2.44 -15.40
N GLU F 464 -54.07 -1.77 -14.28
CA GLU F 464 -52.79 -1.80 -13.60
C GLU F 464 -52.94 -2.47 -12.25
N LEU F 465 -51.89 -3.17 -11.84
CA LEU F 465 -51.93 -4.00 -10.65
C LEU F 465 -51.08 -3.38 -9.54
N ASP F 466 -51.63 -3.30 -8.33
CA ASP F 466 -50.92 -2.82 -7.16
C ASP F 466 -50.40 -4.03 -6.39
N ILE F 467 -49.09 -4.26 -6.45
CA ILE F 467 -48.51 -5.46 -5.84
C ILE F 467 -47.31 -5.07 -4.99
N LEU F 468 -46.98 -5.94 -4.05
CA LEU F 468 -45.94 -5.69 -3.07
C LEU F 468 -44.58 -6.18 -3.58
N ILE F 469 -43.53 -5.58 -3.06
CA ILE F 469 -42.15 -6.01 -3.34
C ILE F 469 -41.73 -6.94 -2.21
N VAL F 470 -41.46 -8.19 -2.53
CA VAL F 470 -41.06 -9.19 -1.54
C VAL F 470 -39.62 -9.63 -1.69
N GLY F 471 -38.95 -9.29 -2.79
CA GLY F 471 -37.55 -9.64 -2.91
C GLY F 471 -36.84 -8.78 -3.92
N GLY F 472 -35.51 -8.89 -3.93
CA GLY F 472 -34.69 -8.08 -4.82
C GLY F 472 -33.54 -8.88 -5.39
N TYR F 473 -32.95 -8.33 -6.45
CA TYR F 473 -31.81 -8.91 -7.12
C TYR F 473 -30.76 -7.83 -7.35
N TRP F 474 -29.51 -8.24 -7.45
CA TRP F 474 -28.44 -7.31 -7.78
C TRP F 474 -28.40 -7.05 -9.28
N GLY F 475 -27.72 -5.97 -9.66
CA GLY F 475 -27.74 -5.48 -11.02
C GLY F 475 -26.43 -5.70 -11.76
N LYS F 476 -26.48 -5.43 -13.07
CA LYS F 476 -25.35 -5.58 -13.95
C LYS F 476 -24.59 -4.25 -14.06
N GLY F 477 -23.70 -4.16 -15.06
CA GLY F 477 -22.74 -3.07 -15.15
C GLY F 477 -23.24 -1.68 -14.86
N SER F 478 -24.15 -1.16 -15.68
CA SER F 478 -24.57 0.23 -15.55
C SER F 478 -25.13 0.52 -14.17
N ARG F 479 -25.79 -0.47 -13.57
CA ARG F 479 -26.36 -0.36 -12.22
C ARG F 479 -25.87 -1.58 -11.44
N GLY F 480 -24.68 -1.46 -10.87
CA GLY F 480 -24.02 -2.60 -10.26
C GLY F 480 -24.28 -2.77 -8.78
N GLY F 481 -24.02 -1.73 -7.99
CA GLY F 481 -24.10 -1.85 -6.55
C GLY F 481 -25.45 -1.46 -6.00
N MET F 482 -26.52 -1.84 -6.69
CA MET F 482 -27.86 -1.51 -6.25
C MET F 482 -28.82 -2.59 -6.75
N MET F 483 -29.98 -2.67 -6.10
CA MET F 483 -31.01 -3.62 -6.48
C MET F 483 -31.75 -3.08 -7.69
N SER F 484 -31.60 -3.75 -8.83
CA SER F 484 -32.17 -3.29 -10.09
C SER F 484 -33.51 -3.94 -10.41
N HIS F 485 -33.64 -5.24 -10.20
CA HIS F 485 -34.90 -5.94 -10.45
C HIS F 485 -35.43 -6.51 -9.14
N PHE F 486 -36.74 -6.70 -9.09
CA PHE F 486 -37.43 -7.08 -7.87
C PHE F 486 -38.42 -8.19 -8.16
N LEU F 487 -38.77 -8.91 -7.09
CA LEU F 487 -39.75 -9.99 -7.14
C LEU F 487 -40.94 -9.57 -6.30
N CYS F 488 -42.13 -9.58 -6.90
CA CYS F 488 -43.36 -9.06 -6.32
C CYS F 488 -44.33 -10.19 -6.01
N ALA F 489 -45.26 -9.91 -5.08
CA ALA F 489 -46.19 -10.93 -4.62
C ALA F 489 -47.54 -10.30 -4.31
N VAL F 490 -48.57 -11.11 -4.47
CA VAL F 490 -49.92 -10.73 -4.10
C VAL F 490 -50.22 -11.33 -2.72
N ALA F 491 -51.30 -10.87 -2.11
CA ALA F 491 -51.65 -11.26 -0.75
C ALA F 491 -52.64 -12.41 -0.76
N GLU F 492 -52.87 -12.96 0.43
CA GLU F 492 -53.86 -14.01 0.64
C GLU F 492 -54.99 -13.44 1.48
N LYS F 493 -56.22 -13.60 1.00
CA LYS F 493 -57.37 -13.01 1.66
C LYS F 493 -57.41 -13.45 3.11
N PRO F 494 -57.14 -12.55 4.06
CA PRO F 494 -57.06 -12.97 5.45
C PRO F 494 -58.45 -13.22 6.02
N PRO F 495 -58.54 -13.82 7.21
CA PRO F 495 -59.83 -13.92 7.86
C PRO F 495 -60.38 -12.54 8.14
N PRO F 496 -61.71 -12.40 8.17
CA PRO F 496 -62.29 -11.05 8.29
C PRO F 496 -61.71 -10.30 9.49
N GLY F 497 -61.42 -9.02 9.28
CA GLY F 497 -60.86 -8.20 10.34
C GLY F 497 -59.46 -8.59 10.77
N GLU F 498 -58.58 -8.87 9.81
CA GLU F 498 -57.20 -9.19 10.12
C GLU F 498 -56.33 -8.76 8.95
N LYS F 499 -55.06 -8.55 9.22
CA LYS F 499 -54.15 -8.16 8.15
C LYS F 499 -53.60 -9.39 7.43
N PRO F 500 -53.23 -9.26 6.16
CA PRO F 500 -52.73 -10.43 5.42
C PRO F 500 -51.47 -10.99 6.06
N SER F 501 -51.37 -12.32 6.05
CA SER F 501 -50.25 -13.03 6.65
C SER F 501 -49.35 -13.72 5.62
N VAL F 502 -49.93 -14.34 4.60
CA VAL F 502 -49.17 -15.09 3.61
C VAL F 502 -49.25 -14.39 2.27
N PHE F 503 -48.23 -14.59 1.45
CA PHE F 503 -48.12 -13.95 0.16
C PHE F 503 -47.70 -14.97 -0.89
N HIS F 504 -48.09 -14.71 -2.13
CA HIS F 504 -47.82 -15.60 -3.26
C HIS F 504 -47.13 -14.81 -4.35
N THR F 505 -45.96 -15.27 -4.79
CA THR F 505 -45.20 -14.53 -5.80
C THR F 505 -45.94 -14.51 -7.14
N LEU F 506 -45.77 -13.41 -7.86
CA LEU F 506 -46.43 -13.22 -9.15
C LEU F 506 -45.46 -13.09 -10.31
N SER F 507 -44.50 -12.18 -10.23
CA SER F 507 -43.59 -11.96 -11.35
C SER F 507 -42.50 -10.98 -10.96
N ARG F 508 -41.38 -11.06 -11.67
CA ARG F 508 -40.29 -10.10 -11.52
C ARG F 508 -40.53 -8.90 -12.43
N VAL F 509 -40.15 -7.72 -11.94
CA VAL F 509 -40.21 -6.50 -12.72
C VAL F 509 -38.93 -5.72 -12.48
N GLY F 510 -38.29 -5.27 -13.56
CA GLY F 510 -37.02 -4.59 -13.44
C GLY F 510 -36.83 -3.46 -14.42
N SER F 511 -37.93 -2.94 -14.97
CA SER F 511 -37.89 -1.84 -15.90
C SER F 511 -38.96 -0.84 -15.53
N GLY F 512 -38.73 0.43 -15.87
CA GLY F 512 -39.70 1.48 -15.65
C GLY F 512 -39.34 2.48 -14.58
N CYS F 513 -38.15 2.38 -13.99
CA CYS F 513 -37.72 3.28 -12.93
C CYS F 513 -36.41 3.94 -13.34
N THR F 514 -36.32 5.26 -13.12
CA THR F 514 -35.10 5.97 -13.39
C THR F 514 -34.04 5.62 -12.35
N MET F 515 -32.80 6.07 -12.60
CA MET F 515 -31.72 5.75 -11.67
C MET F 515 -31.96 6.38 -10.30
N LYS F 516 -32.45 7.62 -10.28
CA LYS F 516 -32.70 8.29 -9.00
C LYS F 516 -33.78 7.58 -8.21
N GLU F 517 -34.85 7.15 -8.88
CA GLU F 517 -35.91 6.44 -8.19
C GLU F 517 -35.40 5.13 -7.61
N LEU F 518 -34.55 4.42 -8.36
CA LEU F 518 -33.99 3.17 -7.86
C LEU F 518 -33.09 3.43 -6.66
N TYR F 519 -32.30 4.51 -6.71
CA TYR F 519 -31.44 4.84 -5.57
C TYR F 519 -32.28 5.14 -4.33
N ASP F 520 -33.35 5.92 -4.49
CA ASP F 520 -34.21 6.24 -3.36
C ASP F 520 -34.86 4.99 -2.80
N LEU F 521 -35.34 4.10 -3.69
CA LEU F 521 -35.96 2.87 -3.23
C LEU F 521 -34.96 2.01 -2.48
N GLY F 522 -33.72 1.92 -2.99
CA GLY F 522 -32.71 1.17 -2.28
C GLY F 522 -32.43 1.73 -0.90
N LEU F 523 -32.35 3.06 -0.80
CA LEU F 523 -32.12 3.68 0.50
C LEU F 523 -33.26 3.38 1.46
N LYS F 524 -34.50 3.44 0.97
CA LYS F 524 -35.65 3.19 1.83
C LYS F 524 -35.64 1.77 2.39
N LEU F 525 -35.36 0.78 1.54
CA LEU F 525 -35.44 -0.62 1.91
C LEU F 525 -34.09 -1.23 2.25
N ALA F 526 -33.03 -0.42 2.36
CA ALA F 526 -31.71 -0.97 2.60
C ALA F 526 -31.63 -1.70 3.93
N LYS F 527 -32.28 -1.15 4.96
CA LYS F 527 -32.15 -1.72 6.30
C LYS F 527 -32.86 -3.06 6.43
N TYR F 528 -33.94 -3.26 5.67
CA TYR F 528 -34.83 -4.38 5.89
C TYR F 528 -34.54 -5.60 5.02
N TRP F 529 -33.57 -5.52 4.11
CA TRP F 529 -33.22 -6.68 3.31
C TRP F 529 -32.64 -7.77 4.21
N LYS F 530 -32.94 -9.02 3.86
CA LYS F 530 -32.39 -10.17 4.55
C LYS F 530 -31.90 -11.18 3.52
N PRO F 531 -30.79 -11.87 3.77
CA PRO F 531 -30.34 -12.89 2.83
C PRO F 531 -31.34 -14.02 2.73
N PHE F 532 -31.42 -14.62 1.55
CA PHE F 532 -32.37 -15.69 1.27
C PHE F 532 -31.67 -17.03 1.32
N HIS F 533 -32.19 -17.95 2.13
CA HIS F 533 -31.67 -19.30 2.25
C HIS F 533 -32.71 -20.27 1.74
N ARG F 534 -32.32 -21.10 0.77
CA ARG F 534 -33.26 -22.06 0.19
C ARG F 534 -33.68 -23.12 1.19
N LYS F 535 -32.79 -23.47 2.13
CA LYS F 535 -33.08 -24.55 3.06
C LYS F 535 -34.11 -24.13 4.11
N ALA F 536 -34.16 -22.85 4.45
CA ALA F 536 -35.07 -22.34 5.48
C ALA F 536 -35.83 -21.14 4.92
N PRO F 537 -36.73 -21.38 3.97
CA PRO F 537 -37.47 -20.26 3.39
C PRO F 537 -38.40 -19.63 4.41
N PRO F 538 -38.69 -18.34 4.30
CA PRO F 538 -39.56 -17.69 5.27
C PRO F 538 -40.99 -18.18 5.17
N SER F 539 -41.73 -18.05 6.27
CA SER F 539 -43.13 -18.49 6.30
C SER F 539 -44.04 -17.49 5.59
N SER F 540 -43.76 -16.20 5.72
CA SER F 540 -44.66 -15.19 5.17
C SER F 540 -44.72 -15.26 3.65
N ILE F 541 -43.57 -15.42 3.00
CA ILE F 541 -43.47 -15.40 1.54
C ILE F 541 -43.43 -16.83 1.05
N LEU F 542 -44.28 -17.14 0.07
CA LEU F 542 -44.32 -18.46 -0.56
C LEU F 542 -43.92 -18.32 -2.02
N CYS F 543 -42.94 -19.12 -2.44
CA CYS F 543 -42.33 -19.00 -3.75
C CYS F 543 -42.35 -20.33 -4.47
N GLY F 544 -42.29 -20.27 -5.80
CA GLY F 544 -42.21 -21.45 -6.62
C GLY F 544 -40.77 -21.76 -7.00
N THR F 545 -40.51 -21.92 -8.30
CA THR F 545 -39.17 -22.22 -8.77
C THR F 545 -38.27 -21.00 -8.82
N GLU F 546 -38.84 -19.79 -8.79
CA GLU F 546 -38.07 -18.56 -8.83
C GLU F 546 -37.97 -18.00 -7.42
N LYS F 547 -36.74 -17.80 -6.96
CA LYS F 547 -36.50 -17.33 -5.60
C LYS F 547 -35.60 -16.12 -5.63
N PRO F 548 -35.78 -15.18 -4.69
CA PRO F 548 -34.98 -13.96 -4.70
C PRO F 548 -33.64 -14.15 -4.02
N GLU F 549 -32.72 -13.24 -4.32
CA GLU F 549 -31.44 -13.23 -3.63
C GLU F 549 -31.57 -12.69 -2.22
N VAL F 550 -32.42 -11.69 -2.03
CA VAL F 550 -32.68 -11.09 -0.72
C VAL F 550 -34.18 -10.84 -0.60
N TYR F 551 -34.74 -11.13 0.57
CA TYR F 551 -36.16 -10.97 0.82
C TYR F 551 -36.39 -9.96 1.93
N ILE F 552 -37.52 -9.27 1.84
CA ILE F 552 -37.91 -8.24 2.79
C ILE F 552 -39.29 -8.59 3.32
N GLU F 553 -39.47 -8.48 4.63
CA GLU F 553 -40.77 -8.81 5.21
C GLU F 553 -41.83 -7.85 4.67
N PRO F 554 -43.04 -8.33 4.40
CA PRO F 554 -44.05 -7.45 3.81
C PRO F 554 -44.37 -6.23 4.65
N CYS F 555 -44.20 -6.31 5.96
CA CYS F 555 -44.59 -5.21 6.84
C CYS F 555 -43.77 -3.95 6.59
N ASN F 556 -42.60 -4.07 5.96
CA ASN F 556 -41.70 -2.95 5.76
C ASN F 556 -41.45 -2.63 4.29
N SER F 557 -42.27 -3.15 3.40
CA SER F 557 -42.07 -3.01 1.96
C SER F 557 -42.97 -1.92 1.41
N VAL F 558 -42.98 -1.79 0.08
CA VAL F 558 -43.71 -0.73 -0.60
C VAL F 558 -44.57 -1.35 -1.69
N ILE F 559 -45.65 -0.63 -2.03
CA ILE F 559 -46.58 -1.04 -3.07
C ILE F 559 -46.13 -0.41 -4.38
N VAL F 560 -46.22 -1.19 -5.46
CA VAL F 560 -45.80 -0.77 -6.78
C VAL F 560 -46.94 -1.00 -7.76
N GLN F 561 -47.12 -0.07 -8.68
CA GLN F 561 -48.07 -0.22 -9.77
C GLN F 561 -47.37 -0.83 -10.97
N ILE F 562 -47.99 -1.85 -11.55
CA ILE F 562 -47.42 -2.57 -12.69
C ILE F 562 -48.41 -2.49 -13.84
N LYS F 563 -47.90 -2.13 -15.02
CA LYS F 563 -48.65 -2.15 -16.27
C LYS F 563 -48.11 -3.29 -17.11
N ALA F 564 -48.99 -4.23 -17.46
CA ALA F 564 -48.60 -5.43 -18.19
C ALA F 564 -49.54 -5.65 -19.36
N ALA F 565 -49.01 -6.27 -20.42
CA ALA F 565 -49.82 -6.60 -21.58
C ALA F 565 -50.93 -7.58 -21.21
N GLU F 566 -50.60 -8.65 -20.51
CA GLU F 566 -51.59 -9.66 -20.17
C GLU F 566 -51.03 -10.57 -19.08
N ILE F 567 -51.85 -11.52 -18.65
CA ILE F 567 -51.50 -12.51 -17.64
C ILE F 567 -51.49 -13.87 -18.29
N VAL F 568 -50.40 -14.61 -18.13
CA VAL F 568 -50.22 -15.88 -18.84
C VAL F 568 -49.88 -16.98 -17.84
N PRO F 569 -50.25 -18.22 -18.09
CA PRO F 569 -49.91 -19.30 -17.15
C PRO F 569 -48.40 -19.50 -17.07
N SER F 570 -47.94 -19.94 -15.90
CA SER F 570 -46.53 -20.18 -15.67
C SER F 570 -46.38 -21.17 -14.53
N ASP F 571 -45.20 -21.79 -14.47
CA ASP F 571 -44.88 -22.76 -13.43
C ASP F 571 -43.73 -22.33 -12.54
N MET F 572 -43.21 -21.12 -12.73
CA MET F 572 -42.12 -20.61 -11.92
C MET F 572 -42.59 -19.75 -10.75
N TYR F 573 -43.91 -19.59 -10.58
CA TYR F 573 -44.45 -18.70 -9.56
C TYR F 573 -45.61 -19.38 -8.84
N LYS F 574 -45.84 -18.96 -7.61
CA LYS F 574 -46.83 -19.63 -6.77
C LYS F 574 -48.25 -19.37 -7.27
N THR F 575 -48.53 -18.18 -7.77
CA THR F 575 -49.87 -17.87 -8.27
C THR F 575 -50.24 -18.70 -9.48
N GLY F 576 -49.28 -19.37 -10.12
CA GLY F 576 -49.56 -20.10 -11.33
C GLY F 576 -49.67 -19.23 -12.56
N CYS F 577 -49.42 -17.93 -12.44
CA CYS F 577 -49.51 -17.02 -13.56
C CYS F 577 -48.45 -15.95 -13.40
N THR F 578 -48.06 -15.38 -14.54
CA THR F 578 -47.05 -14.33 -14.59
C THR F 578 -47.45 -13.30 -15.64
N LEU F 579 -46.97 -12.08 -15.45
CA LEU F 579 -47.32 -11.00 -16.37
C LEU F 579 -46.47 -11.06 -17.62
N ARG F 580 -46.98 -10.46 -18.68
CA ARG F 580 -46.28 -10.31 -19.95
C ARG F 580 -45.92 -8.85 -20.15
N PHE F 581 -44.64 -8.59 -20.43
CA PHE F 581 -44.14 -7.23 -20.57
C PHE F 581 -44.49 -6.38 -19.35
N PRO F 582 -43.96 -6.72 -18.17
CA PRO F 582 -44.26 -5.91 -16.99
C PRO F 582 -43.30 -4.74 -16.84
N ARG F 583 -43.84 -3.63 -16.33
CA ARG F 583 -43.04 -2.44 -16.06
C ARG F 583 -43.66 -1.68 -14.91
N ILE F 584 -42.85 -0.87 -14.25
CA ILE F 584 -43.28 -0.09 -13.09
C ILE F 584 -43.79 1.27 -13.56
N GLU F 585 -45.02 1.61 -13.17
CA GLU F 585 -45.59 2.91 -13.47
C GLU F 585 -45.44 3.90 -12.33
N LYS F 586 -45.50 3.44 -11.08
CA LYS F 586 -45.26 4.33 -9.94
C LYS F 586 -45.10 3.52 -8.67
N ILE F 587 -44.15 3.95 -7.84
CA ILE F 587 -43.96 3.39 -6.49
C ILE F 587 -44.88 4.17 -5.57
N ARG F 588 -46.00 3.55 -5.19
CA ARG F 588 -47.04 4.28 -4.48
C ARG F 588 -46.62 4.52 -3.04
N ASP F 589 -46.44 5.79 -2.67
CA ASP F 589 -46.13 6.17 -1.30
C ASP F 589 -47.38 6.39 -0.45
N ASP F 590 -48.56 6.34 -1.06
CA ASP F 590 -49.82 6.54 -0.33
C ASP F 590 -50.52 5.25 0.03
N LYS F 591 -50.12 4.12 -0.56
CA LYS F 591 -50.77 2.84 -0.30
C LYS F 591 -49.98 2.07 0.76
N GLU F 592 -50.68 1.54 1.75
CA GLU F 592 -50.05 0.72 2.76
C GLU F 592 -49.81 -0.69 2.23
N TRP F 593 -49.03 -1.46 2.98
CA TRP F 593 -48.69 -2.81 2.55
C TRP F 593 -49.89 -3.74 2.60
N HIS F 594 -50.85 -3.47 3.49
CA HIS F 594 -52.03 -4.32 3.64
C HIS F 594 -53.13 -3.98 2.67
N GLU F 595 -52.92 -3.02 1.78
CA GLU F 595 -53.85 -2.69 0.71
C GLU F 595 -53.48 -3.39 -0.60
N CYS F 596 -52.62 -4.39 -0.54
CA CYS F 596 -52.15 -5.07 -1.74
C CYS F 596 -53.30 -5.84 -2.39
N MET F 597 -53.11 -6.19 -3.66
CA MET F 597 -54.05 -7.05 -4.33
C MET F 597 -54.17 -8.37 -3.58
N THR F 598 -55.19 -9.14 -3.94
CA THR F 598 -55.42 -10.45 -3.35
C THR F 598 -55.62 -11.46 -4.47
N LEU F 599 -55.35 -12.73 -4.16
CA LEU F 599 -55.47 -13.77 -5.16
C LEU F 599 -56.85 -13.76 -5.81
N ASP F 600 -57.89 -13.43 -5.04
CA ASP F 600 -59.23 -13.39 -5.59
C ASP F 600 -59.35 -12.32 -6.67
N ASP F 601 -58.81 -11.12 -6.39
CA ASP F 601 -58.86 -10.05 -7.37
C ASP F 601 -58.06 -10.41 -8.61
N LEU F 602 -56.91 -11.05 -8.43
CA LEU F 602 -56.10 -11.46 -9.58
C LEU F 602 -56.85 -12.47 -10.43
N GLU F 603 -57.50 -13.44 -9.79
CA GLU F 603 -58.28 -14.42 -10.55
C GLU F 603 -59.43 -13.75 -11.30
N GLN F 604 -60.10 -12.80 -10.66
CA GLN F 604 -61.18 -12.08 -11.31
C GLN F 604 -60.67 -11.32 -12.53
N LEU F 605 -59.54 -10.63 -12.38
CA LEU F 605 -58.97 -9.89 -13.50
C LEU F 605 -58.53 -10.83 -14.61
N ARG F 606 -57.96 -11.99 -14.25
CA ARG F 606 -57.51 -12.94 -15.25
C ARG F 606 -58.69 -13.50 -16.04
N GLY F 607 -59.79 -13.79 -15.37
CA GLY F 607 -60.95 -14.35 -16.05
C GLY F 607 -61.86 -13.33 -16.71
N LYS F 608 -61.68 -12.04 -16.41
CA LYS F 608 -62.59 -11.04 -16.94
C LYS F 608 -62.50 -10.93 -18.45
N ALA F 609 -61.29 -10.96 -19.01
CA ALA F 609 -61.09 -10.72 -20.43
C ALA F 609 -60.08 -11.70 -21.02
N SER F 610 -60.17 -12.96 -20.61
CA SER F 610 -59.33 -14.03 -21.17
C SER F 610 -57.84 -13.79 -20.93
N GLY F 611 -57.51 -13.03 -19.90
CA GLY F 611 -56.14 -12.76 -19.55
C GLY F 611 -55.59 -11.45 -20.08
N LYS F 612 -56.15 -10.93 -21.17
CA LYS F 612 -55.69 -9.67 -21.71
C LYS F 612 -56.13 -8.53 -20.79
N LEU F 613 -55.20 -7.63 -20.48
CA LEU F 613 -55.46 -6.53 -19.58
C LEU F 613 -56.05 -5.32 -20.27
N ALA F 614 -56.20 -5.36 -21.60
CA ALA F 614 -56.86 -4.30 -22.37
C ALA F 614 -58.25 -4.82 -22.76
N SER F 615 -59.28 -4.28 -22.12
CA SER F 615 -60.65 -4.73 -22.35
C SER F 615 -61.56 -3.65 -22.90
N LYS F 616 -61.56 -2.47 -22.30
CA LYS F 616 -62.53 -1.45 -22.71
C LYS F 616 -62.09 -0.79 -24.01
N HIS F 617 -62.99 0.01 -24.57
CA HIS F 617 -62.82 0.58 -25.89
C HIS F 617 -62.45 2.05 -25.80
N LEU F 618 -61.55 2.47 -26.69
CA LEU F 618 -61.23 3.89 -26.80
C LEU F 618 -62.45 4.66 -27.29
N TYR F 619 -62.66 5.84 -26.70
CA TYR F 619 -63.80 6.68 -27.04
C TYR F 619 -63.30 8.08 -27.39
N ILE F 620 -64.06 8.75 -28.26
CA ILE F 620 -63.73 10.11 -28.65
C ILE F 620 -64.96 10.78 -29.26
N SER F 659 -67.87 42.82 3.14
CA SER F 659 -69.18 43.42 2.89
C SER F 659 -69.07 44.59 1.91
N ASN F 660 -70.19 45.21 1.62
CA ASN F 660 -70.23 46.36 0.73
C ASN F 660 -70.23 47.65 1.55
N ILE F 661 -69.12 47.84 2.28
CA ILE F 661 -68.86 49.10 2.97
C ILE F 661 -67.97 49.94 2.07
N PHE F 662 -66.78 49.43 1.78
CA PHE F 662 -65.93 50.04 0.77
C PHE F 662 -66.48 49.69 -0.61
N GLU F 663 -66.50 50.67 -1.50
CA GLU F 663 -67.05 50.49 -2.85
C GLU F 663 -66.28 51.37 -3.81
N ASP F 664 -65.59 50.75 -4.77
CA ASP F 664 -64.92 51.45 -5.86
C ASP F 664 -64.02 52.57 -5.32
N VAL F 665 -63.14 52.19 -4.40
CA VAL F 665 -62.14 53.09 -3.86
C VAL F 665 -60.78 52.44 -4.04
N GLU F 666 -59.81 53.20 -4.53
CA GLU F 666 -58.47 52.69 -4.76
C GLU F 666 -57.65 52.88 -3.49
N PHE F 667 -57.23 51.78 -2.88
CA PHE F 667 -56.34 51.80 -1.73
C PHE F 667 -54.98 51.24 -2.13
N CYS F 668 -53.93 51.93 -1.72
CA CYS F 668 -52.56 51.62 -2.10
C CYS F 668 -51.73 51.52 -0.82
N VAL F 669 -51.60 50.31 -0.30
CA VAL F 669 -50.92 50.07 0.96
C VAL F 669 -49.49 49.63 0.67
N MET F 670 -48.53 50.28 1.32
CA MET F 670 -47.11 49.99 1.12
C MET F 670 -46.36 49.75 2.42
N SER F 671 -47.06 49.62 3.54
CA SER F 671 -46.41 49.32 4.81
C SER F 671 -47.45 48.81 5.79
N GLY F 672 -47.11 47.75 6.50
CA GLY F 672 -48.00 47.17 7.49
C GLY F 672 -47.28 46.97 8.81
N THR F 673 -48.04 47.08 9.89
CA THR F 673 -47.48 46.90 11.21
C THR F 673 -47.06 45.45 11.41
N ASP F 674 -46.22 45.23 12.43
CA ASP F 674 -45.74 43.88 12.70
C ASP F 674 -46.91 42.94 12.97
N SER F 675 -47.92 43.40 13.73
CA SER F 675 -49.08 42.58 13.99
C SER F 675 -49.86 42.29 12.71
N GLN F 676 -49.95 43.27 11.82
CA GLN F 676 -50.70 43.14 10.58
C GLN F 676 -49.76 43.28 9.40
N PRO F 677 -49.24 42.19 8.84
CA PRO F 677 -48.33 42.31 7.70
C PRO F 677 -49.05 42.82 6.47
N LYS F 678 -48.26 43.37 5.54
CA LYS F 678 -48.79 44.00 4.34
C LYS F 678 -49.83 43.12 3.66
N PRO F 679 -49.48 41.89 3.25
CA PRO F 679 -50.50 41.06 2.57
C PRO F 679 -51.73 40.80 3.41
N ASP F 680 -51.56 40.63 4.73
CA ASP F 680 -52.72 40.40 5.59
C ASP F 680 -53.67 41.59 5.54
N LEU F 681 -53.14 42.80 5.66
CA LEU F 681 -53.98 43.99 5.58
C LEU F 681 -54.62 44.11 4.21
N GLU F 682 -53.86 43.79 3.16
CA GLU F 682 -54.44 43.80 1.82
C GLU F 682 -55.66 42.89 1.77
N ASN F 683 -55.52 41.68 2.30
CA ASN F 683 -56.64 40.75 2.29
C ASN F 683 -57.83 41.29 3.08
N ARG F 684 -57.55 41.84 4.27
CA ARG F 684 -58.64 42.34 5.10
C ARG F 684 -59.40 43.45 4.37
N ILE F 685 -58.68 44.40 3.76
CA ILE F 685 -59.35 45.49 3.08
C ILE F 685 -60.08 44.98 1.83
N ALA F 686 -59.49 44.01 1.14
CA ALA F 686 -60.16 43.44 -0.02
C ALA F 686 -61.40 42.66 0.37
N GLU F 687 -61.52 42.25 1.63
CA GLU F 687 -62.72 41.56 2.07
C GLU F 687 -63.96 42.45 2.03
N PHE F 688 -63.79 43.76 1.90
CA PHE F 688 -64.91 44.71 1.95
C PHE F 688 -65.15 45.40 0.62
N GLY F 689 -64.58 44.89 -0.48
CA GLY F 689 -64.87 45.42 -1.80
C GLY F 689 -64.05 46.62 -2.20
N GLY F 690 -62.76 46.61 -1.84
CA GLY F 690 -61.86 47.70 -2.16
C GLY F 690 -60.96 47.36 -3.34
N TYR F 691 -60.70 48.38 -4.16
CA TYR F 691 -59.80 48.21 -5.31
C TYR F 691 -58.36 48.33 -4.82
N ILE F 692 -57.65 47.20 -4.80
CA ILE F 692 -56.24 47.21 -4.42
C ILE F 692 -55.41 47.74 -5.57
N VAL F 693 -54.56 48.72 -5.29
CA VAL F 693 -53.62 49.26 -6.26
C VAL F 693 -52.24 49.20 -5.63
N GLN F 694 -51.33 48.47 -6.26
CA GLN F 694 -50.01 48.27 -5.70
C GLN F 694 -49.17 49.54 -5.68
N ASN F 695 -49.56 50.56 -6.44
CA ASN F 695 -48.88 51.85 -6.40
C ASN F 695 -49.90 52.96 -6.49
N PRO F 696 -49.60 54.14 -5.94
CA PRO F 696 -50.57 55.24 -5.97
C PRO F 696 -50.55 55.95 -7.32
N GLY F 697 -51.48 56.88 -7.47
CA GLY F 697 -51.62 57.60 -8.71
C GLY F 697 -52.73 58.62 -8.69
N PRO F 698 -53.04 59.21 -9.85
CA PRO F 698 -54.08 60.24 -9.90
C PRO F 698 -55.44 59.77 -9.38
N ASP F 699 -55.82 58.52 -9.63
CA ASP F 699 -57.09 58.00 -9.16
C ASP F 699 -57.00 57.42 -7.75
N THR F 700 -55.81 57.29 -7.19
CA THR F 700 -55.67 56.75 -5.86
C THR F 700 -56.26 57.70 -4.84
N TYR F 701 -57.12 57.16 -3.97
CA TYR F 701 -57.77 58.01 -2.96
C TYR F 701 -56.85 58.28 -1.79
N CYS F 702 -56.23 57.24 -1.24
CA CYS F 702 -55.33 57.41 -0.11
C CYS F 702 -54.32 56.27 -0.09
N VAL F 703 -53.10 56.58 0.27
CA VAL F 703 -52.07 55.58 0.49
C VAL F 703 -52.02 55.27 1.98
N ILE F 704 -51.57 54.07 2.32
CA ILE F 704 -51.58 53.59 3.70
C ILE F 704 -50.21 53.08 4.06
N ALA F 705 -49.74 53.43 5.26
CA ALA F 705 -48.42 53.00 5.71
C ALA F 705 -48.37 53.15 7.23
N GLY F 706 -48.05 52.06 7.92
CA GLY F 706 -47.86 52.10 9.35
C GLY F 706 -46.42 52.34 9.73
N SER F 707 -45.50 52.02 8.82
CA SER F 707 -44.07 52.25 9.00
C SER F 707 -43.60 53.22 7.94
N GLU F 708 -42.94 54.30 8.37
CA GLU F 708 -42.46 55.34 7.46
C GLU F 708 -41.12 54.88 6.88
N ASN F 709 -41.23 54.05 5.85
CA ASN F 709 -40.05 53.54 5.16
C ASN F 709 -39.65 54.51 4.05
N ILE F 710 -38.75 54.09 3.18
CA ILE F 710 -38.24 54.98 2.14
C ILE F 710 -39.35 55.39 1.19
N ARG F 711 -40.22 54.45 0.82
CA ARG F 711 -41.31 54.77 -0.08
C ARG F 711 -42.25 55.81 0.55
N VAL F 712 -42.50 55.68 1.85
CA VAL F 712 -43.34 56.65 2.54
C VAL F 712 -42.72 58.03 2.47
N LYS F 713 -41.42 58.12 2.72
CA LYS F 713 -40.73 59.41 2.65
C LYS F 713 -40.84 59.99 1.25
N ASN F 714 -40.61 59.17 0.23
CA ASN F 714 -40.69 59.67 -1.14
C ASN F 714 -42.08 60.20 -1.45
N ILE F 715 -43.12 59.47 -1.06
CA ILE F 715 -44.47 59.89 -1.44
C ILE F 715 -44.88 61.13 -0.67
N ILE F 716 -44.52 61.23 0.61
CA ILE F 716 -44.87 62.43 1.36
C ILE F 716 -44.11 63.63 0.82
N LEU F 717 -42.87 63.44 0.38
CA LEU F 717 -42.12 64.54 -0.22
C LEU F 717 -42.79 65.04 -1.48
N SER F 718 -43.54 64.19 -2.17
CA SER F 718 -44.17 64.59 -3.43
C SER F 718 -45.39 65.47 -3.24
N ASN F 719 -46.00 65.45 -2.06
CA ASN F 719 -47.17 66.26 -1.76
C ASN F 719 -48.24 66.12 -2.85
N LYS F 720 -48.62 64.86 -3.08
CA LYS F 720 -49.65 64.53 -4.06
C LYS F 720 -50.91 63.95 -3.43
N HIS F 721 -50.78 63.14 -2.38
CA HIS F 721 -51.90 62.56 -1.69
C HIS F 721 -51.57 62.46 -0.21
N ASP F 722 -52.50 61.93 0.57
CA ASP F 722 -52.34 61.84 2.01
C ASP F 722 -51.99 60.41 2.42
N VAL F 723 -51.28 60.30 3.53
CA VAL F 723 -50.88 59.02 4.09
C VAL F 723 -51.72 58.76 5.33
N VAL F 724 -52.36 57.59 5.35
CA VAL F 724 -53.24 57.20 6.45
C VAL F 724 -52.61 56.02 7.16
N LYS F 725 -52.36 56.16 8.46
CA LYS F 725 -51.82 55.06 9.22
C LYS F 725 -52.85 53.93 9.27
N PRO F 726 -52.38 52.67 9.29
CA PRO F 726 -53.34 51.56 9.24
C PRO F 726 -54.38 51.60 10.35
N ALA F 727 -54.13 52.37 11.41
CA ALA F 727 -55.08 52.42 12.51
C ALA F 727 -56.50 52.68 12.03
N TRP F 728 -56.65 53.65 11.11
CA TRP F 728 -57.99 53.94 10.61
C TRP F 728 -58.65 52.69 10.06
N LEU F 729 -57.94 51.95 9.20
CA LEU F 729 -58.49 50.71 8.69
C LEU F 729 -58.98 49.81 9.82
N LEU F 730 -58.19 49.67 10.88
CA LEU F 730 -58.61 48.85 12.00
C LEU F 730 -59.99 49.29 12.48
N GLU F 731 -60.17 50.59 12.69
CA GLU F 731 -61.47 51.08 13.14
C GLU F 731 -62.56 50.69 12.16
N CYS F 732 -62.27 50.76 10.86
CA CYS F 732 -63.28 50.41 9.87
C CYS F 732 -63.78 48.98 10.07
N PHE F 733 -62.92 48.09 10.56
CA PHE F 733 -63.36 46.74 10.86
C PHE F 733 -63.95 46.60 12.26
N LYS F 734 -63.58 47.48 13.19
CA LYS F 734 -64.06 47.42 14.55
C LYS F 734 -65.41 48.10 14.74
N THR F 735 -65.92 48.80 13.72
CA THR F 735 -67.22 49.42 13.79
C THR F 735 -68.14 49.05 12.64
N LYS F 736 -67.65 48.35 11.61
CA LYS F 736 -68.47 47.95 10.47
C LYS F 736 -69.10 49.17 9.80
N SER F 737 -68.43 50.31 9.87
CA SER F 737 -68.94 51.55 9.30
C SER F 737 -67.78 52.39 8.80
N PHE F 738 -68.10 53.34 7.93
CA PHE F 738 -67.09 54.24 7.37
C PHE F 738 -66.81 55.34 8.38
N VAL F 739 -65.57 55.40 8.86
CA VAL F 739 -65.16 56.40 9.83
C VAL F 739 -64.53 57.57 9.06
N PRO F 740 -65.03 58.79 9.19
CA PRO F 740 -64.38 59.92 8.54
C PRO F 740 -62.97 60.13 9.08
N TRP F 741 -62.12 60.72 8.25
CA TRP F 741 -60.74 60.98 8.65
C TRP F 741 -60.70 61.93 9.85
N GLN F 742 -59.74 61.68 10.74
CA GLN F 742 -59.36 62.60 11.79
C GLN F 742 -57.84 62.72 11.81
N PRO F 743 -57.30 63.88 12.20
CA PRO F 743 -55.84 64.06 12.14
C PRO F 743 -55.08 63.10 13.02
N ARG F 744 -55.76 62.43 13.95
CA ARG F 744 -55.08 61.47 14.81
C ARG F 744 -54.36 60.40 14.00
N PHE F 745 -54.89 60.04 12.84
CA PHE F 745 -54.32 58.98 12.01
C PHE F 745 -53.40 59.54 10.92
N MET F 746 -53.87 60.55 10.19
CA MET F 746 -53.15 61.08 9.05
C MET F 746 -51.72 61.43 9.43
N ILE F 747 -50.84 61.42 8.42
CA ILE F 747 -49.42 61.67 8.62
C ILE F 747 -49.00 62.93 7.88
N HIS F 748 -49.13 62.92 6.55
CA HIS F 748 -48.74 64.05 5.73
C HIS F 748 -49.90 64.41 4.81
N MET F 749 -50.26 65.68 4.77
CA MET F 749 -51.44 66.13 4.06
C MET F 749 -51.11 66.39 2.60
N CYS F 750 -52.10 66.15 1.74
CA CYS F 750 -51.99 66.54 0.35
C CYS F 750 -52.39 68.01 0.19
N PRO F 751 -51.93 68.67 -0.86
CA PRO F 751 -52.12 70.12 -0.96
C PRO F 751 -53.58 70.56 -0.82
N SER F 752 -54.51 69.81 -1.40
CA SER F 752 -55.92 70.21 -1.33
C SER F 752 -56.53 69.95 0.04
N THR F 753 -56.22 68.79 0.64
CA THR F 753 -56.91 68.36 1.85
C THR F 753 -56.47 69.13 3.09
N LYS F 754 -55.25 69.67 3.09
CA LYS F 754 -54.82 70.46 4.25
C LYS F 754 -55.72 71.67 4.42
N GLU F 755 -56.09 72.33 3.32
CA GLU F 755 -56.99 73.46 3.41
C GLU F 755 -58.34 73.06 3.97
N HIS F 756 -58.88 71.92 3.49
CA HIS F 756 -60.16 71.46 3.99
C HIS F 756 -60.10 71.19 5.49
N PHE F 757 -59.06 70.49 5.93
CA PHE F 757 -58.96 70.14 7.34
C PHE F 757 -58.69 71.36 8.21
N ALA F 758 -57.97 72.35 7.68
CA ALA F 758 -57.57 73.49 8.49
C ALA F 758 -58.78 74.25 9.03
N ARG F 759 -59.84 74.36 8.22
CA ARG F 759 -61.01 75.13 8.65
C ARG F 759 -61.61 74.56 9.92
N GLU F 760 -61.46 73.26 10.17
CA GLU F 760 -62.04 72.62 11.33
C GLU F 760 -60.97 72.05 12.27
N TYR F 761 -59.72 72.48 12.12
CA TYR F 761 -58.65 72.02 12.99
C TYR F 761 -57.57 73.08 13.07
N ASP F 762 -57.02 73.26 14.27
CA ASP F 762 -55.90 74.15 14.46
C ASP F 762 -54.66 73.62 13.75
N CYS F 763 -53.61 74.44 13.73
CA CYS F 763 -52.33 73.97 13.24
C CYS F 763 -51.84 72.77 14.04
N TYR F 764 -52.38 72.57 15.24
CA TYR F 764 -52.13 71.39 16.06
C TYR F 764 -53.40 70.56 16.16
N GLY F 765 -53.23 69.33 16.64
CA GLY F 765 -54.25 68.30 16.47
C GLY F 765 -55.63 68.69 16.94
N ASP F 766 -55.75 69.59 17.91
CA ASP F 766 -57.05 69.93 18.43
C ASP F 766 -57.93 70.52 17.34
N SER F 767 -59.24 70.26 17.44
CA SER F 767 -60.19 70.67 16.43
C SER F 767 -60.65 72.10 16.67
N TYR F 768 -61.52 72.59 15.78
CA TYR F 768 -62.12 73.91 15.89
C TYR F 768 -63.60 73.85 16.28
N PHE F 769 -64.18 72.65 16.41
CA PHE F 769 -65.60 72.54 16.76
C PHE F 769 -65.91 71.50 17.82
N ILE F 770 -65.07 70.50 18.04
CA ILE F 770 -65.38 69.39 18.94
C ILE F 770 -64.48 69.47 20.17
N ASP F 771 -65.03 69.06 21.30
CA ASP F 771 -64.35 69.20 22.59
C ASP F 771 -63.21 68.18 22.67
N THR F 772 -62.59 68.10 23.84
CA THR F 772 -61.51 67.16 24.08
C THR F 772 -61.68 66.54 25.46
N ASP F 773 -61.07 65.38 25.64
CA ASP F 773 -61.00 64.70 26.93
C ASP F 773 -59.53 64.54 27.31
N LEU F 774 -59.28 63.81 28.40
CA LEU F 774 -57.91 63.60 28.84
C LEU F 774 -57.09 62.92 27.75
N ASN F 775 -57.63 61.84 27.17
CA ASN F 775 -56.87 61.11 26.16
C ASN F 775 -56.61 61.99 24.95
N GLN F 776 -57.62 62.72 24.48
CA GLN F 776 -57.43 63.53 23.28
C GLN F 776 -56.44 64.65 23.51
N LEU F 777 -56.51 65.31 24.67
CA LEU F 777 -55.52 66.33 25.00
C LEU F 777 -54.13 65.72 25.04
N LYS F 778 -54.00 64.52 25.60
CA LYS F 778 -52.70 63.86 25.61
C LYS F 778 -52.21 63.61 24.20
N GLU F 779 -53.10 63.14 23.31
CA GLU F 779 -52.68 62.89 21.93
C GLU F 779 -52.20 64.16 21.26
N VAL F 780 -52.95 65.25 21.41
CA VAL F 780 -52.54 66.49 20.75
C VAL F 780 -51.22 66.98 21.31
N PHE F 781 -51.04 66.88 22.63
CA PHE F 781 -49.78 67.26 23.22
C PHE F 781 -48.64 66.42 22.66
N SER F 782 -48.88 65.12 22.48
CA SER F 782 -47.85 64.26 21.92
C SER F 782 -47.51 64.66 20.50
N GLY F 783 -48.52 65.06 19.71
CA GLY F 783 -48.28 65.31 18.30
C GLY F 783 -47.22 66.36 18.06
N ILE F 784 -47.30 67.48 18.78
CA ILE F 784 -46.35 68.57 18.54
C ILE F 784 -44.94 68.12 18.93
N LYS F 785 -43.95 68.72 18.26
CA LYS F 785 -42.56 68.29 18.37
C LYS F 785 -41.85 68.91 19.56
N ASN F 786 -41.72 70.24 19.58
CA ASN F 786 -41.01 70.90 20.66
C ASN F 786 -41.16 72.41 20.50
N SER F 787 -40.87 73.13 21.58
CA SER F 787 -40.88 74.59 21.57
C SER F 787 -40.05 75.07 22.74
N ASN F 788 -38.98 75.82 22.47
CA ASN F 788 -38.10 76.33 23.51
C ASN F 788 -37.70 77.77 23.22
N GLU F 789 -38.66 78.58 22.77
CA GLU F 789 -38.40 79.96 22.39
C GLU F 789 -38.56 80.94 23.55
N GLN F 790 -38.97 80.47 24.73
CA GLN F 790 -39.20 81.34 25.87
C GLN F 790 -38.05 81.25 26.87
N THR F 791 -38.04 82.20 27.79
CA THR F 791 -37.04 82.30 28.85
C THR F 791 -37.70 82.04 30.21
N PRO F 792 -36.93 81.59 31.20
CA PRO F 792 -37.55 81.26 32.50
C PRO F 792 -38.34 82.39 33.11
N GLU F 793 -37.88 83.63 32.97
CA GLU F 793 -38.62 84.76 33.52
C GLU F 793 -39.98 84.90 32.85
N GLU F 794 -40.03 84.76 31.53
CA GLU F 794 -41.29 84.81 30.82
C GLU F 794 -42.20 83.66 31.25
N MET F 795 -41.62 82.47 31.47
CA MET F 795 -42.40 81.35 31.95
C MET F 795 -43.02 81.67 33.32
N ALA F 796 -42.23 82.22 34.23
CA ALA F 796 -42.76 82.57 35.54
C ALA F 796 -43.88 83.59 35.42
N SER F 797 -43.68 84.62 34.59
CA SER F 797 -44.71 85.64 34.44
C SER F 797 -45.98 85.04 33.87
N LEU F 798 -45.87 84.21 32.84
CA LEU F 798 -47.06 83.61 32.24
C LEU F 798 -47.76 82.68 33.22
N ILE F 799 -46.99 81.90 33.98
CA ILE F 799 -47.56 81.05 35.00
C ILE F 799 -48.38 81.88 35.96
N ALA F 800 -47.81 82.97 36.45
CA ALA F 800 -48.52 83.82 37.40
C ALA F 800 -49.78 84.39 36.77
N ASP F 801 -49.69 84.87 35.52
CA ASP F 801 -50.85 85.48 34.89
C ASP F 801 -51.99 84.47 34.77
N LEU F 802 -51.68 83.27 34.25
CA LEU F 802 -52.71 82.25 34.11
C LEU F 802 -53.29 81.89 35.47
N GLU F 803 -52.42 81.74 36.47
CA GLU F 803 -52.90 81.33 37.78
C GLU F 803 -53.85 82.37 38.36
N TYR F 804 -53.48 83.65 38.28
CA TYR F 804 -54.35 84.69 38.80
C TYR F 804 -55.66 84.74 38.03
N ARG F 805 -55.59 84.62 36.70
CA ARG F 805 -56.81 84.71 35.89
C ARG F 805 -57.78 83.59 36.21
N TYR F 806 -57.26 82.38 36.44
CA TYR F 806 -58.11 81.20 36.59
C TYR F 806 -58.05 80.60 37.99
N SER F 807 -57.48 81.31 38.96
CA SER F 807 -57.45 80.88 40.36
C SER F 807 -56.92 79.45 40.48
N TRP F 808 -55.65 79.31 40.12
CA TRP F 808 -54.86 78.10 40.28
C TRP F 808 -54.49 77.79 41.73
N ASP F 809 -54.50 78.79 42.61
CA ASP F 809 -53.81 78.66 43.89
C ASP F 809 -54.42 77.60 44.80
N CYS F 810 -55.60 77.09 44.48
CA CYS F 810 -56.22 76.06 45.31
C CYS F 810 -55.44 74.76 45.33
N SER F 811 -54.49 74.56 44.43
CA SER F 811 -53.76 73.31 44.39
C SER F 811 -52.90 73.16 45.65
N PRO F 812 -52.58 71.92 46.05
CA PRO F 812 -51.72 71.74 47.22
C PRO F 812 -50.36 72.41 47.06
N LEU F 813 -49.84 72.46 45.84
CA LEU F 813 -48.59 73.13 45.54
C LEU F 813 -48.86 74.27 44.54
N SER F 814 -47.79 74.89 44.06
CA SER F 814 -47.79 76.08 43.21
C SER F 814 -48.15 77.31 44.04
N MET F 815 -48.38 77.15 45.34
CA MET F 815 -48.76 78.25 46.22
C MET F 815 -47.56 79.06 46.72
N PHE F 816 -46.34 78.60 46.42
CA PHE F 816 -45.12 79.35 46.67
C PHE F 816 -44.61 80.08 45.42
N ARG F 817 -45.33 80.01 44.31
CA ARG F 817 -44.89 80.70 43.10
C ARG F 817 -44.87 82.21 43.31
N ARG F 818 -45.91 82.76 43.96
CA ARG F 818 -46.01 84.20 44.16
C ARG F 818 -45.04 84.73 45.21
N HIS F 819 -44.18 83.89 45.77
CA HIS F 819 -43.28 84.30 46.84
C HIS F 819 -41.84 83.99 46.48
N THR F 820 -40.96 84.94 46.78
CA THR F 820 -39.52 84.74 46.67
C THR F 820 -38.95 84.48 48.06
N VAL F 821 -38.13 83.45 48.18
CA VAL F 821 -37.64 82.97 49.46
C VAL F 821 -36.12 83.04 49.47
N TYR F 822 -35.57 83.59 50.54
CA TYR F 822 -34.13 83.64 50.76
C TYR F 822 -33.77 82.76 51.95
N LEU F 823 -32.61 82.12 51.87
CA LEU F 823 -32.10 81.28 52.95
C LEU F 823 -30.78 81.85 53.43
N ASP F 824 -30.59 81.82 54.75
CA ASP F 824 -29.35 82.28 55.36
C ASP F 824 -28.30 81.16 55.37
N SER F 825 -28.03 80.65 54.18
CA SER F 825 -27.03 79.61 53.99
C SER F 825 -25.62 80.17 53.85
N TYR F 826 -25.47 81.49 53.78
CA TYR F 826 -24.18 82.14 53.64
C TYR F 826 -23.77 82.74 54.97
N ALA F 827 -22.57 82.42 55.44
CA ALA F 827 -22.10 82.98 56.70
C ALA F 827 -22.11 84.50 56.67
N VAL F 828 -21.97 85.08 55.48
CA VAL F 828 -22.02 86.52 55.28
C VAL F 828 -23.18 86.81 54.33
N ILE F 829 -24.07 87.72 54.74
CA ILE F 829 -25.21 88.06 53.90
C ILE F 829 -24.71 88.60 52.57
N ASN F 830 -25.36 88.17 51.48
CA ASN F 830 -25.01 88.62 50.14
C ASN F 830 -23.58 88.24 49.78
N ASP F 831 -23.16 87.06 50.21
CA ASP F 831 -21.83 86.52 49.90
C ASP F 831 -22.01 85.12 49.35
N LEU F 832 -21.88 84.97 48.04
CA LEU F 832 -22.04 83.67 47.39
C LEU F 832 -20.83 82.77 47.56
N SER F 833 -19.70 83.30 48.05
CA SER F 833 -18.49 82.52 48.19
C SER F 833 -18.35 81.87 49.57
N THR F 834 -19.34 82.03 50.44
CA THR F 834 -19.30 81.47 51.79
C THR F 834 -20.48 80.52 52.01
N LYS F 835 -20.76 79.68 51.02
CA LYS F 835 -21.83 78.70 51.17
C LYS F 835 -21.54 77.79 52.37
N ASN F 836 -22.60 77.43 53.08
CA ASN F 836 -22.53 76.58 54.25
C ASN F 836 -23.25 75.25 54.03
N GLU F 837 -23.06 74.67 52.85
CA GLU F 837 -23.73 73.41 52.52
C GLU F 837 -23.33 72.32 53.51
N GLY F 838 -24.29 71.48 53.88
CA GLY F 838 -24.05 70.40 54.81
C GLY F 838 -24.88 70.52 56.06
N THR F 839 -26.05 71.15 55.96
CA THR F 839 -26.93 71.36 57.09
C THR F 839 -28.37 71.12 56.66
N ARG F 840 -29.25 70.95 57.64
CA ARG F 840 -30.67 70.77 57.34
C ARG F 840 -31.24 71.97 56.60
N LEU F 841 -30.60 73.14 56.70
CA LEU F 841 -31.05 74.29 55.94
C LEU F 841 -31.06 73.99 54.46
N ALA F 842 -30.09 73.19 53.99
CA ALA F 842 -30.05 72.83 52.58
C ALA F 842 -31.29 72.04 52.19
N ILE F 843 -31.69 71.08 53.01
CA ILE F 843 -32.87 70.29 52.68
C ILE F 843 -34.13 71.16 52.77
N LYS F 844 -34.15 72.09 53.73
CA LYS F 844 -35.28 73.01 53.81
C LYS F 844 -35.39 73.84 52.53
N ALA F 845 -34.28 74.41 52.07
CA ALA F 845 -34.31 75.23 50.86
C ALA F 845 -34.69 74.39 49.66
N LEU F 846 -34.19 73.16 49.58
CA LEU F 846 -34.55 72.30 48.45
C LEU F 846 -36.04 72.00 48.48
N GLU F 847 -36.60 71.76 49.66
CA GLU F 847 -38.03 71.53 49.77
C GLU F 847 -38.81 72.76 49.34
N LEU F 848 -38.33 73.95 49.73
CA LEU F 848 -38.97 75.17 49.28
C LEU F 848 -38.95 75.26 47.76
N ARG F 849 -37.81 74.95 47.15
CA ARG F 849 -37.72 74.98 45.70
C ARG F 849 -38.71 74.01 45.07
N PHE F 850 -38.79 72.79 45.62
CA PHE F 850 -39.75 71.82 45.14
C PHE F 850 -41.17 72.41 45.18
N HIS F 851 -41.57 72.92 46.34
CA HIS F 851 -42.95 73.33 46.55
C HIS F 851 -43.42 74.37 45.54
N GLY F 852 -42.52 75.24 45.07
CA GLY F 852 -42.88 76.32 44.18
C GLY F 852 -42.33 77.67 44.58
N ALA F 853 -41.50 77.73 45.61
CA ALA F 853 -40.89 78.99 46.01
C ALA F 853 -39.79 79.38 45.05
N LYS F 854 -39.70 80.68 44.75
CA LYS F 854 -38.62 81.23 43.95
C LYS F 854 -37.42 81.45 44.86
N VAL F 855 -36.49 80.50 44.86
CA VAL F 855 -35.32 80.61 45.72
C VAL F 855 -34.38 81.66 45.16
N VAL F 856 -33.97 82.60 46.00
CA VAL F 856 -33.11 83.71 45.61
C VAL F 856 -31.81 83.62 46.39
N SER F 857 -30.68 83.61 45.66
CA SER F 857 -29.38 83.55 46.30
C SER F 857 -28.95 84.89 46.89
N CYS F 858 -29.43 85.99 46.32
CA CYS F 858 -29.08 87.32 46.77
C CYS F 858 -30.29 87.99 47.44
N LEU F 859 -30.04 88.64 48.57
CA LEU F 859 -31.10 89.31 49.33
C LEU F 859 -31.43 90.63 48.64
N ALA F 860 -32.27 90.53 47.62
CA ALA F 860 -32.75 91.70 46.91
C ALA F 860 -33.86 92.39 47.69
N GLU F 861 -34.17 93.62 47.29
CA GLU F 861 -35.25 94.35 47.94
C GLU F 861 -36.62 93.75 47.66
N GLY F 862 -36.74 92.94 46.62
CA GLY F 862 -38.00 92.31 46.29
C GLY F 862 -38.29 91.01 47.01
N VAL F 863 -37.38 90.56 47.87
CA VAL F 863 -37.60 89.31 48.60
C VAL F 863 -38.79 89.46 49.53
N SER F 864 -39.65 88.44 49.54
CA SER F 864 -40.84 88.43 50.39
C SER F 864 -40.66 87.61 51.65
N HIS F 865 -39.92 86.49 51.58
CA HIS F 865 -39.62 85.68 52.75
C HIS F 865 -38.12 85.51 52.93
N VAL F 866 -37.69 85.54 54.19
CA VAL F 866 -36.34 85.18 54.58
C VAL F 866 -36.46 84.10 55.66
N ILE F 867 -35.70 83.03 55.51
CA ILE F 867 -35.74 81.89 56.42
C ILE F 867 -34.48 81.90 57.27
N ILE F 868 -34.62 81.48 58.52
CA ILE F 868 -33.52 81.42 59.47
C ILE F 868 -33.59 80.07 60.20
N GLY F 869 -32.43 79.55 60.58
CA GLY F 869 -32.33 78.32 61.33
C GLY F 869 -32.19 78.55 62.82
N GLU F 870 -31.52 77.61 63.48
CA GLU F 870 -31.32 77.71 64.92
C GLU F 870 -30.43 78.90 65.30
N ASP F 871 -29.62 79.40 64.37
CA ASP F 871 -28.72 80.50 64.66
C ASP F 871 -29.46 81.82 64.46
N HIS F 872 -29.55 82.62 65.53
CA HIS F 872 -30.19 83.94 65.48
C HIS F 872 -29.17 85.06 65.58
N SER F 873 -27.91 84.81 65.22
CA SER F 873 -26.86 85.79 65.42
C SER F 873 -27.12 87.05 64.62
N ARG F 874 -27.60 86.90 63.38
CA ARG F 874 -27.73 88.02 62.45
C ARG F 874 -29.15 88.57 62.38
N VAL F 875 -30.01 88.22 63.34
CA VAL F 875 -31.39 88.69 63.29
C VAL F 875 -31.44 90.21 63.32
N ALA F 876 -30.55 90.84 64.08
CA ALA F 876 -30.51 92.30 64.10
C ALA F 876 -30.19 92.85 62.73
N ASP F 877 -29.26 92.22 62.01
CA ASP F 877 -28.92 92.67 60.66
C ASP F 877 -30.12 92.53 59.73
N PHE F 878 -30.86 91.42 59.85
CA PHE F 878 -32.04 91.23 59.01
C PHE F 878 -33.09 92.29 59.32
N LYS F 879 -33.30 92.61 60.60
CA LYS F 879 -34.25 93.65 60.95
C LYS F 879 -33.83 95.01 60.41
N ALA F 880 -32.53 95.31 60.49
CA ALA F 880 -32.03 96.58 59.97
C ALA F 880 -32.25 96.66 58.46
N PHE F 881 -31.95 95.58 57.74
CA PHE F 881 -32.15 95.58 56.29
C PHE F 881 -33.63 95.70 55.95
N ARG F 882 -34.50 95.04 56.72
CA ARG F 882 -35.93 95.17 56.50
C ARG F 882 -36.38 96.60 56.69
N ARG F 883 -35.88 97.27 57.73
CA ARG F 883 -36.22 98.68 57.94
C ARG F 883 -35.71 99.53 56.79
N THR F 884 -34.52 99.24 56.28
CA THR F 884 -33.95 100.02 55.18
C THR F 884 -34.82 99.92 53.93
N PHE F 885 -35.28 98.72 53.61
CA PHE F 885 -36.03 98.51 52.37
C PHE F 885 -37.40 99.17 52.46
N LYS F 886 -37.88 99.65 51.31
CA LYS F 886 -39.22 100.24 51.26
C LYS F 886 -40.29 99.20 51.58
N ARG F 887 -40.14 97.99 51.04
CA ARG F 887 -41.08 96.90 51.28
C ARG F 887 -40.49 95.96 52.33
N LYS F 888 -41.25 95.71 53.39
CA LYS F 888 -40.77 94.91 54.51
C LYS F 888 -41.07 93.44 54.29
N PHE F 889 -40.14 92.59 54.69
CA PHE F 889 -40.26 91.14 54.57
C PHE F 889 -40.29 90.52 55.95
N LYS F 890 -41.27 89.68 56.20
CA LYS F 890 -41.37 89.00 57.49
C LYS F 890 -40.24 87.98 57.65
N ILE F 891 -39.74 87.87 58.87
CA ILE F 891 -38.69 86.90 59.19
C ILE F 891 -39.35 85.63 59.70
N LEU F 892 -39.00 84.50 59.09
CA LEU F 892 -39.67 83.23 59.35
C LEU F 892 -38.65 82.17 59.72
N LYS F 893 -39.07 81.25 60.59
CA LYS F 893 -38.22 80.18 61.06
C LYS F 893 -38.46 78.91 60.24
N GLU F 894 -37.47 78.02 60.26
CA GLU F 894 -37.57 76.79 59.47
C GLU F 894 -38.76 75.95 59.90
N SER F 895 -39.07 75.93 61.20
CA SER F 895 -40.21 75.14 61.66
C SER F 895 -41.50 75.53 60.96
N TRP F 896 -41.62 76.78 60.52
CA TRP F 896 -42.85 77.21 59.84
C TRP F 896 -43.11 76.33 58.62
N VAL F 897 -42.13 76.22 57.72
CA VAL F 897 -42.31 75.38 56.54
C VAL F 897 -42.30 73.90 56.92
N THR F 898 -41.42 73.53 57.86
CA THR F 898 -41.34 72.13 58.26
C THR F 898 -42.68 71.61 58.74
N ASP F 899 -43.52 72.50 59.29
CA ASP F 899 -44.86 72.11 59.69
C ASP F 899 -45.86 72.32 58.56
N SER F 900 -45.78 73.46 57.88
CA SER F 900 -46.74 73.79 56.85
C SER F 900 -46.76 72.76 55.73
N ILE F 901 -45.69 71.99 55.57
CA ILE F 901 -45.72 70.92 54.55
C ILE F 901 -46.91 70.01 54.81
N ASP F 902 -47.10 69.59 56.07
CA ASP F 902 -48.19 68.66 56.38
C ASP F 902 -49.53 69.26 56.03
N LYS F 903 -49.75 70.53 56.41
CA LYS F 903 -51.01 71.19 56.09
C LYS F 903 -51.11 71.56 54.62
N CYS F 904 -50.01 71.58 53.88
CA CYS F 904 -50.02 71.94 52.46
C CYS F 904 -50.71 73.29 52.25
N GLU F 905 -50.54 74.19 53.21
CA GLU F 905 -51.18 75.49 53.15
C GLU F 905 -50.30 76.51 53.84
N LEU F 906 -50.53 77.78 53.52
CA LEU F 906 -49.72 78.88 54.03
C LEU F 906 -50.17 79.18 55.46
N GLN F 907 -49.50 78.56 56.43
CA GLN F 907 -49.86 78.76 57.82
C GLN F 907 -49.61 80.21 58.24
N GLU F 908 -50.43 80.69 59.17
CA GLU F 908 -50.30 82.06 59.63
C GLU F 908 -48.89 82.32 60.14
N GLU F 909 -48.27 83.40 59.67
CA GLU F 909 -46.90 83.70 60.03
C GLU F 909 -46.77 84.33 61.41
N ASN F 910 -47.87 84.80 62.00
CA ASN F 910 -47.79 85.49 63.29
C ASN F 910 -47.20 84.57 64.36
N GLN F 911 -47.63 83.31 64.37
CA GLN F 911 -47.08 82.37 65.36
C GLN F 911 -45.62 82.05 65.09
N TYR F 912 -45.18 82.19 63.83
CA TYR F 912 -43.82 81.86 63.43
C TYR F 912 -42.99 83.10 63.10
N LEU F 913 -43.49 84.28 63.41
CA LEU F 913 -42.79 85.52 63.09
C LEU F 913 -41.38 85.52 63.66
N CYS G 194 -5.35 31.47 -10.04
CA CYS G 194 -4.35 32.46 -10.43
C CYS G 194 -4.40 33.66 -9.48
N PRO G 195 -3.25 34.21 -9.12
CA PRO G 195 -3.24 35.37 -8.22
C PRO G 195 -4.04 36.53 -8.80
N GLY G 196 -4.77 37.21 -7.92
CA GLY G 196 -5.59 38.34 -8.34
C GLY G 196 -6.97 37.98 -8.84
N GLU G 197 -7.29 36.69 -8.96
CA GLU G 197 -8.62 36.29 -9.37
C GLU G 197 -9.62 36.64 -8.28
N SER G 198 -10.78 37.18 -8.70
CA SER G 198 -11.78 37.61 -7.73
C SER G 198 -12.41 36.40 -7.05
N LEU G 199 -12.81 36.60 -5.80
CA LEU G 199 -13.48 35.57 -5.02
C LEU G 199 -14.98 35.56 -5.20
N ILE G 200 -15.54 36.54 -5.91
CA ILE G 200 -16.98 36.60 -6.15
C ILE G 200 -17.34 36.07 -7.53
N ASN G 201 -16.67 36.57 -8.57
CA ASN G 201 -16.90 36.15 -9.95
C ASN G 201 -15.63 35.51 -10.48
N PRO G 202 -15.51 34.19 -10.44
CA PRO G 202 -14.31 33.54 -10.97
C PRO G 202 -14.14 33.82 -12.45
N GLY G 203 -12.88 33.86 -12.88
CA GLY G 203 -12.56 34.13 -14.25
C GLY G 203 -12.43 35.59 -14.63
N PHE G 204 -12.52 36.49 -13.65
CA PHE G 204 -12.41 37.93 -13.89
C PHE G 204 -11.37 38.51 -12.95
N LYS G 205 -10.63 39.50 -13.43
CA LYS G 205 -9.64 40.17 -12.60
C LYS G 205 -10.32 40.99 -11.50
N SER G 206 -9.76 40.95 -10.31
CA SER G 206 -10.32 41.67 -9.17
C SER G 206 -9.93 43.13 -9.27
N LYS G 207 -10.95 44.00 -9.40
CA LYS G 207 -10.70 45.43 -9.53
C LYS G 207 -10.30 46.03 -8.20
N LYS G 208 -9.20 46.79 -8.21
CA LYS G 208 -8.80 47.51 -7.01
C LYS G 208 -9.80 48.63 -6.72
N PRO G 209 -10.00 48.98 -5.45
CA PRO G 209 -11.01 49.99 -5.13
C PRO G 209 -10.69 51.33 -5.76
N ALA G 210 -11.75 52.05 -6.13
CA ALA G 210 -11.58 53.36 -6.74
C ALA G 210 -11.08 54.35 -5.71
N GLY G 211 -9.86 54.83 -5.88
CA GLY G 211 -9.23 55.69 -4.90
C GLY G 211 -9.30 57.17 -5.23
N GLY G 212 -9.75 57.50 -6.43
CA GLY G 212 -9.81 58.89 -6.80
C GLY G 212 -8.43 59.52 -6.92
N VAL G 213 -8.35 60.79 -6.58
CA VAL G 213 -7.12 61.56 -6.69
C VAL G 213 -6.46 61.62 -5.32
N ASP G 214 -5.22 61.15 -5.24
CA ASP G 214 -4.42 61.21 -4.02
C ASP G 214 -3.07 61.81 -4.39
N PHE G 215 -2.85 63.06 -3.97
CA PHE G 215 -1.67 63.79 -4.41
C PHE G 215 -0.40 63.16 -3.84
N ASP G 216 0.65 63.14 -4.66
CA ASP G 216 1.92 62.59 -4.26
C ASP G 216 2.67 63.57 -3.35
N GLU G 217 3.63 63.03 -2.60
CA GLU G 217 4.44 63.84 -1.70
C GLU G 217 5.13 64.97 -2.44
N CYS H 194 0.54 -38.33 13.52
CA CYS H 194 1.32 -37.40 12.71
C CYS H 194 2.83 -37.65 12.87
N PRO H 195 3.34 -37.55 14.10
CA PRO H 195 4.77 -37.84 14.29
C PRO H 195 5.08 -39.29 13.96
N GLY H 196 6.25 -39.50 13.39
CA GLY H 196 6.67 -40.85 13.02
C GLY H 196 5.76 -41.51 12.01
N GLU H 197 5.33 -40.77 10.99
CA GLU H 197 4.50 -41.33 9.94
C GLU H 197 5.36 -41.77 8.76
N SER H 198 4.79 -42.65 7.93
CA SER H 198 5.51 -43.23 6.82
C SER H 198 5.50 -42.28 5.63
N LEU H 199 6.67 -42.08 5.03
CA LEU H 199 6.79 -41.25 3.84
C LEU H 199 6.46 -42.00 2.56
N ILE H 200 6.23 -43.31 2.64
CA ILE H 200 5.88 -44.13 1.48
C ILE H 200 4.41 -44.48 1.47
N ASN H 201 3.88 -44.94 2.61
CA ASN H 201 2.47 -45.31 2.75
C ASN H 201 1.82 -44.39 3.77
N PRO H 202 1.19 -43.29 3.35
CA PRO H 202 0.55 -42.39 4.31
C PRO H 202 -0.54 -43.11 5.09
N GLY H 203 -0.71 -42.69 6.34
CA GLY H 203 -1.67 -43.30 7.23
C GLY H 203 -1.15 -44.48 8.02
N PHE H 204 0.12 -44.86 7.82
CA PHE H 204 0.73 -45.96 8.55
C PHE H 204 2.00 -45.47 9.23
N LYS H 205 2.29 -46.06 10.39
CA LYS H 205 3.45 -45.65 11.16
C LYS H 205 4.69 -46.35 10.65
N SER H 206 5.79 -45.61 10.57
CA SER H 206 7.05 -46.15 10.06
C SER H 206 7.56 -47.24 10.99
N LYS H 207 7.48 -48.49 10.55
CA LYS H 207 7.92 -49.61 11.37
C LYS H 207 9.43 -49.56 11.56
N LYS H 208 9.87 -49.78 12.79
CA LYS H 208 11.29 -49.85 13.07
C LYS H 208 11.88 -51.10 12.43
N PRO H 209 13.12 -51.05 11.93
CA PRO H 209 13.70 -52.24 11.29
C PRO H 209 13.87 -53.38 12.30
N ALA H 210 13.72 -54.60 11.79
CA ALA H 210 13.89 -55.77 12.64
C ALA H 210 15.32 -55.83 13.16
N GLY H 211 15.47 -56.05 14.46
CA GLY H 211 16.78 -56.03 15.08
C GLY H 211 17.28 -57.38 15.55
N GLY H 212 16.43 -58.39 15.49
CA GLY H 212 16.86 -59.68 15.97
C GLY H 212 17.13 -59.66 17.46
N VAL H 213 18.08 -60.50 17.88
CA VAL H 213 18.45 -60.60 19.28
C VAL H 213 19.63 -59.66 19.56
N ASP H 214 19.45 -58.77 20.52
CA ASP H 214 20.50 -57.85 20.97
C ASP H 214 20.69 -58.09 22.46
N PHE H 215 21.70 -58.87 22.82
CA PHE H 215 21.90 -59.24 24.20
C PHE H 215 22.27 -58.01 25.03
N ASP H 216 21.79 -57.98 26.28
CA ASP H 216 22.08 -56.88 27.18
C ASP H 216 23.48 -57.01 27.76
N TYR M 35 -10.17 -43.35 6.05
CA TYR M 35 -9.21 -43.26 4.96
C TYR M 35 -9.62 -44.17 3.80
N SER M 36 -10.14 -43.57 2.74
CA SER M 36 -10.59 -44.29 1.56
C SER M 36 -10.03 -43.61 0.32
N GLY M 37 -9.49 -44.41 -0.60
CA GLY M 37 -8.93 -43.93 -1.85
C GLY M 37 -7.56 -44.51 -2.08
N ARG M 38 -6.79 -43.83 -2.93
CA ARG M 38 -5.45 -44.23 -3.29
C ARG M 38 -4.50 -43.06 -3.06
N ASP M 39 -3.25 -43.37 -2.74
CA ASP M 39 -2.23 -42.35 -2.53
C ASP M 39 -1.59 -42.03 -3.87
N SER M 40 -1.58 -40.74 -4.21
CA SER M 40 -0.99 -40.26 -5.44
C SER M 40 0.27 -39.46 -5.12
N LEU M 41 1.34 -39.73 -5.86
CA LEU M 41 2.64 -39.13 -5.59
C LEU M 41 3.29 -38.74 -6.91
N ILE M 42 3.84 -37.54 -6.94
CA ILE M 42 4.50 -37.00 -8.12
C ILE M 42 5.94 -36.66 -7.75
N PHE M 43 6.89 -37.12 -8.56
CA PHE M 43 8.31 -36.93 -8.29
C PHE M 43 8.84 -35.86 -9.23
N LEU M 44 9.00 -34.65 -8.71
CA LEU M 44 9.62 -33.58 -9.45
C LEU M 44 11.13 -33.64 -9.24
N VAL M 45 11.89 -33.65 -10.32
CA VAL M 45 13.34 -33.72 -10.27
C VAL M 45 13.90 -32.58 -11.09
N ASP M 46 14.75 -31.77 -10.48
CA ASP M 46 15.39 -30.66 -11.18
C ASP M 46 16.42 -31.20 -12.16
N ALA M 47 16.55 -30.52 -13.30
CA ALA M 47 17.50 -30.89 -14.34
C ALA M 47 18.41 -29.73 -14.69
N SER M 48 18.74 -28.89 -13.70
CA SER M 48 19.70 -27.82 -13.91
C SER M 48 21.12 -28.37 -13.85
N LYS M 49 22.08 -27.51 -14.21
CA LYS M 49 23.47 -27.93 -14.24
C LYS M 49 23.98 -28.28 -12.84
N ALA M 50 23.56 -27.52 -11.83
CA ALA M 50 24.06 -27.73 -10.49
C ALA M 50 23.72 -29.11 -9.95
N MET M 51 22.76 -29.80 -10.56
CA MET M 51 22.38 -31.13 -10.12
C MET M 51 23.25 -32.23 -10.69
N PHE M 52 24.16 -31.91 -11.62
CA PHE M 52 24.96 -32.92 -12.30
C PHE M 52 26.44 -32.80 -11.99
N GLU M 53 26.80 -32.19 -10.87
CA GLU M 53 28.19 -31.99 -10.47
C GLU M 53 28.45 -32.68 -9.15
N SER M 54 29.60 -33.34 -9.04
CA SER M 54 29.99 -34.08 -7.84
C SER M 54 31.07 -33.31 -7.12
N GLN M 55 30.79 -32.93 -5.87
CA GLN M 55 31.76 -32.16 -5.10
C GLN M 55 33.03 -32.96 -4.86
N SER M 56 32.90 -34.23 -4.51
CA SER M 56 34.02 -35.13 -4.27
C SER M 56 34.02 -36.22 -5.32
N GLU M 57 35.20 -36.78 -5.57
CA GLU M 57 35.33 -37.80 -6.60
C GLU M 57 34.47 -39.03 -6.27
N ASP M 58 34.52 -39.48 -5.01
CA ASP M 58 33.78 -40.66 -4.58
C ASP M 58 32.52 -40.20 -3.87
N GLU M 59 31.54 -39.75 -4.65
CA GLU M 59 30.25 -39.34 -4.11
C GLU M 59 29.25 -39.30 -5.24
N LEU M 60 27.96 -39.30 -4.87
CA LEU M 60 26.87 -39.39 -5.82
C LEU M 60 26.36 -37.99 -6.15
N THR M 61 26.14 -37.73 -7.43
CA THR M 61 25.55 -36.48 -7.86
C THR M 61 24.10 -36.40 -7.37
N PRO M 62 23.57 -35.19 -7.21
CA PRO M 62 22.17 -35.08 -6.78
C PRO M 62 21.20 -35.84 -7.67
N PHE M 63 21.43 -35.84 -8.99
CA PHE M 63 20.54 -36.56 -9.89
C PHE M 63 20.54 -38.05 -9.60
N ASP M 64 21.73 -38.63 -9.36
CA ASP M 64 21.80 -40.06 -9.09
C ASP M 64 21.09 -40.40 -7.79
N MET M 65 21.27 -39.57 -6.76
CA MET M 65 20.57 -39.81 -5.50
C MET M 65 19.06 -39.76 -5.70
N SER M 66 18.58 -38.77 -6.46
CA SER M 66 17.15 -38.67 -6.71
C SER M 66 16.63 -39.90 -7.44
N ILE M 67 17.36 -40.38 -8.44
CA ILE M 67 16.89 -41.53 -9.19
C ILE M 67 16.89 -42.77 -8.32
N GLN M 68 17.92 -42.94 -7.48
CA GLN M 68 17.93 -44.07 -6.55
C GLN M 68 16.73 -44.02 -5.63
N CYS M 69 16.41 -42.84 -5.10
CA CYS M 69 15.26 -42.72 -4.21
C CYS M 69 13.97 -43.06 -4.93
N ILE M 70 13.82 -42.58 -6.16
CA ILE M 70 12.60 -42.87 -6.92
C ILE M 70 12.44 -44.36 -7.14
N GLN M 71 13.53 -45.04 -7.51
CA GLN M 71 13.46 -46.48 -7.73
C GLN M 71 13.13 -47.22 -6.43
N SER M 72 13.73 -46.80 -5.33
CA SER M 72 13.45 -47.44 -4.05
C SER M 72 11.98 -47.30 -3.69
N VAL M 73 11.42 -46.11 -3.86
CA VAL M 73 10.00 -45.91 -3.54
C VAL M 73 9.13 -46.75 -4.47
N TYR M 74 9.52 -46.86 -5.74
CA TYR M 74 8.76 -47.69 -6.67
C TYR M 74 8.72 -49.14 -6.21
N ILE M 75 9.88 -49.69 -5.82
CA ILE M 75 9.92 -51.09 -5.40
C ILE M 75 9.13 -51.28 -4.11
N SER M 76 9.27 -50.36 -3.17
CA SER M 76 8.51 -50.45 -1.92
C SER M 76 7.02 -50.43 -2.21
N LYS M 77 6.58 -49.58 -3.14
CA LYS M 77 5.16 -49.52 -3.46
C LYS M 77 4.69 -50.80 -4.14
N ILE M 78 5.49 -51.35 -5.05
CA ILE M 78 5.11 -52.60 -5.69
C ILE M 78 4.87 -53.68 -4.64
N ILE M 79 5.78 -53.79 -3.68
CA ILE M 79 5.63 -54.85 -2.68
C ILE M 79 4.47 -54.55 -1.74
N SER M 80 4.32 -53.30 -1.31
CA SER M 80 3.40 -52.97 -0.22
C SER M 80 2.00 -52.62 -0.71
N SER M 81 1.88 -51.59 -1.54
CA SER M 81 0.60 -51.12 -2.05
C SER M 81 0.71 -51.01 -3.56
N ASP M 82 0.19 -52.01 -4.28
CA ASP M 82 0.32 -52.08 -5.73
C ASP M 82 -0.77 -51.31 -6.46
N ARG M 83 -1.76 -50.77 -5.75
CA ARG M 83 -2.85 -50.03 -6.36
C ARG M 83 -2.67 -48.53 -6.25
N ASP M 84 -1.52 -48.07 -5.79
CA ASP M 84 -1.26 -46.64 -5.65
C ASP M 84 -0.72 -46.08 -6.97
N LEU M 85 -0.80 -44.76 -7.09
CA LEU M 85 -0.44 -44.07 -8.32
C LEU M 85 0.83 -43.26 -8.11
N LEU M 86 1.79 -43.42 -9.03
CA LEU M 86 3.04 -42.69 -8.99
C LEU M 86 3.32 -42.12 -10.38
N ALA M 87 3.96 -40.94 -10.40
CA ALA M 87 4.31 -40.26 -11.63
C ALA M 87 5.70 -39.64 -11.46
N VAL M 88 6.35 -39.38 -12.59
CA VAL M 88 7.69 -38.79 -12.61
C VAL M 88 7.73 -37.67 -13.63
N VAL M 89 8.20 -36.50 -13.19
CA VAL M 89 8.27 -35.29 -13.99
C VAL M 89 9.64 -34.68 -13.84
N PHE M 90 10.08 -33.96 -14.86
CA PHE M 90 11.35 -33.26 -14.87
C PHE M 90 11.12 -31.80 -15.24
N TYR M 91 11.87 -30.90 -14.62
CA TYR M 91 11.78 -29.48 -14.95
C TYR M 91 13.18 -28.90 -15.02
N GLY M 92 13.35 -27.91 -15.91
CA GLY M 92 14.64 -27.39 -16.25
C GLY M 92 15.24 -27.99 -17.52
N THR M 93 14.46 -28.74 -18.29
CA THR M 93 14.96 -29.42 -19.45
C THR M 93 14.75 -28.57 -20.70
N GLU M 94 15.30 -29.04 -21.82
CA GLU M 94 15.17 -28.37 -23.11
C GLU M 94 13.93 -28.82 -23.87
N LYS M 95 13.57 -30.10 -23.79
CA LYS M 95 12.37 -30.58 -24.42
C LYS M 95 11.16 -30.34 -23.53
N ASP M 96 9.97 -30.62 -24.06
CA ASP M 96 8.74 -30.44 -23.33
C ASP M 96 7.74 -31.51 -23.75
N LYS M 97 6.97 -32.00 -22.79
CA LYS M 97 5.93 -33.00 -23.06
C LYS M 97 4.89 -32.88 -21.95
N ASN M 98 3.78 -32.21 -22.24
CA ASN M 98 2.71 -32.05 -21.27
C ASN M 98 1.43 -31.68 -22.00
N SER M 99 0.31 -31.81 -21.30
CA SER M 99 -0.98 -31.48 -21.89
C SER M 99 -1.08 -30.01 -22.27
N VAL M 100 -0.57 -29.12 -21.41
CA VAL M 100 -0.68 -27.69 -21.64
C VAL M 100 0.32 -27.16 -22.65
N ASN M 101 1.23 -28.01 -23.14
CA ASN M 101 2.27 -27.58 -24.07
C ASN M 101 3.06 -26.41 -23.49
N PHE M 102 3.42 -26.52 -22.22
CA PHE M 102 4.34 -25.57 -21.62
C PHE M 102 5.77 -25.88 -22.08
N LYS M 103 6.67 -24.95 -21.79
CA LYS M 103 8.06 -25.07 -22.19
C LYS M 103 8.92 -25.49 -21.01
N ASN M 104 9.88 -26.37 -21.27
CA ASN M 104 10.90 -26.75 -20.30
C ASN M 104 10.33 -27.61 -19.18
N ILE M 105 9.36 -28.46 -19.50
CA ILE M 105 8.75 -29.38 -18.53
C ILE M 105 8.47 -30.68 -19.26
N TYR M 106 9.16 -31.75 -18.87
CA TYR M 106 9.03 -33.05 -19.50
C TYR M 106 8.38 -34.02 -18.51
N VAL M 107 7.13 -34.41 -18.81
CA VAL M 107 6.42 -35.39 -17.99
C VAL M 107 6.86 -36.77 -18.49
N LEU M 108 7.77 -37.40 -17.76
CA LEU M 108 8.28 -38.70 -18.19
C LEU M 108 7.26 -39.80 -18.01
N GLN M 109 6.58 -39.83 -16.86
CA GLN M 109 5.61 -40.88 -16.58
C GLN M 109 4.39 -40.25 -15.92
N GLU M 110 3.23 -40.41 -16.55
CA GLU M 110 1.98 -39.94 -15.98
C GLU M 110 1.50 -40.89 -14.88
N LEU M 111 0.55 -40.40 -14.09
CA LEU M 111 0.11 -41.16 -12.92
C LEU M 111 -0.48 -42.50 -13.32
N ASP M 112 0.19 -43.59 -12.92
CA ASP M 112 -0.29 -44.93 -13.18
C ASP M 112 0.32 -45.86 -12.13
N ASN M 113 -0.25 -47.06 -12.03
CA ASN M 113 0.21 -48.02 -11.04
C ASN M 113 1.65 -48.45 -11.36
N PRO M 114 2.44 -48.77 -10.34
CA PRO M 114 3.85 -49.11 -10.57
C PRO M 114 4.01 -50.45 -11.27
N GLY M 115 5.17 -50.60 -11.91
CA GLY M 115 5.50 -51.82 -12.62
C GLY M 115 6.98 -51.88 -12.93
N ALA M 116 7.41 -53.04 -13.40
CA ALA M 116 8.83 -53.24 -13.70
C ALA M 116 9.30 -52.38 -14.87
N LYS M 117 8.43 -52.17 -15.86
CA LYS M 117 8.83 -51.41 -17.03
C LYS M 117 9.27 -50.01 -16.66
N ARG M 118 8.55 -49.37 -15.74
CA ARG M 118 8.89 -48.00 -15.35
C ARG M 118 10.22 -47.95 -14.60
N ILE M 119 10.48 -48.92 -13.73
CA ILE M 119 11.77 -48.96 -13.04
C ILE M 119 12.90 -49.13 -14.05
N LEU M 120 12.71 -50.03 -15.02
CA LEU M 120 13.74 -50.20 -16.05
C LEU M 120 13.93 -48.92 -16.85
N GLU M 121 12.84 -48.21 -17.14
CA GLU M 121 12.95 -46.95 -17.87
C GLU M 121 13.75 -45.93 -17.09
N LEU M 122 13.54 -45.85 -15.77
CA LEU M 122 14.34 -44.96 -14.95
C LEU M 122 15.78 -45.44 -14.80
N ASP M 123 16.02 -46.74 -14.97
CA ASP M 123 17.35 -47.31 -14.74
C ASP M 123 18.40 -46.84 -15.74
N GLN M 124 18.01 -46.18 -16.82
CA GLN M 124 18.97 -45.72 -17.82
C GLN M 124 19.53 -44.34 -17.51
N PHE M 125 19.27 -43.82 -16.31
CA PHE M 125 19.85 -42.56 -15.85
C PHE M 125 20.61 -42.74 -14.54
N LYS M 126 21.03 -43.97 -14.23
CA LYS M 126 21.52 -44.32 -12.90
C LYS M 126 23.01 -44.06 -12.71
N GLY M 127 23.73 -43.65 -13.75
CA GLY M 127 25.15 -43.42 -13.63
C GLY M 127 25.65 -42.28 -14.48
N GLN M 128 26.95 -42.29 -14.82
CA GLN M 128 27.49 -41.24 -15.68
C GLN M 128 27.04 -41.45 -17.12
N GLN M 129 27.10 -42.68 -17.62
CA GLN M 129 26.58 -42.97 -18.95
C GLN M 129 25.08 -42.71 -18.99
N GLY M 130 24.37 -43.07 -17.91
CA GLY M 130 22.96 -42.72 -17.82
C GLY M 130 22.74 -41.21 -17.82
N GLN M 131 23.65 -40.47 -17.21
CA GLN M 131 23.53 -39.02 -17.21
C GLN M 131 23.68 -38.47 -18.62
N LYS M 132 24.65 -38.99 -19.38
CA LYS M 132 24.81 -38.57 -20.76
C LYS M 132 23.57 -38.94 -21.58
N ARG M 133 23.01 -40.12 -21.34
CA ARG M 133 21.82 -40.54 -22.06
C ARG M 133 20.65 -39.61 -21.75
N PHE M 134 20.49 -39.24 -20.48
CA PHE M 134 19.42 -38.31 -20.10
C PHE M 134 19.62 -36.96 -20.77
N GLN M 135 20.86 -36.46 -20.78
CA GLN M 135 21.12 -35.17 -21.41
C GLN M 135 20.80 -35.22 -22.91
N ASP M 136 21.15 -36.32 -23.57
CA ASP M 136 20.84 -36.44 -24.99
C ASP M 136 19.35 -36.54 -25.24
N MET M 137 18.63 -37.30 -24.41
CA MET M 137 17.22 -37.57 -24.69
C MET M 137 16.35 -36.35 -24.45
N MET M 138 16.56 -35.65 -23.33
CA MET M 138 15.72 -34.51 -22.95
C MET M 138 16.47 -33.19 -23.03
N GLY M 139 17.59 -33.06 -22.36
CA GLY M 139 18.33 -31.82 -22.28
C GLY M 139 18.33 -31.26 -20.86
N HIS M 140 19.22 -30.29 -20.66
CA HIS M 140 19.41 -29.72 -19.33
C HIS M 140 19.97 -28.32 -19.47
N GLY M 141 19.91 -27.57 -18.37
CA GLY M 141 20.51 -26.25 -18.33
C GLY M 141 19.66 -25.13 -18.88
N SER M 142 18.35 -25.29 -18.92
CA SER M 142 17.44 -24.27 -19.44
C SER M 142 16.67 -23.63 -18.29
N ASP M 143 16.03 -22.50 -18.60
CA ASP M 143 15.23 -21.79 -17.62
C ASP M 143 13.96 -22.57 -17.30
N TYR M 144 13.11 -21.98 -16.46
CA TYR M 144 11.87 -22.62 -16.05
C TYR M 144 11.09 -21.65 -15.18
N SER M 145 9.83 -21.99 -14.93
CA SER M 145 8.98 -21.25 -14.01
C SER M 145 8.28 -22.24 -13.10
N LEU M 146 8.39 -22.04 -11.78
CA LEU M 146 7.79 -22.97 -10.85
C LEU M 146 6.27 -22.96 -10.94
N SER M 147 5.68 -21.82 -11.33
CA SER M 147 4.23 -21.77 -11.49
C SER M 147 3.77 -22.77 -12.56
N GLU M 148 4.46 -22.81 -13.70
CA GLU M 148 4.10 -23.75 -14.74
C GLU M 148 4.27 -25.19 -14.28
N VAL M 149 5.34 -25.46 -13.52
CA VAL M 149 5.59 -26.82 -13.04
C VAL M 149 4.45 -27.27 -12.12
N LEU M 150 4.08 -26.41 -11.16
CA LEU M 150 3.00 -26.76 -10.26
C LEU M 150 1.67 -26.87 -11.00
N TRP M 151 1.48 -26.05 -12.03
CA TRP M 151 0.28 -26.17 -12.85
C TRP M 151 0.21 -27.53 -13.54
N VAL M 152 1.33 -27.99 -14.07
CA VAL M 152 1.36 -29.30 -14.73
C VAL M 152 1.10 -30.41 -13.71
N CYS M 153 1.66 -30.28 -12.51
CA CYS M 153 1.41 -31.29 -11.48
C CYS M 153 -0.08 -31.34 -11.12
N ALA M 154 -0.70 -30.17 -10.93
CA ALA M 154 -2.13 -30.15 -10.62
C ALA M 154 -2.94 -30.74 -11.76
N ASN M 155 -2.56 -30.44 -13.00
CA ASN M 155 -3.27 -31.01 -14.14
C ASN M 155 -3.16 -32.53 -14.15
N LEU M 156 -1.97 -33.06 -13.86
CA LEU M 156 -1.82 -34.50 -13.74
C LEU M 156 -2.75 -35.06 -12.68
N PHE M 157 -2.85 -34.38 -11.53
CA PHE M 157 -3.75 -34.84 -10.49
C PHE M 157 -5.19 -34.86 -10.99
N SER M 158 -5.59 -33.84 -11.75
CA SER M 158 -6.97 -33.76 -12.21
C SER M 158 -7.34 -34.92 -13.14
N ASP M 159 -6.40 -35.40 -13.94
CA ASP M 159 -6.71 -36.43 -14.92
C ASP M 159 -7.14 -37.73 -14.27
N VAL M 160 -6.58 -38.04 -13.10
CA VAL M 160 -6.88 -39.32 -12.45
C VAL M 160 -8.39 -39.44 -12.24
N GLN M 161 -8.93 -40.62 -12.55
CA GLN M 161 -10.36 -40.87 -12.46
C GLN M 161 -10.76 -41.67 -11.24
N PHE M 162 -9.80 -42.17 -10.47
CA PHE M 162 -10.12 -42.87 -9.23
C PHE M 162 -10.23 -41.86 -8.08
N LYS M 163 -10.52 -42.37 -6.89
CA LYS M 163 -10.62 -41.56 -5.69
C LYS M 163 -9.28 -41.57 -4.98
N MET M 164 -8.69 -40.40 -4.78
CA MET M 164 -7.36 -40.27 -4.19
C MET M 164 -7.50 -39.79 -2.76
N SER M 165 -7.01 -40.59 -1.82
CA SER M 165 -7.06 -40.20 -0.41
C SER M 165 -5.98 -39.19 -0.06
N HIS M 166 -4.80 -39.30 -0.67
CA HIS M 166 -3.71 -38.35 -0.46
C HIS M 166 -3.19 -37.87 -1.80
N LYS M 167 -2.68 -36.64 -1.79
CA LYS M 167 -2.05 -36.04 -2.97
C LYS M 167 -0.75 -35.40 -2.51
N ARG M 168 0.37 -35.82 -3.08
CA ARG M 168 1.67 -35.39 -2.61
C ARG M 168 2.59 -35.07 -3.78
N ILE M 169 3.42 -34.05 -3.59
CA ILE M 169 4.50 -33.73 -4.52
C ILE M 169 5.79 -33.64 -3.71
N MET M 170 6.84 -34.28 -4.22
CA MET M 170 8.18 -34.19 -3.64
C MET M 170 9.09 -33.46 -4.62
N LEU M 171 9.75 -32.42 -4.15
CA LEU M 171 10.59 -31.57 -4.99
C LEU M 171 12.05 -31.86 -4.68
N PHE M 172 12.74 -32.48 -5.63
CA PHE M 172 14.15 -32.82 -5.50
C PHE M 172 14.96 -31.71 -6.17
N THR M 173 15.62 -30.89 -5.35
CA THR M 173 16.38 -29.77 -5.88
C THR M 173 17.48 -29.40 -4.90
N ASN M 174 18.44 -28.60 -5.39
CA ASN M 174 19.51 -28.08 -4.57
C ASN M 174 19.72 -26.58 -4.79
N GLU M 175 18.70 -25.89 -5.31
CA GLU M 175 18.76 -24.45 -5.54
C GLU M 175 17.77 -23.79 -4.59
N ASP M 176 18.30 -23.10 -3.57
CA ASP M 176 17.45 -22.48 -2.57
C ASP M 176 16.76 -21.22 -3.07
N ASN M 177 17.27 -20.60 -4.12
CA ASN M 177 16.72 -19.37 -4.68
C ASN M 177 16.54 -19.55 -6.18
N PRO M 178 15.53 -20.32 -6.59
CA PRO M 178 15.37 -20.59 -8.02
C PRO M 178 15.18 -19.32 -8.85
N HIS M 179 14.47 -18.33 -8.31
CA HIS M 179 14.21 -17.07 -8.99
C HIS M 179 14.66 -15.94 -8.07
N GLY M 180 15.95 -15.59 -8.16
CA GLY M 180 16.47 -14.46 -7.43
C GLY M 180 16.46 -13.20 -8.28
N ASN M 181 16.57 -13.37 -9.59
CA ASN M 181 16.58 -12.24 -10.50
C ASN M 181 15.19 -11.67 -10.72
N ASP M 182 14.17 -12.53 -10.79
CA ASP M 182 12.81 -12.12 -11.13
C ASP M 182 11.92 -12.24 -9.90
N SER M 183 11.36 -11.11 -9.48
CA SER M 183 10.42 -11.11 -8.36
C SER M 183 9.02 -11.55 -8.78
N ALA M 184 8.61 -11.23 -10.01
CA ALA M 184 7.28 -11.60 -10.46
C ALA M 184 7.10 -13.11 -10.50
N LYS M 185 8.12 -13.83 -10.96
CA LYS M 185 8.04 -15.28 -10.99
C LYS M 185 7.87 -15.84 -9.58
N ALA M 186 8.55 -15.24 -8.61
CA ALA M 186 8.39 -15.69 -7.22
C ALA M 186 6.97 -15.50 -6.73
N SER M 187 6.36 -14.35 -7.05
CA SER M 187 4.98 -14.12 -6.61
C SER M 187 4.03 -15.09 -7.29
N ARG M 188 4.24 -15.36 -8.58
CA ARG M 188 3.40 -16.34 -9.27
C ARG M 188 3.54 -17.71 -8.64
N ALA M 189 4.77 -18.11 -8.30
CA ALA M 189 4.98 -19.40 -7.66
C ALA M 189 4.29 -19.46 -6.30
N ARG M 190 4.36 -18.37 -5.54
CA ARG M 190 3.69 -18.34 -4.24
C ARG M 190 2.19 -18.48 -4.40
N THR M 191 1.60 -17.77 -5.36
CA THR M 191 0.15 -17.86 -5.58
C THR M 191 -0.24 -19.28 -5.98
N LYS M 192 0.53 -19.90 -6.88
CA LYS M 192 0.20 -21.25 -7.31
C LYS M 192 0.34 -22.24 -6.16
N ALA M 193 1.38 -22.08 -5.33
CA ALA M 193 1.54 -22.95 -4.18
C ALA M 193 0.39 -22.81 -3.21
N GLY M 194 -0.06 -21.58 -2.97
CA GLY M 194 -1.21 -21.38 -2.11
C GLY M 194 -2.47 -22.03 -2.67
N ASP M 195 -2.69 -21.89 -3.98
CA ASP M 195 -3.84 -22.55 -4.60
C ASP M 195 -3.76 -24.06 -4.43
N LEU M 196 -2.57 -24.63 -4.68
CA LEU M 196 -2.42 -26.08 -4.56
C LEU M 196 -2.66 -26.54 -3.13
N ARG M 197 -2.15 -25.79 -2.15
CA ARG M 197 -2.41 -26.11 -0.75
C ARG M 197 -3.90 -26.07 -0.44
N ASP M 198 -4.60 -25.06 -0.97
CA ASP M 198 -6.04 -24.97 -0.77
C ASP M 198 -6.75 -26.18 -1.36
N THR M 199 -6.33 -26.62 -2.55
CA THR M 199 -6.98 -27.76 -3.19
C THR M 199 -6.78 -29.05 -2.40
N GLY M 200 -5.78 -29.12 -1.55
CA GLY M 200 -5.54 -30.31 -0.75
C GLY M 200 -4.35 -31.12 -1.25
N ILE M 201 -3.31 -30.43 -1.70
CA ILE M 201 -2.11 -31.08 -2.22
C ILE M 201 -0.96 -30.76 -1.28
N PHE M 202 -0.32 -31.81 -0.77
CA PHE M 202 0.84 -31.66 0.09
C PHE M 202 2.09 -31.43 -0.76
N LEU M 203 2.93 -30.51 -0.33
CA LEU M 203 4.19 -30.20 -0.99
C LEU M 203 5.32 -30.46 0.00
N ASP M 204 6.31 -31.25 -0.43
CA ASP M 204 7.44 -31.60 0.41
C ASP M 204 8.72 -31.28 -0.34
N LEU M 205 9.70 -30.74 0.38
CA LEU M 205 10.99 -30.38 -0.19
C LEU M 205 12.04 -31.37 0.31
N MET M 206 12.66 -32.08 -0.63
CA MET M 206 13.73 -33.02 -0.33
C MET M 206 15.00 -32.40 -0.89
N HIS M 207 15.64 -31.55 -0.08
CA HIS M 207 16.78 -30.78 -0.54
C HIS M 207 18.04 -31.63 -0.55
N LEU M 208 18.79 -31.52 -1.63
CA LEU M 208 20.03 -32.27 -1.81
C LEU M 208 21.23 -31.36 -1.53
N LYS M 209 22.39 -31.98 -1.45
CA LYS M 209 23.59 -31.26 -1.05
C LYS M 209 23.92 -30.14 -2.02
N LYS M 210 24.32 -28.99 -1.48
CA LYS M 210 24.67 -27.81 -2.25
C LYS M 210 26.08 -27.36 -1.87
N PRO M 211 26.86 -26.85 -2.83
CA PRO M 211 28.21 -26.40 -2.48
C PRO M 211 28.26 -25.36 -1.38
N GLY M 212 27.32 -24.43 -1.37
CA GLY M 212 27.33 -23.36 -0.39
C GLY M 212 26.38 -23.57 0.77
N GLY M 213 25.53 -24.58 0.69
CA GLY M 213 24.55 -24.84 1.72
C GLY M 213 23.16 -24.41 1.30
N PHE M 214 22.16 -25.15 1.80
CA PHE M 214 20.76 -24.93 1.44
C PHE M 214 20.07 -24.15 2.54
N ASP M 215 19.45 -23.03 2.15
CA ASP M 215 18.74 -22.16 3.09
C ASP M 215 17.26 -22.14 2.70
N ILE M 216 16.44 -22.91 3.43
CA ILE M 216 15.00 -22.88 3.19
C ILE M 216 14.45 -21.50 3.48
N SER M 217 15.12 -20.73 4.34
CA SER M 217 14.58 -19.45 4.78
C SER M 217 14.39 -18.49 3.61
N LEU M 218 15.19 -18.61 2.56
CA LEU M 218 15.14 -17.65 1.49
C LEU M 218 13.77 -17.64 0.80
N PHE M 219 13.41 -18.75 0.17
CA PHE M 219 12.24 -18.78 -0.71
C PHE M 219 11.25 -19.88 -0.40
N TYR M 220 11.71 -21.07 -0.02
CA TYR M 220 10.85 -22.24 0.02
C TYR M 220 9.96 -22.30 1.25
N ARG M 221 10.01 -21.30 2.14
CA ARG M 221 9.14 -21.34 3.31
C ARG M 221 7.68 -21.26 2.90
N ASP M 222 7.36 -20.39 1.95
CA ASP M 222 5.97 -20.19 1.56
C ASP M 222 5.44 -21.35 0.72
N ILE M 223 6.29 -21.91 -0.13
CA ILE M 223 5.86 -23.03 -0.98
C ILE M 223 5.59 -24.27 -0.13
N ILE M 224 6.49 -24.57 0.80
CA ILE M 224 6.39 -25.80 1.58
C ILE M 224 5.07 -25.82 2.33
N SER M 225 4.49 -27.02 2.46
CA SER M 225 3.22 -27.16 3.17
C SER M 225 3.39 -26.90 4.66
N ILE M 226 4.39 -27.52 5.28
CA ILE M 226 4.61 -27.41 6.71
C ILE M 226 6.06 -27.03 6.94
N ALA M 227 6.28 -25.95 7.69
CA ALA M 227 7.61 -25.46 8.04
C ALA M 227 7.86 -25.79 9.51
N GLU M 228 8.60 -26.87 9.75
CA GLU M 228 8.90 -27.27 11.12
C GLU M 228 9.81 -26.25 11.79
N ASP M 229 9.68 -26.16 13.13
CA ASP M 229 10.50 -25.21 13.87
C ASP M 229 11.98 -25.54 13.73
N GLU M 230 12.33 -26.82 13.77
CA GLU M 230 13.73 -27.21 13.62
C GLU M 230 14.21 -27.09 12.18
N ASP M 231 13.30 -27.04 11.21
CA ASP M 231 13.68 -26.95 9.80
C ASP M 231 13.77 -25.49 9.36
N LEU M 232 14.67 -24.76 10.01
CA LEU M 232 14.93 -23.36 9.68
C LEU M 232 16.40 -23.03 9.52
N ARG M 233 17.31 -23.82 10.09
CA ARG M 233 18.74 -23.57 9.95
C ARG M 233 19.23 -24.03 8.59
N VAL M 234 20.40 -23.52 8.20
CA VAL M 234 21.00 -23.90 6.92
C VAL M 234 21.51 -25.33 7.02
N HIS M 235 21.18 -26.14 6.03
CA HIS M 235 21.57 -27.55 5.98
C HIS M 235 22.76 -27.71 5.05
N PHE M 236 23.84 -28.29 5.56
CA PHE M 236 25.03 -28.55 4.77
C PHE M 236 25.05 -29.97 4.20
N GLU M 237 24.02 -30.76 4.44
CA GLU M 237 23.94 -32.11 3.92
C GLU M 237 22.50 -32.40 3.51
N GLU M 238 22.34 -33.40 2.64
CA GLU M 238 21.03 -33.80 2.15
C GLU M 238 20.05 -34.03 3.28
N SER M 239 18.76 -33.93 2.99
CA SER M 239 17.75 -34.04 4.03
C SER M 239 17.71 -35.45 4.62
N SER M 240 17.23 -35.53 5.86
CA SER M 240 17.09 -36.82 6.53
C SER M 240 15.99 -37.68 5.95
N LYS M 241 15.16 -37.13 5.06
CA LYS M 241 14.10 -37.91 4.45
C LYS M 241 14.62 -38.88 3.40
N LEU M 242 15.78 -38.60 2.79
CA LEU M 242 16.34 -39.50 1.80
C LEU M 242 16.67 -40.86 2.41
N GLU M 243 17.20 -40.87 3.64
CA GLU M 243 17.50 -42.13 4.29
C GLU M 243 16.26 -42.98 4.46
N ASP M 244 15.15 -42.37 4.88
CA ASP M 244 13.90 -43.11 5.00
C ASP M 244 13.40 -43.58 3.64
N LEU M 245 13.55 -42.75 2.61
CA LEU M 245 13.11 -43.17 1.28
C LEU M 245 13.89 -44.39 0.81
N LEU M 246 15.20 -44.40 1.03
CA LEU M 246 16.04 -45.51 0.58
C LEU M 246 15.88 -46.76 1.42
N ARG M 247 15.17 -46.69 2.55
CA ARG M 247 14.90 -47.87 3.37
C ARG M 247 13.76 -48.65 2.74
N LYS M 248 14.08 -49.78 2.13
CA LYS M 248 13.10 -50.54 1.37
C LYS M 248 12.15 -51.27 2.31
N VAL M 249 10.85 -51.09 2.08
CA VAL M 249 9.81 -51.76 2.82
C VAL M 249 9.33 -52.94 1.99
N ARG M 250 9.38 -54.14 2.56
CA ARG M 250 9.02 -55.36 1.85
C ARG M 250 7.98 -56.15 2.62
N ALA M 251 6.94 -55.46 3.09
CA ALA M 251 5.83 -56.10 3.78
C ALA M 251 4.54 -55.41 3.35
N LYS M 252 3.51 -56.22 3.09
CA LYS M 252 2.24 -55.67 2.65
C LYS M 252 1.59 -54.87 3.77
N GLU M 253 1.04 -53.72 3.41
CA GLU M 253 0.32 -52.85 4.34
C GLU M 253 -1.15 -52.88 3.97
N THR M 254 -1.97 -53.50 4.81
CA THR M 254 -3.39 -53.66 4.56
C THR M 254 -4.16 -52.62 5.36
N ARG M 255 -5.08 -51.92 4.69
CA ARG M 255 -5.87 -50.89 5.35
C ARG M 255 -6.89 -51.53 6.28
N LYS M 256 -7.38 -50.72 7.22
CA LYS M 256 -8.34 -51.22 8.20
C LYS M 256 -9.58 -51.74 7.51
N ARG M 257 -10.11 -52.84 8.03
CA ARG M 257 -11.26 -53.50 7.44
C ARG M 257 -11.83 -54.47 8.47
N ALA M 258 -13.15 -54.57 8.51
CA ALA M 258 -13.83 -55.40 9.50
C ALA M 258 -14.17 -56.75 8.89
N LEU M 259 -13.69 -57.82 9.52
CA LEU M 259 -14.01 -59.16 9.05
C LEU M 259 -15.50 -59.40 9.07
N SER M 260 -16.19 -58.92 10.09
CA SER M 260 -17.63 -59.11 10.19
C SER M 260 -18.22 -58.07 11.12
N ARG M 261 -19.50 -57.76 10.88
CA ARG M 261 -20.31 -56.92 11.75
C ARG M 261 -21.38 -57.82 12.35
N LEU M 262 -21.29 -58.07 13.65
CA LEU M 262 -22.15 -59.03 14.31
C LEU M 262 -23.00 -58.35 15.38
N LYS M 263 -23.92 -59.12 15.93
CA LYS M 263 -24.83 -58.66 16.97
C LYS M 263 -24.49 -59.40 18.26
N LEU M 264 -24.16 -58.66 19.31
CA LEU M 264 -23.94 -59.21 20.63
C LEU M 264 -25.26 -59.15 21.39
N LYS M 265 -25.74 -60.31 21.81
CA LYS M 265 -27.08 -60.47 22.38
C LYS M 265 -26.96 -60.84 23.85
N LEU M 266 -27.03 -59.84 24.72
CA LEU M 266 -27.10 -60.12 26.14
C LEU M 266 -28.38 -60.86 26.50
N ASN M 267 -29.45 -60.60 25.76
CA ASN M 267 -30.74 -61.25 25.98
C ASN M 267 -31.51 -61.20 24.67
N LYS M 268 -32.70 -61.79 24.66
CA LYS M 268 -33.52 -61.77 23.46
C LYS M 268 -33.98 -60.38 23.06
N ASP M 269 -33.85 -59.39 23.96
CA ASP M 269 -34.26 -58.03 23.68
C ASP M 269 -33.11 -57.03 23.65
N ILE M 270 -32.04 -57.28 24.38
CA ILE M 270 -30.90 -56.37 24.46
C ILE M 270 -29.86 -56.85 23.47
N VAL M 271 -29.63 -56.07 22.42
CA VAL M 271 -28.69 -56.43 21.36
C VAL M 271 -27.91 -55.18 20.98
N ILE M 272 -26.59 -55.33 20.83
CA ILE M 272 -25.72 -54.26 20.38
C ILE M 272 -24.96 -54.74 19.16
N SER M 273 -24.40 -53.79 18.42
CA SER M 273 -23.68 -54.08 17.19
C SER M 273 -22.18 -53.96 17.44
N VAL M 274 -21.42 -54.96 17.01
CA VAL M 274 -19.98 -55.00 17.21
C VAL M 274 -19.29 -55.31 15.89
N GLY M 275 -18.05 -54.88 15.79
CA GLY M 275 -17.21 -55.21 14.65
C GLY M 275 -16.04 -56.06 15.10
N ILE M 276 -15.72 -57.06 14.29
CA ILE M 276 -14.65 -58.01 14.57
C ILE M 276 -13.49 -57.73 13.62
N TYR M 277 -12.29 -57.58 14.18
CA TYR M 277 -11.09 -57.31 13.41
C TYR M 277 -10.03 -58.34 13.78
N ASN M 278 -9.02 -58.44 12.93
CA ASN M 278 -7.89 -59.35 13.16
C ASN M 278 -6.61 -58.53 13.20
N LEU M 279 -6.07 -58.36 14.40
CA LEU M 279 -4.82 -57.63 14.56
C LEU M 279 -3.60 -58.47 14.25
N VAL M 280 -3.74 -59.79 14.13
CA VAL M 280 -2.66 -60.68 13.73
C VAL M 280 -3.20 -61.61 12.66
N GLN M 281 -2.58 -61.58 11.49
CA GLN M 281 -2.99 -62.43 10.37
C GLN M 281 -1.75 -62.96 9.67
N LYS M 282 -1.72 -64.27 9.41
CA LYS M 282 -0.58 -64.88 8.76
C LYS M 282 -0.39 -64.31 7.36
N ALA M 283 0.85 -63.98 7.03
CA ALA M 283 1.19 -63.48 5.70
C ALA M 283 1.59 -64.64 4.81
N LEU M 284 0.97 -64.73 3.64
CA LEU M 284 1.20 -65.81 2.70
C LEU M 284 1.79 -65.24 1.41
N LYS M 285 2.51 -66.09 0.69
CA LYS M 285 3.00 -65.70 -0.62
C LYS M 285 1.81 -65.44 -1.54
N PRO M 286 1.92 -64.49 -2.46
CA PRO M 286 0.87 -64.31 -3.46
C PRO M 286 0.66 -65.58 -4.25
N PRO M 287 -0.58 -65.94 -4.56
CA PRO M 287 -0.83 -67.20 -5.24
C PRO M 287 -0.20 -67.21 -6.62
N PRO M 288 0.33 -68.35 -7.06
CA PRO M 288 0.86 -68.42 -8.43
C PRO M 288 -0.24 -68.31 -9.47
N ILE M 289 0.13 -67.82 -10.64
CA ILE M 289 -0.75 -67.75 -11.79
C ILE M 289 -0.19 -68.68 -12.85
N LYS M 290 -1.07 -69.20 -13.71
CA LYS M 290 -0.69 -70.11 -14.76
C LYS M 290 -0.54 -69.35 -16.07
N LEU M 291 0.63 -69.48 -16.68
CA LEU M 291 0.97 -68.76 -17.90
C LEU M 291 1.19 -69.73 -19.04
N TYR M 292 0.92 -69.28 -20.25
CA TYR M 292 1.21 -70.04 -21.45
C TYR M 292 2.66 -69.77 -21.85
N ARG M 293 3.35 -70.84 -22.27
CA ARG M 293 4.80 -70.74 -22.41
C ARG M 293 5.23 -69.98 -23.66
N GLU M 294 4.45 -70.07 -24.75
CA GLU M 294 4.90 -69.53 -26.03
C GLU M 294 4.79 -68.01 -26.13
N THR M 295 3.90 -67.39 -25.35
CA THR M 295 3.77 -65.94 -25.37
C THR M 295 3.57 -65.34 -23.99
N ASN M 296 3.64 -66.12 -22.92
CA ASN M 296 3.48 -65.62 -21.56
C ASN M 296 2.15 -64.91 -21.38
N GLU M 297 1.07 -65.53 -21.90
CA GLU M 297 -0.26 -64.96 -21.71
C GLU M 297 -1.07 -65.83 -20.76
N PRO M 298 -1.83 -65.25 -19.83
CA PRO M 298 -2.54 -66.07 -18.84
C PRO M 298 -3.52 -67.03 -19.50
N VAL M 299 -3.72 -68.16 -18.83
CA VAL M 299 -4.66 -69.19 -19.27
C VAL M 299 -5.66 -69.44 -18.15
N LYS M 300 -6.94 -69.56 -18.52
CA LYS M 300 -7.99 -69.81 -17.54
C LYS M 300 -8.28 -71.30 -17.47
N THR M 301 -8.64 -71.76 -16.27
CA THR M 301 -8.85 -73.16 -15.99
C THR M 301 -10.31 -73.39 -15.57
N LYS M 302 -10.81 -74.59 -15.85
CA LYS M 302 -12.19 -74.95 -15.53
C LYS M 302 -12.24 -76.44 -15.19
N THR M 303 -12.94 -76.77 -14.13
CA THR M 303 -13.09 -78.15 -13.67
C THR M 303 -14.52 -78.60 -13.90
N ARG M 304 -14.68 -79.78 -14.53
CA ARG M 304 -15.99 -80.33 -14.80
C ARG M 304 -15.97 -81.84 -14.53
N THR M 305 -17.13 -82.38 -14.19
CA THR M 305 -17.29 -83.79 -13.88
C THR M 305 -18.27 -84.42 -14.86
N PHE M 306 -17.87 -85.53 -15.47
CA PHE M 306 -18.70 -86.21 -16.45
C PHE M 306 -18.72 -87.71 -16.17
N ASN M 307 -19.88 -88.32 -16.34
CA ASN M 307 -20.04 -89.74 -16.06
C ASN M 307 -19.20 -90.57 -17.02
N THR M 308 -18.66 -91.67 -16.51
CA THR M 308 -17.77 -92.50 -17.31
C THR M 308 -18.49 -93.09 -18.52
N SER M 309 -19.72 -93.57 -18.32
CA SER M 309 -20.40 -94.30 -19.40
C SER M 309 -20.85 -93.36 -20.51
N THR M 310 -21.74 -92.42 -20.20
CA THR M 310 -22.26 -91.54 -21.23
C THR M 310 -21.21 -90.55 -21.70
N GLY M 311 -20.37 -90.07 -20.79
CA GLY M 311 -19.36 -89.09 -21.11
C GLY M 311 -19.83 -87.65 -21.06
N GLY M 312 -21.10 -87.41 -20.78
CA GLY M 312 -21.62 -86.06 -20.73
C GLY M 312 -21.37 -85.39 -19.40
N LEU M 313 -21.54 -84.07 -19.40
CA LEU M 313 -21.39 -83.28 -18.18
C LEU M 313 -22.53 -83.58 -17.22
N LEU M 314 -22.20 -83.57 -15.93
CA LEU M 314 -23.20 -83.76 -14.87
C LEU M 314 -23.27 -82.49 -14.03
N LEU M 315 -24.46 -81.90 -13.98
CA LEU M 315 -24.66 -80.73 -13.14
C LEU M 315 -24.47 -81.13 -11.68
N PRO M 316 -24.18 -80.18 -10.80
CA PRO M 316 -24.08 -80.51 -9.37
C PRO M 316 -25.36 -81.10 -8.80
N SER M 317 -26.50 -80.87 -9.45
CA SER M 317 -27.77 -81.39 -8.97
C SER M 317 -27.96 -82.88 -9.26
N ASP M 318 -27.11 -83.48 -10.08
CA ASP M 318 -27.22 -84.88 -10.45
C ASP M 318 -26.19 -85.75 -9.72
N THR M 319 -25.92 -85.44 -8.45
CA THR M 319 -24.98 -86.22 -7.67
C THR M 319 -25.37 -86.16 -6.20
N LYS M 320 -24.93 -87.15 -5.44
CA LYS M 320 -25.25 -87.25 -4.03
C LYS M 320 -23.97 -87.39 -3.21
N ARG M 321 -24.12 -87.66 -1.91
CA ARG M 321 -23.00 -87.84 -1.01
C ARG M 321 -23.14 -89.16 -0.27
N SER M 322 -21.99 -89.75 0.08
CA SER M 322 -21.98 -91.08 0.68
C SER M 322 -20.96 -91.13 1.81
N GLN M 323 -21.17 -92.09 2.71
CA GLN M 323 -20.25 -92.35 3.80
C GLN M 323 -20.48 -93.79 4.27
N ILE M 324 -19.38 -94.49 4.55
CA ILE M 324 -19.44 -95.90 4.96
C ILE M 324 -19.24 -95.98 6.46
N TYR M 325 -20.13 -96.72 7.12
CA TYR M 325 -20.08 -96.88 8.57
C TYR M 325 -20.82 -98.16 8.93
N GLY M 326 -20.15 -99.06 9.64
CA GLY M 326 -20.76 -100.31 10.04
C GLY M 326 -21.15 -101.18 8.88
N SER M 327 -20.27 -101.30 7.88
CA SER M 327 -20.51 -102.13 6.70
C SER M 327 -21.84 -101.78 6.04
N ARG M 328 -22.05 -100.47 5.83
CA ARG M 328 -23.23 -99.99 5.14
C ARG M 328 -22.88 -98.68 4.45
N GLN M 329 -23.70 -98.31 3.47
CA GLN M 329 -23.53 -97.07 2.72
C GLN M 329 -24.67 -96.14 3.05
N ILE M 330 -24.35 -94.93 3.50
CA ILE M 330 -25.32 -93.93 3.91
C ILE M 330 -25.27 -92.79 2.91
N ILE M 331 -26.40 -92.48 2.31
CA ILE M 331 -26.49 -91.51 1.22
C ILE M 331 -27.28 -90.31 1.69
N LEU M 332 -26.74 -89.12 1.45
CA LEU M 332 -27.39 -87.87 1.81
C LEU M 332 -27.23 -86.88 0.66
N GLU M 333 -28.22 -86.03 0.49
CA GLU M 333 -28.14 -84.98 -0.50
C GLU M 333 -27.21 -83.87 -0.02
N LYS M 334 -26.79 -83.02 -0.96
CA LYS M 334 -25.88 -81.93 -0.59
C LYS M 334 -26.54 -80.93 0.34
N GLU M 335 -27.82 -80.60 0.09
CA GLU M 335 -28.50 -79.62 0.92
C GLU M 335 -28.59 -80.11 2.36
N GLU M 336 -28.92 -81.38 2.56
CA GLU M 336 -28.92 -81.92 3.91
C GLU M 336 -27.54 -81.94 4.51
N THR M 337 -26.52 -82.24 3.70
CA THR M 337 -25.15 -82.22 4.19
C THR M 337 -24.80 -80.86 4.76
N GLU M 338 -25.26 -79.78 4.12
CA GLU M 338 -25.04 -78.45 4.66
C GLU M 338 -25.95 -78.14 5.84
N GLU M 339 -27.19 -78.66 5.82
CA GLU M 339 -28.11 -78.46 6.93
C GLU M 339 -27.61 -79.10 8.21
N LEU M 340 -26.75 -80.11 8.12
CA LEU M 340 -26.20 -80.74 9.32
C LEU M 340 -25.43 -79.74 10.17
N LYS M 341 -24.95 -78.65 9.60
CA LYS M 341 -24.08 -77.71 10.29
C LYS M 341 -24.82 -76.52 10.88
N ARG M 342 -26.14 -76.42 10.69
CA ARG M 342 -26.89 -75.25 11.13
C ARG M 342 -27.30 -75.41 12.58
N PHE M 343 -26.80 -74.53 13.44
CA PHE M 343 -27.14 -74.52 14.86
C PHE M 343 -27.86 -73.25 15.29
N ASP M 344 -27.28 -72.09 15.02
CA ASP M 344 -27.88 -70.83 15.44
C ASP M 344 -27.47 -69.74 14.46
N ASP M 345 -28.17 -68.62 14.52
CA ASP M 345 -27.94 -67.53 13.59
C ASP M 345 -26.60 -66.86 13.89
N PRO M 346 -26.02 -66.17 12.91
CA PRO M 346 -24.74 -65.53 13.13
C PRO M 346 -24.81 -64.52 14.27
N GLY M 347 -23.76 -64.50 15.08
CA GLY M 347 -23.65 -63.52 16.15
C GLY M 347 -22.93 -64.09 17.35
N LEU M 348 -22.88 -63.26 18.39
CA LEU M 348 -22.35 -63.61 19.69
C LEU M 348 -23.50 -63.62 20.69
N MET M 349 -23.59 -64.70 21.46
CA MET M 349 -24.63 -64.86 22.47
C MET M 349 -23.96 -64.89 23.84
N LEU M 350 -24.37 -63.98 24.72
CA LEU M 350 -23.78 -63.94 26.05
C LEU M 350 -24.19 -65.17 26.86
N MET M 351 -23.27 -65.60 27.72
CA MET M 351 -23.44 -66.82 28.50
C MET M 351 -23.24 -66.61 29.99
N GLY M 352 -22.48 -65.60 30.39
CA GLY M 352 -22.12 -65.38 31.77
C GLY M 352 -20.78 -64.69 31.83
N PHE M 353 -20.23 -64.61 33.05
CA PHE M 353 -18.95 -63.97 33.28
C PHE M 353 -18.07 -64.91 34.10
N LYS M 354 -16.78 -64.96 33.76
CA LYS M 354 -15.85 -65.91 34.33
C LYS M 354 -14.64 -65.18 34.90
N PRO M 355 -14.13 -65.58 36.07
CA PRO M 355 -12.87 -65.01 36.55
C PRO M 355 -11.75 -65.28 35.55
N LEU M 356 -10.84 -64.31 35.42
CA LEU M 356 -9.75 -64.45 34.47
C LEU M 356 -8.75 -65.51 34.88
N VAL M 357 -8.78 -65.96 36.14
CA VAL M 357 -7.86 -67.00 36.57
C VAL M 357 -8.20 -68.33 35.92
N LEU M 358 -9.49 -68.62 35.77
CA LEU M 358 -9.90 -69.90 35.21
C LEU M 358 -9.47 -70.07 33.77
N LEU M 359 -9.19 -68.97 33.06
CA LEU M 359 -8.62 -69.07 31.73
C LEU M 359 -7.17 -69.56 31.82
N LYS M 360 -6.74 -70.27 30.79
CA LYS M 360 -5.43 -70.90 30.78
C LYS M 360 -4.67 -70.49 29.52
N LYS M 361 -3.35 -70.29 29.67
CA LYS M 361 -2.53 -69.87 28.55
C LYS M 361 -2.22 -71.02 27.61
N HIS M 362 -2.09 -72.23 28.12
CA HIS M 362 -1.80 -73.38 27.28
C HIS M 362 -3.03 -73.96 26.61
N HIS M 363 -4.19 -73.33 26.77
CA HIS M 363 -5.41 -73.72 26.07
C HIS M 363 -5.61 -72.93 24.78
N TYR M 364 -4.53 -72.50 24.14
CA TYR M 364 -4.63 -71.78 22.89
C TYR M 364 -5.13 -72.70 21.79
N LEU M 365 -6.04 -72.20 20.96
CA LEU M 365 -6.68 -73.03 19.94
C LEU M 365 -6.60 -72.39 18.56
N ARG M 366 -6.68 -71.06 18.50
CA ARG M 366 -6.80 -70.34 17.24
C ARG M 366 -6.45 -68.89 17.50
N PRO M 367 -5.89 -68.19 16.51
CA PRO M 367 -5.51 -66.78 16.76
C PRO M 367 -6.69 -65.96 17.22
N SER M 368 -6.42 -65.08 18.18
CA SER M 368 -7.46 -64.28 18.80
C SER M 368 -7.89 -63.15 17.88
N LEU M 369 -9.06 -62.58 18.17
CA LEU M 369 -9.61 -61.49 17.40
C LEU M 369 -9.88 -60.29 18.30
N PHE M 370 -10.30 -59.19 17.67
CA PHE M 370 -10.60 -57.94 18.38
C PHE M 370 -12.06 -57.57 18.16
N VAL M 371 -12.73 -57.15 19.23
CA VAL M 371 -14.14 -56.74 19.19
C VAL M 371 -14.21 -55.29 19.62
N TYR M 372 -14.83 -54.47 18.77
CA TYR M 372 -14.97 -53.03 18.96
C TYR M 372 -16.43 -52.64 18.73
N PRO M 373 -16.88 -51.52 19.29
CA PRO M 373 -18.26 -51.10 19.05
C PRO M 373 -18.48 -50.67 17.61
N GLU M 374 -19.76 -50.61 17.23
CA GLU M 374 -20.15 -50.12 15.91
C GLU M 374 -21.50 -49.44 16.04
N GLU M 375 -21.53 -48.12 15.86
CA GLU M 375 -22.74 -47.34 16.00
C GLU M 375 -23.51 -47.20 14.69
N SER M 376 -22.96 -47.68 13.58
CA SER M 376 -23.65 -47.55 12.30
C SER M 376 -24.95 -48.35 12.28
N LEU M 377 -24.94 -49.56 12.84
CA LEU M 377 -26.09 -50.45 12.75
C LEU M 377 -27.05 -50.28 13.92
N VAL M 378 -26.54 -50.13 15.14
CA VAL M 378 -27.36 -49.92 16.32
C VAL M 378 -26.83 -48.72 17.08
N ILE M 379 -27.71 -47.80 17.44
CA ILE M 379 -27.34 -46.58 18.15
C ILE M 379 -27.40 -46.85 19.65
N GLY M 380 -26.40 -46.39 20.37
CA GLY M 380 -26.29 -46.64 21.79
C GLY M 380 -25.45 -47.84 22.16
N SER M 381 -24.83 -48.52 21.19
CA SER M 381 -23.96 -49.63 21.49
C SER M 381 -22.69 -49.19 22.19
N SER M 382 -22.17 -48.01 21.83
CA SER M 382 -20.91 -47.56 22.39
C SER M 382 -20.99 -47.41 23.89
N THR M 383 -22.09 -46.84 24.40
CA THR M 383 -22.21 -46.60 25.84
C THR M 383 -22.23 -47.91 26.62
N LEU M 384 -23.05 -48.87 26.18
CA LEU M 384 -23.12 -50.15 26.88
C LEU M 384 -21.79 -50.89 26.79
N PHE M 385 -21.14 -50.85 25.62
CA PHE M 385 -19.85 -51.49 25.48
C PHE M 385 -18.82 -50.88 26.41
N SER M 386 -18.81 -49.55 26.52
CA SER M 386 -17.88 -48.88 27.43
C SER M 386 -18.16 -49.27 28.87
N ALA M 387 -19.42 -49.32 29.26
CA ALA M 387 -19.76 -49.70 30.63
C ALA M 387 -19.27 -51.12 30.92
N LEU M 388 -19.55 -52.04 30.00
CA LEU M 388 -19.12 -53.42 30.21
C LEU M 388 -17.60 -53.52 30.30
N LEU M 389 -16.89 -52.81 29.43
CA LEU M 389 -15.44 -52.86 29.46
C LEU M 389 -14.90 -52.32 30.79
N ILE M 390 -15.42 -51.18 31.23
CA ILE M 390 -14.93 -50.57 32.47
C ILE M 390 -15.17 -51.50 33.65
N LYS M 391 -16.38 -52.06 33.74
CA LYS M 391 -16.69 -52.87 34.91
C LYS M 391 -16.01 -54.23 34.85
N CYS M 392 -15.78 -54.76 33.66
CA CYS M 392 -15.00 -56.00 33.54
C CYS M 392 -13.56 -55.77 33.97
N LEU M 393 -12.97 -54.63 33.59
CA LEU M 393 -11.62 -54.32 34.04
C LEU M 393 -11.59 -54.16 35.56
N GLU M 394 -12.60 -53.49 36.12
CA GLU M 394 -12.62 -53.29 37.57
C GLU M 394 -12.78 -54.61 38.32
N LYS M 395 -13.64 -55.49 37.83
CA LYS M 395 -13.94 -56.75 38.51
C LYS M 395 -13.07 -57.91 38.06
N GLU M 396 -12.23 -57.72 37.04
CA GLU M 396 -11.34 -58.77 36.56
C GLU M 396 -12.13 -60.01 36.14
N VAL M 397 -12.98 -59.84 35.12
CA VAL M 397 -13.79 -60.92 34.59
C VAL M 397 -13.73 -60.88 33.07
N ALA M 398 -14.08 -62.02 32.47
CA ALA M 398 -14.16 -62.17 31.02
C ALA M 398 -15.55 -62.65 30.66
N ALA M 399 -16.08 -62.13 29.55
CA ALA M 399 -17.44 -62.44 29.13
C ALA M 399 -17.43 -63.70 28.28
N LEU M 400 -18.05 -64.76 28.79
CA LEU M 400 -18.16 -66.00 28.03
C LEU M 400 -19.32 -65.91 27.05
N CYS M 401 -19.09 -66.36 25.82
CA CYS M 401 -20.07 -66.19 24.76
C CYS M 401 -20.00 -67.37 23.80
N ARG M 402 -21.10 -67.54 23.08
CA ARG M 402 -21.20 -68.49 21.98
C ARG M 402 -21.10 -67.74 20.67
N TYR M 403 -20.17 -68.16 19.82
CA TYR M 403 -19.78 -67.43 18.62
C TYR M 403 -20.16 -68.24 17.39
N THR M 404 -20.89 -67.60 16.47
CA THR M 404 -21.21 -68.18 15.17
C THR M 404 -20.93 -67.13 14.10
N PRO M 405 -19.77 -67.16 13.46
CA PRO M 405 -19.39 -66.07 12.56
C PRO M 405 -20.31 -65.92 11.36
N ARG M 406 -20.47 -66.99 10.59
CA ARG M 406 -21.28 -67.00 9.38
C ARG M 406 -22.40 -68.01 9.52
N ARG M 407 -23.26 -68.07 8.52
CA ARG M 407 -24.31 -69.07 8.49
C ARG M 407 -23.71 -70.44 8.22
N ASN M 408 -24.39 -71.48 8.70
CA ASN M 408 -23.96 -72.85 8.50
C ASN M 408 -22.55 -73.09 9.03
N ILE M 409 -22.32 -72.66 10.28
CA ILE M 409 -21.06 -72.89 10.96
C ILE M 409 -21.39 -73.30 12.39
N PRO M 410 -20.94 -74.46 12.86
CA PRO M 410 -21.28 -74.86 14.22
C PRO M 410 -20.72 -73.88 15.23
N PRO M 411 -21.35 -73.74 16.38
CA PRO M 411 -20.93 -72.71 17.33
C PRO M 411 -19.60 -73.06 17.97
N TYR M 412 -18.88 -72.02 18.38
CA TYR M 412 -17.72 -72.17 19.23
C TYR M 412 -17.91 -71.36 20.50
N PHE M 413 -17.07 -71.61 21.48
CA PHE M 413 -17.12 -70.88 22.74
C PHE M 413 -15.94 -69.92 22.77
N VAL M 414 -16.23 -68.66 23.09
CA VAL M 414 -15.22 -67.61 23.11
C VAL M 414 -15.30 -66.90 24.45
N ALA M 415 -14.17 -66.33 24.84
CA ALA M 415 -14.09 -65.46 26.00
C ALA M 415 -13.62 -64.09 25.53
N LEU M 416 -14.39 -63.06 25.88
CA LEU M 416 -14.01 -61.68 25.62
C LEU M 416 -13.31 -61.15 26.85
N VAL M 417 -12.01 -60.93 26.74
CA VAL M 417 -11.18 -60.41 27.83
C VAL M 417 -11.03 -58.91 27.62
N PRO M 418 -11.28 -58.09 28.64
CA PRO M 418 -11.16 -56.64 28.45
C PRO M 418 -9.73 -56.25 28.07
N GLN M 419 -9.63 -55.18 27.28
CA GLN M 419 -8.34 -54.68 26.81
C GLN M 419 -8.34 -53.17 26.95
N GLU M 420 -7.57 -52.67 27.92
CA GLU M 420 -7.47 -51.24 28.16
C GLU M 420 -6.61 -50.58 27.09
N GLU M 421 -6.65 -49.25 27.06
CA GLU M 421 -5.88 -48.47 26.11
C GLU M 421 -4.50 -48.17 26.71
N GLU M 422 -3.45 -48.54 25.99
CA GLU M 422 -2.09 -48.27 26.42
C GLU M 422 -1.35 -47.52 25.33
N LEU M 423 -0.72 -46.41 25.70
CA LEU M 423 0.00 -45.55 24.78
C LEU M 423 1.47 -45.49 25.16
N ASP M 424 2.34 -45.34 24.15
CA ASP M 424 3.77 -45.26 24.38
C ASP M 424 4.15 -43.84 24.76
N ASP M 425 5.45 -43.56 24.80
CA ASP M 425 5.92 -42.24 25.24
C ASP M 425 5.43 -41.13 24.31
N GLN M 426 5.49 -41.37 23.00
CA GLN M 426 5.12 -40.35 22.02
C GLN M 426 3.62 -40.22 21.83
N LYS M 427 2.82 -40.79 22.74
CA LYS M 427 1.36 -40.73 22.68
C LYS M 427 0.79 -41.47 21.47
N ILE M 428 1.59 -42.30 20.81
CA ILE M 428 1.09 -43.17 19.76
C ILE M 428 0.48 -44.40 20.42
N GLN M 429 -0.80 -44.64 20.16
CA GLN M 429 -1.49 -45.75 20.79
C GLN M 429 -0.88 -47.08 20.34
N VAL M 430 -0.56 -47.93 21.31
CA VAL M 430 0.00 -49.23 21.03
C VAL M 430 -0.93 -50.38 21.38
N THR M 431 -1.83 -50.20 22.36
CA THR M 431 -2.82 -51.21 22.71
C THR M 431 -4.19 -50.55 22.64
N PRO M 432 -5.04 -50.91 21.68
CA PRO M 432 -6.34 -50.24 21.54
C PRO M 432 -7.32 -50.70 22.60
N PRO M 433 -8.39 -49.94 22.83
CA PRO M 433 -9.40 -50.35 23.81
C PRO M 433 -10.49 -51.21 23.18
N GLY M 434 -10.91 -52.23 23.92
CA GLY M 434 -11.95 -53.09 23.38
C GLY M 434 -11.94 -54.44 24.07
N PHE M 435 -12.32 -55.47 23.33
CA PHE M 435 -12.35 -56.83 23.86
C PHE M 435 -11.49 -57.75 22.99
N GLN M 436 -10.78 -58.66 23.64
CA GLN M 436 -9.98 -59.67 22.96
C GLN M 436 -10.77 -60.97 22.97
N LEU M 437 -11.06 -61.49 21.78
CA LEU M 437 -11.86 -62.68 21.61
C LEU M 437 -10.91 -63.88 21.52
N VAL M 438 -10.96 -64.75 22.52
CA VAL M 438 -10.10 -65.92 22.61
C VAL M 438 -10.97 -67.17 22.50
N PHE M 439 -10.57 -68.09 21.64
CA PHE M 439 -11.33 -69.30 21.40
C PHE M 439 -11.00 -70.35 22.46
N LEU M 440 -12.03 -70.96 23.03
CA LEU M 440 -11.81 -71.98 24.05
C LEU M 440 -11.99 -73.37 23.45
N PRO M 441 -11.19 -74.35 23.85
CA PRO M 441 -11.29 -75.67 23.23
C PRO M 441 -12.45 -76.50 23.77
N PHE M 442 -12.91 -77.42 22.94
CA PHE M 442 -13.84 -78.45 23.36
C PHE M 442 -13.07 -79.67 23.86
N ALA M 443 -13.80 -80.64 24.38
CA ALA M 443 -13.16 -81.83 24.92
C ALA M 443 -12.41 -82.59 23.86
N ASP M 444 -12.86 -82.52 22.61
CA ASP M 444 -12.24 -83.27 21.53
C ASP M 444 -10.92 -82.65 21.07
N ASP M 445 -10.70 -81.37 21.39
CA ASP M 445 -9.53 -80.67 20.90
C ASP M 445 -8.27 -80.93 21.71
N LYS M 446 -8.38 -81.50 22.90
CA LYS M 446 -7.22 -81.86 23.70
C LYS M 446 -6.78 -83.28 23.39
N ARG M 447 -5.58 -83.64 23.85
CA ARG M 447 -5.01 -84.95 23.61
C ARG M 447 -4.37 -85.46 24.89
N LYS M 448 -4.24 -86.78 24.95
CA LYS M 448 -3.69 -87.45 26.12
C LYS M 448 -2.18 -87.65 25.94
N MET M 449 -1.44 -87.33 26.99
CA MET M 449 0.01 -87.36 27.01
C MET M 449 0.51 -88.66 27.61
N PRO M 450 1.57 -89.27 27.07
CA PRO M 450 2.15 -90.44 27.76
C PRO M 450 2.59 -90.08 29.16
N PHE M 451 2.36 -90.99 30.09
CA PHE M 451 2.74 -90.75 31.48
C PHE M 451 4.25 -90.82 31.61
N THR M 452 4.82 -89.82 32.29
CA THR M 452 6.27 -89.72 32.47
C THR M 452 6.58 -89.48 33.94
N GLU M 453 7.47 -90.29 34.49
CA GLU M 453 7.90 -90.08 35.87
C GLU M 453 8.70 -88.79 35.98
N LYS M 454 8.53 -88.10 37.10
CA LYS M 454 9.16 -86.81 37.33
C LYS M 454 10.47 -87.01 38.08
N ILE M 455 11.52 -86.39 37.59
CA ILE M 455 12.80 -86.32 38.29
C ILE M 455 13.13 -84.86 38.50
N MET M 456 13.15 -84.43 39.75
CA MET M 456 13.42 -83.03 40.08
C MET M 456 14.91 -82.77 40.15
N ALA M 457 15.28 -81.51 40.06
CA ALA M 457 16.67 -81.10 40.05
C ALA M 457 17.07 -80.52 41.40
N THR M 458 18.28 -80.84 41.83
CA THR M 458 18.82 -80.29 43.06
C THR M 458 19.11 -78.81 42.89
N PRO M 459 19.14 -78.04 43.98
CA PRO M 459 19.28 -76.58 43.84
C PRO M 459 20.51 -76.13 43.06
N GLU M 460 21.62 -76.86 43.14
CA GLU M 460 22.83 -76.41 42.46
C GLU M 460 22.65 -76.38 40.95
N GLN M 461 22.01 -77.42 40.39
CA GLN M 461 21.77 -77.43 38.95
C GLN M 461 20.86 -76.27 38.54
N VAL M 462 19.83 -76.01 39.34
CA VAL M 462 18.92 -74.92 39.05
C VAL M 462 19.66 -73.59 39.09
N GLY M 463 20.58 -73.42 40.04
CA GLY M 463 21.33 -72.18 40.12
C GLY M 463 22.26 -71.98 38.93
N LYS M 464 22.95 -73.04 38.53
CA LYS M 464 23.82 -72.94 37.36
C LYS M 464 23.01 -72.60 36.11
N MET M 465 21.85 -73.24 35.95
CA MET M 465 21.02 -72.92 34.79
C MET M 465 20.42 -71.53 34.90
N LYS M 466 20.19 -71.04 36.12
CA LYS M 466 19.76 -69.66 36.30
C LYS M 466 20.84 -68.70 35.81
N ALA M 467 22.10 -68.99 36.12
CA ALA M 467 23.19 -68.17 35.62
C ALA M 467 23.21 -68.19 34.09
N ILE M 468 23.06 -69.38 33.51
CA ILE M 468 23.06 -69.49 32.05
C ILE M 468 21.92 -68.66 31.45
N VAL M 469 20.73 -68.74 32.05
CA VAL M 469 19.59 -67.98 31.55
C VAL M 469 19.86 -66.49 31.66
N GLU M 470 20.40 -66.04 32.79
CA GLU M 470 20.65 -64.63 32.99
C GLU M 470 21.67 -64.09 32.00
N LYS M 471 22.64 -64.92 31.61
CA LYS M 471 23.63 -64.43 30.66
C LYS M 471 23.00 -64.09 29.31
N LEU M 472 22.03 -64.89 28.86
CA LEU M 472 21.44 -64.75 27.55
C LEU M 472 20.11 -63.98 27.57
N ARG M 473 19.93 -63.07 28.51
CA ARG M 473 18.72 -62.28 28.56
C ARG M 473 18.70 -61.24 27.45
N PHE M 474 17.51 -60.95 26.94
CA PHE M 474 17.35 -59.94 25.91
C PHE M 474 15.92 -59.46 25.88
N THR M 475 15.72 -58.26 25.34
CA THR M 475 14.40 -57.65 25.25
C THR M 475 13.74 -58.06 23.94
N TYR M 476 12.47 -58.43 24.02
CA TYR M 476 11.72 -58.96 22.89
C TYR M 476 10.60 -58.00 22.49
N ARG M 477 10.45 -57.80 21.18
CA ARG M 477 9.36 -57.02 20.63
C ARG M 477 8.71 -57.83 19.51
N SER M 478 7.42 -57.60 19.31
CA SER M 478 6.66 -58.38 18.35
C SER M 478 7.16 -58.19 16.91
N ASP M 479 7.90 -57.10 16.65
CA ASP M 479 8.37 -56.78 15.32
C ASP M 479 9.88 -56.88 15.20
N SER M 480 10.49 -57.81 15.93
CA SER M 480 11.94 -57.98 15.93
C SER M 480 12.39 -59.09 15.01
N PHE M 481 11.49 -59.73 14.27
CA PHE M 481 11.85 -60.82 13.38
C PHE M 481 11.10 -60.66 12.06
N GLU M 482 11.68 -61.24 11.01
CA GLU M 482 11.13 -61.20 9.67
C GLU M 482 11.03 -62.62 9.13
N ASN M 483 10.01 -62.85 8.31
CA ASN M 483 9.80 -64.16 7.72
C ASN M 483 10.83 -64.41 6.63
N PRO M 484 11.83 -65.28 6.84
CA PRO M 484 12.85 -65.46 5.80
C PRO M 484 12.30 -65.89 4.46
N VAL M 485 11.27 -66.74 4.46
CA VAL M 485 10.75 -67.28 3.21
C VAL M 485 10.14 -66.17 2.36
N LEU M 486 9.30 -65.34 2.97
CA LEU M 486 8.66 -64.27 2.22
C LEU M 486 9.67 -63.25 1.72
N GLN M 487 10.65 -62.91 2.56
CA GLN M 487 11.65 -61.93 2.14
C GLN M 487 12.47 -62.45 0.98
N GLN M 488 12.88 -63.72 1.04
CA GLN M 488 13.62 -64.31 -0.06
C GLN M 488 12.76 -64.36 -1.32
N HIS M 489 11.47 -64.68 -1.16
CA HIS M 489 10.57 -64.72 -2.31
C HIS M 489 10.50 -63.37 -2.99
N PHE M 490 10.34 -62.31 -2.20
CA PHE M 490 10.26 -60.96 -2.78
C PHE M 490 11.58 -60.56 -3.44
N ARG M 491 12.70 -60.89 -2.81
CA ARG M 491 14.00 -60.58 -3.40
C ARG M 491 14.16 -61.29 -4.73
N ASN M 492 13.82 -62.58 -4.79
CA ASN M 492 13.92 -63.34 -6.02
C ASN M 492 13.01 -62.77 -7.10
N LEU M 493 11.78 -62.42 -6.73
CA LEU M 493 10.85 -61.87 -7.71
C LEU M 493 11.36 -60.56 -8.27
N GLU M 494 11.90 -59.69 -7.40
CA GLU M 494 12.46 -58.43 -7.87
C GLU M 494 13.63 -58.66 -8.80
N ALA M 495 14.52 -59.59 -8.44
CA ALA M 495 15.66 -59.88 -9.30
C ALA M 495 15.22 -60.38 -10.66
N LEU M 496 14.24 -61.28 -10.69
CA LEU M 496 13.74 -61.79 -11.97
C LEU M 496 13.09 -60.68 -12.79
N ALA M 497 12.32 -59.81 -12.14
CA ALA M 497 11.59 -58.78 -12.87
C ALA M 497 12.54 -57.73 -13.45
N LEU M 498 13.48 -57.24 -12.65
CA LEU M 498 14.35 -56.16 -13.06
C LEU M 498 15.64 -56.65 -13.73
N ASP M 499 15.82 -57.96 -13.88
CA ASP M 499 16.96 -58.53 -14.60
C ASP M 499 18.28 -58.18 -13.91
N LEU M 500 18.33 -58.36 -12.59
CA LEU M 500 19.56 -58.09 -11.85
C LEU M 500 20.55 -59.24 -12.03
N MET M 501 21.82 -58.95 -11.73
CA MET M 501 22.87 -59.94 -11.92
C MET M 501 22.64 -61.15 -11.02
N GLU M 502 22.46 -60.93 -9.72
CA GLU M 502 22.17 -61.99 -8.79
C GLU M 502 21.17 -61.49 -7.75
N PRO M 503 20.33 -62.38 -7.22
CA PRO M 503 19.39 -61.94 -6.18
C PRO M 503 20.12 -61.48 -4.93
N GLU M 504 19.53 -60.50 -4.26
CA GLU M 504 20.03 -60.07 -2.96
C GLU M 504 19.65 -61.11 -1.90
N GLN M 505 20.59 -61.39 -1.01
CA GLN M 505 20.42 -62.43 0.00
C GLN M 505 19.99 -61.79 1.32
N ALA M 506 18.88 -62.25 1.86
CA ALA M 506 18.36 -61.71 3.10
C ALA M 506 19.08 -62.31 4.30
N VAL M 507 19.35 -61.49 5.30
CA VAL M 507 19.93 -61.96 6.55
C VAL M 507 18.82 -62.53 7.42
N ASP M 508 18.99 -63.77 7.86
CA ASP M 508 17.98 -64.45 8.67
C ASP M 508 18.24 -64.15 10.13
N LEU M 509 17.35 -63.36 10.75
CA LEU M 509 17.48 -63.01 12.15
C LEU M 509 16.98 -64.10 13.08
N THR M 510 16.28 -65.12 12.56
CA THR M 510 15.83 -66.22 13.38
C THR M 510 16.94 -67.21 13.71
N LEU M 511 18.03 -67.19 12.96
CA LEU M 511 19.13 -68.12 13.22
C LEU M 511 19.81 -67.75 14.53
N PRO M 512 20.09 -68.71 15.41
CA PRO M 512 20.79 -68.38 16.66
C PRO M 512 22.18 -67.84 16.39
N LYS M 513 22.63 -66.95 17.26
CA LYS M 513 24.00 -66.43 17.22
C LYS M 513 24.87 -67.33 18.09
N VAL M 514 25.34 -68.42 17.50
CA VAL M 514 26.06 -69.45 18.27
C VAL M 514 27.36 -68.88 18.82
N GLU M 515 28.09 -68.13 18.01
CA GLU M 515 29.40 -67.63 18.44
C GLU M 515 29.26 -66.70 19.63
N ALA M 516 28.32 -65.76 19.56
CA ALA M 516 28.13 -64.82 20.67
C ALA M 516 27.69 -65.53 21.93
N MET M 517 26.80 -66.51 21.80
CA MET M 517 26.34 -67.25 22.97
C MET M 517 27.50 -68.02 23.61
N ASN M 518 28.33 -68.66 22.77
CA ASN M 518 29.50 -69.37 23.30
C ASN M 518 30.44 -68.41 24.02
N LYS M 519 30.69 -67.25 23.43
CA LYS M 519 31.57 -66.27 24.08
C LYS M 519 31.00 -65.82 25.41
N ARG M 520 29.71 -65.50 25.46
CA ARG M 520 29.12 -64.97 26.68
C ARG M 520 29.09 -66.02 27.78
N LEU M 521 28.63 -67.23 27.47
CA LEU M 521 28.45 -68.23 28.51
C LEU M 521 29.77 -68.59 29.17
N GLY M 522 30.83 -68.73 28.39
CA GLY M 522 32.12 -69.07 28.95
C GLY M 522 32.11 -70.49 29.47
N SER M 523 32.53 -70.66 30.72
CA SER M 523 32.68 -71.98 31.32
C SER M 523 31.42 -72.48 31.99
N LEU M 524 30.32 -71.72 31.90
CA LEU M 524 29.08 -72.16 32.54
C LEU M 524 28.57 -73.46 31.92
N VAL M 525 28.66 -73.57 30.60
CA VAL M 525 28.16 -74.76 29.92
C VAL M 525 28.91 -76.00 30.39
N ASP M 526 30.24 -75.91 30.50
CA ASP M 526 31.02 -77.05 30.93
C ASP M 526 30.69 -77.46 32.36
N GLU M 527 30.57 -76.47 33.26
CA GLU M 527 30.23 -76.80 34.64
C GLU M 527 28.86 -77.45 34.72
N PHE M 528 27.88 -76.92 33.99
CA PHE M 528 26.55 -77.51 34.00
C PHE M 528 26.57 -78.94 33.47
N LYS M 529 27.29 -79.17 32.38
CA LYS M 529 27.37 -80.51 31.81
C LYS M 529 28.04 -81.48 32.77
N GLU M 530 29.08 -81.02 33.47
CA GLU M 530 29.73 -81.86 34.46
C GLU M 530 28.80 -82.16 35.62
N LEU M 531 27.98 -81.19 36.02
CA LEU M 531 27.13 -81.33 37.18
C LEU M 531 25.82 -82.05 36.90
N VAL M 532 25.46 -82.26 35.63
CA VAL M 532 24.17 -82.82 35.29
C VAL M 532 24.25 -84.06 34.41
N TYR M 533 25.34 -84.29 33.69
CA TYR M 533 25.47 -85.42 32.79
C TYR M 533 26.55 -86.37 33.26
N PRO M 534 26.32 -87.68 33.22
CA PRO M 534 27.38 -88.62 33.58
C PRO M 534 28.57 -88.50 32.65
N PRO M 535 29.75 -88.97 33.07
CA PRO M 535 30.94 -88.80 32.22
C PRO M 535 30.78 -89.42 30.84
N ASP M 536 30.09 -90.55 30.74
CA ASP M 536 29.87 -91.25 29.47
C ASP M 536 28.38 -91.23 29.17
N TYR M 537 27.92 -90.15 28.53
CA TYR M 537 26.53 -90.00 28.13
C TYR M 537 26.37 -89.85 26.62
N ASN M 538 27.13 -88.96 26.00
CA ASN M 538 27.08 -88.77 24.55
C ASN M 538 25.67 -88.38 24.10
N PRO M 539 25.23 -87.16 24.39
CA PRO M 539 23.86 -86.77 24.00
C PRO M 539 23.58 -86.95 22.52
N GLU M 540 24.58 -86.67 21.66
CA GLU M 540 24.36 -86.76 20.22
C GLU M 540 23.98 -88.17 19.80
N GLY M 541 24.67 -89.16 20.35
CA GLY M 541 24.40 -90.55 20.01
C GLY M 541 23.26 -91.13 20.84
N ASN N 6 -5.84 -101.92 23.36
CA ASN N 6 -6.70 -101.37 22.31
C ASN N 6 -7.96 -102.21 22.15
N LYS N 7 -7.78 -103.47 21.76
CA LYS N 7 -8.91 -104.35 21.54
C LYS N 7 -9.60 -104.68 22.86
N ALA N 8 -10.89 -105.00 22.77
CA ALA N 8 -11.68 -105.32 23.95
C ALA N 8 -12.92 -106.09 23.53
N ALA N 9 -13.16 -107.22 24.17
CA ALA N 9 -14.31 -108.06 23.89
C ALA N 9 -15.32 -107.93 25.01
N VAL N 10 -16.56 -107.60 24.67
CA VAL N 10 -17.61 -107.35 25.64
C VAL N 10 -18.73 -108.34 25.39
N VAL N 11 -19.06 -109.13 26.41
CA VAL N 11 -20.15 -110.09 26.35
C VAL N 11 -21.31 -109.53 27.18
N LEU N 12 -22.34 -109.04 26.50
CA LEU N 12 -23.52 -108.51 27.17
C LEU N 12 -24.48 -109.66 27.42
N CYS N 13 -24.68 -109.99 28.70
CA CYS N 13 -25.60 -111.05 29.10
C CYS N 13 -26.86 -110.40 29.66
N MET N 14 -27.97 -110.61 28.98
CA MET N 14 -29.26 -110.03 29.32
C MET N 14 -30.23 -111.12 29.74
N ASP N 15 -31.43 -110.69 30.13
CA ASP N 15 -32.50 -111.60 30.48
C ASP N 15 -33.78 -111.15 29.82
N VAL N 16 -34.67 -112.11 29.53
CA VAL N 16 -35.95 -111.81 28.91
C VAL N 16 -37.07 -112.45 29.72
N GLY N 17 -36.84 -112.62 31.02
CA GLY N 17 -37.85 -113.21 31.87
C GLY N 17 -39.08 -112.33 32.02
N PHE N 18 -40.20 -112.97 32.35
CA PHE N 18 -41.46 -112.24 32.52
C PHE N 18 -41.39 -111.25 33.68
N THR N 19 -40.46 -111.44 34.61
CA THR N 19 -40.39 -110.56 35.78
C THR N 19 -40.17 -109.10 35.40
N MET N 20 -39.58 -108.84 34.24
CA MET N 20 -39.41 -107.47 33.76
C MET N 20 -40.47 -107.06 32.75
N SER N 21 -41.22 -108.02 32.19
CA SER N 21 -42.28 -107.66 31.24
C SER N 21 -43.31 -106.74 31.87
N ASN N 22 -43.41 -106.71 33.20
CA ASN N 22 -44.36 -105.87 33.91
C ASN N 22 -43.64 -105.01 34.93
N SER N 23 -44.17 -103.81 35.14
CA SER N 23 -43.65 -102.89 36.14
C SER N 23 -44.69 -101.79 36.36
N ILE N 24 -44.35 -100.84 37.23
CA ILE N 24 -45.29 -99.77 37.57
C ILE N 24 -45.60 -98.96 36.33
N PRO N 25 -46.86 -98.66 36.02
CA PRO N 25 -47.15 -97.89 34.80
C PRO N 25 -46.57 -96.50 34.79
N GLY N 26 -46.29 -95.91 35.95
CA GLY N 26 -45.76 -94.56 36.02
C GLY N 26 -44.31 -94.43 35.59
N ILE N 27 -43.60 -95.55 35.44
CA ILE N 27 -42.21 -95.55 35.02
C ILE N 27 -42.03 -96.59 33.92
N GLU N 28 -41.02 -96.37 33.09
CA GLU N 28 -40.74 -97.29 31.99
C GLU N 28 -40.32 -98.65 32.54
N SER N 29 -40.69 -99.69 31.81
CA SER N 29 -40.39 -101.05 32.24
C SER N 29 -38.88 -101.28 32.24
N PRO N 30 -38.37 -102.12 33.14
CA PRO N 30 -36.91 -102.39 33.14
C PRO N 30 -36.41 -102.96 31.83
N PHE N 31 -37.22 -103.77 31.14
CA PHE N 31 -36.78 -104.34 29.87
C PHE N 31 -36.51 -103.24 28.85
N GLU N 32 -37.37 -102.23 28.80
CA GLU N 32 -37.14 -101.11 27.89
C GLU N 32 -35.85 -100.38 28.25
N GLN N 33 -35.59 -100.21 29.56
CA GLN N 33 -34.37 -99.55 29.96
C GLN N 33 -33.14 -100.31 29.50
N ALA N 34 -33.15 -101.64 29.68
CA ALA N 34 -32.02 -102.45 29.24
C ALA N 34 -31.85 -102.37 27.73
N LYS N 35 -32.96 -102.43 26.99
CA LYS N 35 -32.88 -102.35 25.54
C LYS N 35 -32.27 -101.02 25.11
N LYS N 36 -32.72 -99.93 25.73
CA LYS N 36 -32.17 -98.61 25.38
C LYS N 36 -30.69 -98.53 25.70
N VAL N 37 -30.28 -99.08 26.85
CA VAL N 37 -28.87 -99.01 27.23
C VAL N 37 -28.02 -99.76 26.21
N ILE N 38 -28.46 -100.96 25.82
CA ILE N 38 -27.69 -101.74 24.86
C ILE N 38 -27.65 -101.05 23.51
N THR N 39 -28.77 -100.45 23.09
CA THR N 39 -28.79 -99.74 21.82
C THR N 39 -27.80 -98.59 21.84
N MET N 40 -27.77 -97.81 22.92
CA MET N 40 -26.85 -96.68 23.00
C MET N 40 -25.40 -97.17 22.97
N PHE N 41 -25.10 -98.23 23.72
CA PHE N 41 -23.74 -98.74 23.72
C PHE N 41 -23.32 -99.20 22.32
N VAL N 42 -24.20 -99.94 21.64
CA VAL N 42 -23.85 -100.44 20.32
C VAL N 42 -23.69 -99.29 19.33
N GLN N 43 -24.53 -98.26 19.44
CA GLN N 43 -24.37 -97.09 18.58
C GLN N 43 -23.00 -96.46 18.79
N ARG N 44 -22.62 -96.24 20.04
CA ARG N 44 -21.32 -95.63 20.32
C ARG N 44 -20.21 -96.49 19.74
N GLN N 45 -20.29 -97.80 19.90
CA GLN N 45 -19.24 -98.67 19.37
C GLN N 45 -19.18 -98.61 17.84
N VAL N 46 -20.35 -98.56 17.19
CA VAL N 46 -20.37 -98.53 15.73
C VAL N 46 -19.75 -97.26 15.21
N PHE N 47 -20.05 -96.13 15.84
CA PHE N 47 -19.54 -94.84 15.38
C PHE N 47 -18.22 -94.46 16.02
N ALA N 48 -17.65 -95.32 16.85
CA ALA N 48 -16.28 -95.19 17.33
C ALA N 48 -15.54 -96.46 16.91
N GLU N 49 -14.77 -96.36 15.82
CA GLU N 49 -14.13 -97.53 15.22
C GLU N 49 -12.86 -97.87 16.01
N ASN N 50 -13.05 -98.48 17.18
CA ASN N 50 -11.95 -98.92 18.03
C ASN N 50 -11.61 -100.38 17.84
N LYS N 51 -12.27 -101.07 16.91
CA LYS N 51 -12.02 -102.48 16.61
C LYS N 51 -12.37 -103.40 17.78
N ASP N 52 -13.12 -102.90 18.77
CA ASP N 52 -13.60 -103.76 19.83
C ASP N 52 -14.69 -104.68 19.28
N GLU N 53 -15.01 -105.71 20.05
CA GLU N 53 -15.98 -106.72 19.63
C GLU N 53 -17.05 -106.89 20.69
N ILE N 54 -18.26 -107.21 20.25
CA ILE N 54 -19.42 -107.37 21.12
C ILE N 54 -20.08 -108.71 20.81
N ALA N 55 -20.38 -109.47 21.86
CA ALA N 55 -21.20 -110.66 21.77
C ALA N 55 -22.40 -110.49 22.69
N LEU N 56 -23.53 -111.09 22.30
CA LEU N 56 -24.79 -110.91 23.02
C LEU N 56 -25.34 -112.27 23.40
N VAL N 57 -25.60 -112.46 24.69
CA VAL N 57 -26.19 -113.68 25.24
C VAL N 57 -27.42 -113.28 26.04
N LEU N 58 -28.46 -114.11 25.98
CA LEU N 58 -29.68 -113.89 26.74
C LEU N 58 -30.04 -115.15 27.50
N PHE N 59 -30.47 -114.99 28.74
CA PHE N 59 -30.95 -116.10 29.57
C PHE N 59 -32.37 -115.80 30.03
N GLY N 60 -33.27 -116.77 29.80
CA GLY N 60 -34.67 -116.60 30.14
C GLY N 60 -35.57 -116.76 28.92
N THR N 61 -35.08 -117.45 27.90
CA THR N 61 -35.81 -117.65 26.66
C THR N 61 -36.10 -119.14 26.47
N ASP N 62 -37.23 -119.42 25.82
CA ASP N 62 -37.63 -120.81 25.60
C ASP N 62 -36.58 -121.57 24.80
N GLY N 63 -35.86 -120.88 23.91
CA GLY N 63 -34.82 -121.54 23.15
C GLY N 63 -33.65 -121.94 24.01
N THR N 64 -32.91 -122.95 23.52
CA THR N 64 -31.75 -123.47 24.24
C THR N 64 -30.65 -123.71 23.21
N ASP N 65 -29.64 -122.85 23.21
CA ASP N 65 -28.50 -122.97 22.30
C ASP N 65 -27.26 -122.49 23.04
N ASN N 66 -26.54 -123.44 23.62
CA ASN N 66 -25.28 -123.17 24.30
C ASN N 66 -24.23 -124.18 23.90
N PRO N 67 -22.95 -123.80 23.90
CA PRO N 67 -21.91 -124.80 23.63
C PRO N 67 -21.93 -125.97 24.61
N LEU N 68 -22.30 -125.71 25.87
CA LEU N 68 -22.39 -126.74 26.89
C LEU N 68 -23.85 -126.93 27.28
N SER N 69 -24.33 -128.16 27.19
CA SER N 69 -25.72 -128.50 27.52
C SER N 69 -25.83 -129.39 28.75
N GLY N 70 -25.14 -130.53 28.76
CA GLY N 70 -25.23 -131.42 29.91
C GLY N 70 -26.66 -131.85 30.15
N GLY N 71 -27.08 -131.82 31.41
CA GLY N 71 -28.43 -132.18 31.78
C GLY N 71 -29.34 -130.97 31.88
N ASP N 72 -30.12 -130.91 32.96
CA ASP N 72 -31.01 -129.76 33.16
C ASP N 72 -30.25 -128.47 33.35
N GLN N 73 -28.98 -128.53 33.78
CA GLN N 73 -28.19 -127.33 33.96
C GLN N 73 -27.80 -126.73 32.61
N TYR N 74 -27.48 -125.44 32.63
CA TYR N 74 -27.09 -124.71 31.43
C TYR N 74 -28.18 -124.77 30.36
N GLN N 75 -29.43 -124.68 30.79
CA GLN N 75 -30.58 -124.72 29.91
C GLN N 75 -31.31 -123.38 29.91
N ASN N 76 -32.14 -123.17 28.90
CA ASN N 76 -32.92 -121.95 28.74
C ASN N 76 -32.04 -120.73 28.47
N ILE N 77 -30.85 -120.96 27.90
CA ILE N 77 -29.91 -119.89 27.59
C ILE N 77 -29.53 -120.00 26.12
N THR N 78 -29.56 -118.88 25.42
CA THR N 78 -29.23 -118.84 24.00
C THR N 78 -28.12 -117.82 23.77
N VAL N 79 -27.08 -118.23 23.03
CA VAL N 79 -26.02 -117.32 22.62
C VAL N 79 -26.48 -116.67 21.33
N HIS N 80 -27.18 -115.54 21.48
CA HIS N 80 -27.84 -114.92 20.33
C HIS N 80 -26.82 -114.51 19.27
N ARG N 81 -25.71 -113.89 19.69
CA ARG N 81 -24.74 -113.36 18.75
C ARG N 81 -23.34 -113.62 19.28
N HIS N 82 -22.50 -114.23 18.46
CA HIS N 82 -21.13 -114.54 18.85
C HIS N 82 -20.29 -113.27 18.76
N LEU N 83 -18.96 -113.42 18.83
CA LEU N 83 -18.06 -112.28 18.95
C LEU N 83 -17.61 -111.86 17.56
N MET N 84 -18.13 -110.71 17.10
CA MET N 84 -17.64 -110.06 15.88
C MET N 84 -17.77 -108.56 16.06
N LEU N 85 -17.27 -107.81 15.07
CA LEU N 85 -17.34 -106.36 15.14
C LEU N 85 -18.78 -105.89 15.04
N PRO N 86 -19.14 -104.82 15.74
CA PRO N 86 -20.52 -104.33 15.68
C PRO N 86 -20.86 -103.82 14.29
N ASP N 87 -22.12 -104.01 13.91
CA ASP N 87 -22.62 -103.56 12.62
C ASP N 87 -24.11 -103.30 12.74
N PHE N 88 -24.66 -102.61 11.75
CA PHE N 88 -26.07 -102.23 11.81
C PHE N 88 -26.98 -103.45 11.89
N ASP N 89 -26.51 -104.61 11.44
CA ASP N 89 -27.33 -105.81 11.55
C ASP N 89 -27.61 -106.14 13.01
N LEU N 90 -26.62 -105.92 13.88
CA LEU N 90 -26.84 -106.13 15.31
C LEU N 90 -27.90 -105.17 15.84
N LEU N 91 -27.86 -103.91 15.40
CA LEU N 91 -28.86 -102.96 15.85
C LEU N 91 -30.25 -103.37 15.39
N GLU N 92 -30.36 -103.86 14.15
CA GLU N 92 -31.65 -104.37 13.69
C GLU N 92 -32.08 -105.57 14.53
N ASP N 93 -31.16 -106.47 14.83
CA ASP N 93 -31.48 -107.64 15.64
C ASP N 93 -32.06 -107.22 16.99
N ILE N 94 -31.37 -106.33 17.69
CA ILE N 94 -31.88 -105.88 18.98
C ILE N 94 -33.20 -105.14 18.79
N GLU N 95 -33.40 -104.52 17.63
CA GLU N 95 -34.64 -103.78 17.41
C GLU N 95 -35.85 -104.68 17.45
N SER N 96 -35.78 -105.83 16.77
CA SER N 96 -36.93 -106.71 16.61
C SER N 96 -36.71 -108.10 17.17
N LYS N 97 -35.57 -108.74 16.86
CA LYS N 97 -35.38 -110.14 17.22
C LYS N 97 -35.52 -110.34 18.73
N ILE N 98 -34.91 -109.46 19.52
CA ILE N 98 -34.99 -109.62 20.98
C ILE N 98 -36.44 -109.49 21.40
N GLN N 99 -36.98 -110.55 21.99
CA GLN N 99 -38.37 -110.60 22.40
C GLN N 99 -38.47 -111.09 23.84
N PRO N 100 -39.47 -110.62 24.60
CA PRO N 100 -39.62 -111.10 25.98
C PRO N 100 -39.91 -112.58 26.06
N GLY N 101 -40.02 -113.11 27.28
CA GLY N 101 -40.28 -114.52 27.49
C GLY N 101 -41.02 -114.73 28.79
N SER N 102 -41.43 -115.98 29.01
CA SER N 102 -42.21 -116.35 30.18
C SER N 102 -41.43 -117.19 31.19
N GLN N 103 -40.22 -117.61 30.87
CA GLN N 103 -39.45 -118.50 31.74
C GLN N 103 -38.44 -117.70 32.55
N GLN N 104 -37.95 -118.33 33.61
CA GLN N 104 -36.95 -117.77 34.50
C GLN N 104 -35.63 -118.53 34.34
N ALA N 105 -34.61 -118.07 35.05
CA ALA N 105 -33.30 -118.70 35.02
C ALA N 105 -32.41 -118.02 36.05
N ASP N 106 -31.34 -118.70 36.42
CA ASP N 106 -30.39 -118.19 37.41
C ASP N 106 -29.24 -117.49 36.70
N PHE N 107 -28.96 -116.24 37.12
CA PHE N 107 -27.92 -115.46 36.47
C PHE N 107 -26.54 -116.07 36.66
N LEU N 108 -26.38 -116.97 37.63
CA LEU N 108 -25.11 -117.67 37.79
C LEU N 108 -24.80 -118.49 36.53
N ASP N 109 -25.77 -119.25 36.04
CA ASP N 109 -25.57 -120.03 34.83
C ASP N 109 -25.30 -119.12 33.64
N ALA N 110 -25.96 -117.96 33.60
CA ALA N 110 -25.68 -116.99 32.55
C ALA N 110 -24.21 -116.57 32.60
N LEU N 111 -23.71 -116.30 33.80
CA LEU N 111 -22.29 -115.96 33.93
C LEU N 111 -21.41 -117.10 33.45
N ILE N 112 -21.78 -118.33 33.78
CA ILE N 112 -20.98 -119.49 33.36
C ILE N 112 -20.91 -119.54 31.84
N VAL N 113 -22.06 -119.39 31.17
CA VAL N 113 -22.08 -119.51 29.72
C VAL N 113 -21.32 -118.36 29.09
N SER N 114 -21.43 -117.16 29.67
CA SER N 114 -20.68 -116.03 29.14
C SER N 114 -19.18 -116.26 29.24
N MET N 115 -18.72 -116.76 30.39
CA MET N 115 -17.30 -117.05 30.54
C MET N 115 -16.86 -118.14 29.56
N ASP N 116 -17.72 -119.14 29.36
CA ASP N 116 -17.39 -120.20 28.42
C ASP N 116 -17.25 -119.65 27.01
N VAL N 117 -18.16 -118.77 26.59
CA VAL N 117 -18.09 -118.19 25.26
C VAL N 117 -16.82 -117.36 25.12
N ILE N 118 -16.50 -116.57 26.13
CA ILE N 118 -15.28 -115.77 26.10
C ILE N 118 -14.07 -116.68 25.93
N GLN N 119 -14.00 -117.75 26.72
CA GLN N 119 -12.85 -118.64 26.65
C GLN N 119 -12.76 -119.31 25.29
N HIS N 120 -13.88 -119.77 24.75
CA HIS N 120 -13.85 -120.48 23.48
C HIS N 120 -13.42 -119.57 22.34
N GLU N 121 -14.05 -118.39 22.23
CA GLU N 121 -13.82 -117.51 21.09
C GLU N 121 -12.61 -116.61 21.25
N THR N 122 -12.08 -116.45 22.46
CA THR N 122 -11.01 -115.49 22.68
C THR N 122 -9.74 -115.90 21.93
N ILE N 123 -9.43 -117.20 21.91
CA ILE N 123 -8.20 -117.65 21.27
C ILE N 123 -8.18 -117.18 19.82
N GLY N 124 -6.97 -116.94 19.31
CA GLY N 124 -6.77 -116.52 17.95
C GLY N 124 -6.74 -115.02 17.75
N LYS N 125 -7.17 -114.25 18.74
CA LYS N 125 -7.16 -112.79 18.67
C LYS N 125 -6.49 -112.23 19.92
N LYS N 126 -5.93 -111.03 19.78
CA LYS N 126 -5.26 -110.36 20.89
C LYS N 126 -6.22 -109.35 21.53
N PHE N 127 -7.19 -109.90 22.25
CA PHE N 127 -8.12 -109.09 23.05
C PHE N 127 -7.55 -108.96 24.45
N GLU N 128 -6.99 -107.80 24.76
CA GLU N 128 -6.30 -107.60 26.02
C GLU N 128 -7.23 -107.35 27.19
N LYS N 129 -8.51 -107.04 26.95
CA LYS N 129 -9.47 -106.79 28.01
C LYS N 129 -10.76 -107.53 27.71
N ARG N 130 -11.42 -107.99 28.78
CA ARG N 130 -12.66 -108.75 28.67
C ARG N 130 -13.62 -108.27 29.75
N HIS N 131 -14.77 -107.75 29.34
CA HIS N 131 -15.78 -107.27 30.27
C HIS N 131 -17.10 -107.99 30.01
N ILE N 132 -17.76 -108.40 31.09
CA ILE N 132 -19.07 -109.04 31.01
C ILE N 132 -20.05 -108.21 31.83
N GLU N 133 -21.15 -107.82 31.21
CA GLU N 133 -22.16 -106.99 31.84
C GLU N 133 -23.44 -107.80 32.04
N ILE N 134 -23.97 -107.79 33.26
CA ILE N 134 -25.13 -108.58 33.60
C ILE N 134 -26.30 -107.65 33.84
N PHE N 135 -27.37 -107.82 33.07
CA PHE N 135 -28.59 -107.03 33.17
C PHE N 135 -29.68 -107.95 33.71
N THR N 136 -29.94 -107.86 35.02
CA THR N 136 -30.93 -108.72 35.64
C THR N 136 -31.59 -107.97 36.79
N ASP N 137 -32.85 -108.30 37.05
CA ASP N 137 -33.60 -107.70 38.14
C ASP N 137 -33.47 -108.47 39.44
N LEU N 138 -32.79 -109.61 39.43
CA LEU N 138 -32.54 -110.42 40.62
C LEU N 138 -33.82 -110.99 41.22
N SER N 139 -34.86 -111.14 40.41
CA SER N 139 -36.11 -111.72 40.91
C SER N 139 -36.01 -113.23 41.06
N SER N 140 -35.27 -113.91 40.17
CA SER N 140 -35.15 -115.35 40.25
C SER N 140 -34.24 -115.75 41.41
N ARG N 141 -34.44 -116.98 41.88
CA ARG N 141 -33.64 -117.51 42.98
C ARG N 141 -32.22 -117.79 42.50
N PHE N 142 -31.30 -117.81 43.46
CA PHE N 142 -29.88 -117.99 43.20
C PHE N 142 -29.44 -119.38 43.60
N SER N 143 -28.83 -120.10 42.66
CA SER N 143 -28.33 -121.45 42.92
C SER N 143 -26.85 -121.37 43.29
N LYS N 144 -26.60 -120.81 44.47
CA LYS N 144 -25.24 -120.59 44.94
C LYS N 144 -24.65 -121.93 45.36
N SER N 145 -24.03 -122.61 44.41
CA SER N 145 -23.38 -123.89 44.66
C SER N 145 -22.02 -124.04 44.01
N GLN N 146 -21.56 -123.04 43.25
CA GLN N 146 -20.30 -123.14 42.53
C GLN N 146 -19.54 -121.83 42.57
N LEU N 147 -19.72 -121.04 43.64
CA LEU N 147 -19.14 -119.71 43.69
C LEU N 147 -17.61 -119.76 43.66
N ASP N 148 -17.02 -120.68 44.41
CA ASP N 148 -15.57 -120.71 44.53
C ASP N 148 -14.90 -120.94 43.18
N ILE N 149 -15.42 -121.90 42.39
CA ILE N 149 -14.81 -122.17 41.10
C ILE N 149 -15.00 -120.98 40.16
N ILE N 150 -16.15 -120.32 40.25
CA ILE N 150 -16.39 -119.14 39.41
C ILE N 150 -15.36 -118.06 39.72
N ILE N 151 -15.14 -117.79 41.01
CA ILE N 151 -14.18 -116.77 41.40
C ILE N 151 -12.79 -117.15 40.96
N HIS N 152 -12.41 -118.43 41.14
CA HIS N 152 -11.09 -118.87 40.73
C HIS N 152 -10.88 -118.69 39.24
N SER N 153 -11.86 -119.10 38.44
CA SER N 153 -11.75 -118.96 37.00
C SER N 153 -11.66 -117.50 36.58
N LEU N 154 -12.50 -116.64 37.19
CA LEU N 154 -12.48 -115.23 36.83
C LEU N 154 -11.13 -114.60 37.16
N LYS N 155 -10.58 -114.91 38.32
CA LYS N 155 -9.27 -114.35 38.68
C LYS N 155 -8.18 -114.89 37.77
N LYS N 156 -8.25 -116.18 37.42
CA LYS N 156 -7.24 -116.76 36.54
C LYS N 156 -7.26 -116.12 35.16
N CYS N 157 -8.46 -115.90 34.62
CA CYS N 157 -8.60 -115.38 33.26
C CYS N 157 -8.54 -113.86 33.18
N ASP N 158 -8.53 -113.16 34.31
CA ASP N 158 -8.46 -111.71 34.34
C ASP N 158 -9.61 -111.10 33.54
N ILE N 159 -10.83 -111.38 34.00
CA ILE N 159 -12.06 -110.94 33.34
C ILE N 159 -12.83 -110.05 34.30
N SER N 160 -13.26 -108.90 33.82
CA SER N 160 -14.00 -107.94 34.63
C SER N 160 -15.50 -108.14 34.47
N LEU N 161 -16.23 -107.86 35.55
CA LEU N 161 -17.67 -108.09 35.60
C LEU N 161 -18.34 -106.84 36.13
N GLN N 162 -19.39 -106.40 35.43
CA GLN N 162 -20.19 -105.25 35.82
C GLN N 162 -21.66 -105.64 35.84
N PHE N 163 -22.43 -104.93 36.64
CA PHE N 163 -23.85 -105.24 36.82
C PHE N 163 -24.68 -103.99 36.57
N PHE N 164 -25.90 -104.21 36.06
CA PHE N 164 -26.83 -103.12 35.82
C PHE N 164 -28.20 -103.53 36.34
N LEU N 165 -28.73 -102.73 37.26
CA LEU N 165 -29.95 -103.04 37.99
C LEU N 165 -30.95 -101.92 37.82
N PRO N 166 -32.24 -102.19 37.99
CA PRO N 166 -33.26 -101.13 37.88
C PRO N 166 -33.32 -100.22 39.10
N PHE N 167 -32.55 -100.49 40.14
CA PHE N 167 -32.55 -99.70 41.35
C PHE N 167 -31.12 -99.35 41.75
N SER N 168 -30.96 -98.20 42.39
CA SER N 168 -29.65 -97.75 42.84
C SER N 168 -29.21 -98.50 44.09
N GLY N 196 -37.56 -99.66 48.96
CA GLY N 196 -38.82 -100.22 48.52
C GLY N 196 -38.64 -101.36 47.53
N ILE N 197 -37.96 -102.42 47.97
CA ILE N 197 -37.71 -103.59 47.15
C ILE N 197 -38.06 -104.84 47.94
N THR N 198 -38.32 -105.92 47.21
CA THR N 198 -38.69 -107.17 47.84
C THR N 198 -37.47 -107.83 48.50
N GLU N 199 -37.76 -108.75 49.42
CA GLU N 199 -36.68 -109.44 50.12
C GLU N 199 -35.82 -110.26 49.16
N GLN N 200 -36.42 -110.84 48.13
CA GLN N 200 -35.65 -111.58 47.14
C GLN N 200 -34.66 -110.66 46.43
N GLN N 201 -35.11 -109.45 46.07
CA GLN N 201 -34.19 -108.50 45.46
C GLN N 201 -33.07 -108.11 46.41
N LYS N 202 -33.38 -107.99 47.70
CA LYS N 202 -32.34 -107.70 48.68
C LYS N 202 -31.32 -108.83 48.75
N GLU N 203 -31.79 -110.07 48.73
CA GLU N 203 -30.87 -111.21 48.73
C GLU N 203 -30.00 -111.20 47.48
N GLY N 204 -30.60 -110.86 46.33
CA GLY N 204 -29.81 -110.77 45.11
C GLY N 204 -28.74 -109.70 45.22
N LEU N 205 -29.10 -108.53 45.74
CA LEU N 205 -28.12 -107.47 45.92
C LEU N 205 -27.00 -107.91 46.85
N GLU N 206 -27.36 -108.65 47.91
CA GLU N 206 -26.34 -109.12 48.84
C GLU N 206 -25.37 -110.08 48.16
N ILE N 207 -25.90 -111.02 47.38
CA ILE N 207 -25.00 -111.98 46.72
C ILE N 207 -24.12 -111.25 45.70
N VAL N 208 -24.70 -110.28 45.00
CA VAL N 208 -23.92 -109.51 44.02
C VAL N 208 -22.80 -108.74 44.72
N LYS N 209 -23.11 -108.14 45.86
CA LYS N 209 -22.09 -107.41 46.61
C LYS N 209 -21.00 -108.36 47.09
N MET N 210 -21.38 -109.56 47.54
CA MET N 210 -20.40 -110.55 47.93
C MET N 210 -19.48 -110.89 46.77
N VAL N 211 -20.06 -111.13 45.60
CA VAL N 211 -19.26 -111.50 44.43
C VAL N 211 -18.30 -110.36 44.08
N MET N 212 -18.80 -109.13 44.08
CA MET N 212 -17.95 -107.99 43.72
C MET N 212 -16.84 -107.80 44.74
N ILE N 213 -17.14 -107.98 46.03
CA ILE N 213 -16.11 -107.88 47.05
C ILE N 213 -15.05 -108.94 46.83
N SER N 214 -15.47 -110.16 46.52
CA SER N 214 -14.51 -111.23 46.27
C SER N 214 -13.63 -110.90 45.07
N LEU N 215 -14.23 -110.37 43.99
CA LEU N 215 -13.46 -110.06 42.80
C LEU N 215 -12.46 -108.93 43.05
N GLU N 216 -12.92 -107.83 43.62
CA GLU N 216 -12.08 -106.63 43.78
C GLU N 216 -12.07 -106.11 45.21
N GLY N 217 -13.20 -106.17 45.91
CA GLY N 217 -13.26 -105.67 47.28
C GLY N 217 -14.08 -104.40 47.41
N GLU N 218 -13.53 -103.40 48.10
CA GLU N 218 -14.27 -102.18 48.35
C GLU N 218 -14.65 -101.47 47.05
N ASP N 219 -13.67 -101.26 46.17
CA ASP N 219 -13.93 -100.50 44.95
C ASP N 219 -15.04 -101.14 44.13
N GLY N 220 -15.23 -102.45 44.24
CA GLY N 220 -16.26 -103.10 43.47
C GLY N 220 -17.64 -102.53 43.72
N LEU N 221 -17.85 -101.93 44.89
CA LEU N 221 -19.16 -101.35 45.19
C LEU N 221 -19.51 -100.22 44.23
N ASP N 222 -18.53 -99.66 43.54
CA ASP N 222 -18.78 -98.61 42.55
C ASP N 222 -19.01 -99.14 41.16
N GLU N 223 -18.89 -100.45 40.94
CA GLU N 223 -19.08 -101.05 39.63
C GLU N 223 -20.49 -101.56 39.41
N ILE N 224 -21.39 -101.37 40.36
CA ILE N 224 -22.79 -101.74 40.21
C ILE N 224 -23.55 -100.45 39.90
N TYR N 225 -24.01 -100.32 38.67
CA TYR N 225 -24.71 -99.13 38.21
C TYR N 225 -26.20 -99.43 38.05
N SER N 226 -26.98 -98.34 38.00
CA SER N 226 -28.42 -98.42 37.77
C SER N 226 -28.74 -97.98 36.35
N PHE N 227 -29.97 -98.26 35.93
CA PHE N 227 -30.35 -97.97 34.55
C PHE N 227 -30.39 -96.47 34.27
N SER N 228 -30.91 -95.68 35.23
CA SER N 228 -30.95 -94.24 35.02
C SER N 228 -29.54 -93.65 34.92
N GLU N 229 -28.64 -94.08 35.81
CA GLU N 229 -27.27 -93.58 35.75
C GLU N 229 -26.61 -93.94 34.43
N SER N 230 -26.79 -95.19 33.99
CA SER N 230 -26.19 -95.61 32.73
C SER N 230 -26.76 -94.83 31.55
N LEU N 231 -28.08 -94.62 31.54
CA LEU N 231 -28.68 -93.83 30.47
C LEU N 231 -28.17 -92.40 30.48
N ARG N 232 -27.81 -91.89 31.67
CA ARG N 232 -27.26 -90.53 31.73
C ARG N 232 -25.95 -90.45 30.96
N LYS N 233 -25.04 -91.39 31.18
CA LYS N 233 -23.71 -91.32 30.59
C LYS N 233 -23.69 -91.70 29.12
N LEU N 234 -24.52 -92.66 28.72
CA LEU N 234 -24.48 -93.20 27.36
C LEU N 234 -25.39 -92.46 26.40
N CYS N 235 -25.68 -91.19 26.67
CA CYS N 235 -26.50 -90.36 25.80
C CYS N 235 -25.67 -89.52 24.84
N VAL N 236 -24.35 -89.65 24.85
CA VAL N 236 -23.46 -88.84 24.03
C VAL N 236 -22.54 -89.76 23.25
N PHE N 237 -22.37 -89.48 21.96
CA PHE N 237 -21.47 -90.26 21.13
C PHE N 237 -20.03 -90.08 21.59
N LYS N 238 -19.23 -91.12 21.38
CA LYS N 238 -17.84 -91.08 21.79
C LYS N 238 -17.09 -89.98 21.04
N LYS N 239 -16.29 -89.21 21.78
CA LYS N 239 -15.55 -88.11 21.20
C LYS N 239 -14.49 -88.61 20.23
N ILE N 240 -14.24 -87.80 19.19
CA ILE N 240 -13.20 -88.13 18.24
C ILE N 240 -11.86 -88.12 18.96
N GLU N 241 -11.15 -89.24 18.91
CA GLU N 241 -9.87 -89.41 19.59
C GLU N 241 -8.80 -89.79 18.58
N ARG N 242 -7.68 -89.08 18.62
CA ARG N 242 -6.53 -89.37 17.78
C ARG N 242 -5.29 -89.45 18.66
N HIS N 243 -4.29 -90.18 18.19
CA HIS N 243 -3.05 -90.40 18.92
C HIS N 243 -1.98 -89.46 18.38
N SER N 244 -1.29 -88.75 19.28
CA SER N 244 -0.24 -87.84 18.88
C SER N 244 1.05 -88.60 18.59
N ILE N 245 1.74 -88.20 17.53
CA ILE N 245 3.01 -88.79 17.15
C ILE N 245 4.11 -88.12 17.95
N HIS N 246 4.99 -88.93 18.55
CA HIS N 246 6.09 -88.41 19.34
C HIS N 246 7.16 -87.84 18.41
N TRP N 247 7.49 -86.57 18.59
CA TRP N 247 8.42 -85.87 17.71
C TRP N 247 9.75 -85.65 18.44
N PRO N 248 10.81 -86.37 18.10
CA PRO N 248 12.08 -86.21 18.82
C PRO N 248 12.98 -85.15 18.20
N CYS N 249 13.70 -84.45 19.08
CA CYS N 249 14.66 -83.43 18.66
C CYS N 249 15.59 -83.15 19.83
N ARG N 250 16.41 -82.12 19.68
CA ARG N 250 17.36 -81.70 20.71
C ARG N 250 17.24 -80.20 20.91
N LEU N 251 16.89 -79.80 22.13
CA LEU N 251 16.84 -78.39 22.51
C LEU N 251 18.27 -77.90 22.74
N THR N 252 18.67 -76.86 22.00
CA THR N 252 20.05 -76.38 21.99
C THR N 252 20.11 -74.99 22.57
N ILE N 253 21.09 -74.77 23.45
CA ILE N 253 21.42 -73.44 23.96
C ILE N 253 22.89 -73.23 23.60
N GLY N 254 23.14 -72.60 22.45
CA GLY N 254 24.49 -72.39 21.98
C GLY N 254 24.93 -73.45 21.00
N SER N 255 26.20 -73.86 21.07
CA SER N 255 26.73 -74.89 20.19
C SER N 255 27.28 -76.09 20.95
N ASN N 256 27.16 -76.11 22.27
CA ASN N 256 27.71 -77.20 23.08
C ASN N 256 26.72 -77.84 24.02
N LEU N 257 25.58 -77.21 24.30
CA LEU N 257 24.58 -77.76 25.22
C LEU N 257 23.38 -78.23 24.42
N SER N 258 22.97 -79.47 24.65
CA SER N 258 21.83 -80.06 23.96
C SER N 258 21.10 -81.01 24.89
N ILE N 259 19.77 -80.93 24.89
CA ILE N 259 18.93 -81.77 25.73
C ILE N 259 17.99 -82.53 24.82
N ARG N 260 18.01 -83.85 24.90
CA ARG N 260 17.14 -84.67 24.06
C ARG N 260 15.70 -84.52 24.54
N ILE N 261 14.81 -84.12 23.63
CA ILE N 261 13.43 -83.82 23.98
C ILE N 261 12.50 -84.51 23.01
N ALA N 262 11.28 -84.76 23.50
CA ALA N 262 10.18 -85.28 22.70
C ALA N 262 9.00 -84.33 22.83
N ALA N 263 8.41 -83.95 21.71
CA ALA N 263 7.28 -83.03 21.68
C ALA N 263 6.04 -83.74 21.17
N TYR N 264 4.90 -83.42 21.80
CA TYR N 264 3.60 -83.92 21.39
C TYR N 264 2.65 -82.74 21.21
N LYS N 265 1.59 -82.97 20.43
CA LYS N 265 0.57 -81.93 20.23
C LYS N 265 -0.50 -82.05 21.30
N SER N 266 -0.70 -80.99 22.08
CA SER N 266 -1.66 -81.01 23.17
C SER N 266 -3.04 -80.51 22.75
N ILE N 267 -3.10 -79.35 22.09
CA ILE N 267 -4.36 -78.75 21.69
C ILE N 267 -4.33 -78.50 20.18
N LEU N 268 -5.35 -78.99 19.49
CA LEU N 268 -5.54 -78.68 18.08
C LEU N 268 -7.03 -78.78 17.77
N GLN N 269 -7.44 -78.11 16.70
CA GLN N 269 -8.83 -78.10 16.28
C GLN N 269 -9.14 -79.42 15.58
N GLU N 270 -9.94 -80.27 16.23
CA GLU N 270 -10.22 -81.59 15.69
C GLU N 270 -11.14 -81.51 14.48
N ARG N 271 -10.94 -82.45 13.56
CA ARG N 271 -11.74 -82.54 12.35
C ARG N 271 -12.18 -83.98 12.16
N VAL N 272 -13.29 -84.16 11.43
CA VAL N 272 -13.77 -85.50 11.15
C VAL N 272 -12.72 -86.26 10.35
N LYS N 273 -12.47 -87.51 10.75
CA LYS N 273 -11.49 -88.34 10.05
C LYS N 273 -12.02 -88.89 8.74
N LYS N 274 -13.33 -88.86 8.53
CA LYS N 274 -13.96 -89.33 7.30
C LYS N 274 -14.60 -88.16 6.57
N THR N 275 -14.47 -88.18 5.25
CA THR N 275 -14.97 -87.12 4.39
C THR N 275 -16.00 -87.69 3.41
N TRP N 276 -16.91 -86.83 2.98
CA TRP N 276 -17.98 -87.25 2.08
C TRP N 276 -17.43 -87.65 0.72
N THR N 277 -18.04 -88.68 0.15
CA THR N 277 -17.66 -89.21 -1.17
C THR N 277 -18.80 -88.93 -2.14
N VAL N 278 -18.48 -88.26 -3.24
CA VAL N 278 -19.48 -87.91 -4.25
C VAL N 278 -19.82 -89.16 -5.05
N VAL N 279 -21.11 -89.43 -5.22
CA VAL N 279 -21.58 -90.62 -5.90
C VAL N 279 -22.66 -90.26 -6.91
N ASP N 280 -22.86 -91.16 -7.87
CA ASP N 280 -23.78 -90.91 -8.97
C ASP N 280 -25.20 -91.22 -8.51
N ALA N 281 -26.14 -90.34 -8.88
CA ALA N 281 -27.46 -90.33 -8.25
C ALA N 281 -28.29 -91.58 -8.55
N LYS N 282 -27.85 -92.44 -9.46
CA LYS N 282 -28.63 -93.59 -9.91
C LYS N 282 -27.97 -94.92 -9.55
N THR N 283 -26.74 -95.14 -9.96
CA THR N 283 -26.04 -96.38 -9.64
C THR N 283 -25.43 -96.37 -8.25
N LEU N 284 -25.38 -95.22 -7.60
CA LEU N 284 -24.82 -95.09 -6.25
C LEU N 284 -23.44 -95.74 -6.16
N LYS N 285 -22.53 -95.22 -6.99
CA LYS N 285 -21.15 -95.71 -7.01
C LYS N 285 -20.22 -94.57 -7.36
N LYS N 286 -19.05 -94.55 -6.72
CA LYS N 286 -18.05 -93.54 -7.01
C LYS N 286 -17.21 -93.88 -8.23
N GLU N 287 -17.24 -95.13 -8.69
CA GLU N 287 -16.42 -95.51 -9.84
C GLU N 287 -16.95 -94.92 -11.14
N ASP N 288 -18.21 -94.49 -11.16
CA ASP N 288 -18.79 -93.89 -12.36
C ASP N 288 -18.67 -92.38 -12.37
N ILE N 289 -17.76 -91.82 -11.57
CA ILE N 289 -17.58 -90.38 -11.45
C ILE N 289 -16.09 -90.09 -11.38
N GLN N 290 -15.66 -89.01 -12.04
CA GLN N 290 -14.29 -88.54 -11.91
C GLN N 290 -14.21 -87.15 -12.53
N LYS N 291 -13.23 -86.38 -12.05
CA LYS N 291 -13.08 -84.97 -12.39
C LYS N 291 -12.02 -84.80 -13.47
N GLU N 292 -12.15 -83.70 -14.23
CA GLU N 292 -11.18 -83.33 -15.24
C GLU N 292 -10.96 -81.82 -15.20
N THR N 293 -9.76 -81.40 -15.60
CA THR N 293 -9.39 -80.00 -15.65
C THR N 293 -8.99 -79.64 -17.07
N VAL N 294 -9.52 -78.51 -17.58
CA VAL N 294 -9.29 -78.08 -18.94
C VAL N 294 -8.72 -76.66 -18.89
N TYR N 295 -7.64 -76.45 -19.63
CA TYR N 295 -7.00 -75.15 -19.72
C TYR N 295 -7.23 -74.57 -21.11
N CYS N 296 -7.55 -73.28 -21.17
CA CYS N 296 -7.80 -72.60 -22.42
C CYS N 296 -7.17 -71.22 -22.38
N LEU N 297 -6.96 -70.65 -23.56
CA LEU N 297 -6.31 -69.36 -23.70
C LEU N 297 -7.33 -68.23 -23.62
N ASN N 298 -6.83 -66.99 -23.65
CA ASN N 298 -7.68 -65.80 -23.60
C ASN N 298 -7.97 -65.31 -25.01
N ASP N 299 -8.74 -66.11 -25.75
CA ASP N 299 -9.06 -65.78 -27.13
C ASP N 299 -10.44 -66.32 -27.46
N ASP N 300 -11.05 -65.71 -28.49
CA ASP N 300 -12.38 -66.13 -28.92
C ASP N 300 -12.36 -67.58 -29.40
N ASP N 301 -11.31 -67.96 -30.14
CA ASP N 301 -11.22 -69.32 -30.65
C ASP N 301 -11.21 -70.35 -29.53
N GLU N 302 -10.84 -69.95 -28.31
CA GLU N 302 -10.85 -70.84 -27.16
C GLU N 302 -9.93 -72.04 -27.38
N THR N 303 -8.66 -71.74 -27.67
CA THR N 303 -7.68 -72.78 -27.89
C THR N 303 -7.46 -73.59 -26.62
N GLU N 304 -7.13 -74.87 -26.80
CA GLU N 304 -6.89 -75.78 -25.68
C GLU N 304 -5.38 -75.94 -25.49
N VAL N 305 -4.93 -75.79 -24.26
CA VAL N 305 -3.51 -75.84 -23.91
C VAL N 305 -3.30 -76.99 -22.95
N LEU N 306 -2.27 -77.79 -23.22
CA LEU N 306 -1.99 -78.97 -22.42
C LEU N 306 -1.29 -78.60 -21.12
N LYS N 307 -1.26 -79.55 -20.19
CA LYS N 307 -0.65 -79.31 -18.89
C LYS N 307 0.88 -79.27 -18.98
N GLU N 308 1.46 -79.78 -20.07
CA GLU N 308 2.90 -79.78 -20.24
C GLU N 308 3.44 -78.48 -20.81
N ASP N 309 2.57 -77.49 -21.08
CA ASP N 309 2.98 -76.20 -21.59
C ASP N 309 2.45 -75.05 -20.73
N ILE N 310 2.09 -75.32 -19.48
CA ILE N 310 1.65 -74.29 -18.55
C ILE N 310 2.78 -74.05 -17.56
N ILE N 311 3.29 -72.82 -17.55
CA ILE N 311 4.36 -72.44 -16.65
C ILE N 311 3.76 -71.68 -15.47
N GLN N 312 4.54 -71.57 -14.41
CA GLN N 312 4.12 -70.82 -13.24
C GLN N 312 4.62 -69.38 -13.33
N GLY N 313 3.86 -68.47 -12.74
CA GLY N 313 4.24 -67.07 -12.73
C GLY N 313 3.65 -66.34 -11.55
N PHE N 314 4.06 -65.09 -11.40
CA PHE N 314 3.55 -64.21 -10.36
C PHE N 314 3.30 -62.85 -10.98
N ARG N 315 2.61 -61.98 -10.24
CA ARG N 315 2.33 -60.63 -10.68
C ARG N 315 3.16 -59.65 -9.86
N TYR N 316 3.97 -58.85 -10.56
CA TYR N 316 4.84 -57.86 -9.94
C TYR N 316 4.27 -56.49 -10.31
N GLY N 317 3.31 -56.03 -9.53
CA GLY N 317 2.68 -54.75 -9.80
C GLY N 317 1.69 -54.81 -10.94
N SER N 318 2.04 -54.23 -12.08
CA SER N 318 1.16 -54.17 -13.24
C SER N 318 1.55 -55.16 -14.34
N ASP N 319 2.47 -56.07 -14.05
CA ASP N 319 2.96 -57.02 -15.04
C ASP N 319 3.01 -58.42 -14.42
N ILE N 320 3.42 -59.39 -15.23
CA ILE N 320 3.52 -60.77 -14.82
C ILE N 320 4.91 -61.28 -15.19
N VAL N 321 5.61 -61.86 -14.22
CA VAL N 321 6.98 -62.31 -14.40
C VAL N 321 6.98 -63.83 -14.36
N PRO N 322 7.43 -64.52 -15.41
CA PRO N 322 7.56 -65.97 -15.34
C PRO N 322 8.54 -66.39 -14.26
N PHE N 323 8.19 -67.47 -13.56
CA PHE N 323 9.05 -68.03 -12.52
C PHE N 323 8.73 -69.52 -12.44
N SER N 324 9.53 -70.33 -13.12
CA SER N 324 9.25 -71.75 -13.20
C SER N 324 9.43 -72.42 -11.84
N LYS N 325 8.82 -73.59 -11.69
CA LYS N 325 8.92 -74.32 -10.43
C LYS N 325 10.35 -74.81 -10.19
N VAL N 326 11.03 -75.24 -11.25
CA VAL N 326 12.41 -75.71 -11.09
C VAL N 326 13.29 -74.59 -10.57
N ASP N 327 13.19 -73.41 -11.19
CA ASP N 327 13.97 -72.28 -10.71
C ASP N 327 13.54 -71.85 -9.32
N GLU N 328 12.25 -71.98 -9.01
CA GLU N 328 11.79 -71.63 -7.67
C GLU N 328 12.43 -72.53 -6.62
N GLU N 329 12.51 -73.83 -6.90
CA GLU N 329 13.21 -74.73 -5.99
C GLU N 329 14.68 -74.40 -5.92
N GLN N 330 15.29 -74.02 -7.04
CA GLN N 330 16.71 -73.68 -7.02
C GLN N 330 16.97 -72.46 -6.16
N MET N 331 16.12 -71.44 -6.26
CA MET N 331 16.30 -70.18 -5.55
C MET N 331 15.56 -70.13 -4.22
N LYS N 332 14.86 -71.20 -3.86
CA LYS N 332 14.08 -71.21 -2.63
C LYS N 332 14.98 -70.97 -1.41
N TYR N 333 14.33 -70.72 -0.28
CA TYR N 333 15.04 -70.61 1.00
C TYR N 333 15.22 -72.00 1.57
N LYS N 334 16.47 -72.44 1.71
CA LYS N 334 16.79 -73.78 2.19
C LYS N 334 17.35 -73.68 3.60
N SER N 335 16.82 -74.51 4.50
CA SER N 335 17.21 -74.50 5.90
C SER N 335 17.43 -75.92 6.39
N GLU N 336 18.37 -76.07 7.33
CA GLU N 336 18.58 -77.36 7.96
C GLU N 336 17.35 -77.72 8.80
N GLY N 337 16.86 -78.94 8.63
CA GLY N 337 15.60 -79.32 9.24
C GLY N 337 15.72 -79.70 10.69
N LYS N 338 14.55 -79.86 11.31
CA LYS N 338 14.42 -80.34 12.68
C LYS N 338 15.31 -79.54 13.63
N CYS N 339 14.97 -78.26 13.76
CA CYS N 339 15.65 -77.35 14.66
C CYS N 339 14.73 -76.99 15.82
N PHE N 340 15.26 -77.06 17.03
CA PHE N 340 14.63 -76.52 18.23
C PHE N 340 15.74 -75.78 18.99
N SER N 341 15.93 -74.51 18.66
CA SER N 341 17.04 -73.72 19.17
C SER N 341 16.53 -72.61 20.06
N VAL N 342 17.37 -72.18 20.99
CA VAL N 342 17.01 -71.15 21.96
C VAL N 342 17.65 -69.85 21.51
N LEU N 343 16.86 -68.99 20.87
CA LEU N 343 17.35 -67.68 20.49
C LEU N 343 17.69 -66.84 21.72
N GLY N 344 16.85 -66.90 22.75
CA GLY N 344 17.13 -66.11 23.93
C GLY N 344 16.10 -66.32 25.01
N PHE N 345 16.22 -65.54 26.07
CA PHE N 345 15.32 -65.60 27.21
C PHE N 345 14.79 -64.20 27.51
N CYS N 346 13.48 -64.09 27.66
CA CYS N 346 12.82 -62.81 27.86
C CYS N 346 11.82 -62.89 28.99
N LYS N 347 11.58 -61.75 29.63
CA LYS N 347 10.63 -61.70 30.73
C LYS N 347 9.24 -62.10 30.25
N SER N 348 8.51 -62.81 31.11
CA SER N 348 7.19 -63.29 30.72
C SER N 348 6.25 -62.16 30.37
N SER N 349 6.46 -60.98 30.94
CA SER N 349 5.57 -59.85 30.66
C SER N 349 5.68 -59.38 29.23
N GLN N 350 6.83 -59.58 28.59
CA GLN N 350 7.03 -59.09 27.23
C GLN N 350 6.33 -59.95 26.18
N VAL N 351 5.93 -61.16 26.52
CA VAL N 351 5.22 -62.05 25.61
C VAL N 351 3.76 -62.06 26.05
N GLN N 352 2.89 -61.54 25.20
CA GLN N 352 1.47 -61.38 25.52
C GLN N 352 0.65 -62.42 24.76
N ARG N 353 -0.50 -62.79 25.35
CA ARG N 353 -1.30 -63.85 24.79
C ARG N 353 -1.94 -63.43 23.47
N ARG N 354 -2.27 -62.16 23.30
CA ARG N 354 -2.97 -61.72 22.11
C ARG N 354 -2.15 -61.88 20.84
N PHE N 355 -0.84 -62.10 20.97
CA PHE N 355 0.03 -62.24 19.81
C PHE N 355 0.30 -63.69 19.42
N PHE N 356 -0.17 -64.66 20.21
CA PHE N 356 0.03 -66.05 19.85
C PHE N 356 -0.57 -66.34 18.49
N MET N 357 0.16 -67.11 17.69
CA MET N 357 -0.26 -67.49 16.35
C MET N 357 -0.23 -69.01 16.22
N GLY N 358 -0.57 -69.48 15.03
CA GLY N 358 -0.50 -70.90 14.72
C GLY N 358 -1.84 -71.59 14.83
N ASN N 359 -1.77 -72.92 14.90
CA ASN N 359 -2.97 -73.74 15.05
C ASN N 359 -2.74 -74.90 15.99
N GLN N 360 -1.68 -74.87 16.80
CA GLN N 360 -1.36 -75.97 17.68
C GLN N 360 -0.61 -75.46 18.90
N VAL N 361 -0.63 -76.26 19.96
CA VAL N 361 0.16 -76.04 21.16
C VAL N 361 0.96 -77.32 21.40
N LEU N 362 2.27 -77.16 21.66
CA LEU N 362 3.15 -78.29 21.81
C LEU N 362 3.55 -78.46 23.26
N LYS N 363 3.63 -79.71 23.72
CA LYS N 363 4.14 -80.04 25.03
C LYS N 363 5.46 -80.79 24.86
N VAL N 364 6.51 -80.27 25.49
CA VAL N 364 7.87 -80.78 25.34
C VAL N 364 8.28 -81.43 26.66
N PHE N 365 8.62 -82.72 26.59
CA PHE N 365 9.13 -83.50 27.69
C PHE N 365 10.54 -83.97 27.39
N ALA N 366 11.21 -84.49 28.42
CA ALA N 366 12.49 -85.13 28.21
C ALA N 366 12.30 -86.44 27.45
N ALA N 367 13.34 -86.85 26.74
CA ALA N 367 13.27 -88.07 25.95
C ALA N 367 12.95 -89.25 26.85
N ARG N 368 12.15 -90.18 26.34
CA ARG N 368 11.71 -91.31 27.14
C ARG N 368 12.91 -92.16 27.56
N ASP N 369 12.89 -92.61 28.81
CA ASP N 369 13.96 -93.45 29.36
C ASP N 369 15.32 -92.77 29.22
N ASP N 370 15.42 -91.59 29.81
CA ASP N 370 16.66 -90.82 29.78
C ASP N 370 16.68 -89.94 31.03
N GLU N 371 17.42 -90.37 32.05
CA GLU N 371 17.42 -89.65 33.31
C GLU N 371 18.19 -88.34 33.20
N ALA N 372 19.30 -88.34 32.46
CA ALA N 372 20.10 -87.12 32.33
C ALA N 372 19.32 -86.02 31.64
N ALA N 373 18.61 -86.36 30.56
CA ALA N 373 17.79 -85.38 29.88
C ALA N 373 16.69 -84.86 30.79
N ALA N 374 16.11 -85.75 31.59
CA ALA N 374 15.09 -85.33 32.53
C ALA N 374 15.63 -84.31 33.52
N VAL N 375 16.82 -84.56 34.07
CA VAL N 375 17.40 -83.63 35.03
C VAL N 375 17.70 -82.29 34.36
N ALA N 376 18.24 -82.32 33.15
CA ALA N 376 18.54 -81.07 32.46
C ALA N 376 17.28 -80.25 32.21
N LEU N 377 16.23 -80.91 31.70
CA LEU N 377 15.01 -80.18 31.40
C LEU N 377 14.34 -79.68 32.66
N SER N 378 14.40 -80.46 33.75
CA SER N 378 13.83 -79.99 35.00
C SER N 378 14.57 -78.77 35.51
N SER N 379 15.90 -78.78 35.39
CA SER N 379 16.68 -77.61 35.79
C SER N 379 16.27 -76.39 35.00
N LEU N 380 16.14 -76.53 33.67
CA LEU N 380 15.75 -75.38 32.85
C LEU N 380 14.36 -74.88 33.22
N ILE N 381 13.41 -75.80 33.39
CA ILE N 381 12.04 -75.40 33.70
C ILE N 381 12.00 -74.66 35.02
N HIS N 382 12.66 -75.21 36.05
CA HIS N 382 12.62 -74.57 37.36
C HIS N 382 13.33 -73.23 37.34
N ALA N 383 14.44 -73.12 36.62
CA ALA N 383 15.12 -71.84 36.51
C ALA N 383 14.22 -70.78 35.89
N LEU N 384 13.59 -71.13 34.77
CA LEU N 384 12.72 -70.16 34.11
C LEU N 384 11.55 -69.78 35.00
N ASP N 385 10.95 -70.76 35.69
CA ASP N 385 9.83 -70.45 36.55
C ASP N 385 10.25 -69.53 37.70
N ASP N 386 11.41 -69.78 38.30
CA ASP N 386 11.87 -68.96 39.41
C ASP N 386 12.18 -67.54 38.96
N LEU N 387 12.84 -67.39 37.81
CA LEU N 387 13.23 -66.06 37.35
C LEU N 387 12.10 -65.32 36.65
N ASP N 388 10.95 -65.95 36.43
CA ASP N 388 9.84 -65.33 35.71
C ASP N 388 10.26 -64.98 34.29
N MET N 389 10.64 -66.01 33.53
CA MET N 389 11.17 -65.82 32.19
C MET N 389 10.68 -66.95 31.29
N VAL N 390 10.70 -66.67 29.99
CA VAL N 390 10.33 -67.62 28.96
C VAL N 390 11.43 -67.64 27.92
N ALA N 391 11.45 -68.68 27.09
CA ALA N 391 12.49 -68.89 26.11
C ALA N 391 11.94 -68.63 24.71
N ILE N 392 12.53 -67.68 24.00
CA ILE N 392 12.21 -67.44 22.60
C ILE N 392 13.09 -68.37 21.77
N VAL N 393 12.44 -69.22 20.97
CA VAL N 393 13.06 -70.36 20.30
C VAL N 393 12.65 -70.38 18.84
N ARG N 394 13.41 -71.15 18.06
CA ARG N 394 13.18 -71.36 16.64
C ARG N 394 12.76 -72.81 16.43
N TYR N 395 11.73 -73.02 15.62
CA TYR N 395 11.10 -74.32 15.48
C TYR N 395 10.95 -74.66 14.00
N ALA N 396 11.33 -75.89 13.63
CA ALA N 396 11.16 -76.38 12.26
C ALA N 396 10.81 -77.85 12.33
N TYR N 397 9.63 -78.21 11.81
CA TYR N 397 9.17 -79.59 11.90
C TYR N 397 10.09 -80.52 11.12
N ASP N 398 10.47 -80.14 9.91
CA ASP N 398 11.31 -80.96 9.06
C ASP N 398 11.92 -80.06 7.98
N LYS N 399 12.54 -80.68 6.98
CA LYS N 399 13.19 -79.91 5.92
C LYS N 399 12.17 -79.11 5.11
N ARG N 400 11.01 -79.69 4.85
CA ARG N 400 10.00 -79.05 4.01
C ARG N 400 9.11 -78.08 4.78
N ALA N 401 9.30 -77.93 6.08
CA ALA N 401 8.47 -77.04 6.89
C ALA N 401 9.12 -75.67 7.00
N ASN N 402 8.28 -74.63 6.95
CA ASN N 402 8.78 -73.28 7.08
C ASN N 402 9.26 -73.04 8.52
N PRO N 403 10.34 -72.29 8.71
CA PRO N 403 10.79 -71.99 10.07
C PRO N 403 9.80 -71.11 10.80
N GLN N 404 9.81 -71.23 12.12
CA GLN N 404 8.91 -70.50 13.00
C GLN N 404 9.67 -69.95 14.19
N VAL N 405 9.18 -68.84 14.74
CA VAL N 405 9.69 -68.26 15.97
C VAL N 405 8.57 -68.37 17.01
N GLY N 406 8.88 -69.01 18.14
CA GLY N 406 7.86 -69.27 19.14
C GLY N 406 8.39 -69.06 20.54
N VAL N 407 7.49 -69.23 21.51
CA VAL N 407 7.79 -69.07 22.92
C VAL N 407 7.56 -70.40 23.61
N ALA N 408 8.54 -70.81 24.41
CA ALA N 408 8.45 -71.97 25.29
C ALA N 408 8.44 -71.47 26.73
N PHE N 409 7.40 -71.82 27.47
CA PHE N 409 7.30 -71.41 28.86
C PHE N 409 7.07 -72.61 29.76
N PRO N 410 7.51 -72.52 31.02
CA PRO N 410 7.42 -73.68 31.91
C PRO N 410 5.99 -73.98 32.32
N HIS N 411 5.74 -75.25 32.62
CA HIS N 411 4.46 -75.69 33.15
C HIS N 411 4.76 -76.72 34.22
N ILE N 412 4.54 -76.34 35.47
CA ILE N 412 4.84 -77.18 36.63
C ILE N 412 3.52 -77.58 37.28
N LYS N 413 3.33 -78.89 37.44
CA LYS N 413 2.19 -79.44 38.15
C LYS N 413 2.68 -80.32 39.29
N HIS N 414 1.74 -80.79 40.10
CA HIS N 414 2.08 -81.59 41.27
C HIS N 414 2.64 -82.96 40.91
N ASN N 415 2.52 -83.39 39.66
CA ASN N 415 2.96 -84.73 39.28
C ASN N 415 3.91 -84.70 38.08
N TYR N 416 3.69 -83.77 37.15
CA TYR N 416 4.50 -83.67 35.93
C TYR N 416 4.87 -82.22 35.68
N GLU N 417 6.03 -82.03 35.06
CA GLU N 417 6.51 -80.70 34.67
C GLU N 417 7.11 -80.78 33.28
N CYS N 418 6.87 -79.76 32.47
CA CYS N 418 7.26 -79.79 31.07
C CYS N 418 7.38 -78.36 30.54
N LEU N 419 7.69 -78.24 29.26
CA LEU N 419 7.66 -76.96 28.56
C LEU N 419 6.45 -76.93 27.63
N VAL N 420 5.88 -75.75 27.43
CA VAL N 420 4.77 -75.57 26.51
C VAL N 420 5.20 -74.55 25.45
N TYR N 421 5.06 -74.93 24.19
CA TYR N 421 5.51 -74.14 23.05
C TYR N 421 4.30 -73.65 22.26
N VAL N 422 4.29 -72.35 21.97
CA VAL N 422 3.26 -71.74 21.13
C VAL N 422 3.93 -70.74 20.21
N GLN N 423 3.46 -70.68 18.96
CA GLN N 423 4.10 -69.84 17.96
C GLN N 423 3.84 -68.36 18.24
N LEU N 424 4.72 -67.53 17.71
CA LEU N 424 4.71 -66.09 17.89
C LEU N 424 4.77 -65.42 16.53
N PRO N 425 4.33 -64.17 16.44
CA PRO N 425 4.16 -63.54 15.13
C PRO N 425 5.47 -63.04 14.54
N PHE N 426 5.44 -62.84 13.22
CA PHE N 426 6.50 -62.18 12.49
C PHE N 426 6.14 -60.71 12.29
N MET N 427 7.06 -59.96 11.69
CA MET N 427 6.79 -58.56 11.42
C MET N 427 5.64 -58.40 10.42
N GLU N 428 5.61 -59.25 9.40
CA GLU N 428 4.60 -59.10 8.35
C GLU N 428 3.20 -59.43 8.83
N ASP N 429 3.06 -60.23 9.89
CA ASP N 429 1.76 -60.67 10.34
C ASP N 429 1.06 -59.68 11.26
N LEU N 430 1.75 -58.65 11.73
CA LEU N 430 1.16 -57.67 12.63
C LEU N 430 0.43 -56.60 11.84
N ARG N 431 -0.74 -56.21 12.33
CA ARG N 431 -1.57 -55.19 11.71
C ARG N 431 -1.70 -54.01 12.66
N GLN N 432 -1.40 -52.82 12.16
CA GLN N 432 -1.42 -51.60 12.97
C GLN N 432 -2.67 -50.81 12.61
N TYR N 433 -3.75 -51.07 13.34
CA TYR N 433 -4.99 -50.34 13.22
C TYR N 433 -5.14 -49.38 14.39
N MET N 434 -5.72 -48.21 14.13
CA MET N 434 -5.93 -47.19 15.13
C MET N 434 -7.41 -47.10 15.45
N PHE N 435 -7.74 -47.08 16.74
CA PHE N 435 -9.12 -47.03 17.20
C PHE N 435 -9.28 -45.88 18.18
N SER N 436 -10.44 -45.24 18.14
CA SER N 436 -10.69 -44.11 19.03
C SER N 436 -10.83 -44.58 20.47
N SER N 437 -10.48 -43.69 21.39
CA SER N 437 -10.57 -44.00 22.81
C SER N 437 -11.99 -43.75 23.32
N LEU N 438 -12.48 -44.69 24.13
CA LEU N 438 -13.82 -44.56 24.69
C LEU N 438 -13.82 -43.95 26.08
N LYS N 439 -12.70 -44.03 26.80
CA LYS N 439 -12.65 -43.48 28.15
C LYS N 439 -12.87 -41.96 28.14
N ASN N 440 -12.25 -41.27 27.19
CA ASN N 440 -12.29 -39.82 27.12
C ASN N 440 -13.23 -39.31 26.03
N SER N 441 -14.19 -40.13 25.61
CA SER N 441 -15.17 -39.71 24.62
C SER N 441 -16.37 -39.08 25.33
N LYS N 442 -16.61 -37.80 25.04
CA LYS N 442 -17.73 -37.11 25.69
C LYS N 442 -19.07 -37.67 25.24
N LYS N 443 -19.16 -38.13 23.99
CA LYS N 443 -20.44 -38.62 23.47
C LYS N 443 -20.90 -39.86 24.21
N TYR N 444 -19.98 -40.77 24.54
CA TYR N 444 -20.29 -42.08 25.05
C TYR N 444 -19.82 -42.27 26.48
N ALA N 445 -20.05 -41.26 27.32
CA ALA N 445 -19.63 -41.33 28.72
C ALA N 445 -20.75 -41.95 29.54
N PRO N 446 -20.55 -43.12 30.16
CA PRO N 446 -21.62 -43.69 30.99
C PRO N 446 -21.83 -42.90 32.27
N THR N 447 -23.04 -43.00 32.80
CA THR N 447 -23.39 -42.37 34.06
C THR N 447 -23.26 -43.37 35.20
N GLU N 448 -23.45 -42.88 36.42
CA GLU N 448 -23.31 -43.74 37.60
C GLU N 448 -24.36 -44.84 37.61
N ALA N 449 -25.61 -44.50 37.29
CA ALA N 449 -26.68 -45.50 37.33
C ALA N 449 -26.43 -46.61 36.32
N GLN N 450 -25.97 -46.25 35.11
CA GLN N 450 -25.68 -47.25 34.11
C GLN N 450 -24.58 -48.20 34.58
N LEU N 451 -23.52 -47.65 35.18
CA LEU N 451 -22.44 -48.49 35.67
C LEU N 451 -22.91 -49.39 36.79
N ASN N 452 -23.79 -48.89 37.66
CA ASN N 452 -24.33 -49.73 38.72
C ASN N 452 -25.16 -50.88 38.15
N ALA N 453 -25.96 -50.59 37.13
CA ALA N 453 -26.74 -51.65 36.49
C ALA N 453 -25.81 -52.70 35.87
N VAL N 454 -24.74 -52.26 35.22
CA VAL N 454 -23.82 -53.23 34.62
C VAL N 454 -23.10 -54.04 35.70
N ASP N 455 -22.78 -53.41 36.82
CA ASP N 455 -22.16 -54.14 37.93
C ASP N 455 -23.10 -55.21 38.46
N ALA N 456 -24.39 -54.85 38.62
CA ALA N 456 -25.36 -55.82 39.07
C ALA N 456 -25.48 -56.97 38.08
N LEU N 457 -25.47 -56.67 36.78
CA LEU N 457 -25.53 -57.72 35.78
C LEU N 457 -24.33 -58.66 35.89
N ILE N 458 -23.13 -58.08 36.02
CA ILE N 458 -21.92 -58.90 36.10
C ILE N 458 -21.95 -59.78 37.33
N ASP N 459 -22.48 -59.25 38.44
CA ASP N 459 -22.53 -60.04 39.67
C ASP N 459 -23.60 -61.11 39.62
N SER N 460 -24.69 -60.87 38.87
CA SER N 460 -25.77 -61.84 38.80
C SER N 460 -25.45 -63.01 37.89
N MET N 461 -24.68 -62.78 36.83
CA MET N 461 -24.38 -63.82 35.85
C MET N 461 -23.04 -64.51 36.12
N SER N 462 -22.57 -64.52 37.36
CA SER N 462 -21.31 -65.15 37.67
C SER N 462 -21.37 -66.64 37.37
N LEU N 463 -20.34 -67.14 36.69
CA LEU N 463 -20.23 -68.55 36.34
C LEU N 463 -19.19 -69.28 37.17
N ALA N 464 -18.79 -68.69 38.29
CA ALA N 464 -17.84 -69.33 39.20
C ALA N 464 -18.30 -69.08 40.62
N LYS N 465 -18.16 -70.10 41.47
CA LYS N 465 -18.58 -70.04 42.86
C LYS N 465 -17.36 -70.06 43.76
N LYS N 466 -17.30 -69.12 44.70
CA LYS N 466 -16.16 -69.00 45.62
C LYS N 466 -16.50 -69.71 46.92
N ASP N 467 -16.05 -70.96 47.05
CA ASP N 467 -16.21 -71.68 48.29
C ASP N 467 -15.29 -71.09 49.35
N GLU N 468 -15.88 -70.62 50.45
CA GLU N 468 -15.10 -69.96 51.50
C GLU N 468 -14.33 -70.95 52.36
N LYS N 469 -14.89 -72.15 52.58
CA LYS N 469 -14.22 -73.13 53.42
C LYS N 469 -12.81 -73.43 52.90
N THR N 470 -12.70 -73.75 51.61
CA THR N 470 -11.42 -73.96 50.96
C THR N 470 -10.90 -72.71 50.26
N ASP N 471 -11.67 -71.64 50.24
CA ASP N 471 -11.31 -70.42 49.53
C ASP N 471 -10.90 -70.75 48.09
N THR N 472 -11.75 -71.51 47.41
CA THR N 472 -11.45 -72.04 46.09
C THR N 472 -12.56 -71.69 45.11
N LEU N 473 -12.18 -71.51 43.84
CA LEU N 473 -13.11 -71.19 42.78
C LEU N 473 -13.57 -72.48 42.10
N GLU N 474 -14.88 -72.64 41.95
CA GLU N 474 -15.47 -73.78 41.26
C GLU N 474 -16.16 -73.30 40.01
N ASP N 475 -15.90 -73.97 38.89
CA ASP N 475 -16.42 -73.58 37.59
C ASP N 475 -17.80 -74.21 37.39
N LEU N 476 -18.83 -73.36 37.31
CA LEU N 476 -20.18 -73.86 37.13
C LEU N 476 -20.43 -74.34 35.71
N PHE N 477 -19.74 -73.75 34.74
CA PHE N 477 -19.95 -74.04 33.32
C PHE N 477 -18.61 -74.32 32.66
N PRO N 478 -18.05 -75.52 32.87
CA PRO N 478 -16.75 -75.83 32.24
C PRO N 478 -16.88 -76.10 30.75
N THR N 479 -16.29 -75.24 29.93
CA THR N 479 -16.42 -75.37 28.49
C THR N 479 -15.53 -76.47 27.92
N THR N 480 -14.42 -76.78 28.59
CA THR N 480 -13.49 -77.76 28.07
C THR N 480 -13.95 -79.20 28.26
N LYS N 481 -15.07 -79.41 28.94
CA LYS N 481 -15.63 -80.75 29.14
C LYS N 481 -16.87 -81.00 28.30
N ILE N 482 -17.16 -80.12 27.35
CA ILE N 482 -18.33 -80.26 26.48
C ILE N 482 -17.86 -80.86 25.16
N PRO N 483 -18.39 -82.01 24.74
CA PRO N 483 -18.02 -82.55 23.42
C PRO N 483 -18.50 -81.62 22.31
N ASN N 484 -17.79 -81.67 21.19
CA ASN N 484 -18.13 -80.85 20.05
C ASN N 484 -19.53 -81.22 19.57
N PRO N 485 -20.49 -80.28 19.54
CA PRO N 485 -21.84 -80.65 19.09
C PRO N 485 -21.90 -81.05 17.63
N ARG N 486 -20.93 -80.61 16.82
CA ARG N 486 -20.97 -80.90 15.39
C ARG N 486 -20.94 -82.41 15.14
N PHE N 487 -20.06 -83.11 15.84
CA PHE N 487 -19.97 -84.56 15.63
C PHE N 487 -21.19 -85.28 16.16
N GLN N 488 -21.77 -84.79 17.27
CA GLN N 488 -23.02 -85.36 17.76
C GLN N 488 -24.10 -85.26 16.69
N ARG N 489 -24.25 -84.07 16.10
CA ARG N 489 -25.24 -83.89 15.06
C ARG N 489 -24.97 -84.80 13.87
N LEU N 490 -23.71 -84.87 13.44
CA LEU N 490 -23.38 -85.67 12.27
C LEU N 490 -23.71 -87.13 12.49
N PHE N 491 -23.31 -87.68 13.64
CA PHE N 491 -23.55 -89.09 13.89
C PHE N 491 -25.04 -89.38 14.09
N GLN N 492 -25.76 -88.47 14.75
CA GLN N 492 -27.20 -88.65 14.88
C GLN N 492 -27.86 -88.73 13.51
N CYS N 493 -27.51 -87.80 12.62
CA CYS N 493 -28.11 -87.79 11.29
C CYS N 493 -27.75 -89.06 10.52
N LEU N 494 -26.48 -89.48 10.57
CA LEU N 494 -26.09 -90.67 9.85
C LEU N 494 -26.83 -91.91 10.35
N LEU N 495 -26.94 -92.05 11.67
CA LEU N 495 -27.65 -93.20 12.23
C LEU N 495 -29.11 -93.18 11.82
N HIS N 496 -29.76 -92.02 11.94
CA HIS N 496 -31.17 -91.93 11.58
C HIS N 496 -31.38 -92.27 10.12
N ARG N 497 -30.44 -91.87 9.26
CA ARG N 497 -30.57 -92.21 7.84
C ARG N 497 -30.38 -93.70 7.61
N ALA N 498 -29.43 -94.31 8.32
CA ALA N 498 -29.18 -95.73 8.13
C ALA N 498 -30.37 -96.57 8.57
N LEU N 499 -30.99 -96.21 9.68
CA LEU N 499 -32.11 -97.00 10.21
C LEU N 499 -33.46 -96.59 9.63
N HIS N 500 -33.56 -95.41 9.05
CA HIS N 500 -34.81 -94.94 8.42
C HIS N 500 -34.47 -94.37 7.05
N PRO N 501 -34.27 -95.23 6.06
CA PRO N 501 -33.69 -94.75 4.79
C PRO N 501 -34.47 -93.63 4.13
N ARG N 502 -35.79 -93.65 4.19
CA ARG N 502 -36.63 -92.66 3.52
C ARG N 502 -37.35 -91.86 4.60
N GLU N 503 -36.72 -90.80 5.06
CA GLU N 503 -37.28 -89.98 6.12
C GLU N 503 -36.49 -88.68 6.26
N PRO N 504 -37.12 -87.55 6.52
CA PRO N 504 -36.36 -86.31 6.69
C PRO N 504 -35.54 -86.33 7.96
N LEU N 505 -34.47 -85.54 7.96
CA LEU N 505 -33.55 -85.52 9.09
C LEU N 505 -34.24 -84.95 10.33
N PRO N 506 -33.84 -85.38 11.52
CA PRO N 506 -34.51 -84.92 12.73
C PRO N 506 -33.98 -83.57 13.16
N PRO N 507 -34.50 -83.01 14.26
CA PRO N 507 -33.94 -81.78 14.81
C PRO N 507 -32.81 -82.08 15.78
N ILE N 508 -32.18 -80.99 16.26
CA ILE N 508 -31.12 -81.13 17.24
C ILE N 508 -31.70 -81.65 18.55
N GLN N 509 -31.01 -82.60 19.16
CA GLN N 509 -31.49 -83.19 20.39
C GLN N 509 -31.54 -82.15 21.51
N GLN N 510 -32.46 -82.35 22.44
CA GLN N 510 -32.61 -81.41 23.54
C GLN N 510 -31.38 -81.38 24.42
N HIS N 511 -30.76 -82.54 24.68
CA HIS N 511 -29.64 -82.56 25.60
C HIS N 511 -28.42 -81.84 25.02
N ILE N 512 -28.28 -81.81 23.70
CA ILE N 512 -27.21 -81.01 23.10
C ILE N 512 -27.41 -79.53 23.44
N TRP N 513 -28.64 -79.04 23.25
CA TRP N 513 -28.93 -77.66 23.58
C TRP N 513 -28.71 -77.40 25.06
N ASN N 514 -29.10 -78.35 25.91
CA ASN N 514 -28.91 -78.19 27.34
C ASN N 514 -27.43 -78.07 27.69
N MET N 515 -26.57 -78.87 27.05
CA MET N 515 -25.15 -78.84 27.36
C MET N 515 -24.43 -77.70 26.66
N LEU N 516 -25.05 -77.02 25.70
CA LEU N 516 -24.50 -75.79 25.16
C LEU N 516 -25.04 -74.54 25.84
N ASN N 517 -25.98 -74.68 26.77
CA ASN N 517 -26.58 -73.58 27.49
C ASN N 517 -26.16 -73.61 28.96
N PRO N 518 -26.21 -72.48 29.65
CA PRO N 518 -25.75 -72.43 31.04
C PRO N 518 -26.78 -73.03 31.98
N PRO N 519 -26.39 -73.32 33.22
CA PRO N 519 -27.36 -73.86 34.17
C PRO N 519 -28.49 -72.89 34.42
N ALA N 520 -29.67 -73.45 34.75
CA ALA N 520 -30.88 -72.64 34.84
C ALA N 520 -30.78 -71.57 35.91
N GLU N 521 -29.95 -71.79 36.93
CA GLU N 521 -29.84 -70.81 38.02
C GLU N 521 -29.33 -69.47 37.50
N VAL N 522 -28.32 -69.50 36.63
CA VAL N 522 -27.75 -68.27 36.11
C VAL N 522 -28.80 -67.48 35.34
N THR N 523 -29.57 -68.16 34.49
CA THR N 523 -30.61 -67.48 33.74
C THR N 523 -31.68 -66.93 34.68
N THR N 524 -32.05 -67.69 35.71
CA THR N 524 -33.09 -67.24 36.63
C THR N 524 -32.66 -65.99 37.38
N LYS N 525 -31.40 -65.93 37.81
CA LYS N 525 -30.96 -64.80 38.61
C LYS N 525 -30.78 -63.52 37.80
N SER N 526 -30.63 -63.63 36.48
CA SER N 526 -30.19 -62.50 35.67
C SER N 526 -31.33 -61.72 35.02
N GLN N 527 -32.58 -62.05 35.33
CA GLN N 527 -33.69 -61.41 34.64
C GLN N 527 -33.87 -59.96 35.08
N ILE N 528 -33.83 -59.71 36.39
CA ILE N 528 -34.08 -58.37 36.91
C ILE N 528 -32.96 -57.43 36.48
N PRO N 529 -31.69 -57.82 36.62
CA PRO N 529 -30.63 -56.95 36.11
C PRO N 529 -30.77 -56.65 34.62
N LEU N 530 -31.18 -57.64 33.82
CA LEU N 530 -31.33 -57.42 32.40
C LEU N 530 -32.46 -56.43 32.12
N SER N 531 -33.56 -56.53 32.87
CA SER N 531 -34.64 -55.57 32.70
C SER N 531 -34.17 -54.17 33.06
N LYS N 532 -33.41 -54.04 34.14
CA LYS N 532 -32.88 -52.72 34.51
C LYS N 532 -31.98 -52.17 33.41
N ILE N 533 -31.11 -53.03 32.85
CA ILE N 533 -30.20 -52.57 31.80
C ILE N 533 -30.99 -52.14 30.56
N LYS N 534 -32.03 -52.89 30.22
CA LYS N 534 -32.88 -52.50 29.10
C LYS N 534 -33.51 -51.14 29.36
N THR N 535 -33.91 -50.87 30.61
CA THR N 535 -34.55 -49.60 30.92
C THR N 535 -33.56 -48.44 30.85
N LEU N 536 -32.33 -48.64 31.33
CA LEU N 536 -31.40 -47.52 31.43
C LEU N 536 -30.68 -47.21 30.12
N PHE N 537 -30.52 -48.20 29.23
CA PHE N 537 -29.74 -48.02 28.02
C PHE N 537 -30.67 -47.89 26.82
N PRO N 538 -30.74 -46.73 26.16
CA PRO N 538 -31.55 -46.63 24.93
C PRO N 538 -30.79 -47.18 23.73
N LEU N 539 -31.35 -48.21 23.09
CA LEU N 539 -30.77 -48.82 21.89
C LEU N 539 -31.79 -48.74 20.77
N ILE N 540 -31.41 -48.10 19.66
CA ILE N 540 -32.31 -47.86 18.54
C ILE N 540 -31.68 -48.46 17.30
N GLU N 541 -32.33 -49.47 16.73
CA GLU N 541 -31.85 -50.06 15.49
C GLU N 541 -31.96 -49.04 14.37
N ALA N 542 -30.97 -49.06 13.46
CA ALA N 542 -30.94 -48.14 12.34
C ALA N 542 -30.98 -48.91 11.02
N VAL O 3 52.11 26.85 10.36
CA VAL O 3 53.05 26.05 11.20
C VAL O 3 52.30 25.50 12.42
N MET O 4 52.36 26.21 13.55
CA MET O 4 51.66 25.76 14.75
C MET O 4 50.15 25.76 14.51
N GLU O 5 49.63 26.80 13.86
CA GLU O 5 48.21 26.84 13.54
C GLU O 5 47.83 25.69 12.61
N GLU O 6 48.68 25.40 11.63
CA GLU O 6 48.41 24.29 10.73
C GLU O 6 48.35 22.97 11.50
N LEU O 7 49.29 22.76 12.41
CA LEU O 7 49.29 21.52 13.19
C LEU O 7 48.03 21.43 14.04
N GLU O 8 47.64 22.52 14.69
CA GLU O 8 46.45 22.49 15.54
C GLU O 8 45.20 22.18 14.72
N GLN O 9 45.03 22.86 13.59
CA GLN O 9 43.85 22.62 12.76
C GLN O 9 43.83 21.19 12.24
N GLY O 10 44.98 20.70 11.77
CA GLY O 10 45.04 19.33 11.29
C GLY O 10 44.65 18.34 12.38
N LEU O 11 45.23 18.50 13.57
CA LEU O 11 44.88 17.60 14.66
C LEU O 11 43.40 17.67 14.97
N LEU O 12 42.81 18.86 14.84
CA LEU O 12 41.37 18.98 15.05
C LEU O 12 40.58 18.17 14.03
N MET O 13 41.03 18.18 12.77
CA MET O 13 40.23 17.57 11.70
C MET O 13 40.40 16.05 11.60
N GLN O 14 41.33 15.44 12.32
CA GLN O 14 41.57 14.01 12.17
C GLN O 14 40.60 13.18 13.01
N PRO O 15 40.42 11.91 12.64
CA PRO O 15 39.61 11.01 13.45
C PRO O 15 40.45 10.27 14.50
N TRP O 16 39.74 9.67 15.45
CA TRP O 16 40.39 8.88 16.49
C TRP O 16 40.74 7.49 15.96
N ALA O 17 41.83 6.94 16.48
CA ALA O 17 42.28 5.61 16.12
C ALA O 17 42.57 4.82 17.39
N TRP O 18 42.48 3.50 17.27
CA TRP O 18 42.68 2.61 18.41
C TRP O 18 44.05 1.96 18.31
N LEU O 19 44.79 2.01 19.43
CA LEU O 19 46.13 1.44 19.50
C LEU O 19 46.13 0.33 20.55
N GLN O 20 46.53 -0.87 20.13
CA GLN O 20 46.73 -1.99 21.03
C GLN O 20 48.21 -2.07 21.37
N LEU O 21 48.54 -2.15 22.66
CA LEU O 21 49.92 -2.08 23.08
C LEU O 21 50.07 -2.71 24.45
N ALA O 22 50.98 -3.67 24.57
CA ALA O 22 51.39 -4.26 25.83
C ALA O 22 50.19 -4.52 26.75
N GLU O 23 49.28 -5.36 26.26
CA GLU O 23 48.10 -5.76 27.03
C GLU O 23 47.36 -4.54 27.57
N ASN O 24 47.13 -3.57 26.69
CA ASN O 24 46.39 -2.38 27.05
C ASN O 24 45.98 -1.66 25.77
N SER O 25 45.13 -0.65 25.93
CA SER O 25 44.55 0.07 24.80
C SER O 25 44.70 1.56 24.99
N LEU O 26 44.78 2.28 23.86
CA LEU O 26 44.81 3.73 23.86
C LEU O 26 44.03 4.23 22.66
N LEU O 27 43.59 5.48 22.74
CA LEU O 27 42.97 6.18 21.62
C LEU O 27 43.88 7.33 21.22
N ALA O 28 44.23 7.39 19.94
CA ALA O 28 45.26 8.30 19.47
C ALA O 28 44.80 9.09 18.25
N LYS O 29 45.25 10.33 18.18
CA LYS O 29 45.11 11.18 17.02
C LYS O 29 46.48 11.80 16.74
N VAL O 30 46.98 11.60 15.52
CA VAL O 30 48.31 12.06 15.15
C VAL O 30 48.22 12.86 13.86
N PHE O 31 48.84 14.03 13.83
CA PHE O 31 48.97 14.84 12.63
C PHE O 31 50.44 15.21 12.47
N ILE O 32 51.08 14.69 11.43
CA ILE O 32 52.51 14.88 11.21
C ILE O 32 52.69 15.61 9.88
N THR O 33 53.46 16.70 9.90
CA THR O 33 53.80 17.43 8.70
C THR O 33 55.29 17.73 8.73
N LYS O 34 55.81 18.17 7.60
CA LYS O 34 57.26 18.37 7.47
C LYS O 34 57.80 19.35 8.50
N GLN O 35 56.95 20.21 9.05
CA GLN O 35 57.40 21.20 10.03
C GLN O 35 57.35 20.69 11.46
N GLY O 36 56.65 19.60 11.74
CA GLY O 36 56.52 19.13 13.10
C GLY O 36 55.42 18.10 13.21
N TYR O 37 54.92 17.94 14.43
CA TYR O 37 53.84 16.98 14.63
C TYR O 37 53.07 17.31 15.89
N ALA O 38 51.84 16.79 15.94
CA ALA O 38 50.94 16.96 17.07
C ALA O 38 50.27 15.62 17.36
N LEU O 39 50.17 15.29 18.65
CA LEU O 39 49.67 14.01 19.09
C LEU O 39 48.75 14.20 20.28
N LEU O 40 47.64 13.45 20.28
CA LEU O 40 46.68 13.45 21.36
C LEU O 40 46.35 12.00 21.71
N VAL O 41 46.58 11.63 22.96
CA VAL O 41 46.39 10.27 23.44
C VAL O 41 45.36 10.29 24.56
N SER O 42 44.62 9.19 24.70
CA SER O 42 43.60 9.10 25.73
C SER O 42 43.40 7.64 26.10
N ASP O 43 42.88 7.44 27.31
CA ASP O 43 42.52 6.11 27.79
C ASP O 43 41.19 6.13 28.52
N LEU O 44 40.33 7.09 28.18
CA LEU O 44 39.00 7.28 28.76
C LEU O 44 39.04 7.66 30.23
N GLN O 45 40.21 8.03 30.76
CA GLN O 45 40.30 8.56 32.12
C GLN O 45 41.07 9.87 32.11
N GLN O 46 42.06 9.99 31.24
CA GLN O 46 42.85 11.21 31.12
C GLN O 46 43.21 11.43 29.66
N VAL O 47 43.64 12.64 29.35
CA VAL O 47 44.03 13.03 28.00
C VAL O 47 45.42 13.63 28.04
N TRP O 48 46.22 13.34 27.01
CA TRP O 48 47.59 13.78 26.91
C TRP O 48 47.82 14.40 25.54
N HIS O 49 48.66 15.43 25.49
CA HIS O 49 48.89 16.21 24.28
C HIS O 49 50.37 16.50 24.13
N GLU O 50 50.83 16.56 22.88
CA GLU O 50 52.23 16.90 22.60
C GLU O 50 52.33 17.53 21.23
N GLN O 51 52.80 18.77 21.18
CA GLN O 51 53.09 19.47 19.93
C GLN O 51 54.57 19.74 19.87
N VAL O 52 55.21 19.34 18.78
CA VAL O 52 56.66 19.39 18.66
C VAL O 52 57.03 20.01 17.31
N ASP O 53 58.02 20.89 17.34
CA ASP O 53 58.58 21.54 16.16
C ASP O 53 59.82 20.77 15.69
N THR O 54 60.57 21.37 14.75
CA THR O 54 61.62 20.65 14.06
C THR O 54 62.85 20.43 14.94
N SER O 55 63.27 21.44 15.68
CA SER O 55 64.52 21.34 16.42
C SER O 55 64.47 20.24 17.46
N VAL O 56 63.34 20.13 18.17
CA VAL O 56 63.19 19.07 19.16
C VAL O 56 63.28 17.71 18.50
N VAL O 57 62.65 17.56 17.33
CA VAL O 57 62.70 16.28 16.63
C VAL O 57 64.15 15.93 16.28
N SER O 58 64.89 16.90 15.74
CA SER O 58 66.27 16.62 15.36
C SER O 58 67.11 16.22 16.57
N GLN O 59 66.95 16.95 17.69
CA GLN O 59 67.72 16.64 18.88
C GLN O 59 67.40 15.24 19.39
N ARG O 60 66.11 14.92 19.51
CA ARG O 60 65.73 13.60 20.02
C ARG O 60 66.19 12.50 19.08
N ALA O 61 66.08 12.71 17.76
CA ALA O 61 66.53 11.71 16.81
C ALA O 61 68.02 11.46 16.95
N LYS O 62 68.82 12.51 17.11
CA LYS O 62 70.24 12.32 17.32
C LYS O 62 70.51 11.55 18.61
N GLU O 63 69.76 11.86 19.67
CA GLU O 63 70.02 11.20 20.95
C GLU O 63 69.70 9.71 20.86
N LEU O 64 68.45 9.36 20.57
CA LEU O 64 68.04 7.97 20.61
C LEU O 64 68.72 7.17 19.51
N ASN O 65 68.47 7.52 18.25
CA ASN O 65 69.10 6.84 17.12
C ASN O 65 70.50 7.42 16.95
N LYS O 66 71.47 6.78 17.60
CA LYS O 66 72.83 7.30 17.57
C LYS O 66 73.42 7.22 16.17
N ARG O 67 73.13 6.16 15.44
CA ARG O 67 73.76 5.91 14.16
C ARG O 67 72.93 6.42 12.98
N LEU O 68 71.76 7.01 13.24
CA LEU O 68 70.96 7.64 12.19
C LEU O 68 71.37 9.09 12.02
N THR O 69 71.53 9.49 10.76
CA THR O 69 71.82 10.87 10.39
C THR O 69 70.89 11.25 9.25
N ALA O 70 69.79 11.91 9.56
CA ALA O 70 68.81 12.30 8.57
C ALA O 70 68.29 13.69 8.89
N PRO O 71 67.81 14.42 7.88
CA PRO O 71 67.17 15.70 8.14
C PRO O 71 65.84 15.51 8.85
N PRO O 72 65.36 16.52 9.58
CA PRO O 72 64.08 16.35 10.27
C PRO O 72 62.93 16.00 9.34
N ALA O 73 62.92 16.54 8.12
CA ALA O 73 61.82 16.25 7.20
C ALA O 73 61.74 14.76 6.89
N ALA O 74 62.90 14.15 6.59
CA ALA O 74 62.91 12.72 6.30
C ALA O 74 62.48 11.92 7.52
N PHE O 75 62.92 12.31 8.71
CA PHE O 75 62.54 11.59 9.91
C PHE O 75 61.04 11.64 10.15
N LEU O 76 60.44 12.82 10.00
CA LEU O 76 59.00 12.93 10.19
C LEU O 76 58.25 12.15 9.11
N CYS O 77 58.76 12.16 7.88
CA CYS O 77 58.10 11.37 6.83
C CYS O 77 58.12 9.89 7.17
N HIS O 78 59.27 9.39 7.65
CA HIS O 78 59.35 7.98 8.03
C HIS O 78 58.43 7.68 9.21
N LEU O 79 58.35 8.60 10.17
CA LEU O 79 57.45 8.39 11.29
C LEU O 79 55.99 8.33 10.83
N ASP O 80 55.62 9.19 9.89
CA ASP O 80 54.26 9.15 9.35
C ASP O 80 54.00 7.83 8.64
N ASN O 81 54.95 7.39 7.81
CA ASN O 81 54.76 6.12 7.11
C ASN O 81 54.66 4.97 8.09
N LEU O 82 55.34 5.06 9.23
CA LEU O 82 55.28 4.00 10.22
C LEU O 82 53.97 4.01 11.01
N LEU O 83 53.46 5.19 11.35
CA LEU O 83 52.30 5.28 12.23
C LEU O 83 50.98 5.22 11.47
N ARG O 84 50.85 5.97 10.39
CA ARG O 84 49.57 6.04 9.68
C ARG O 84 49.01 4.67 9.32
N PRO O 85 49.78 3.71 8.81
CA PRO O 85 49.18 2.40 8.51
C PRO O 85 48.50 1.76 9.70
N LEU O 86 49.09 1.88 10.90
CA LEU O 86 48.50 1.26 12.07
C LEU O 86 47.24 1.99 12.52
N LEU O 87 47.29 3.32 12.54
CA LEU O 87 46.12 4.09 12.97
C LEU O 87 44.96 3.91 12.02
N LYS O 88 45.21 3.96 10.70
CA LYS O 88 44.14 3.86 9.74
C LYS O 88 43.44 2.50 9.80
N ASP O 89 44.23 1.43 9.87
CA ASP O 89 43.67 0.09 9.90
C ASP O 89 44.63 -0.83 10.62
N ALA O 90 44.09 -1.71 11.47
CA ALA O 90 44.91 -2.65 12.22
C ALA O 90 45.20 -3.88 11.36
N ALA O 91 45.86 -4.87 11.97
CA ALA O 91 46.20 -6.13 11.32
C ALA O 91 47.12 -5.93 10.12
N HIS O 92 47.76 -4.77 10.02
CA HIS O 92 48.68 -4.52 8.92
C HIS O 92 49.94 -5.34 9.12
N PRO O 93 50.58 -5.80 8.03
CA PRO O 93 51.85 -6.53 8.18
C PRO O 93 53.04 -5.60 8.30
N SER O 94 53.05 -4.82 9.39
CA SER O 94 54.11 -3.87 9.67
C SER O 94 54.65 -4.11 11.07
N GLU O 95 55.95 -3.91 11.24
CA GLU O 95 56.61 -4.13 12.53
C GLU O 95 56.64 -2.81 13.28
N ALA O 96 55.81 -2.69 14.31
CA ALA O 96 55.77 -1.47 15.12
C ALA O 96 55.22 -1.84 16.49
N THR O 97 56.10 -1.94 17.47
CA THR O 97 55.73 -2.24 18.85
C THR O 97 55.62 -0.96 19.64
N PHE O 98 54.57 -0.86 20.44
CA PHE O 98 54.30 0.30 21.27
C PHE O 98 54.35 -0.09 22.74
N SER O 99 54.74 0.86 23.58
CA SER O 99 54.74 0.66 25.02
C SER O 99 54.44 2.00 25.70
N CYS O 100 53.94 1.92 26.92
CA CYS O 100 53.63 3.12 27.70
C CYS O 100 54.23 3.01 29.09
N ASP O 101 54.78 4.12 29.56
CA ASP O 101 55.22 4.28 30.93
C ASP O 101 54.36 5.32 31.63
N CYS O 102 54.71 5.64 32.87
CA CYS O 102 53.95 6.62 33.63
C CYS O 102 54.86 7.33 34.61
N VAL O 103 54.54 8.59 34.88
CA VAL O 103 55.21 9.42 35.86
C VAL O 103 54.11 10.16 36.63
N ALA O 104 54.53 11.08 37.50
CA ALA O 104 53.55 11.84 38.27
C ALA O 104 52.46 12.42 37.37
N ASP O 105 52.85 13.02 36.25
CA ASP O 105 51.89 13.60 35.32
C ASP O 105 52.10 13.13 33.89
N ALA O 106 53.35 12.94 33.46
CA ALA O 106 53.64 12.71 32.05
C ALA O 106 53.37 11.25 31.67
N LEU O 107 53.37 11.01 30.35
CA LEU O 107 53.29 9.68 29.79
C LEU O 107 54.33 9.56 28.69
N ILE O 108 55.13 8.50 28.76
CA ILE O 108 56.15 8.24 27.76
C ILE O 108 55.64 7.09 26.90
N LEU O 109 55.39 7.36 25.63
CA LEU O 109 54.92 6.38 24.67
C LEU O 109 56.08 6.02 23.76
N ARG O 110 56.56 4.79 23.87
CA ARG O 110 57.75 4.34 23.16
C ARG O 110 57.34 3.51 21.95
N VAL O 111 57.92 3.83 20.80
CA VAL O 111 57.65 3.17 19.53
C VAL O 111 58.96 2.59 19.03
N ARG O 112 58.98 1.27 18.83
CA ARG O 112 60.14 0.58 18.28
C ARG O 112 59.72 -0.07 16.97
N SER O 113 60.48 0.17 15.91
CA SER O 113 60.12 -0.38 14.60
C SER O 113 61.39 -0.60 13.80
N GLU O 114 61.22 -1.03 12.56
CA GLU O 114 62.33 -1.29 11.66
C GLU O 114 62.01 -0.72 10.29
N LEU O 115 63.01 -0.09 9.67
CA LEU O 115 62.93 0.34 8.28
C LEU O 115 64.16 -0.20 7.55
N SER O 116 63.93 -0.81 6.38
CA SER O 116 64.94 -1.62 5.70
C SER O 116 65.53 -2.66 6.63
N GLY O 117 64.75 -3.09 7.62
CA GLY O 117 65.22 -4.06 8.57
C GLY O 117 66.13 -3.51 9.65
N LEU O 118 66.38 -2.20 9.66
CA LEU O 118 67.26 -1.62 10.65
C LEU O 118 66.45 -0.84 11.69
N PRO O 119 66.92 -0.78 12.93
CA PRO O 119 66.07 -0.28 14.01
C PRO O 119 65.74 1.19 13.88
N PHE O 120 64.62 1.57 14.52
CA PHE O 120 64.13 2.94 14.47
C PHE O 120 63.27 3.15 15.72
N TYR O 121 63.75 3.99 16.63
CA TYR O 121 63.09 4.24 17.90
C TYR O 121 62.55 5.67 17.93
N TRP O 122 61.40 5.83 18.60
CA TRP O 122 60.87 7.15 18.88
C TRP O 122 60.19 7.12 20.25
N ASN O 123 60.18 8.28 20.90
CA ASN O 123 59.53 8.44 22.19
C ASN O 123 58.67 9.69 22.16
N PHE O 124 57.42 9.57 22.62
CA PHE O 124 56.53 10.70 22.79
C PHE O 124 56.46 11.03 24.27
N HIS O 125 56.81 12.27 24.63
CA HIS O 125 56.75 12.74 26.00
C HIS O 125 55.50 13.61 26.15
N CYS O 126 54.37 12.95 26.40
CA CYS O 126 53.08 13.63 26.40
C CYS O 126 52.77 14.14 27.81
N MET O 127 52.47 15.42 27.91
CA MET O 127 52.05 16.03 29.17
C MET O 127 50.53 16.20 29.17
N LEU O 128 49.97 16.22 30.37
CA LEU O 128 48.51 16.26 30.50
C LEU O 128 47.95 17.43 29.72
N ALA O 129 46.91 17.16 28.93
CA ALA O 129 46.36 18.15 28.02
C ALA O 129 45.65 19.25 28.78
N SER O 130 45.70 20.45 28.22
CA SER O 130 45.07 21.60 28.85
C SER O 130 43.56 21.46 28.81
N PRO O 131 42.85 22.10 29.75
CA PRO O 131 41.38 21.98 29.74
C PRO O 131 40.74 22.40 28.44
N SER O 132 41.28 23.42 27.77
CA SER O 132 40.70 23.87 26.51
C SER O 132 40.79 22.80 25.44
N LEU O 133 41.95 22.14 25.34
CA LEU O 133 42.14 21.14 24.30
C LEU O 133 41.20 19.96 24.49
N VAL O 134 41.09 19.46 25.72
CA VAL O 134 40.21 18.34 26.00
C VAL O 134 38.78 18.71 25.64
N SER O 135 38.35 19.90 26.05
CA SER O 135 37.02 20.37 25.69
C SER O 135 36.83 20.32 24.18
N GLN O 136 37.63 21.10 23.46
CA GLN O 136 37.45 21.28 22.02
C GLN O 136 37.57 19.97 21.25
N HIS O 137 38.25 18.97 21.79
CA HIS O 137 38.44 17.72 21.04
C HIS O 137 37.48 16.60 21.45
N LEU O 138 36.94 16.62 22.66
CA LEU O 138 36.05 15.55 23.11
C LEU O 138 34.68 16.06 23.52
N ILE O 139 34.60 17.09 24.35
CA ILE O 139 33.34 17.41 25.01
C ILE O 139 32.33 17.99 24.02
N ARG O 140 32.77 18.93 23.20
CA ARG O 140 31.84 19.64 22.33
C ARG O 140 31.48 18.78 21.10
N PRO O 141 32.46 18.18 20.43
CA PRO O 141 32.12 17.30 19.31
C PRO O 141 31.17 16.18 19.69
N LEU O 142 31.34 15.61 20.89
CA LEU O 142 30.46 14.52 21.31
C LEU O 142 29.03 15.03 21.53
N MET O 143 28.89 16.23 22.10
CA MET O 143 27.56 16.82 22.23
C MET O 143 26.92 17.04 20.87
N GLY O 144 27.69 17.56 19.91
CA GLY O 144 27.16 17.72 18.57
C GLY O 144 26.73 16.40 17.96
N MET O 145 27.53 15.35 18.16
CA MET O 145 27.18 14.04 17.63
C MET O 145 25.87 13.55 18.25
N SER O 146 25.71 13.70 19.56
CA SER O 146 24.49 13.25 20.20
C SER O 146 23.28 13.99 19.66
N LEU O 147 23.39 15.31 19.49
CA LEU O 147 22.26 16.07 18.99
C LEU O 147 21.92 15.67 17.55
N ALA O 148 22.95 15.46 16.73
CA ALA O 148 22.69 15.02 15.36
C ALA O 148 22.00 13.68 15.33
N LEU O 149 22.42 12.75 16.18
CA LEU O 149 21.78 11.44 16.20
C LEU O 149 20.34 11.53 16.67
N GLN O 150 20.06 12.43 17.62
CA GLN O 150 18.68 12.63 18.04
C GLN O 150 17.83 13.16 16.89
N CYS O 151 18.36 14.12 16.14
CA CYS O 151 17.62 14.61 14.97
C CYS O 151 17.37 13.49 13.96
N GLN O 152 18.37 12.63 13.74
CA GLN O 152 18.18 11.49 12.85
C GLN O 152 17.06 10.59 13.35
N VAL O 153 17.01 10.34 14.66
CA VAL O 153 15.98 9.49 15.22
C VAL O 153 14.60 10.09 14.96
N ARG O 154 14.47 11.40 15.17
CA ARG O 154 13.19 12.04 14.91
C ARG O 154 12.79 11.94 13.45
N GLU O 155 13.74 12.15 12.53
CA GLU O 155 13.43 12.06 11.11
C GLU O 155 12.96 10.65 10.75
N LEU O 156 13.65 9.64 11.26
CA LEU O 156 13.25 8.27 10.95
C LEU O 156 11.90 7.94 11.56
N ALA O 157 11.59 8.51 12.73
CA ALA O 157 10.26 8.32 13.29
C ALA O 157 9.18 8.92 12.40
N THR O 158 9.44 10.10 11.83
CA THR O 158 8.48 10.70 10.91
C THR O 158 8.29 9.83 9.69
N LEU O 159 9.38 9.30 9.14
CA LEU O 159 9.26 8.41 8.00
C LEU O 159 8.43 7.19 8.35
N LEU O 160 8.63 6.63 9.54
CA LEU O 160 7.85 5.47 9.96
C LEU O 160 6.38 5.83 10.07
N HIS O 161 6.07 7.03 10.58
CA HIS O 161 4.67 7.44 10.66
C HIS O 161 4.04 7.53 9.29
N MET O 162 4.77 8.08 8.31
CA MET O 162 4.25 8.16 6.96
C MET O 162 3.97 6.77 6.40
N LYS O 163 4.92 5.85 6.58
CA LYS O 163 4.71 4.49 6.08
C LYS O 163 3.56 3.81 6.81
N ASP O 164 3.37 4.10 8.09
CA ASP O 164 2.24 3.55 8.83
C ASP O 164 0.93 4.03 8.24
N LEU O 165 0.84 5.32 7.93
CA LEU O 165 -0.38 5.83 7.32
C LEU O 165 -0.64 5.15 5.98
N GLU O 166 0.40 4.96 5.17
CA GLU O 166 0.20 4.32 3.87
C GLU O 166 -0.24 2.87 4.03
N ILE O 167 0.36 2.14 4.97
CA ILE O 167 -0.06 0.76 5.21
C ILE O 167 -1.51 0.73 5.68
N GLN O 168 -1.90 1.69 6.53
CA GLN O 168 -3.28 1.75 6.97
C GLN O 168 -4.21 1.98 5.79
N ASP O 169 -3.82 2.84 4.87
CA ASP O 169 -4.64 3.06 3.67
C ASP O 169 -4.78 1.77 2.88
N TYR O 170 -3.67 1.06 2.68
CA TYR O 170 -3.74 -0.20 1.92
C TYR O 170 -4.66 -1.20 2.60
N GLN O 171 -4.58 -1.31 3.92
CA GLN O 171 -5.48 -2.22 4.64
C GLN O 171 -6.92 -1.77 4.52
N GLU O 172 -7.17 -0.46 4.57
CA GLU O 172 -8.54 0.04 4.44
C GLU O 172 -9.11 -0.24 3.06
N SER O 173 -8.24 -0.31 2.04
CA SER O 173 -8.71 -0.71 0.71
C SER O 173 -9.33 -2.10 0.73
N GLY O 174 -8.99 -2.94 1.71
CA GLY O 174 -9.55 -4.26 1.84
C GLY O 174 -8.67 -5.40 1.37
N ALA O 175 -7.43 -5.12 1.00
CA ALA O 175 -6.54 -6.16 0.49
C ALA O 175 -5.92 -6.95 1.64
N THR O 176 -5.25 -8.04 1.29
CA THR O 176 -4.58 -8.90 2.25
C THR O 176 -3.24 -9.35 1.71
N LEU O 177 -2.32 -9.64 2.62
CA LEU O 177 -0.99 -10.10 2.23
C LEU O 177 -1.06 -11.52 1.69
N ILE O 178 -0.18 -11.82 0.73
CA ILE O 178 -0.03 -13.19 0.28
C ILE O 178 0.61 -14.04 1.38
N ARG O 179 1.55 -13.45 2.13
CA ARG O 179 2.15 -14.08 3.29
C ARG O 179 1.87 -13.20 4.51
N ASP O 180 1.27 -13.79 5.54
CA ASP O 180 0.79 -13.02 6.68
C ASP O 180 1.87 -12.70 7.70
N ARG O 181 3.04 -13.34 7.61
CA ARG O 181 4.07 -13.14 8.63
C ARG O 181 4.65 -11.73 8.60
N LEU O 182 4.45 -10.99 7.52
CA LEU O 182 5.07 -9.67 7.38
C LEU O 182 4.32 -8.57 8.11
N LYS O 183 3.16 -8.87 8.71
CA LYS O 183 2.41 -7.83 9.40
C LYS O 183 3.26 -7.21 10.50
N THR O 184 3.31 -5.88 10.52
CA THR O 184 4.11 -5.13 11.49
C THR O 184 3.18 -4.22 12.29
N GLU O 185 3.34 -4.23 13.61
CA GLU O 185 2.46 -3.47 14.46
C GLU O 185 2.69 -1.97 14.29
N PRO O 186 1.73 -1.15 14.67
CA PRO O 186 1.93 0.30 14.59
C PRO O 186 3.07 0.76 15.49
N PHE O 187 3.73 1.83 15.06
CA PHE O 187 4.90 2.36 15.76
C PHE O 187 4.47 3.46 16.71
N GLU O 188 4.78 3.29 17.99
CA GLU O 188 4.58 4.32 19.00
C GLU O 188 5.94 4.67 19.59
N GLU O 189 6.30 5.95 19.54
CA GLU O 189 7.64 6.35 19.95
C GLU O 189 7.88 6.05 21.42
N ASN O 190 6.90 6.33 22.28
CA ASN O 190 7.09 6.12 23.71
C ASN O 190 7.34 4.66 24.03
N SER O 191 6.57 3.76 23.42
CA SER O 191 6.75 2.34 23.67
C SER O 191 8.13 1.87 23.21
N PHE O 192 8.56 2.32 22.04
CA PHE O 192 9.86 1.93 21.52
C PHE O 192 10.97 2.41 22.43
N LEU O 193 10.88 3.66 22.88
CA LEU O 193 11.91 4.19 23.78
C LEU O 193 11.93 3.42 25.10
N GLU O 194 10.77 3.11 25.65
CA GLU O 194 10.72 2.37 26.90
C GLU O 194 11.34 0.98 26.74
N GLN O 195 10.97 0.28 25.68
CA GLN O 195 11.54 -1.05 25.44
C GLN O 195 13.05 -0.96 25.25
N PHE O 196 13.52 0.05 24.53
CA PHE O 196 14.96 0.21 24.33
C PHE O 196 15.66 0.40 25.66
N MET O 197 15.19 1.36 26.46
CA MET O 197 15.86 1.65 27.72
C MET O 197 15.85 0.43 28.64
N ILE O 198 14.77 -0.36 28.61
CA ILE O 198 14.70 -1.53 29.47
C ILE O 198 15.66 -2.61 28.99
N GLU O 199 15.70 -2.88 27.69
CA GLU O 199 16.34 -4.08 27.17
C GLU O 199 17.74 -3.84 26.62
N LYS O 200 17.88 -2.92 25.66
CA LYS O 200 19.10 -2.85 24.87
C LYS O 200 20.10 -1.80 25.37
N LEU O 201 19.68 -0.87 26.21
CA LEU O 201 20.60 0.18 26.65
C LEU O 201 21.83 -0.39 27.36
N PRO O 202 21.73 -1.37 28.25
CA PRO O 202 22.95 -1.82 28.94
C PRO O 202 24.05 -2.27 28.01
N GLU O 203 23.72 -2.96 26.92
CA GLU O 203 24.73 -3.43 25.98
C GLU O 203 25.08 -2.39 24.94
N ALA O 204 24.30 -1.31 24.83
CA ALA O 204 24.58 -0.28 23.83
C ALA O 204 25.41 0.86 24.42
N CYS O 205 25.31 1.10 25.72
CA CYS O 205 26.02 2.19 26.37
C CYS O 205 27.39 1.78 26.90
N SER O 206 27.81 0.54 26.67
CA SER O 206 29.08 0.05 27.18
C SER O 206 30.19 0.47 26.23
N ILE O 207 30.87 1.57 26.56
CA ILE O 207 31.96 2.05 25.72
C ILE O 207 33.14 1.09 25.75
N GLY O 208 33.22 0.23 26.75
CA GLY O 208 34.32 -0.71 26.81
C GLY O 208 35.64 0.02 26.94
N ASP O 209 36.55 -0.26 26.02
CA ASP O 209 37.88 0.35 26.02
C ASP O 209 38.07 1.32 24.86
N GLY O 210 36.98 1.77 24.23
CA GLY O 210 37.04 2.74 23.17
C GLY O 210 36.88 2.18 21.77
N LYS O 211 36.92 0.86 21.60
CA LYS O 211 36.80 0.29 20.27
C LYS O 211 35.49 0.63 19.59
N PRO O 212 34.33 0.52 20.24
CA PRO O 212 33.07 0.87 19.55
C PRO O 212 33.06 2.28 19.01
N PHE O 213 33.60 3.23 19.77
CA PHE O 213 33.61 4.61 19.31
C PHE O 213 34.40 4.75 18.01
N VAL O 214 35.56 4.09 17.92
CA VAL O 214 36.37 4.18 16.72
C VAL O 214 35.69 3.45 15.56
N MET O 215 35.05 2.33 15.84
CA MET O 215 34.48 1.51 14.77
C MET O 215 33.21 2.12 14.19
N ASN O 216 32.38 2.77 15.01
CA ASN O 216 31.06 3.21 14.57
C ASN O 216 30.98 4.71 14.32
N LEU O 217 31.30 5.53 15.33
CA LEU O 217 31.06 6.98 15.26
C LEU O 217 32.36 7.70 14.93
N GLN O 218 32.70 7.72 13.65
CA GLN O 218 33.83 8.50 13.19
C GLN O 218 33.49 9.45 12.05
N ASP O 219 32.64 9.03 11.12
CA ASP O 219 32.21 9.94 10.07
C ASP O 219 31.44 11.11 10.66
N LEU O 220 30.53 10.84 11.60
CA LEU O 220 29.80 11.92 12.26
C LEU O 220 30.73 12.80 13.07
N TYR O 221 31.72 12.21 13.72
CA TYR O 221 32.68 13.00 14.48
C TYR O 221 33.43 13.96 13.57
N MET O 222 33.92 13.45 12.43
CA MET O 222 34.63 14.31 11.50
C MET O 222 33.73 15.40 10.95
N ALA O 223 32.48 15.06 10.62
CA ALA O 223 31.56 16.06 10.10
C ALA O 223 31.31 17.16 11.13
N VAL O 224 31.08 16.79 12.39
CA VAL O 224 30.82 17.77 13.43
C VAL O 224 32.04 18.66 13.63
N THR O 225 33.23 18.06 13.69
CA THR O 225 34.43 18.85 13.92
C THR O 225 34.69 19.81 12.75
N THR O 226 34.51 19.33 11.52
CA THR O 226 34.71 20.21 10.37
C THR O 226 33.70 21.35 10.39
N GLN O 227 32.44 21.07 10.72
CA GLN O 227 31.46 22.13 10.84
C GLN O 227 31.88 23.13 11.91
N GLU O 228 32.42 22.66 13.02
CA GLU O 228 32.87 23.56 14.07
C GLU O 228 34.00 24.45 13.58
N VAL O 229 34.91 23.89 12.79
CA VAL O 229 36.05 24.68 12.29
C VAL O 229 35.55 25.85 11.46
N GLN O 230 34.57 25.61 10.59
CA GLN O 230 34.05 26.68 9.75
C GLN O 230 33.43 27.79 10.60
N VAL O 231 32.65 27.42 11.61
CA VAL O 231 32.03 28.40 12.49
C VAL O 231 31.33 27.68 13.64
N LYS O 296 -6.47 78.67 -51.65
CA LYS O 296 -7.63 79.52 -51.41
C LYS O 296 -8.72 79.27 -52.45
N PRO O 297 -9.50 78.21 -52.25
CA PRO O 297 -10.57 77.88 -53.21
C PRO O 297 -11.80 78.74 -53.01
N ARG O 298 -12.10 79.58 -53.99
CA ARG O 298 -13.29 80.42 -53.96
C ARG O 298 -13.75 80.65 -55.38
N GLY O 299 -14.97 81.15 -55.52
CA GLY O 299 -15.57 81.41 -56.81
C GLY O 299 -16.51 80.29 -57.22
N LEU O 300 -16.29 79.74 -58.42
CA LEU O 300 -17.10 78.62 -58.87
C LEU O 300 -16.92 77.39 -58.00
N PHE O 301 -15.81 77.30 -57.26
CA PHE O 301 -15.49 76.13 -56.46
C PHE O 301 -15.94 76.26 -55.01
N SER O 302 -16.59 77.36 -54.65
CA SER O 302 -17.08 77.54 -53.28
C SER O 302 -18.52 78.03 -53.29
N MET P 1 90.09 -8.77 -29.08
CA MET P 1 90.77 -8.40 -27.80
C MET P 1 90.96 -9.64 -26.94
N GLU P 2 92.23 -9.98 -26.69
CA GLU P 2 92.56 -11.10 -25.83
C GLU P 2 93.82 -10.74 -25.05
N ARG P 3 93.73 -10.82 -23.73
CA ARG P 3 94.86 -10.52 -22.85
C ARG P 3 95.10 -11.70 -21.93
N LYS P 4 96.37 -11.95 -21.62
CA LYS P 4 96.77 -13.06 -20.78
C LYS P 4 97.76 -12.56 -19.73
N ILE P 5 97.66 -13.16 -18.54
CA ILE P 5 98.47 -12.77 -17.39
C ILE P 5 99.27 -13.99 -16.94
N SER P 6 100.57 -13.82 -16.75
CA SER P 6 101.44 -14.89 -16.31
C SER P 6 102.43 -14.34 -15.28
N ARG P 7 103.06 -15.24 -14.54
CA ARG P 7 104.03 -14.88 -13.52
C ARG P 7 105.42 -15.33 -13.95
N ILE P 8 106.38 -14.42 -13.88
CA ILE P 8 107.76 -14.72 -14.21
C ILE P 8 108.66 -14.17 -13.11
N HIS P 9 109.64 -14.98 -12.70
CA HIS P 9 110.67 -14.55 -11.76
C HIS P 9 111.92 -14.17 -12.54
N LEU P 10 112.32 -12.92 -12.45
CA LEU P 10 113.50 -12.48 -13.18
C LEU P 10 114.75 -13.11 -12.59
N VAL P 11 115.79 -13.19 -13.43
CA VAL P 11 117.03 -13.82 -13.01
C VAL P 11 117.63 -13.09 -11.82
N SER P 12 117.52 -11.75 -11.81
CA SER P 12 118.22 -10.96 -10.81
C SER P 12 117.65 -11.17 -9.40
N GLU P 13 116.32 -11.16 -9.27
CA GLU P 13 115.65 -11.16 -7.96
C GLU P 13 114.69 -12.34 -7.92
N PRO P 14 115.19 -13.56 -7.67
CA PRO P 14 114.30 -14.73 -7.67
C PRO P 14 113.19 -14.67 -6.64
N SER P 15 113.43 -14.03 -5.48
CA SER P 15 112.45 -14.06 -4.40
C SER P 15 111.13 -13.44 -4.85
N ILE P 16 111.19 -12.26 -5.44
CA ILE P 16 109.98 -11.58 -5.90
C ILE P 16 109.52 -12.19 -7.21
N THR P 17 108.22 -12.12 -7.46
CA THR P 17 107.61 -12.62 -8.70
C THR P 17 106.97 -11.44 -9.41
N HIS P 18 107.38 -11.21 -10.64
CA HIS P 18 106.80 -10.15 -11.45
C HIS P 18 105.68 -10.71 -12.31
N PHE P 19 104.76 -9.82 -12.70
CA PHE P 19 103.62 -10.20 -13.52
C PHE P 19 103.77 -9.64 -14.92
N LEU P 20 103.57 -10.50 -15.92
CA LEU P 20 103.60 -10.11 -17.32
C LEU P 20 102.19 -10.21 -17.88
N GLN P 21 101.74 -9.12 -18.51
CA GLN P 21 100.40 -9.04 -19.10
C GLN P 21 100.56 -8.71 -20.57
N VAL P 22 100.15 -9.65 -21.42
CA VAL P 22 100.30 -9.50 -22.87
C VAL P 22 98.92 -9.41 -23.49
N SER P 23 98.68 -8.37 -24.28
CA SER P 23 97.39 -8.12 -24.89
C SER P 23 97.55 -8.00 -26.39
N TRP P 24 96.70 -8.72 -27.13
CA TRP P 24 96.70 -8.69 -28.59
C TRP P 24 95.27 -8.57 -29.08
N GLU P 25 95.12 -8.02 -30.29
CA GLU P 25 93.79 -7.80 -30.85
C GLU P 25 93.16 -9.10 -31.31
N LYS P 26 93.78 -9.76 -32.29
CA LYS P 26 93.30 -11.04 -32.79
C LYS P 26 94.35 -12.14 -32.72
N THR P 27 95.59 -11.84 -33.08
CA THR P 27 96.63 -12.86 -33.12
C THR P 27 97.97 -12.22 -32.82
N LEU P 28 98.89 -13.02 -32.26
CA LEU P 28 100.24 -12.53 -32.04
C LEU P 28 100.93 -12.18 -33.33
N GLU P 29 100.50 -12.77 -34.46
CA GLU P 29 101.09 -12.42 -35.74
C GLU P 29 100.82 -10.98 -36.13
N SER P 30 99.85 -10.34 -35.49
CA SER P 30 99.53 -8.95 -35.75
C SER P 30 100.16 -8.01 -34.73
N GLY P 31 101.14 -8.48 -33.96
CA GLY P 31 101.75 -7.68 -32.92
C GLY P 31 100.91 -7.68 -31.64
N PHE P 32 101.49 -7.15 -30.58
CA PHE P 32 100.81 -7.09 -29.30
C PHE P 32 101.53 -6.09 -28.40
N VAL P 33 101.02 -5.97 -27.18
CA VAL P 33 101.55 -5.06 -26.18
C VAL P 33 101.84 -5.85 -24.91
N ILE P 34 103.04 -5.67 -24.37
CA ILE P 34 103.48 -6.39 -23.17
C ILE P 34 103.72 -5.39 -22.05
N THR P 35 103.24 -5.74 -20.86
CA THR P 35 103.40 -4.91 -19.68
C THR P 35 104.00 -5.74 -18.56
N LEU P 36 105.02 -5.21 -17.91
CA LEU P 36 105.69 -5.88 -16.80
C LEU P 36 105.46 -5.06 -15.54
N THR P 37 104.96 -5.72 -14.50
CA THR P 37 104.58 -5.03 -13.27
C THR P 37 105.07 -5.79 -12.06
N ASP P 38 105.30 -5.06 -10.97
CA ASP P 38 105.83 -5.61 -9.74
C ASP P 38 104.91 -5.42 -8.55
N GLY P 39 103.75 -4.77 -8.73
CA GLY P 39 102.94 -4.33 -7.63
C GLY P 39 103.29 -2.95 -7.13
N HIS P 40 104.39 -2.36 -7.59
CA HIS P 40 104.78 -1.01 -7.24
C HIS P 40 105.23 -0.18 -8.44
N SER P 41 105.58 -0.79 -9.56
CA SER P 41 106.03 -0.06 -10.74
C SER P 41 105.66 -0.87 -11.97
N ALA P 42 105.61 -0.19 -13.12
CA ALA P 42 105.14 -0.82 -14.35
C ALA P 42 105.92 -0.30 -15.54
N TRP P 43 106.05 -1.16 -16.56
CA TRP P 43 106.63 -0.81 -17.84
C TRP P 43 105.76 -1.40 -18.95
N THR P 44 105.82 -0.77 -20.12
CA THR P 44 105.01 -1.19 -21.26
C THR P 44 105.85 -1.18 -22.52
N GLY P 45 105.39 -1.93 -23.52
CA GLY P 45 106.04 -1.94 -24.82
C GLY P 45 105.16 -2.59 -25.85
N THR P 46 105.49 -2.35 -27.13
CA THR P 46 104.70 -2.83 -28.25
C THR P 46 105.59 -3.52 -29.27
N VAL P 47 105.05 -4.57 -29.90
CA VAL P 47 105.77 -5.34 -30.91
C VAL P 47 105.00 -5.32 -32.23
N SER P 48 104.39 -4.18 -32.54
CA SER P 48 103.44 -4.06 -33.65
C SER P 48 103.90 -4.83 -34.89
N GLU P 49 102.94 -5.31 -35.68
CA GLU P 49 103.22 -6.35 -36.67
C GLU P 49 104.40 -5.99 -37.58
N SER P 50 104.56 -4.70 -37.90
CA SER P 50 105.65 -4.30 -38.77
C SER P 50 106.99 -4.81 -38.23
N GLU P 51 107.20 -4.69 -36.91
CA GLU P 51 108.44 -5.15 -36.31
C GLU P 51 108.59 -6.66 -36.43
N ILE P 52 107.50 -7.41 -36.30
CA ILE P 52 107.59 -8.86 -36.13
C ILE P 52 108.42 -9.51 -37.23
N SER P 53 108.21 -9.10 -38.48
CA SER P 53 108.96 -9.69 -39.57
C SER P 53 110.45 -9.44 -39.42
N GLN P 54 110.83 -8.21 -39.04
CA GLN P 54 112.23 -7.90 -38.83
C GLN P 54 112.80 -8.68 -37.66
N GLU P 55 112.02 -8.85 -36.60
CA GLU P 55 112.46 -9.63 -35.45
C GLU P 55 112.74 -11.07 -35.86
N ALA P 56 111.84 -11.65 -36.65
CA ALA P 56 112.05 -13.03 -37.13
C ALA P 56 113.29 -13.10 -38.01
N ASP P 57 113.45 -12.13 -38.93
CA ASP P 57 114.60 -12.14 -39.83
C ASP P 57 115.91 -12.06 -39.06
N ASP P 58 115.95 -11.21 -38.04
CA ASP P 58 117.14 -11.14 -37.20
C ASP P 58 117.41 -12.47 -36.52
N MET P 59 116.36 -13.15 -36.08
CA MET P 59 116.53 -14.46 -35.45
C MET P 59 117.03 -15.49 -36.46
N ALA P 60 116.64 -15.35 -37.73
CA ALA P 60 117.02 -16.29 -38.78
C ALA P 60 116.39 -17.67 -38.55
N MET P 61 115.08 -17.69 -38.35
CA MET P 61 114.32 -18.92 -38.23
C MET P 61 112.94 -18.70 -38.85
N GLU P 62 112.19 -19.79 -38.97
CA GLU P 62 110.87 -19.72 -39.60
C GLU P 62 109.99 -18.73 -38.83
N LYS P 63 109.30 -17.87 -39.58
CA LYS P 63 108.44 -16.88 -38.95
C LYS P 63 107.34 -17.55 -38.14
N GLY P 64 106.71 -18.58 -38.71
CA GLY P 64 105.69 -19.31 -37.97
C GLY P 64 106.24 -19.97 -36.73
N LYS P 65 107.45 -20.54 -36.83
CA LYS P 65 108.05 -21.15 -35.66
C LYS P 65 108.31 -20.10 -34.58
N TYR P 66 108.76 -18.92 -34.97
CA TYR P 66 109.03 -17.87 -33.99
C TYR P 66 107.74 -17.42 -33.31
N VAL P 67 106.69 -17.19 -34.09
CA VAL P 67 105.44 -16.72 -33.50
C VAL P 67 104.85 -17.79 -32.58
N GLY P 68 104.91 -19.06 -32.99
CA GLY P 68 104.44 -20.12 -32.12
C GLY P 68 105.28 -20.25 -30.86
N GLU P 69 106.59 -20.09 -30.98
CA GLU P 69 107.46 -20.19 -29.81
C GLU P 69 107.13 -19.10 -28.80
N LEU P 70 106.94 -17.87 -29.29
CA LEU P 70 106.50 -16.80 -28.41
C LEU P 70 105.15 -17.12 -27.79
N ARG P 71 104.22 -17.63 -28.61
CA ARG P 71 102.90 -17.98 -28.12
C ARG P 71 102.99 -18.99 -26.99
N LYS P 72 103.92 -19.94 -27.08
CA LYS P 72 104.11 -20.89 -25.99
C LYS P 72 104.81 -20.26 -24.79
N ALA P 73 105.68 -19.28 -25.04
CA ALA P 73 106.49 -18.72 -23.97
C ALA P 73 105.68 -17.75 -23.11
N LEU P 74 105.24 -16.64 -23.70
CA LEU P 74 104.73 -15.54 -22.89
C LEU P 74 103.41 -15.90 -22.21
N LEU P 75 102.55 -16.67 -22.89
CA LEU P 75 101.27 -17.08 -22.34
C LEU P 75 101.35 -18.37 -21.52
N SER P 76 102.52 -18.66 -20.93
CA SER P 76 102.67 -19.76 -19.97
C SER P 76 102.19 -21.09 -20.57
N GLY P 77 102.46 -21.29 -21.85
CA GLY P 77 102.16 -22.54 -22.50
C GLY P 77 103.37 -23.48 -22.55
N ALA P 78 104.34 -23.20 -21.69
CA ALA P 78 105.58 -23.98 -21.70
C ALA P 78 105.31 -25.44 -21.35
N GLY P 79 106.04 -26.34 -22.00
CA GLY P 79 105.93 -27.76 -21.74
C GLY P 79 106.82 -28.19 -20.60
N PRO P 80 106.64 -29.43 -20.13
CA PRO P 80 107.46 -29.91 -19.01
C PRO P 80 108.95 -29.93 -19.31
N ALA P 81 109.34 -30.23 -20.54
CA ALA P 81 110.73 -30.36 -20.91
C ALA P 81 111.34 -29.08 -21.46
N ASP P 82 110.57 -27.99 -21.48
CA ASP P 82 111.03 -26.70 -22.01
C ASP P 82 111.10 -25.69 -20.87
N VAL P 83 112.24 -25.03 -20.74
CA VAL P 83 112.46 -24.00 -19.73
C VAL P 83 112.96 -22.75 -20.42
N TYR P 84 112.39 -21.61 -20.04
CA TYR P 84 112.75 -20.33 -20.63
C TYR P 84 113.14 -19.36 -19.53
N THR P 85 114.12 -18.49 -19.84
CA THR P 85 114.65 -17.53 -18.88
C THR P 85 114.47 -16.13 -19.45
N PHE P 86 113.99 -15.21 -18.60
CA PHE P 86 113.76 -13.82 -18.98
C PHE P 86 114.56 -12.92 -18.07
N ASN P 87 115.35 -12.03 -18.66
CA ASN P 87 116.19 -11.09 -17.92
C ASN P 87 115.83 -9.67 -18.32
N PHE P 88 115.60 -8.82 -17.33
CA PHE P 88 115.25 -7.41 -17.55
C PHE P 88 116.21 -6.51 -16.78
N SER P 89 116.72 -5.49 -17.47
CA SER P 89 117.56 -4.47 -16.85
C SER P 89 116.83 -3.13 -16.95
N LYS P 90 116.59 -2.52 -15.79
CA LYS P 90 115.91 -1.24 -15.73
C LYS P 90 116.82 -0.06 -16.05
N GLU P 91 118.08 -0.13 -15.60
CA GLU P 91 119.02 0.93 -15.92
C GLU P 91 119.10 1.14 -17.43
N SER P 92 119.03 0.04 -18.20
CA SER P 92 119.05 0.11 -19.65
C SER P 92 117.67 -0.06 -20.27
N CYS P 93 116.66 -0.43 -19.47
CA CYS P 93 115.30 -0.63 -19.96
C CYS P 93 115.24 -1.66 -21.09
N TYR P 94 116.00 -2.74 -20.94
CA TYR P 94 115.98 -3.87 -21.86
C TYR P 94 115.37 -5.09 -21.18
N PHE P 95 114.88 -6.03 -22.00
CA PHE P 95 114.30 -7.26 -21.45
C PHE P 95 114.34 -8.31 -22.55
N PHE P 96 115.14 -9.36 -22.36
CA PHE P 96 115.24 -10.42 -23.35
C PHE P 96 114.96 -11.77 -22.74
N PHE P 97 114.41 -12.66 -23.57
CA PHE P 97 114.03 -14.00 -23.16
C PHE P 97 114.70 -15.01 -24.08
N GLU P 98 115.13 -16.13 -23.49
CA GLU P 98 115.79 -17.20 -24.22
C GLU P 98 115.27 -18.53 -23.70
N LYS P 99 115.59 -19.59 -24.43
CA LYS P 99 115.24 -20.95 -24.05
C LYS P 99 116.51 -21.71 -23.67
N ASN P 100 116.48 -22.38 -22.52
CA ASN P 100 117.63 -23.12 -22.03
C ASN P 100 117.39 -24.62 -22.23
N LEU P 101 118.37 -25.28 -22.85
CA LEU P 101 118.26 -26.70 -23.14
C LEU P 101 119.65 -27.29 -23.29
N LYS P 102 119.89 -28.44 -22.66
CA LYS P 102 121.18 -29.13 -22.73
C LYS P 102 122.32 -28.21 -22.28
N ASP P 103 122.06 -27.42 -21.23
CA ASP P 103 123.04 -26.52 -20.63
C ASP P 103 123.50 -25.42 -21.58
N VAL P 104 122.84 -25.27 -22.73
CA VAL P 104 123.16 -24.22 -23.68
C VAL P 104 121.87 -23.48 -24.01
N SER P 105 121.90 -22.15 -23.94
CA SER P 105 120.73 -21.31 -24.13
C SER P 105 120.83 -20.60 -25.47
N PHE P 106 119.73 -20.61 -26.22
CA PHE P 106 119.64 -19.91 -27.49
C PHE P 106 118.72 -18.72 -27.35
N ARG P 107 119.21 -17.54 -27.71
CA ARG P 107 118.40 -16.33 -27.62
C ARG P 107 117.14 -16.48 -28.44
N LEU P 108 116.01 -16.12 -27.85
CA LEU P 108 114.72 -16.15 -28.52
C LEU P 108 114.20 -14.77 -28.90
N GLY P 109 114.36 -13.77 -28.02
CA GLY P 109 113.94 -12.43 -28.38
C GLY P 109 114.44 -11.42 -27.38
N SER P 110 114.37 -10.15 -27.79
CA SER P 110 114.79 -9.03 -26.94
C SER P 110 113.91 -7.83 -27.26
N PHE P 111 113.51 -7.11 -26.21
CA PHE P 111 112.61 -5.98 -26.34
C PHE P 111 113.14 -4.82 -25.52
N ASN P 112 112.68 -3.62 -25.87
CA ASN P 112 112.93 -2.41 -25.11
C ASN P 112 111.60 -1.87 -24.61
N LEU P 113 111.52 -1.58 -23.31
CA LEU P 113 110.28 -1.14 -22.68
C LEU P 113 110.49 0.24 -22.05
N GLU P 114 109.47 1.07 -22.12
CA GLU P 114 109.48 2.41 -21.56
C GLU P 114 108.61 2.44 -20.31
N LYS P 115 109.16 3.00 -19.24
CA LYS P 115 108.43 3.03 -17.97
C LYS P 115 107.16 3.87 -18.11
N VAL P 116 106.07 3.37 -17.52
CA VAL P 116 104.80 4.06 -17.58
C VAL P 116 104.72 5.11 -16.48
N GLU P 117 103.84 6.10 -16.69
CA GLU P 117 103.83 7.27 -15.82
C GLU P 117 103.45 6.92 -14.39
N ASN P 118 102.32 6.22 -14.22
CA ASN P 118 101.76 5.96 -12.90
C ASN P 118 101.39 4.48 -12.82
N PRO P 119 101.86 3.74 -11.81
CA PRO P 119 101.51 2.31 -11.76
C PRO P 119 100.13 2.03 -11.21
N ALA P 120 99.51 2.99 -10.53
CA ALA P 120 98.25 2.73 -9.86
C ALA P 120 97.17 2.32 -10.86
N GLU P 121 97.06 3.04 -11.98
CA GLU P 121 96.03 2.72 -12.96
C GLU P 121 96.25 1.34 -13.55
N VAL P 122 97.49 0.99 -13.85
CA VAL P 122 97.78 -0.32 -14.45
C VAL P 122 97.41 -1.43 -13.47
N ILE P 123 97.81 -1.28 -12.20
CA ILE P 123 97.50 -2.30 -11.22
C ILE P 123 95.99 -2.45 -11.05
N ARG P 124 95.28 -1.32 -11.00
CA ARG P 124 93.84 -1.39 -10.83
C ARG P 124 93.18 -2.09 -12.01
N GLU P 125 93.62 -1.78 -13.23
CA GLU P 125 93.04 -2.44 -14.39
C GLU P 125 93.31 -3.93 -14.37
N LEU P 126 94.53 -4.32 -13.98
CA LEU P 126 94.85 -5.75 -13.89
C LEU P 126 93.90 -6.46 -12.94
N ILE P 127 93.76 -5.94 -11.73
CA ILE P 127 92.92 -6.62 -10.75
C ILE P 127 91.46 -6.59 -11.18
N CYS P 128 91.03 -5.51 -11.83
CA CYS P 128 89.66 -5.45 -12.33
C CYS P 128 89.40 -6.56 -13.32
N TYR P 129 90.33 -6.75 -14.26
CA TYR P 129 90.15 -7.82 -15.24
C TYR P 129 90.12 -9.17 -14.56
N CYS P 130 90.99 -9.38 -13.57
CA CYS P 130 90.97 -10.66 -12.85
C CYS P 130 89.62 -10.90 -12.21
N LEU P 131 89.06 -9.89 -11.54
CA LEU P 131 87.79 -10.07 -10.86
C LEU P 131 86.65 -10.32 -11.86
N ASP P 132 86.65 -9.60 -12.97
CA ASP P 132 85.62 -9.85 -13.98
C ASP P 132 85.73 -11.28 -14.49
N THR P 133 86.95 -11.75 -14.72
CA THR P 133 87.14 -13.13 -15.16
C THR P 133 86.58 -14.11 -14.14
N ILE P 134 86.84 -13.85 -12.86
CA ILE P 134 86.35 -14.77 -11.83
C ILE P 134 84.84 -14.81 -11.83
N ALA P 135 84.20 -13.65 -11.98
CA ALA P 135 82.73 -13.60 -11.98
C ALA P 135 82.15 -14.36 -13.16
N GLU P 136 82.72 -14.12 -14.35
CA GLU P 136 82.23 -14.83 -15.53
C GLU P 136 82.42 -16.33 -15.38
N ASN P 137 83.57 -16.75 -14.85
CA ASN P 137 83.82 -18.16 -14.67
C ASN P 137 82.82 -18.78 -13.71
N GLN P 138 82.52 -18.09 -12.61
CA GLN P 138 81.55 -18.63 -11.66
C GLN P 138 80.18 -18.78 -12.31
N ALA P 139 79.73 -17.77 -13.06
CA ALA P 139 78.43 -17.86 -13.71
C ALA P 139 78.38 -19.03 -14.68
N LYS P 140 79.43 -19.18 -15.50
CA LYS P 140 79.46 -20.29 -16.45
C LYS P 140 79.46 -21.62 -15.73
N ASN P 141 80.18 -21.72 -14.62
CA ASN P 141 80.18 -22.96 -13.86
C ASN P 141 78.77 -23.30 -13.37
N GLU P 142 78.04 -22.30 -12.86
CA GLU P 142 76.69 -22.57 -12.39
C GLU P 142 75.82 -23.10 -13.54
N HIS P 143 75.82 -22.40 -14.67
CA HIS P 143 74.97 -22.82 -15.78
C HIS P 143 75.35 -24.23 -16.24
N LEU P 144 76.65 -24.49 -16.36
CA LEU P 144 77.10 -25.75 -16.92
C LEU P 144 76.84 -26.91 -15.97
N GLN P 145 76.92 -26.66 -14.65
CA GLN P 145 76.52 -27.67 -13.68
C GLN P 145 75.02 -27.95 -13.75
N LYS P 146 74.21 -26.91 -13.93
CA LYS P 146 72.78 -27.12 -14.08
C LYS P 146 72.49 -28.02 -15.28
N GLU P 147 73.15 -27.74 -16.41
CA GLU P 147 72.97 -28.57 -17.59
C GLU P 147 73.41 -30.01 -17.31
N ASN P 148 74.52 -30.17 -16.58
CA ASN P 148 74.96 -31.50 -16.19
C ASN P 148 73.85 -32.24 -15.44
N GLU P 149 73.25 -31.58 -14.45
CA GLU P 149 72.22 -32.24 -13.66
C GLU P 149 71.04 -32.66 -14.53
N ARG P 150 70.57 -31.74 -15.38
CA ARG P 150 69.48 -32.09 -16.29
C ARG P 150 69.82 -33.35 -17.06
N LEU P 151 71.03 -33.37 -17.63
CA LEU P 151 71.41 -34.49 -18.49
C LEU P 151 71.48 -35.79 -17.72
N LEU P 152 72.00 -35.75 -16.49
CA LEU P 152 72.08 -36.97 -15.68
C LEU P 152 70.69 -37.51 -15.39
N ARG P 153 69.75 -36.63 -15.02
CA ARG P 153 68.40 -37.09 -14.76
C ARG P 153 67.79 -37.73 -16.00
N ASP P 154 68.00 -37.11 -17.16
CA ASP P 154 67.46 -37.67 -18.40
C ASP P 154 68.05 -39.05 -18.70
N TRP P 155 69.35 -39.21 -18.46
CA TRP P 155 69.97 -40.51 -18.65
C TRP P 155 69.32 -41.55 -17.74
N ASN P 156 69.10 -41.21 -16.48
CA ASN P 156 68.46 -42.15 -15.57
C ASN P 156 67.06 -42.52 -16.07
N ASP P 157 66.31 -41.54 -16.56
CA ASP P 157 64.97 -41.83 -17.05
C ASP P 157 65.01 -42.79 -18.23
N VAL P 158 65.94 -42.59 -19.15
CA VAL P 158 66.06 -43.50 -20.29
C VAL P 158 66.40 -44.90 -19.80
N GLN P 159 67.29 -44.99 -18.81
CA GLN P 159 67.63 -46.30 -18.25
C GLN P 159 66.39 -47.00 -17.71
N GLY P 160 65.56 -46.26 -16.96
CA GLY P 160 64.35 -46.84 -16.43
C GLY P 160 63.41 -47.31 -17.51
N ARG P 161 63.24 -46.52 -18.56
CA ARG P 161 62.37 -46.93 -19.67
C ARG P 161 62.88 -48.21 -20.31
N PHE P 162 64.19 -48.32 -20.53
CA PHE P 162 64.73 -49.53 -21.13
C PHE P 162 64.51 -50.73 -20.22
N GLU P 163 64.65 -50.56 -18.91
CA GLU P 163 64.41 -51.67 -18.00
C GLU P 163 62.95 -52.12 -18.10
N LYS P 164 62.03 -51.16 -18.18
CA LYS P 164 60.62 -51.49 -18.32
C LYS P 164 60.37 -52.29 -19.59
N CYS P 165 60.96 -51.85 -20.71
CA CYS P 165 60.79 -52.58 -21.96
C CYS P 165 61.34 -54.01 -21.85
N VAL P 166 62.49 -54.16 -21.18
CA VAL P 166 63.06 -55.49 -21.00
C VAL P 166 62.09 -56.38 -20.26
N SER P 167 61.57 -55.89 -19.13
CA SER P 167 60.65 -56.70 -18.35
C SER P 167 59.41 -57.07 -19.16
N ALA P 168 58.86 -56.11 -19.89
CA ALA P 168 57.67 -56.38 -20.67
C ALA P 168 57.93 -57.47 -21.71
N LYS P 169 59.05 -57.37 -22.42
CA LYS P 169 59.35 -58.37 -23.45
C LYS P 169 59.50 -59.75 -22.83
N GLU P 170 60.22 -59.84 -21.72
CA GLU P 170 60.41 -61.14 -21.09
C GLU P 170 59.06 -61.75 -20.69
N ALA P 171 58.22 -60.94 -20.06
CA ALA P 171 56.93 -61.44 -19.61
C ALA P 171 56.10 -61.92 -20.80
N LEU P 172 56.05 -61.11 -21.86
CA LEU P 172 55.25 -61.49 -23.03
C LEU P 172 55.73 -62.81 -23.60
N GLU P 173 57.04 -62.96 -23.76
CA GLU P 173 57.58 -64.18 -24.35
C GLU P 173 57.21 -65.38 -23.51
N THR P 174 57.46 -65.31 -22.20
CA THR P 174 57.19 -66.48 -21.36
C THR P 174 55.71 -66.81 -21.36
N ASP P 175 54.85 -65.80 -21.27
CA ASP P 175 53.41 -66.07 -21.22
C ASP P 175 52.94 -66.73 -22.51
N LEU P 176 53.33 -66.18 -23.65
CA LEU P 176 52.89 -66.76 -24.92
C LEU P 176 53.41 -68.18 -25.08
N TYR P 177 54.66 -68.43 -24.69
CA TYR P 177 55.20 -69.76 -24.86
C TYR P 177 54.48 -70.77 -23.97
N LYS P 178 54.18 -70.39 -22.72
CA LYS P 178 53.40 -71.28 -21.88
C LYS P 178 52.05 -71.57 -22.52
N ARG P 179 51.40 -70.51 -23.01
CA ARG P 179 50.12 -70.68 -23.69
C ARG P 179 50.21 -71.74 -24.77
N PHE P 180 51.23 -71.63 -25.63
CA PHE P 180 51.32 -72.53 -26.77
C PHE P 180 51.65 -73.95 -26.31
N ILE P 181 52.53 -74.10 -25.33
CA ILE P 181 52.93 -75.45 -24.95
C ILE P 181 51.76 -76.20 -24.33
N LEU P 182 50.87 -75.51 -23.62
CA LEU P 182 49.70 -76.21 -23.08
C LEU P 182 48.87 -76.83 -24.21
N VAL P 183 48.54 -76.03 -25.23
CA VAL P 183 47.73 -76.54 -26.33
C VAL P 183 48.45 -77.65 -27.06
N LEU P 184 49.75 -77.47 -27.30
CA LEU P 184 50.50 -78.52 -27.99
C LEU P 184 50.46 -79.81 -27.19
N ASN P 185 50.59 -79.71 -25.87
CA ASN P 185 50.55 -80.92 -25.05
C ASN P 185 49.21 -81.61 -25.18
N GLU P 186 48.11 -80.85 -25.16
CA GLU P 186 46.80 -81.47 -25.27
C GLU P 186 46.64 -82.17 -26.63
N LYS P 187 47.05 -81.49 -27.70
CA LYS P 187 46.95 -82.11 -29.02
C LYS P 187 47.80 -83.37 -29.08
N LYS P 188 49.01 -83.33 -28.53
CA LYS P 188 49.87 -84.51 -28.50
C LYS P 188 49.19 -85.64 -27.75
N THR P 189 48.56 -85.32 -26.62
CA THR P 189 47.90 -86.36 -25.84
C THR P 189 46.82 -87.04 -26.66
N LYS P 190 46.01 -86.25 -27.37
CA LYS P 190 44.92 -86.86 -28.12
C LYS P 190 45.44 -87.69 -29.29
N ILE P 191 46.43 -87.18 -30.02
CA ILE P 191 46.97 -87.96 -31.13
C ILE P 191 47.57 -89.26 -30.61
N ARG P 192 48.31 -89.20 -29.50
CA ARG P 192 48.92 -90.41 -28.97
C ARG P 192 47.86 -91.41 -28.56
N SER P 193 46.80 -90.93 -27.88
CA SER P 193 45.71 -91.82 -27.49
C SER P 193 45.13 -92.53 -28.70
N LEU P 194 44.81 -91.77 -29.75
CA LEU P 194 44.30 -92.38 -30.96
C LEU P 194 45.28 -93.42 -31.47
N HIS P 195 46.47 -92.98 -31.88
CA HIS P 195 47.41 -93.86 -32.56
C HIS P 195 47.67 -95.13 -31.77
N ASN P 196 47.71 -95.04 -30.45
CA ASN P 196 48.02 -96.23 -29.66
C ASN P 196 46.78 -97.10 -29.48
N LYS P 197 45.77 -96.58 -28.79
CA LYS P 197 44.65 -97.44 -28.40
C LYS P 197 43.85 -97.88 -29.61
N LEU P 198 43.49 -96.94 -30.49
CA LEU P 198 42.59 -97.29 -31.58
C LEU P 198 43.27 -98.18 -32.60
N LEU P 199 44.59 -98.03 -32.76
CA LEU P 199 45.32 -98.97 -33.61
C LEU P 199 45.38 -100.35 -32.96
N ASN P 200 45.71 -100.42 -31.67
CA ASN P 200 45.85 -101.70 -31.01
C ASN P 200 44.53 -102.48 -31.04
N ALA P 201 43.42 -101.80 -30.79
CA ALA P 201 42.11 -102.45 -30.78
C ALA P 201 41.74 -102.91 -32.18
N MET Q 1 89.93 -21.64 5.61
CA MET Q 1 90.24 -20.19 5.50
C MET Q 1 89.58 -19.64 4.25
N GLU Q 2 88.83 -18.55 4.40
CA GLU Q 2 88.04 -17.98 3.31
C GLU Q 2 88.41 -16.52 3.10
N ARG Q 3 88.30 -16.09 1.86
CA ARG Q 3 88.68 -14.73 1.46
C ARG Q 3 87.74 -14.26 0.37
N LYS Q 4 87.38 -12.98 0.43
CA LYS Q 4 86.53 -12.39 -0.60
C LYS Q 4 87.03 -11.00 -0.95
N ILE Q 5 87.13 -10.72 -2.24
CA ILE Q 5 87.58 -9.43 -2.75
C ILE Q 5 86.39 -8.72 -3.36
N SER Q 6 86.22 -7.44 -3.02
CA SER Q 6 85.12 -6.66 -3.55
C SER Q 6 85.64 -5.29 -3.98
N ARG Q 7 84.92 -4.68 -4.92
CA ARG Q 7 85.23 -3.34 -5.39
C ARG Q 7 84.40 -2.33 -4.61
N ILE Q 8 84.96 -1.14 -4.41
CA ILE Q 8 84.25 -0.09 -3.69
C ILE Q 8 84.69 1.26 -4.24
N HIS Q 9 83.78 2.23 -4.15
CA HIS Q 9 84.04 3.62 -4.50
C HIS Q 9 83.92 4.45 -3.24
N LEU Q 10 85.05 4.91 -2.70
CA LEU Q 10 85.03 5.75 -1.53
C LEU Q 10 84.43 7.12 -1.87
N VAL Q 11 83.58 7.63 -0.98
CA VAL Q 11 82.91 8.90 -1.24
C VAL Q 11 83.90 10.06 -1.23
N SER Q 12 84.98 9.94 -0.46
CA SER Q 12 85.95 11.03 -0.38
C SER Q 12 86.55 11.34 -1.74
N GLU Q 13 86.87 10.29 -2.51
CA GLU Q 13 87.38 10.44 -3.88
C GLU Q 13 86.57 9.51 -4.77
N PRO Q 14 85.39 9.95 -5.24
CA PRO Q 14 84.51 9.11 -6.07
C PRO Q 14 84.92 9.05 -7.55
N SER Q 15 86.20 8.79 -7.80
CA SER Q 15 86.68 8.60 -9.17
C SER Q 15 87.61 7.42 -9.34
N ILE Q 16 88.06 6.77 -8.27
CA ILE Q 16 89.00 5.66 -8.34
C ILE Q 16 88.45 4.49 -7.53
N THR Q 17 88.48 3.31 -8.13
CA THR Q 17 87.98 2.10 -7.48
C THR Q 17 89.05 1.56 -6.53
N HIS Q 18 88.66 1.28 -5.30
CA HIS Q 18 89.55 0.68 -4.32
C HIS Q 18 89.06 -0.72 -4.00
N PHE Q 19 90.01 -1.61 -3.69
CA PHE Q 19 89.73 -3.03 -3.60
C PHE Q 19 89.86 -3.47 -2.15
N LEU Q 20 88.81 -4.09 -1.63
CA LEU Q 20 88.71 -4.43 -0.23
C LEU Q 20 88.62 -5.94 -0.10
N GLN Q 21 89.54 -6.55 0.64
CA GLN Q 21 89.58 -7.99 0.81
C GLN Q 21 89.34 -8.33 2.27
N VAL Q 22 88.40 -9.25 2.50
CA VAL Q 22 88.02 -9.70 3.82
C VAL Q 22 88.40 -11.17 3.94
N SER Q 23 89.17 -11.51 4.96
CA SER Q 23 89.65 -12.87 5.16
C SER Q 23 89.24 -13.34 6.55
N TRP Q 24 88.51 -14.46 6.61
CA TRP Q 24 88.01 -15.00 7.86
C TRP Q 24 88.34 -16.48 7.95
N GLU Q 25 88.35 -16.98 9.19
CA GLU Q 25 88.85 -18.33 9.45
C GLU Q 25 87.80 -19.38 9.11
N LYS Q 26 86.66 -19.36 9.80
CA LYS Q 26 85.64 -20.38 9.60
C LYS Q 26 84.29 -19.74 9.31
N THR Q 27 84.02 -18.61 9.96
CA THR Q 27 82.80 -17.85 9.71
C THR Q 27 83.06 -16.39 10.03
N LEU Q 28 82.20 -15.53 9.49
CA LEU Q 28 82.37 -14.10 9.74
C LEU Q 28 82.23 -13.75 11.21
N GLU Q 29 81.57 -14.61 11.99
CA GLU Q 29 81.38 -14.31 13.41
C GLU Q 29 82.69 -14.29 14.17
N SER Q 30 83.58 -15.25 13.90
CA SER Q 30 84.79 -15.37 14.69
C SER Q 30 85.63 -14.11 14.61
N GLY Q 31 85.58 -13.41 13.50
CA GLY Q 31 86.41 -12.24 13.28
C GLY Q 31 86.90 -12.25 11.85
N PHE Q 32 87.80 -11.30 11.56
CA PHE Q 32 88.35 -11.28 10.22
C PHE Q 32 89.54 -10.31 10.15
N VAL Q 33 90.20 -10.33 9.01
CA VAL Q 33 91.27 -9.39 8.68
C VAL Q 33 90.82 -8.64 7.43
N ILE Q 34 90.89 -7.32 7.50
CA ILE Q 34 90.45 -6.44 6.43
C ILE Q 34 91.68 -5.79 5.82
N THR Q 35 91.77 -5.79 4.49
CA THR Q 35 92.83 -5.07 3.80
C THR Q 35 92.21 -4.25 2.68
N LEU Q 36 92.40 -2.93 2.75
CA LEU Q 36 91.91 -2.02 1.73
C LEU Q 36 93.09 -1.49 0.94
N THR Q 37 93.10 -1.73 -0.36
CA THR Q 37 94.23 -1.39 -1.22
C THR Q 37 93.76 -0.53 -2.39
N ASP Q 38 94.53 0.51 -2.69
CA ASP Q 38 94.26 1.38 -3.82
C ASP Q 38 95.28 1.21 -4.94
N GLY Q 39 96.13 0.19 -4.85
CA GLY Q 39 97.08 -0.13 -5.90
C GLY Q 39 98.47 0.45 -5.70
N HIS Q 40 98.60 1.47 -4.87
CA HIS Q 40 99.90 2.06 -4.57
C HIS Q 40 100.28 1.86 -3.11
N SER Q 41 99.44 2.33 -2.19
CA SER Q 41 99.62 2.08 -0.76
C SER Q 41 98.33 1.50 -0.20
N ALA Q 42 98.48 0.48 0.63
CA ALA Q 42 97.35 -0.24 1.19
C ALA Q 42 97.38 -0.16 2.71
N TRP Q 43 96.22 -0.37 3.32
CA TRP Q 43 96.07 -0.38 4.76
C TRP Q 43 95.48 -1.71 5.19
N THR Q 44 95.85 -2.17 6.38
CA THR Q 44 95.42 -3.47 6.86
C THR Q 44 95.01 -3.36 8.32
N GLY Q 45 94.15 -4.28 8.74
CA GLY Q 45 93.71 -4.29 10.12
C GLY Q 45 93.04 -5.60 10.47
N THR Q 46 92.87 -5.81 11.77
CA THR Q 46 92.29 -7.04 12.30
C THR Q 46 91.13 -6.69 13.21
N VAL Q 47 90.03 -7.42 13.07
CA VAL Q 47 88.85 -7.25 13.92
C VAL Q 47 88.54 -8.59 14.56
N SER Q 48 88.43 -8.59 15.89
CA SER Q 48 88.16 -9.79 16.66
C SER Q 48 86.67 -9.92 16.94
N GLU Q 49 86.30 -11.07 17.49
CA GLU Q 49 84.89 -11.33 17.79
C GLU Q 49 84.33 -10.31 18.79
N SER Q 50 85.16 -9.89 19.75
CA SER Q 50 84.68 -8.99 20.79
C SER Q 50 84.18 -7.68 20.19
N GLU Q 51 84.90 -7.13 19.21
CA GLU Q 51 84.45 -5.90 18.57
C GLU Q 51 83.10 -6.09 17.89
N ILE Q 52 82.92 -7.22 17.21
CA ILE Q 52 81.64 -7.48 16.55
C ILE Q 52 80.53 -7.53 17.58
N SER Q 53 80.76 -8.23 18.70
CA SER Q 53 79.73 -8.35 19.71
C SER Q 53 79.38 -6.98 20.29
N GLN Q 54 80.39 -6.17 20.58
CA GLN Q 54 80.13 -4.84 21.13
C GLN Q 54 79.34 -3.99 20.14
N GLU Q 55 79.74 -4.02 18.86
CA GLU Q 55 79.02 -3.25 17.86
C GLU Q 55 77.57 -3.70 17.75
N ALA Q 56 77.33 -5.01 17.80
CA ALA Q 56 75.97 -5.50 17.77
C ALA Q 56 75.18 -5.02 18.98
N ASP Q 57 75.78 -5.07 20.16
CA ASP Q 57 75.06 -4.68 21.37
C ASP Q 57 74.69 -3.20 21.32
N ASP Q 58 75.64 -2.35 20.93
CA ASP Q 58 75.33 -0.93 20.84
C ASP Q 58 74.28 -0.65 19.77
N MET Q 59 74.36 -1.35 18.64
CA MET Q 59 73.43 -1.14 17.54
C MET Q 59 72.01 -1.52 17.94
N ALA Q 60 71.85 -2.25 19.03
CA ALA Q 60 70.53 -2.66 19.53
C ALA Q 60 69.80 -3.53 18.52
N MET Q 61 70.45 -4.62 18.11
CA MET Q 61 69.82 -5.61 17.25
C MET Q 61 70.46 -6.97 17.50
N GLU Q 62 69.78 -8.02 17.04
CA GLU Q 62 70.27 -9.38 17.23
C GLU Q 62 71.54 -9.61 16.43
N LYS Q 63 72.38 -10.51 16.95
CA LYS Q 63 73.68 -10.76 16.34
C LYS Q 63 73.53 -11.35 14.95
N GLY Q 64 72.56 -12.24 14.76
CA GLY Q 64 72.40 -12.88 13.47
C GLY Q 64 72.17 -11.88 12.36
N LYS Q 65 71.26 -10.93 12.57
CA LYS Q 65 70.96 -9.96 11.53
C LYS Q 65 72.10 -8.96 11.35
N TYR Q 66 72.82 -8.63 12.42
CA TYR Q 66 73.99 -7.77 12.26
C TYR Q 66 75.04 -8.45 11.39
N VAL Q 67 75.29 -9.73 11.63
CA VAL Q 67 76.24 -10.46 10.80
C VAL Q 67 75.74 -10.55 9.37
N GLY Q 68 74.42 -10.74 9.20
CA GLY Q 68 73.86 -10.75 7.87
C GLY Q 68 74.09 -9.45 7.13
N GLU Q 69 73.88 -8.33 7.81
CA GLU Q 69 74.10 -7.03 7.19
C GLU Q 69 75.57 -6.83 6.85
N LEU Q 70 76.47 -7.23 7.76
CA LEU Q 70 77.89 -7.13 7.46
C LEU Q 70 78.25 -7.95 6.23
N ARG Q 71 77.72 -9.17 6.15
CA ARG Q 71 78.00 -10.02 5.00
C ARG Q 71 77.48 -9.40 3.72
N LYS Q 72 76.27 -8.86 3.76
CA LYS Q 72 75.67 -8.23 2.59
C LYS Q 72 76.41 -6.94 2.22
N ALA Q 73 77.15 -6.35 3.15
CA ALA Q 73 77.85 -5.10 2.88
C ALA Q 73 79.25 -5.36 2.32
N LEU Q 74 80.10 -6.04 3.08
CA LEU Q 74 81.51 -6.15 2.72
C LEU Q 74 81.74 -7.20 1.65
N LEU Q 75 80.96 -8.28 1.63
CA LEU Q 75 81.19 -9.40 0.74
C LEU Q 75 80.44 -9.28 -0.59
N SER Q 76 80.15 -8.06 -1.03
CA SER Q 76 79.56 -7.81 -2.34
C SER Q 76 78.22 -8.53 -2.52
N GLY Q 77 77.61 -8.98 -1.44
CA GLY Q 77 76.35 -9.68 -1.50
C GLY Q 77 75.13 -8.81 -1.61
N ALA Q 78 75.31 -7.52 -1.85
CA ALA Q 78 74.19 -6.59 -1.92
C ALA Q 78 73.20 -7.02 -2.99
N GLY Q 79 71.91 -6.90 -2.68
CA GLY Q 79 70.86 -7.19 -3.62
C GLY Q 79 70.49 -5.96 -4.43
N PRO Q 80 69.31 -5.98 -5.05
CA PRO Q 80 68.88 -4.79 -5.81
C PRO Q 80 68.44 -3.63 -4.93
N ALA Q 81 67.65 -3.92 -3.89
CA ALA Q 81 67.03 -2.87 -3.08
C ALA Q 81 67.90 -2.55 -1.85
N ASP Q 82 69.13 -2.12 -2.14
CA ASP Q 82 70.02 -1.68 -1.07
C ASP Q 82 71.23 -0.96 -1.66
N VAL Q 83 71.53 0.23 -1.13
CA VAL Q 83 72.69 1.02 -1.55
C VAL Q 83 73.48 1.39 -0.31
N TYR Q 84 74.77 1.07 -0.32
CA TYR Q 84 75.63 1.29 0.83
C TYR Q 84 76.64 2.41 0.51
N THR Q 85 77.31 2.89 1.54
CA THR Q 85 78.28 3.97 1.40
C THR Q 85 79.46 3.71 2.32
N PHE Q 86 80.64 3.58 1.74
CA PHE Q 86 81.87 3.37 2.49
C PHE Q 86 82.63 4.69 2.60
N ASN Q 87 83.37 4.84 3.71
CA ASN Q 87 84.12 6.06 3.96
C ASN Q 87 85.47 5.70 4.57
N PHE Q 88 86.51 6.39 4.11
CA PHE Q 88 87.84 6.22 4.67
C PHE Q 88 88.51 7.58 4.77
N SER Q 89 89.19 7.82 5.90
CA SER Q 89 90.00 9.01 6.10
C SER Q 89 91.44 8.57 6.33
N LYS Q 90 92.32 8.99 5.43
CA LYS Q 90 93.73 8.58 5.48
C LYS Q 90 94.49 9.32 6.55
N GLU Q 91 94.20 10.60 6.74
CA GLU Q 91 94.92 11.38 7.74
C GLU Q 91 94.67 10.83 9.14
N SER Q 92 93.42 10.47 9.44
CA SER Q 92 93.08 9.90 10.73
C SER Q 92 93.09 8.37 10.72
N CYS Q 93 93.21 7.76 9.54
CA CYS Q 93 93.21 6.30 9.43
C CYS Q 93 91.96 5.72 10.08
N TYR Q 94 90.80 6.11 9.55
CA TYR Q 94 89.52 5.67 10.08
C TYR Q 94 88.67 5.15 8.93
N PHE Q 95 87.98 4.03 9.15
CA PHE Q 95 87.16 3.43 8.09
C PHE Q 95 85.79 3.14 8.67
N PHE Q 96 84.75 3.50 7.94
CA PHE Q 96 83.40 3.24 8.43
C PHE Q 96 82.42 3.15 7.28
N PHE Q 97 81.49 2.21 7.39
CA PHE Q 97 80.52 1.93 6.34
C PHE Q 97 79.10 2.08 6.88
N GLU Q 98 78.23 2.65 6.04
CA GLU Q 98 76.86 2.98 6.40
C GLU Q 98 75.93 2.55 5.28
N LYS Q 99 74.63 2.63 5.57
CA LYS Q 99 73.56 2.19 4.67
C LYS Q 99 72.66 3.37 4.36
N ASN Q 100 72.64 3.80 3.10
CA ASN Q 100 71.80 4.91 2.68
C ASN Q 100 70.37 4.44 2.45
N LEU Q 101 69.41 5.31 2.77
CA LEU Q 101 67.99 4.98 2.61
C LEU Q 101 67.23 6.30 2.47
N LYS Q 102 66.86 6.65 1.25
CA LYS Q 102 65.98 7.79 0.99
C LYS Q 102 66.37 8.98 1.86
N ASP Q 103 67.65 9.36 1.80
CA ASP Q 103 68.18 10.48 2.56
C ASP Q 103 68.25 10.17 4.05
N VAL Q 104 68.56 8.92 4.39
CA VAL Q 104 68.71 8.49 5.77
C VAL Q 104 69.83 7.47 5.81
N SER Q 105 70.95 7.84 6.42
CA SER Q 105 72.13 6.97 6.47
C SER Q 105 72.28 6.41 7.87
N PHE Q 106 72.77 5.17 7.94
CA PHE Q 106 72.97 4.45 9.20
C PHE Q 106 74.41 3.96 9.27
N ARG Q 107 75.15 4.43 10.28
CA ARG Q 107 76.57 4.12 10.44
C ARG Q 107 76.71 2.67 10.87
N LEU Q 108 76.70 1.77 9.90
CA LEU Q 108 76.64 0.35 10.21
C LEU Q 108 77.84 -0.09 11.03
N GLY Q 109 79.05 0.35 10.66
CA GLY Q 109 80.21 -0.11 11.39
C GLY Q 109 81.43 0.76 11.14
N SER Q 110 82.45 0.53 11.97
CA SER Q 110 83.65 1.36 11.95
C SER Q 110 84.84 0.56 12.48
N PHE Q 111 85.92 0.51 11.68
CA PHE Q 111 87.18 -0.09 12.05
C PHE Q 111 88.31 0.92 11.94
N ASN Q 112 89.47 0.53 12.46
CA ASN Q 112 90.70 1.32 12.39
C ASN Q 112 91.79 0.49 11.75
N LEU Q 113 92.46 1.07 10.75
CA LEU Q 113 93.48 0.39 9.98
C LEU Q 113 94.84 1.05 10.20
N GLU Q 114 95.88 0.22 10.23
CA GLU Q 114 97.26 0.67 10.37
C GLU Q 114 98.00 0.36 9.08
N LYS Q 115 98.69 1.34 8.54
CA LYS Q 115 99.32 1.20 7.23
C LYS Q 115 100.32 0.05 7.24
N VAL Q 116 100.43 -0.63 6.09
CA VAL Q 116 101.48 -1.61 5.88
C VAL Q 116 102.68 -0.92 5.28
N GLU Q 117 103.87 -1.34 5.69
CA GLU Q 117 105.11 -0.65 5.36
C GLU Q 117 105.74 -1.13 4.06
N ASN Q 118 105.09 -2.04 3.33
CA ASN Q 118 105.61 -2.54 2.05
C ASN Q 118 104.45 -3.01 1.21
N PRO Q 119 103.76 -2.08 0.52
CA PRO Q 119 102.55 -2.48 -0.21
C PRO Q 119 102.80 -3.51 -1.30
N ALA Q 120 104.03 -3.62 -1.78
CA ALA Q 120 104.31 -4.54 -2.87
C ALA Q 120 103.94 -5.96 -2.49
N GLU Q 121 104.29 -6.38 -1.27
CA GLU Q 121 104.04 -7.76 -0.86
C GLU Q 121 102.54 -8.06 -0.86
N VAL Q 122 101.74 -7.17 -0.29
CA VAL Q 122 100.30 -7.43 -0.20
C VAL Q 122 99.67 -7.42 -1.60
N ILE Q 123 100.06 -6.46 -2.43
CA ILE Q 123 99.52 -6.42 -3.79
C ILE Q 123 99.85 -7.72 -4.50
N ARG Q 124 101.11 -8.17 -4.38
CA ARG Q 124 101.52 -9.38 -5.06
C ARG Q 124 100.73 -10.58 -4.56
N GLU Q 125 100.52 -10.66 -3.25
CA GLU Q 125 99.76 -11.79 -2.71
C GLU Q 125 98.34 -11.78 -3.24
N LEU Q 126 97.70 -10.62 -3.30
CA LEU Q 126 96.32 -10.56 -3.77
C LEU Q 126 96.23 -10.98 -5.25
N ILE Q 127 97.13 -10.46 -6.08
CA ILE Q 127 97.12 -10.84 -7.48
C ILE Q 127 97.37 -12.34 -7.62
N CYS Q 128 98.26 -12.88 -6.78
CA CYS Q 128 98.55 -14.31 -6.84
C CYS Q 128 97.30 -15.12 -6.52
N TYR Q 129 96.56 -14.72 -5.48
CA TYR Q 129 95.34 -15.45 -5.15
C TYR Q 129 94.36 -15.41 -6.30
N CYS Q 130 94.17 -14.22 -6.91
CA CYS Q 130 93.22 -14.12 -8.01
C CYS Q 130 93.62 -15.02 -9.17
N LEU Q 131 94.91 -15.03 -9.53
CA LEU Q 131 95.35 -15.86 -10.64
C LEU Q 131 95.15 -17.34 -10.33
N ASP Q 132 95.48 -17.76 -9.11
CA ASP Q 132 95.29 -19.15 -8.74
C ASP Q 132 93.83 -19.54 -8.85
N THR Q 133 92.93 -18.66 -8.39
CA THR Q 133 91.51 -18.99 -8.44
C THR Q 133 91.04 -19.13 -9.89
N ILE Q 134 91.44 -18.21 -10.77
CA ILE Q 134 91.00 -18.34 -12.15
C ILE Q 134 91.51 -19.63 -12.76
N ALA Q 135 92.76 -20.00 -12.43
CA ALA Q 135 93.30 -21.26 -12.96
C ALA Q 135 92.46 -22.46 -12.51
N GLU Q 136 92.17 -22.53 -11.20
CA GLU Q 136 91.43 -23.69 -10.69
C GLU Q 136 90.03 -23.76 -11.27
N ASN Q 137 89.34 -22.61 -11.35
CA ASN Q 137 88.01 -22.61 -11.95
C ASN Q 137 88.04 -23.04 -13.40
N GLN Q 138 89.05 -22.59 -14.16
CA GLN Q 138 89.15 -23.05 -15.53
C GLN Q 138 89.31 -24.56 -15.59
N ALA Q 139 90.14 -25.12 -14.72
CA ALA Q 139 90.32 -26.56 -14.69
C ALA Q 139 88.99 -27.27 -14.46
N LYS Q 140 88.25 -26.83 -13.45
CA LYS Q 140 86.97 -27.48 -13.14
C LYS Q 140 86.00 -27.38 -14.31
N ASN Q 141 85.92 -26.20 -14.92
CA ASN Q 141 85.00 -26.01 -16.04
C ASN Q 141 85.35 -26.95 -17.19
N GLU Q 142 86.63 -27.04 -17.55
CA GLU Q 142 87.01 -27.93 -18.64
C GLU Q 142 86.67 -29.37 -18.31
N HIS Q 143 86.94 -29.79 -17.07
CA HIS Q 143 86.65 -31.17 -16.71
C HIS Q 143 85.17 -31.49 -16.86
N LEU Q 144 84.30 -30.60 -16.34
CA LEU Q 144 82.88 -30.93 -16.38
C LEU Q 144 82.34 -30.82 -17.80
N GLN Q 145 82.93 -29.96 -18.63
CA GLN Q 145 82.55 -29.92 -20.04
C GLN Q 145 82.85 -31.25 -20.72
N LYS Q 146 84.04 -31.80 -20.47
CA LYS Q 146 84.36 -33.10 -21.06
C LYS Q 146 83.37 -34.16 -20.58
N GLU Q 147 83.06 -34.15 -19.28
CA GLU Q 147 82.13 -35.13 -18.75
C GLU Q 147 80.77 -35.03 -19.44
N ASN Q 148 80.28 -33.80 -19.62
CA ASN Q 148 78.97 -33.63 -20.24
C ASN Q 148 78.98 -34.10 -21.69
N GLU Q 149 80.05 -33.81 -22.43
CA GLU Q 149 80.11 -34.29 -23.80
C GLU Q 149 80.03 -35.81 -23.85
N ARG Q 150 80.81 -36.48 -22.99
CA ARG Q 150 80.77 -37.94 -22.94
C ARG Q 150 79.36 -38.43 -22.65
N LEU Q 151 78.73 -37.85 -21.62
CA LEU Q 151 77.42 -38.35 -21.21
C LEU Q 151 76.38 -38.14 -22.29
N LEU Q 152 76.44 -37.01 -23.00
CA LEU Q 152 75.47 -36.77 -24.07
C LEU Q 152 75.65 -37.78 -25.20
N ARG Q 153 76.90 -38.09 -25.55
CA ARG Q 153 77.13 -39.14 -26.54
C ARG Q 153 76.50 -40.45 -26.08
N ASP Q 154 76.72 -40.79 -24.81
CA ASP Q 154 76.15 -42.03 -24.28
C ASP Q 154 74.63 -42.04 -24.39
N TRP Q 155 73.98 -40.93 -24.03
CA TRP Q 155 72.53 -40.87 -24.09
C TRP Q 155 72.03 -41.04 -25.51
N ASN Q 156 72.66 -40.34 -26.46
CA ASN Q 156 72.28 -40.51 -27.86
C ASN Q 156 72.32 -41.98 -28.25
N ASP Q 157 73.42 -42.65 -27.94
CA ASP Q 157 73.57 -44.05 -28.34
C ASP Q 157 72.50 -44.92 -27.71
N VAL Q 158 72.25 -44.74 -26.41
CA VAL Q 158 71.33 -45.63 -25.72
C VAL Q 158 69.91 -45.43 -26.24
N GLN Q 159 69.49 -44.19 -26.47
CA GLN Q 159 68.15 -43.99 -26.99
C GLN Q 159 68.02 -44.52 -28.41
N GLY Q 160 69.08 -44.37 -29.21
CA GLY Q 160 69.07 -44.95 -30.54
C GLY Q 160 68.84 -46.45 -30.50
N ARG Q 161 69.50 -47.14 -29.55
CA ARG Q 161 69.26 -48.57 -29.42
C ARG Q 161 67.86 -48.88 -28.91
N PHE Q 162 67.33 -48.03 -28.03
CA PHE Q 162 65.99 -48.26 -27.49
C PHE Q 162 64.95 -48.24 -28.62
N GLU Q 163 65.13 -47.35 -29.60
CA GLU Q 163 64.19 -47.32 -30.71
C GLU Q 163 64.08 -48.69 -31.36
N LYS Q 164 65.22 -49.29 -31.71
CA LYS Q 164 65.22 -50.59 -32.36
C LYS Q 164 64.64 -51.66 -31.43
N CYS Q 165 64.97 -51.59 -30.14
CA CYS Q 165 64.43 -52.58 -29.21
C CYS Q 165 62.91 -52.57 -29.23
N VAL Q 166 62.31 -51.40 -29.13
CA VAL Q 166 60.85 -51.31 -29.11
C VAL Q 166 60.29 -51.76 -30.45
N SER Q 167 60.93 -51.36 -31.55
CA SER Q 167 60.45 -51.76 -32.87
C SER Q 167 60.37 -53.28 -32.99
N ALA Q 168 61.45 -53.97 -32.58
CA ALA Q 168 61.45 -55.43 -32.65
C ALA Q 168 60.45 -56.04 -31.69
N LYS Q 169 60.20 -55.37 -30.56
CA LYS Q 169 59.17 -55.85 -29.64
C LYS Q 169 57.80 -55.85 -30.31
N GLU Q 170 57.54 -54.85 -31.15
CA GLU Q 170 56.25 -54.80 -31.84
C GLU Q 170 56.03 -55.97 -32.80
N ALA Q 171 57.07 -56.73 -33.16
CA ALA Q 171 56.94 -57.81 -34.13
C ALA Q 171 57.25 -59.20 -33.59
N LEU Q 172 57.92 -59.30 -32.44
CA LEU Q 172 58.22 -60.62 -31.89
C LEU Q 172 56.95 -61.45 -31.70
N GLU Q 173 55.85 -60.80 -31.31
CA GLU Q 173 54.61 -61.52 -31.06
C GLU Q 173 54.15 -62.26 -32.31
N THR Q 174 54.11 -61.57 -33.45
CA THR Q 174 53.68 -62.22 -34.68
C THR Q 174 54.71 -63.24 -35.15
N ASP Q 175 55.99 -62.95 -34.91
CA ASP Q 175 57.02 -63.94 -35.22
C ASP Q 175 56.74 -65.25 -34.50
N LEU Q 176 56.28 -65.17 -33.25
CA LEU Q 176 55.97 -66.39 -32.49
C LEU Q 176 54.68 -67.02 -32.98
N TYR Q 177 53.69 -66.19 -33.30
CA TYR Q 177 52.41 -66.71 -33.77
C TYR Q 177 52.61 -67.54 -35.03
N LYS Q 178 53.48 -67.08 -35.93
CA LYS Q 178 53.70 -67.81 -37.17
C LYS Q 178 54.20 -69.22 -36.90
N ARG Q 179 55.23 -69.35 -36.05
CA ARG Q 179 55.77 -70.67 -35.75
C ARG Q 179 54.72 -71.55 -35.09
N PHE Q 180 53.96 -70.97 -34.14
CA PHE Q 180 52.94 -71.77 -33.48
C PHE Q 180 51.91 -72.27 -34.48
N ILE Q 181 51.53 -71.41 -35.43
CA ILE Q 181 50.57 -71.85 -36.45
C ILE Q 181 51.16 -73.00 -37.25
N LEU Q 182 52.42 -72.86 -37.68
CA LEU Q 182 53.01 -73.91 -38.51
C LEU Q 182 53.00 -75.24 -37.78
N VAL Q 183 53.47 -75.25 -36.54
CA VAL Q 183 53.56 -76.51 -35.80
C VAL Q 183 52.16 -77.08 -35.54
N LEU Q 184 51.21 -76.22 -35.16
CA LEU Q 184 49.89 -76.73 -34.83
C LEU Q 184 49.22 -77.35 -36.04
N ASN Q 185 49.28 -76.69 -37.20
CA ASN Q 185 48.69 -77.29 -38.40
C ASN Q 185 49.42 -78.56 -38.80
N GLU Q 186 50.74 -78.62 -38.59
CA GLU Q 186 51.45 -79.87 -38.88
C GLU Q 186 50.87 -81.01 -38.04
N LYS Q 187 50.71 -80.77 -36.74
CA LYS Q 187 50.17 -81.82 -35.87
C LYS Q 187 48.74 -82.17 -36.25
N LYS Q 188 47.95 -81.15 -36.60
CA LYS Q 188 46.57 -81.41 -37.03
C LYS Q 188 46.53 -82.29 -38.27
N THR Q 189 47.40 -82.02 -39.24
CA THR Q 189 47.46 -82.86 -40.42
C THR Q 189 47.87 -84.29 -40.05
N LYS Q 190 48.81 -84.43 -39.12
CA LYS Q 190 49.21 -85.77 -38.70
C LYS Q 190 48.01 -86.53 -38.14
N ILE Q 191 47.25 -85.89 -37.25
CA ILE Q 191 46.11 -86.59 -36.65
C ILE Q 191 45.04 -86.86 -37.71
N ARG Q 192 44.88 -85.94 -38.65
CA ARG Q 192 43.94 -86.16 -39.75
C ARG Q 192 44.31 -87.42 -40.51
N SER Q 193 45.59 -87.55 -40.88
CA SER Q 193 46.03 -88.73 -41.61
C SER Q 193 45.79 -89.99 -40.80
N LEU Q 194 46.16 -89.96 -39.52
CA LEU Q 194 46.01 -91.16 -38.70
C LEU Q 194 44.56 -91.61 -38.65
N HIS Q 195 43.65 -90.70 -38.30
CA HIS Q 195 42.26 -91.08 -38.16
C HIS Q 195 41.67 -91.50 -39.49
N ASN Q 196 42.03 -90.80 -40.58
CA ASN Q 196 41.48 -91.15 -41.88
C ASN Q 196 41.90 -92.56 -42.28
N LYS Q 197 43.19 -92.88 -42.12
CA LYS Q 197 43.65 -94.22 -42.46
C LYS Q 197 42.94 -95.27 -41.62
N LEU Q 198 42.82 -95.03 -40.31
CA LEU Q 198 42.18 -96.03 -39.47
C LEU Q 198 40.71 -96.19 -39.83
N LEU Q 199 40.00 -95.09 -40.06
CA LEU Q 199 38.58 -95.17 -40.42
C LEU Q 199 38.41 -95.93 -41.72
N ASN Q 200 39.26 -95.66 -42.71
CA ASN Q 200 39.18 -96.41 -43.96
C ASN Q 200 39.43 -97.89 -43.71
N ALA Q 201 40.42 -98.22 -42.88
CA ALA Q 201 40.69 -99.60 -42.51
C ALA Q 201 39.75 -100.05 -41.42
N SER R 659 13.50 -66.35 -47.44
CA SER R 659 14.47 -67.33 -46.97
C SER R 659 13.92 -68.11 -45.79
N ASN R 660 13.86 -69.43 -45.92
CA ASN R 660 13.34 -70.32 -44.87
C ASN R 660 14.45 -71.18 -44.28
N ILE R 661 15.64 -70.59 -44.10
CA ILE R 661 16.75 -71.32 -43.52
C ILE R 661 16.44 -71.78 -42.10
N PHE R 662 15.52 -71.10 -41.42
CA PHE R 662 15.16 -71.41 -40.04
C PHE R 662 13.74 -72.00 -39.98
N GLU R 663 13.40 -72.87 -40.92
CA GLU R 663 12.09 -73.48 -40.92
C GLU R 663 11.99 -74.53 -39.83
N ASP R 664 10.83 -74.59 -39.18
CA ASP R 664 10.52 -75.63 -38.20
C ASP R 664 11.64 -75.79 -37.17
N VAL R 665 11.96 -74.67 -36.52
CA VAL R 665 12.92 -74.67 -35.42
C VAL R 665 12.39 -73.76 -34.31
N GLU R 666 12.93 -73.94 -33.12
CA GLU R 666 12.53 -73.19 -31.95
C GLU R 666 13.72 -72.40 -31.41
N PHE R 667 13.48 -71.14 -31.04
CA PHE R 667 14.49 -70.29 -30.45
C PHE R 667 13.86 -69.43 -29.36
N CYS R 668 14.63 -69.19 -28.30
CA CYS R 668 14.21 -68.34 -27.20
C CYS R 668 15.27 -67.28 -26.96
N VAL R 669 14.83 -66.12 -26.48
CA VAL R 669 15.70 -64.99 -26.19
C VAL R 669 15.41 -64.51 -24.79
N MET R 670 16.46 -64.33 -23.99
CA MET R 670 16.34 -63.79 -22.65
C MET R 670 17.47 -62.78 -22.40
N SER R 671 17.70 -61.90 -23.38
CA SER R 671 18.76 -60.89 -23.27
C SER R 671 18.31 -59.64 -24.01
N GLY R 672 18.11 -58.55 -23.26
CA GLY R 672 17.79 -57.27 -23.85
C GLY R 672 18.94 -56.28 -23.71
N THR R 673 20.00 -56.68 -23.02
CA THR R 673 21.15 -55.81 -22.76
C THR R 673 22.19 -56.04 -23.86
N ASP R 674 22.00 -55.35 -24.97
CA ASP R 674 22.94 -55.41 -26.09
C ASP R 674 22.66 -54.22 -27.01
N SER R 675 23.58 -54.01 -27.95
CA SER R 675 23.42 -52.91 -28.90
C SER R 675 22.22 -53.11 -29.80
N GLN R 676 21.71 -54.34 -29.91
CA GLN R 676 20.47 -54.61 -30.65
C GLN R 676 19.39 -55.01 -29.66
N PRO R 677 18.28 -54.29 -29.56
CA PRO R 677 17.27 -54.64 -28.57
C PRO R 677 16.64 -56.00 -28.85
N LYS R 678 16.22 -56.66 -27.78
CA LYS R 678 15.58 -57.97 -27.89
C LYS R 678 14.39 -57.97 -28.83
N PRO R 679 13.45 -57.02 -28.76
CA PRO R 679 12.32 -57.07 -29.70
C PRO R 679 12.75 -57.03 -31.16
N ASP R 680 13.82 -56.29 -31.47
CA ASP R 680 14.34 -56.32 -32.84
C ASP R 680 14.80 -57.73 -33.21
N LEU R 681 15.45 -58.42 -32.27
CA LEU R 681 15.87 -59.78 -32.52
C LEU R 681 14.66 -60.68 -32.76
N GLU R 682 13.59 -60.49 -31.99
CA GLU R 682 12.39 -61.28 -32.19
C GLU R 682 11.80 -61.04 -33.57
N ASN R 683 11.75 -59.77 -33.99
CA ASN R 683 11.23 -59.45 -35.31
C ASN R 683 12.08 -60.10 -36.40
N ARG R 684 13.40 -60.03 -36.27
CA ARG R 684 14.26 -60.69 -37.25
C ARG R 684 14.02 -62.19 -37.28
N ILE R 685 13.90 -62.80 -36.11
CA ILE R 685 13.65 -64.24 -36.04
C ILE R 685 12.37 -64.58 -36.79
N ALA R 686 11.28 -63.86 -36.49
CA ALA R 686 10.04 -64.10 -37.18
C ALA R 686 10.19 -63.89 -38.68
N GLU R 687 11.04 -62.95 -39.09
CA GLU R 687 11.27 -62.74 -40.51
C GLU R 687 12.03 -63.91 -41.14
N PHE R 688 12.87 -64.58 -40.36
CA PHE R 688 13.68 -65.67 -40.87
C PHE R 688 13.04 -67.04 -40.72
N GLY R 689 11.89 -67.13 -40.06
CA GLY R 689 11.12 -68.35 -40.01
C GLY R 689 11.27 -69.18 -38.75
N GLY R 690 12.06 -68.73 -37.78
CA GLY R 690 12.20 -69.47 -36.53
C GLY R 690 10.99 -69.23 -35.63
N TYR R 691 10.38 -70.31 -35.18
CA TYR R 691 9.16 -70.19 -34.39
C TYR R 691 9.49 -69.70 -32.99
N ILE R 692 9.52 -68.38 -32.82
CA ILE R 692 9.96 -67.81 -31.54
C ILE R 692 9.17 -68.42 -30.41
N VAL R 693 9.82 -68.56 -29.26
CA VAL R 693 9.17 -69.02 -28.04
C VAL R 693 9.71 -68.18 -26.89
N GLN R 694 8.81 -67.74 -26.01
CA GLN R 694 9.19 -66.83 -24.94
C GLN R 694 9.78 -67.53 -23.72
N ASN R 695 9.74 -68.86 -23.66
CA ASN R 695 10.28 -69.59 -22.53
C ASN R 695 10.78 -70.94 -23.01
N PRO R 696 12.00 -71.34 -22.63
CA PRO R 696 12.56 -72.58 -23.17
C PRO R 696 11.84 -73.81 -22.66
N GLY R 697 11.90 -74.87 -23.45
CA GLY R 697 11.28 -76.13 -23.08
C GLY R 697 11.95 -77.31 -23.76
N PRO R 698 11.42 -78.52 -23.53
CA PRO R 698 12.05 -79.69 -24.15
C PRO R 698 12.17 -79.60 -25.65
N ASP R 699 11.36 -78.78 -26.31
CA ASP R 699 11.35 -78.71 -27.76
C ASP R 699 12.36 -77.72 -28.34
N THR R 700 12.96 -76.86 -27.52
CA THR R 700 13.79 -75.78 -28.04
C THR R 700 15.16 -76.31 -28.46
N TYR R 701 15.64 -75.83 -29.61
CA TYR R 701 16.95 -76.21 -30.11
C TYR R 701 18.05 -75.29 -29.62
N CYS R 702 17.72 -74.25 -28.86
CA CYS R 702 18.73 -73.34 -28.35
C CYS R 702 18.08 -72.33 -27.42
N VAL R 703 18.90 -71.60 -26.68
CA VAL R 703 18.47 -70.49 -25.85
C VAL R 703 19.55 -69.43 -25.95
N ILE R 704 19.29 -68.35 -26.68
CA ILE R 704 20.28 -67.31 -26.91
C ILE R 704 20.09 -66.20 -25.90
N ALA R 705 21.18 -65.80 -25.25
CA ALA R 705 21.13 -64.74 -24.23
C ALA R 705 22.53 -64.14 -24.13
N GLY R 706 22.68 -62.90 -24.59
CA GLY R 706 23.98 -62.25 -24.62
C GLY R 706 24.43 -61.66 -23.31
N SER R 707 23.59 -61.69 -22.27
CA SER R 707 23.92 -61.15 -20.97
C SER R 707 23.77 -62.26 -19.93
N GLU R 708 24.75 -62.37 -19.04
CA GLU R 708 24.74 -63.37 -17.97
C GLU R 708 23.91 -62.84 -16.80
N ASN R 709 22.60 -62.79 -17.01
CA ASN R 709 21.68 -62.36 -15.98
C ASN R 709 21.24 -63.57 -15.16
N ILE R 710 20.24 -63.40 -14.30
CA ILE R 710 19.83 -64.48 -13.42
C ILE R 710 19.20 -65.61 -14.22
N ARG R 711 18.46 -65.28 -15.28
CA ARG R 711 17.80 -66.33 -16.05
C ARG R 711 18.81 -67.24 -16.73
N VAL R 712 19.89 -66.66 -17.27
CA VAL R 712 20.92 -67.49 -17.88
C VAL R 712 21.57 -68.40 -16.84
N LYS R 713 21.83 -67.87 -15.65
CA LYS R 713 22.42 -68.69 -14.61
C LYS R 713 21.48 -69.83 -14.21
N ASN R 714 20.18 -69.54 -14.13
CA ASN R 714 19.23 -70.60 -13.81
C ASN R 714 19.23 -71.68 -14.89
N ILE R 715 19.27 -71.28 -16.15
CA ILE R 715 19.30 -72.26 -17.22
C ILE R 715 20.60 -73.07 -17.15
N ILE R 716 21.70 -72.43 -16.75
CA ILE R 716 22.96 -73.15 -16.56
C ILE R 716 22.81 -74.19 -15.46
N LEU R 717 22.19 -73.80 -14.35
CA LEU R 717 22.08 -74.70 -13.20
C LEU R 717 21.30 -75.96 -13.53
N SER R 718 20.53 -75.95 -14.61
CA SER R 718 19.89 -77.15 -15.13
C SER R 718 20.58 -77.53 -16.42
N ASN R 719 21.10 -78.75 -16.48
CA ASN R 719 21.86 -79.22 -17.63
C ASN R 719 20.97 -79.69 -18.76
N LYS R 720 19.71 -79.25 -18.79
CA LYS R 720 18.72 -79.78 -19.71
C LYS R 720 18.68 -79.04 -21.04
N HIS R 721 19.45 -77.96 -21.20
CA HIS R 721 19.50 -77.23 -22.46
C HIS R 721 20.84 -76.53 -22.58
N ASP R 722 21.01 -75.81 -23.68
CA ASP R 722 22.26 -75.15 -23.99
C ASP R 722 22.01 -73.68 -24.35
N VAL R 723 23.01 -72.85 -24.06
CA VAL R 723 22.95 -71.42 -24.30
C VAL R 723 23.90 -71.07 -25.43
N VAL R 724 23.55 -70.05 -26.21
CA VAL R 724 24.32 -69.64 -27.36
C VAL R 724 24.52 -68.13 -27.34
N LYS R 725 25.73 -67.70 -27.65
CA LYS R 725 26.01 -66.26 -27.73
C LYS R 725 25.24 -65.65 -28.91
N PRO R 726 24.70 -64.44 -28.75
CA PRO R 726 23.85 -63.89 -29.82
C PRO R 726 24.53 -63.79 -31.16
N ALA R 727 25.86 -63.83 -31.20
CA ALA R 727 26.56 -63.73 -32.48
C ALA R 727 26.17 -64.86 -33.43
N TRP R 728 25.69 -65.98 -32.91
CA TRP R 728 25.29 -67.07 -33.79
C TRP R 728 24.19 -66.63 -34.74
N LEU R 729 23.21 -65.89 -34.24
CA LEU R 729 22.15 -65.39 -35.12
C LEU R 729 22.73 -64.44 -36.16
N LEU R 730 23.68 -63.59 -35.75
CA LEU R 730 24.26 -62.65 -36.70
C LEU R 730 24.97 -63.40 -37.82
N GLU R 731 25.75 -64.42 -37.47
CA GLU R 731 26.42 -65.22 -38.49
C GLU R 731 25.41 -65.92 -39.39
N CYS R 732 24.34 -66.46 -38.80
CA CYS R 732 23.33 -67.16 -39.60
C CYS R 732 22.66 -66.21 -40.57
N PHE R 733 22.34 -64.99 -40.13
CA PHE R 733 21.65 -64.05 -40.99
C PHE R 733 22.56 -63.51 -42.08
N LYS R 734 23.79 -63.12 -41.71
CA LYS R 734 24.71 -62.56 -42.69
C LYS R 734 24.97 -63.55 -43.83
N THR R 735 25.23 -64.80 -43.47
CA THR R 735 25.44 -65.85 -44.47
C THR R 735 24.16 -66.51 -44.92
N LYS R 736 23.03 -66.21 -44.28
CA LYS R 736 21.75 -66.82 -44.62
C LYS R 736 21.83 -68.34 -44.61
N SER R 737 22.78 -68.88 -43.83
CA SER R 737 23.03 -70.30 -43.79
C SER R 737 23.00 -70.78 -42.34
N PHE R 738 22.68 -72.06 -42.18
CA PHE R 738 22.57 -72.68 -40.85
C PHE R 738 23.96 -73.14 -40.39
N VAL R 739 24.82 -72.16 -40.18
CA VAL R 739 26.17 -72.49 -39.69
C VAL R 739 26.04 -73.18 -38.34
N PRO R 740 26.68 -74.33 -38.13
CA PRO R 740 26.54 -75.03 -36.85
C PRO R 740 27.18 -74.24 -35.71
N TRP R 741 27.07 -74.80 -34.51
CA TRP R 741 27.69 -74.19 -33.34
C TRP R 741 29.19 -74.47 -33.33
N GLN R 742 29.93 -73.57 -32.69
CA GLN R 742 31.35 -73.74 -32.43
C GLN R 742 31.64 -73.29 -31.00
N PRO R 743 32.75 -73.74 -30.42
CA PRO R 743 33.00 -73.41 -29.01
C PRO R 743 33.05 -71.92 -28.74
N ARG R 744 33.46 -71.12 -29.72
CA ARG R 744 33.57 -69.68 -29.48
C ARG R 744 32.24 -69.09 -29.07
N PHE R 745 31.15 -69.50 -29.72
CA PHE R 745 29.84 -68.92 -29.46
C PHE R 745 29.24 -69.45 -28.17
N MET R 746 29.19 -70.77 -28.03
CA MET R 746 28.48 -71.38 -26.92
C MET R 746 29.04 -70.91 -25.58
N ILE R 747 28.14 -70.67 -24.63
CA ILE R 747 28.53 -70.39 -23.25
C ILE R 747 28.21 -71.54 -22.31
N HIS R 748 27.55 -72.59 -22.78
CA HIS R 748 27.36 -73.79 -22.00
C HIS R 748 26.72 -74.84 -22.88
N MET R 749 27.05 -76.11 -22.61
CA MET R 749 26.58 -77.23 -23.40
C MET R 749 25.88 -78.23 -22.52
N CYS R 750 24.88 -78.92 -23.09
CA CYS R 750 24.27 -80.05 -22.44
C CYS R 750 25.29 -81.18 -22.41
N PRO R 751 25.11 -82.21 -21.57
CA PRO R 751 26.04 -83.34 -21.61
C PRO R 751 26.16 -83.96 -22.99
N SER R 752 25.04 -84.08 -23.73
CA SER R 752 25.08 -84.73 -25.03
C SER R 752 25.84 -83.87 -26.04
N THR R 753 25.55 -82.57 -26.08
CA THR R 753 26.32 -81.69 -26.95
C THR R 753 27.78 -81.65 -26.54
N LYS R 754 28.05 -81.78 -25.24
CA LYS R 754 29.43 -81.85 -24.78
C LYS R 754 30.13 -83.08 -25.35
N GLU R 755 29.44 -84.23 -25.32
CA GLU R 755 30.01 -85.43 -25.91
C GLU R 755 30.24 -85.26 -27.40
N HIS R 756 29.29 -84.63 -28.08
CA HIS R 756 29.45 -84.41 -29.52
C HIS R 756 30.66 -83.54 -29.80
N PHE R 757 30.82 -82.45 -29.06
CA PHE R 757 31.95 -81.56 -29.30
C PHE R 757 33.27 -82.21 -28.95
N ALA R 758 33.32 -82.98 -27.87
CA ALA R 758 34.60 -83.56 -27.45
C ALA R 758 35.21 -84.44 -28.52
N ARG R 759 34.41 -85.00 -29.42
CA ARG R 759 34.94 -85.87 -30.46
C ARG R 759 35.65 -85.05 -31.53
N GLU R 760 35.07 -83.93 -31.94
CA GLU R 760 35.65 -83.10 -32.98
C GLU R 760 36.32 -81.86 -32.45
N TYR R 761 36.42 -81.70 -31.13
CA TYR R 761 37.03 -80.52 -30.54
C TYR R 761 37.75 -80.90 -29.25
N ASP R 762 38.91 -80.29 -29.03
CA ASP R 762 39.66 -80.49 -27.81
C ASP R 762 38.97 -79.79 -26.64
N CYS R 763 39.53 -79.95 -25.44
CA CYS R 763 39.02 -79.22 -24.29
C CYS R 763 39.06 -77.72 -24.51
N TYR R 764 39.94 -77.24 -25.38
CA TYR R 764 39.98 -75.84 -25.78
C TYR R 764 39.41 -75.69 -27.18
N GLY R 765 39.08 -74.45 -27.53
CA GLY R 765 38.34 -74.21 -28.76
C GLY R 765 39.01 -74.76 -29.99
N ASP R 766 40.34 -74.89 -29.96
CA ASP R 766 41.06 -75.40 -31.12
C ASP R 766 40.52 -76.78 -31.50
N SER R 767 40.29 -76.97 -32.80
CA SER R 767 39.69 -78.19 -33.31
C SER R 767 40.76 -79.17 -33.76
N TYR R 768 40.33 -80.39 -34.03
CA TYR R 768 41.23 -81.47 -34.41
C TYR R 768 41.38 -81.60 -35.92
N PHE R 769 40.29 -81.47 -36.67
CA PHE R 769 40.27 -81.88 -38.07
C PHE R 769 40.29 -80.71 -39.04
N ILE R 770 40.36 -79.47 -38.56
CA ILE R 770 40.36 -78.29 -39.41
C ILE R 770 41.55 -77.42 -39.04
N ASP R 771 42.25 -76.92 -40.05
CA ASP R 771 43.37 -76.03 -39.80
C ASP R 771 42.89 -74.78 -39.08
N THR R 772 43.85 -73.99 -38.63
CA THR R 772 43.58 -72.82 -37.81
C THR R 772 44.05 -71.55 -38.51
N ASP R 773 43.44 -70.43 -38.14
CA ASP R 773 43.82 -69.12 -38.63
C ASP R 773 44.14 -68.21 -37.45
N LEU R 774 44.88 -67.16 -37.72
CA LEU R 774 45.40 -66.32 -36.64
C LEU R 774 44.29 -65.89 -35.69
N ASN R 775 43.12 -65.54 -36.23
CA ASN R 775 42.02 -65.14 -35.38
C ASN R 775 41.58 -66.27 -34.46
N GLN R 776 41.47 -67.48 -35.01
CA GLN R 776 41.05 -68.62 -34.19
C GLN R 776 42.05 -68.89 -33.08
N LEU R 777 43.34 -68.86 -33.40
CA LEU R 777 44.35 -69.05 -32.37
C LEU R 777 44.28 -67.96 -31.32
N LYS R 778 43.95 -66.73 -31.73
CA LYS R 778 43.78 -65.67 -30.75
C LYS R 778 42.62 -65.99 -29.81
N GLU R 779 41.51 -66.48 -30.36
CA GLU R 779 40.39 -66.86 -29.49
C GLU R 779 40.81 -67.96 -28.53
N VAL R 780 41.55 -68.95 -29.02
CA VAL R 780 42.00 -70.05 -28.17
C VAL R 780 42.89 -69.50 -27.06
N PHE R 781 43.82 -68.62 -27.41
CA PHE R 781 44.73 -68.03 -26.44
C PHE R 781 44.03 -67.05 -25.51
N SER R 782 42.79 -66.69 -25.78
CA SER R 782 41.99 -65.92 -24.84
C SER R 782 41.06 -66.79 -23.99
N GLY R 783 40.96 -68.08 -24.28
CA GLY R 783 40.02 -68.95 -23.59
C GLY R 783 40.42 -69.35 -22.19
N ILE R 784 41.51 -70.13 -22.07
CA ILE R 784 41.92 -70.62 -20.76
C ILE R 784 42.33 -69.43 -19.88
N LYS R 785 42.50 -69.70 -18.59
CA LYS R 785 42.68 -68.65 -17.61
C LYS R 785 44.16 -68.27 -17.43
N ASN R 786 44.99 -69.22 -17.02
CA ASN R 786 46.37 -68.90 -16.66
C ASN R 786 47.12 -70.20 -16.35
N SER R 787 48.44 -70.08 -16.25
CA SER R 787 49.29 -71.20 -15.86
C SER R 787 50.60 -70.63 -15.34
N ASN R 788 50.85 -70.77 -14.04
CA ASN R 788 52.07 -70.25 -13.41
C ASN R 788 52.65 -71.32 -12.49
N GLU R 789 52.75 -72.54 -12.99
CA GLU R 789 53.19 -73.69 -12.20
C GLU R 789 54.64 -74.08 -12.47
N GLN R 790 55.38 -73.27 -13.19
CA GLN R 790 56.76 -73.57 -13.57
C GLN R 790 57.72 -72.64 -12.82
N THR R 791 59.00 -72.85 -13.07
CA THR R 791 60.08 -72.04 -12.52
C THR R 791 60.99 -71.60 -13.66
N PRO R 792 61.71 -70.49 -13.49
CA PRO R 792 62.54 -69.98 -14.60
C PRO R 792 63.37 -71.05 -15.29
N GLU R 793 64.06 -71.89 -14.53
CA GLU R 793 64.91 -72.92 -15.14
C GLU R 793 64.06 -73.89 -15.96
N GLU R 794 62.92 -74.33 -15.42
CA GLU R 794 62.08 -75.28 -16.13
C GLU R 794 61.56 -74.66 -17.42
N MET R 795 61.09 -73.41 -17.35
CA MET R 795 60.60 -72.74 -18.55
C MET R 795 61.71 -72.62 -19.59
N ALA R 796 62.91 -72.23 -19.15
CA ALA R 796 64.01 -72.07 -20.10
C ALA R 796 64.34 -73.39 -20.77
N SER R 797 64.38 -74.47 -19.99
CA SER R 797 64.66 -75.78 -20.58
C SER R 797 63.58 -76.15 -21.59
N LEU R 798 62.32 -75.90 -21.26
CA LEU R 798 61.25 -76.17 -22.21
C LEU R 798 61.45 -75.38 -23.50
N ILE R 799 61.74 -74.09 -23.37
CA ILE R 799 61.90 -73.26 -24.57
C ILE R 799 63.05 -73.77 -25.41
N ALA R 800 64.17 -74.09 -24.78
CA ALA R 800 65.32 -74.59 -25.53
C ALA R 800 64.96 -75.88 -26.25
N ASP R 801 64.25 -76.79 -25.57
CA ASP R 801 63.86 -78.05 -26.19
C ASP R 801 63.00 -77.78 -27.42
N LEU R 802 62.03 -76.87 -27.28
CA LEU R 802 61.15 -76.57 -28.41
C LEU R 802 61.93 -75.99 -29.58
N GLU R 803 62.81 -75.03 -29.31
CA GLU R 803 63.57 -74.42 -30.39
C GLU R 803 64.44 -75.46 -31.07
N TYR R 804 65.11 -76.31 -30.31
CA TYR R 804 65.99 -77.31 -30.90
C TYR R 804 65.19 -78.29 -31.74
N ARG R 805 64.01 -78.69 -31.26
CA ARG R 805 63.23 -79.70 -31.98
C ARG R 805 62.67 -79.12 -33.27
N TYR R 806 62.08 -77.93 -33.21
CA TYR R 806 61.36 -77.38 -34.35
C TYR R 806 62.18 -76.38 -35.15
N SER R 807 63.47 -76.24 -34.85
CA SER R 807 64.41 -75.48 -35.67
C SER R 807 63.92 -74.04 -35.88
N TRP R 808 63.83 -73.31 -34.77
CA TRP R 808 63.49 -71.89 -34.80
C TRP R 808 64.64 -71.01 -34.36
N ASP R 809 65.85 -71.58 -34.24
CA ASP R 809 67.00 -70.81 -33.77
C ASP R 809 67.39 -69.69 -34.74
N CYS R 810 66.96 -69.77 -36.00
CA CYS R 810 67.28 -68.73 -36.97
C CYS R 810 66.54 -67.43 -36.71
N SER R 811 65.59 -67.41 -35.78
CA SER R 811 64.86 -66.20 -35.49
C SER R 811 65.81 -65.14 -34.94
N PRO R 812 65.53 -63.85 -35.19
CA PRO R 812 66.49 -62.81 -34.75
C PRO R 812 66.72 -62.81 -33.26
N LEU R 813 65.72 -63.16 -32.46
CA LEU R 813 65.82 -63.16 -31.01
C LEU R 813 65.95 -64.58 -30.49
N SER R 814 66.13 -64.70 -29.19
CA SER R 814 66.28 -65.97 -28.47
C SER R 814 67.56 -66.71 -28.85
N MET R 815 68.48 -66.05 -29.55
CA MET R 815 69.72 -66.70 -29.99
C MET R 815 70.81 -66.69 -28.93
N PHE R 816 70.65 -65.90 -27.87
CA PHE R 816 71.57 -65.95 -26.73
C PHE R 816 71.09 -66.89 -25.64
N ARG R 817 69.99 -67.60 -25.85
CA ARG R 817 69.38 -68.38 -24.78
C ARG R 817 70.32 -69.48 -24.29
N ARG R 818 70.94 -70.20 -25.22
CA ARG R 818 71.81 -71.31 -24.84
C ARG R 818 73.07 -70.84 -24.12
N HIS R 819 73.36 -69.54 -24.14
CA HIS R 819 74.60 -68.99 -23.58
C HIS R 819 74.27 -68.24 -22.30
N THR R 820 75.05 -68.50 -21.25
CA THR R 820 75.01 -67.74 -20.02
C THR R 820 76.13 -66.71 -20.06
N VAL R 821 75.82 -65.47 -19.72
CA VAL R 821 76.73 -64.35 -19.90
C VAL R 821 77.01 -63.71 -18.55
N TYR R 822 78.29 -63.47 -18.28
CA TYR R 822 78.77 -62.75 -17.11
C TYR R 822 79.44 -61.46 -17.54
N LEU R 823 79.52 -60.51 -16.62
CA LEU R 823 80.14 -59.21 -16.88
C LEU R 823 81.03 -58.82 -15.72
N ASP R 824 81.97 -57.93 -16.01
CA ASP R 824 82.86 -57.38 -14.98
C ASP R 824 82.28 -56.08 -14.41
N SER R 825 81.04 -56.14 -13.93
CA SER R 825 80.36 -54.99 -13.36
C SER R 825 80.64 -54.80 -11.89
N TYR R 826 81.48 -55.66 -11.29
CA TYR R 826 81.82 -55.57 -9.88
C TYR R 826 83.32 -55.30 -9.77
N ALA R 827 83.69 -54.40 -8.85
CA ALA R 827 85.11 -54.11 -8.63
C ALA R 827 85.87 -55.38 -8.27
N VAL R 828 85.25 -56.27 -7.50
CA VAL R 828 85.85 -57.53 -7.11
C VAL R 828 84.96 -58.66 -7.61
N ILE R 829 85.56 -59.65 -8.26
CA ILE R 829 84.78 -60.76 -8.80
C ILE R 829 84.05 -61.48 -7.67
N ASN R 830 82.80 -61.84 -7.94
CA ASN R 830 81.95 -62.53 -6.96
C ASN R 830 81.77 -61.68 -5.70
N ASP R 831 81.42 -60.41 -5.91
CA ASP R 831 81.14 -59.48 -4.81
C ASP R 831 79.95 -58.63 -5.22
N LEU R 832 78.79 -58.90 -4.62
CA LEU R 832 77.57 -58.18 -4.96
C LEU R 832 77.48 -56.81 -4.30
N SER R 833 78.37 -56.49 -3.37
CA SER R 833 78.32 -55.24 -2.63
C SER R 833 79.13 -54.12 -3.30
N THR R 834 79.68 -54.37 -4.48
CA THR R 834 80.51 -53.40 -5.19
C THR R 834 79.97 -53.19 -6.60
N LYS R 835 78.66 -53.00 -6.71
CA LYS R 835 78.05 -52.74 -8.01
C LYS R 835 78.62 -51.47 -8.62
N ASN R 836 78.93 -51.53 -9.92
CA ASN R 836 79.52 -50.42 -10.66
C ASN R 836 78.49 -49.78 -11.60
N GLU R 837 77.25 -49.67 -11.13
CA GLU R 837 76.19 -49.10 -11.95
C GLU R 837 76.53 -47.67 -12.35
N GLY R 838 76.14 -47.30 -13.57
CA GLY R 838 76.42 -45.97 -14.08
C GLY R 838 77.41 -45.97 -15.23
N THR R 839 77.36 -47.02 -16.06
CA THR R 839 78.31 -47.17 -17.14
C THR R 839 77.64 -47.83 -18.33
N ARG R 840 78.27 -47.71 -19.50
CA ARG R 840 77.73 -48.32 -20.70
C ARG R 840 77.60 -49.83 -20.58
N LEU R 841 78.36 -50.45 -19.67
CA LEU R 841 78.23 -51.90 -19.50
C LEU R 841 76.84 -52.28 -19.06
N ALA R 842 76.18 -51.42 -18.26
CA ALA R 842 74.83 -51.71 -17.83
C ALA R 842 73.87 -51.81 -19.01
N ILE R 843 73.92 -50.83 -19.92
CA ILE R 843 73.01 -50.86 -21.06
C ILE R 843 73.40 -51.99 -22.01
N LYS R 844 74.69 -52.26 -22.15
CA LYS R 844 75.12 -53.41 -22.93
C LYS R 844 74.46 -54.68 -22.42
N ALA R 845 74.56 -54.92 -21.11
CA ALA R 845 73.98 -56.13 -20.53
C ALA R 845 72.47 -56.14 -20.66
N LEU R 846 71.84 -54.99 -20.49
CA LEU R 846 70.38 -54.95 -20.59
C LEU R 846 69.95 -55.32 -22.00
N GLU R 847 70.64 -54.81 -23.01
CA GLU R 847 70.32 -55.19 -24.38
C GLU R 847 70.58 -56.68 -24.60
N LEU R 848 71.71 -57.19 -24.10
CA LEU R 848 72.00 -58.61 -24.24
C LEU R 848 70.86 -59.45 -23.69
N ARG R 849 70.46 -59.19 -22.45
CA ARG R 849 69.41 -59.97 -21.82
C ARG R 849 68.09 -59.81 -22.55
N PHE R 850 67.79 -58.60 -23.01
CA PHE R 850 66.61 -58.42 -23.86
C PHE R 850 66.68 -59.36 -25.07
N HIS R 851 67.87 -59.59 -25.60
CA HIS R 851 68.03 -60.47 -26.74
C HIS R 851 68.07 -61.95 -26.37
N GLY R 852 67.61 -62.31 -25.17
CA GLY R 852 67.54 -63.70 -24.77
C GLY R 852 68.76 -64.23 -24.06
N ALA R 853 69.75 -63.39 -23.76
CA ALA R 853 70.91 -63.84 -23.03
C ALA R 853 70.56 -64.08 -21.56
N LYS R 854 71.08 -65.17 -21.02
CA LYS R 854 70.90 -65.49 -19.60
C LYS R 854 72.03 -64.82 -18.82
N VAL R 855 71.76 -63.63 -18.30
CA VAL R 855 72.76 -62.90 -17.52
C VAL R 855 72.85 -63.52 -16.14
N VAL R 856 74.06 -63.86 -15.73
CA VAL R 856 74.31 -64.51 -14.44
C VAL R 856 75.13 -63.55 -13.59
N SER R 857 74.68 -63.30 -12.36
CA SER R 857 75.38 -62.41 -11.44
C SER R 857 76.40 -63.13 -10.58
N CYS R 858 76.44 -64.46 -10.62
CA CYS R 858 77.39 -65.26 -9.85
C CYS R 858 78.27 -66.02 -10.82
N LEU R 859 79.59 -66.00 -10.57
CA LEU R 859 80.56 -66.67 -11.43
C LEU R 859 80.60 -68.14 -11.06
N ALA R 860 79.63 -68.88 -11.57
CA ALA R 860 79.55 -70.32 -11.36
C ALA R 860 80.39 -71.06 -12.40
N GLU R 861 80.57 -72.37 -12.16
CA GLU R 861 81.34 -73.18 -13.09
C GLU R 861 80.64 -73.33 -14.44
N GLY R 862 79.33 -73.12 -14.50
CA GLY R 862 78.58 -73.26 -15.73
C GLY R 862 78.59 -72.06 -16.64
N VAL R 863 79.23 -70.95 -16.24
CA VAL R 863 79.25 -69.76 -17.08
C VAL R 863 80.02 -70.07 -18.37
N SER R 864 79.45 -69.67 -19.49
CA SER R 864 80.03 -69.97 -20.81
C SER R 864 80.54 -68.75 -21.54
N HIS R 865 79.96 -67.58 -21.32
CA HIS R 865 80.38 -66.35 -22.00
C HIS R 865 80.67 -65.28 -20.97
N VAL R 866 81.74 -64.51 -21.20
CA VAL R 866 82.13 -63.41 -20.33
C VAL R 866 82.39 -62.19 -21.19
N ILE R 867 81.85 -61.04 -20.79
CA ILE R 867 81.98 -59.79 -21.51
C ILE R 867 82.85 -58.85 -20.69
N ILE R 868 83.85 -58.26 -21.33
CA ILE R 868 84.79 -57.36 -20.68
C ILE R 868 84.81 -56.05 -21.45
N GLY R 869 84.93 -54.94 -20.71
CA GLY R 869 85.02 -53.62 -21.29
C GLY R 869 86.44 -53.18 -21.54
N GLU R 870 86.66 -51.87 -21.47
CA GLU R 870 87.98 -51.31 -21.71
C GLU R 870 88.97 -51.60 -20.59
N ASP R 871 88.51 -52.10 -19.45
CA ASP R 871 89.38 -52.39 -18.31
C ASP R 871 89.84 -53.84 -18.41
N HIS R 872 91.12 -54.03 -18.77
CA HIS R 872 91.71 -55.35 -18.89
C HIS R 872 92.57 -55.71 -17.69
N SER R 873 92.40 -55.02 -16.57
CA SER R 873 93.23 -55.28 -15.39
C SER R 873 93.01 -56.69 -14.87
N ARG R 874 91.77 -57.17 -14.90
CA ARG R 874 91.41 -58.45 -14.30
C ARG R 874 91.35 -59.59 -15.31
N VAL R 875 91.94 -59.41 -16.48
CA VAL R 875 91.96 -60.48 -17.47
C VAL R 875 92.74 -61.68 -16.93
N ALA R 876 93.84 -61.42 -16.22
CA ALA R 876 94.64 -62.51 -15.69
C ALA R 876 93.85 -63.37 -14.70
N ASP R 877 93.06 -62.72 -13.83
CA ASP R 877 92.25 -63.48 -12.89
C ASP R 877 91.23 -64.34 -13.62
N PHE R 878 90.59 -63.78 -14.64
CA PHE R 878 89.63 -64.55 -15.42
C PHE R 878 90.29 -65.75 -16.08
N LYS R 879 91.48 -65.55 -16.65
CA LYS R 879 92.19 -66.65 -17.28
C LYS R 879 92.55 -67.73 -16.26
N ALA R 880 92.99 -67.32 -15.08
CA ALA R 880 93.33 -68.30 -14.04
C ALA R 880 92.09 -69.08 -13.61
N PHE R 881 90.97 -68.39 -13.43
CA PHE R 881 89.74 -69.08 -13.06
C PHE R 881 89.30 -70.05 -14.16
N ARG R 882 89.42 -69.64 -15.42
CA ARG R 882 89.08 -70.52 -16.52
C ARG R 882 89.97 -71.76 -16.52
N ARG R 883 91.27 -71.57 -16.30
CA ARG R 883 92.17 -72.72 -16.25
C ARG R 883 91.82 -73.65 -15.10
N THR R 884 91.46 -73.09 -13.94
CA THR R 884 91.10 -73.92 -12.80
C THR R 884 89.83 -74.74 -13.10
N PHE R 885 88.85 -74.13 -13.75
CA PHE R 885 87.58 -74.80 -14.00
C PHE R 885 87.75 -75.90 -15.03
N LYS R 886 86.95 -76.97 -14.87
CA LYS R 886 86.97 -78.06 -15.83
C LYS R 886 86.52 -77.60 -17.21
N ARG R 887 85.49 -76.76 -17.25
CA ARG R 887 84.97 -76.22 -18.50
C ARG R 887 85.49 -74.80 -18.68
N LYS R 888 86.00 -74.50 -19.87
CA LYS R 888 86.61 -73.22 -20.19
C LYS R 888 85.61 -72.33 -20.92
N PHE R 889 85.53 -71.07 -20.50
CA PHE R 889 84.64 -70.08 -21.09
C PHE R 889 85.48 -69.08 -21.87
N LYS R 890 85.08 -68.81 -23.11
CA LYS R 890 85.83 -67.91 -23.96
C LYS R 890 85.71 -66.48 -23.48
N ILE R 891 86.82 -65.74 -23.55
CA ILE R 891 86.85 -64.34 -23.13
C ILE R 891 86.35 -63.49 -24.30
N LEU R 892 85.33 -62.68 -24.04
CA LEU R 892 84.71 -61.85 -25.05
C LEU R 892 84.67 -60.40 -24.59
N LYS R 893 84.73 -59.49 -25.55
CA LYS R 893 84.71 -58.06 -25.29
C LYS R 893 83.35 -57.50 -25.66
N GLU R 894 83.07 -56.29 -25.16
CA GLU R 894 81.79 -55.64 -25.45
C GLU R 894 81.65 -55.29 -26.92
N SER R 895 82.75 -55.29 -27.69
CA SER R 895 82.65 -54.96 -29.10
C SER R 895 81.95 -56.06 -29.88
N TRP R 896 82.11 -57.32 -29.47
CA TRP R 896 81.51 -58.42 -30.22
C TRP R 896 79.99 -58.32 -30.24
N VAL R 897 79.38 -58.09 -29.06
CA VAL R 897 77.93 -58.02 -29.00
C VAL R 897 77.42 -56.83 -29.79
N THR R 898 78.10 -55.68 -29.68
CA THR R 898 77.68 -54.51 -30.44
C THR R 898 77.74 -54.78 -31.94
N ASP R 899 78.88 -55.28 -32.42
CA ASP R 899 79.04 -55.54 -33.85
C ASP R 899 78.15 -56.67 -34.32
N SER R 900 77.65 -57.51 -33.42
CA SER R 900 76.78 -58.60 -33.80
C SER R 900 75.30 -58.20 -33.78
N ILE R 901 74.93 -57.20 -32.99
CA ILE R 901 73.52 -56.80 -32.91
C ILE R 901 73.01 -56.38 -34.27
N ASP R 902 73.77 -55.53 -34.97
CA ASP R 902 73.29 -55.04 -36.26
C ASP R 902 73.20 -56.17 -37.28
N LYS R 903 74.05 -57.19 -37.16
CA LYS R 903 74.00 -58.34 -38.06
C LYS R 903 72.98 -59.39 -37.63
N CYS R 904 72.46 -59.29 -36.41
CA CYS R 904 71.45 -60.23 -35.92
C CYS R 904 71.96 -61.66 -36.02
N GLU R 905 73.23 -61.87 -35.72
CA GLU R 905 73.82 -63.20 -35.78
C GLU R 905 75.00 -63.27 -34.84
N LEU R 906 75.39 -64.50 -34.50
CA LEU R 906 76.50 -64.75 -33.59
C LEU R 906 77.79 -64.76 -34.39
N GLN R 907 78.56 -63.67 -34.31
CA GLN R 907 79.81 -63.58 -35.03
C GLN R 907 80.87 -64.45 -34.37
N GLU R 908 81.83 -64.91 -35.18
CA GLU R 908 82.87 -65.80 -34.70
C GLU R 908 83.63 -65.16 -33.54
N GLU R 909 83.90 -65.95 -32.51
CA GLU R 909 84.60 -65.47 -31.32
C GLU R 909 86.11 -65.36 -31.53
N ASN R 910 86.65 -65.90 -32.62
CA ASN R 910 88.07 -65.79 -32.86
C ASN R 910 88.50 -64.33 -33.01
N GLN R 911 87.73 -63.54 -33.77
CA GLN R 911 88.06 -62.15 -33.97
C GLN R 911 87.83 -61.29 -32.73
N TYR R 912 87.17 -61.83 -31.71
CA TYR R 912 86.89 -61.11 -30.48
C TYR R 912 87.18 -61.97 -29.27
N LEU R 913 88.32 -62.66 -29.28
CA LEU R 913 88.73 -63.48 -28.16
C LEU R 913 89.33 -62.61 -27.06
P AMP S . -42.70 -4.25 -32.68
O1P AMP S . -41.71 -3.19 -33.07
O2P AMP S . -43.57 -3.91 -31.50
O3P AMP S . -42.14 -5.64 -32.64
O5' AMP S . -43.71 -4.30 -33.91
C5' AMP S . -43.25 -4.60 -35.22
C4' AMP S . -43.33 -6.08 -35.49
O4' AMP S . -44.71 -6.48 -35.64
C3' AMP S . -42.67 -6.54 -36.77
O3' AMP S . -41.27 -6.67 -36.66
C2' AMP S . -43.39 -7.85 -37.08
O2' AMP S . -42.74 -8.95 -36.46
C1' AMP S . -44.76 -7.66 -36.42
N9 AMP S . -45.86 -7.54 -37.40
C8 AMP S . -47.02 -8.21 -37.29
N7 AMP S . -47.84 -7.90 -38.32
C5 AMP S . -47.21 -7.02 -39.11
C6 AMP S . -47.52 -6.30 -40.35
N6 AMP S . -48.70 -6.47 -40.97
N1 AMP S . -46.58 -5.47 -40.85
C2 AMP S . -45.39 -5.30 -40.23
N3 AMP S . -45.05 -5.93 -39.09
C4 AMP S . -45.90 -6.78 -38.49
MG MG T . -44.49 -9.75 -32.78
#